data_7VPZ
#
_entry.id   7VPZ
#
_cell.length_a   1.00
_cell.length_b   1.00
_cell.length_c   1.00
_cell.angle_alpha   90.00
_cell.angle_beta   90.00
_cell.angle_gamma   90.00
#
_symmetry.space_group_name_H-M   'P 1'
#
loop_
_entity.id
_entity.type
_entity.pdbx_description
1 polymer 'DNA-directed RNA polymerase subunit alpha'
2 polymer 'DNA-directed RNA polymerase subunit beta'
3 polymer "DNA-directed RNA polymerase subunit beta'"
4 polymer 'DNA-directed RNA polymerase subunit omega'
5 polymer 'RNA polymerase principal sigma factor HrdB'
6 polymer 'Putative metal uptake regulation protein'
7 polymer 'DNA (84-MER)'
8 polymer 'DNA (84-MER)'
9 polymer RNA
10 non-polymer 'MAGNESIUM ION'
11 non-polymer 'ZINC ION'
#
loop_
_entity_poly.entity_id
_entity_poly.type
_entity_poly.pdbx_seq_one_letter_code
_entity_poly.pdbx_strand_id
1 'polypeptide(L)'
;MLIAQRPSLTEEVVDEFRSRFVIEPLEPGFGYTLGNSLRRTLLSSIPGAAVTSIRIDGVLHEFTTVPGVKEDVTDLILNI
KQLVVSSEHDEPVVMYLRKQGPGLVTAADIAPPAGVEVHNPDLVLATLNGKGKLEMELTVERGRGYVSAVQNKQVGQEIG
RIPVDSIYSPVLKVTYKVEATRVEQRTDFDKLIVDVETKQAMRPRDAMASAGKTLVELFGLARELNIDAEGIDMGPSPTD
AALAADLALPIEELELTVRSYNCLKREGIHSVGELVARSEADLLDIRNFGAKSIDEVKAKLAGMGLALKDSPPGFDPTAA
ADAFGADDDADAGFVETEQY
;
A,B
2 'polypeptide(L)'
;MAASRNASTANTNNAASTAPLRISFAKIKEPLEVPNLLALQTESFDWLLGNDAWKARVESALESGQDVPTKSGLEEIFEE
ISPIEDFSGSMSLTFRDHRFEPPKNSIDECKDRDFTYAAPLFVTAEFTNNETGEIKSQTVFMGDFPLMTNKGTFVINGTE
RVVVSQLVRSPGVYFDSSIDKTSDKDIFSAKIIPSRGAWLEMEIDKRDMVGVRIDRKRKQSVTVLLKALGWTTEQILEEF
GEYESMRATLEKDHTQGQDDALLDIYRKLRPGEPPTREAAQTLLENLYFNPKRYDLAKVGRYKVNKKLGADEPLDAGVLT
TDDVIATIKYLVKLHAGETETVGESGREIVVETDDIDHFGNRRIRNVGELIQNQVRTGLARMERVVRERMTTQDVEAITP
QTLINIRPVVASIKEFFGTSQLSQFMDQNNPLSGLTHKRRLNALGPGGLSRERAGFEVRDVHPSHYGRMCPIETPEGPNI
GLIGSLASYGRINPFGFIETPYRKVVEGQVTDDVDYLTADEEDRFVIAQANAALGDDMRFAEARVLVRRRGGEVDYVPGD
DVDYMDVSPRQMVSVATAMIPFLEHDDANRALMGANMMRQAVPLIKSESPLVGTGMEYRSAADAGDVVKAEKAGVVQEVS
ADYITTTNDDGTYITYRLAKFSRSNQGTSVNQKVIVAEGDRIIEGQVLADGPATENGEMALGKNLLVAFMPWEGHNYEDA
IILSQRLVQDDVLSSIHIEEHEVDARDTKLGPEEITRDIPNVSEEVLADLDERGIIRIGAEVVAGDILVGKVTPKGETEL
TPEERLLRAIFGEKAREVRDTSLKVPHGEIGKVIGVRVFDREEGDELPPGVNQLVRVYVAQKRKITDGDKLAGRHGNKGV
ISKINPIEDMPFLEDGTPVDIILNPLAVPSRMNPGQVLEIHLGWLASRGWDVSGLAEEWAQRLQVIGADKVEPGTNVATP
VFDGAREDELAGLLQHTIPNRDGERMVLPSGKARLFDGRSGEPFPEPISVGYMYILKLHHLVDDKLHARSTGPYSMITQQ
PLGGKAQFGGQRFGEMEVWALEAYGAAYALQELLTIKSDDVTGRVKVYEAIVKGENIPEPGIPESFKVLIKEMQSLCLNV
EVLSSDGMSIEMRDTDEDVFRAAEELGIDLSRREPSSVEEV
;
C
3 'polypeptide(L)'
;MLDVNFFDELRIGLATADDIRQWSHGEVKKPETINYRTLKPEKDGLFCEKIFGPTRDWECYCGKYKRVRFKGIICERCGV
EVTRAKVRRERMGHIELAAPVTHIWYFKGVPSRLGYLLDLAPKDLEKVIYFAAYMITFVDEERRTRDLPSLEAHVSVERQ
QIEQRRDSDLEARAKKLETDLAELEAEGAKADVRRKVREGAEREMKQLRDRAQREIDRLDEVWNRFKNLKVQDLEGDELL
YRELRDRFGTYFDGSMGAAALQKRLESFDLDEEAERLREIIRTGKGQKKTRALKRLKVVSAFLQTSNSPKGMVLDCVPVI
PPDLRPMVQLDGGRFATSDLNDLYRRVINRNNRLKRLLDLGAPEIIVNNEKRMLQEAVDALFDNGRRGRPVTGPGNRPLK
SLSDMLKGKQGRFRQNLLGKRVDYSARSVIVVGPQLKLHQCGLPKAMALELFKPFVMKRLVDLNHAQNIKSAKRMVERGR
TVVYDVLEEVIAEHPVLLNRAPTLHRLGIQAFEPQLVEGKAIQIHPLVCTAFNADFDGDQMAVHLPLSAEAQAEARILML
SSNNILKPADGRPVTMPTQDMVLGLFFLTTDSEGRSPKGEGRAFGSSAEAIMAFDAGDLTLQAKIDIRFPVGTIPPRGFE
PPAREEGEPEWQQGDTFTLKTTLGRALFNELLPEDYPFVDYEVGKKQLSEIVNDLAERYPKVIVAATLDNLKAAGFFWAT
RSGVTVAISDIVVPDAKKEIVKGYEGQDEKVQKQYERGLITKEERTQELIAIWTKATNEVAEAMNDNFPKTNPVSMMVNS
GARGNMMQMRQIAGMRGLVSNAKNETIPRPIKASFREGLSVLEYFISTHGARKGLADTALRTADSGYLTRRLVDVSQDVI
IREEDCGTERGLKLPIATRDADGTLRKAEDVETSVYARMLAEDVVIDGKVIAPANVDLGDVLIDALVAHGVEEVKTRSIL
TCESQVGTCAMCYGRSLATGKLVDIGEAVGIIAAQSIGEPGTQLTMRTFHTGGVAGDDITQGLPRVVELFEARTPKGVAP
ISEASGRVRIEETEKTKKIVVTPDDGSDETAFPISKRARLLVGEGDHVEVGQKLTVGATNPHDVLRILGQRAVQVHLVGE
VQKVYNSQGVSIHDKHIEIIIRQMLRRVTIIESGDAELLPGELVERTKFETENRRVVQEGGHPASGRPQLMGITKASLAT
ESWLSAASFQETTRVLTDAAINAKSDSLIGLKENVIIGKLIPAGTGLSRYRNIRVEPTEEAKAAMYSAVGYDDIDYSPFG
TGSGQAVPLEDYDYGPYNQHHHHHHHH
;
D
4 'polypeptide(L)'
;MSSSISAPEGIINPPIDELLEATDSKYSLVIYAAKRARQINAYYSQLGEGLLEYVGPLVDTHVHEKPLSIALREINAGLL
TSEAIEGPAQ
;
E
5 'polypeptide(L)'
;MGSSHHHHHHSSGLVPRGSHMSASTSRTLPPEIAESVSVMALIERGKAEGQIAGDDVRRAFEADQIPATQWKNVLRSLNQ
ILEEEGVTLMVSAAEPKRTRKSVAAKSPAKRTATKAVAAKPVTSRKATAPAAPAAPATEPAAVEEEAPAKKAAAKKTTAK
KATAKKTTAKKAAAKKTTAKKEDGELLEDEATEEPKAATEEPEGTENAGFVLSDEDEDDAPAQQVAAAGATADPVKDYLK
QIGKVPLLNAEQEVELAKRIEAGLFAEDKLANSDKLAPKLKRELEIIAEDGRRAKNHLLEANLRLVVSLAKRYTGRGMLF
LDLIQEGNLGLIRAVEKFDYTKGYKFSTYATWWIRQAITRAMADQARTIRIPVHMVEVINKLARVQRQMLQDLGREPTPE
ELAKELDMTPEKVIEVQKYGREPISLHTPLGEDGDSEFGDLIEDSEAVVPADAVSFTLLQEQLHSVLDTLSEREAGVVSM
RFGLTDGQPKTLDEIGKVYGVTRERIRQIESKTMSKLRHPSRSQVLRDYLD
;
F
6 'polypeptide(L)'
;MGSSHHHHHHSSGLVPRGSHMTTAGPPVKGRATRQRAAVSAALQEVEEFRSAQELHDMLKHKGDAVGLTTVYRTLQSLAD
AGEVDVLRTAEGESVYRRCSTGDHHHHLVCRACGKAVEVEGPAVEKWAEAIAAEHGYVNVAHTVEIFGTCADCAGASGG
;
M,N
7 'polydeoxyribonucleotide'
;(DC)(DA)(DA)(DG)(DG)(DC)(DA)(DC)(DA)(DT)(DG)(DA)(DC)(DA)(DA)(DC)(DG)(DG)(DT)(DG)
(DT)(DT)(DC)(DA)(DG)(DT)(DG)(DC)(DC)(DG)(DC)(DG)(DT)(DT)(DG)(DC)(DC)(DC)(DG)(DA)
(DT)(DA)(DC)(DC)(DC)(DC)(DC)(DT)(DA)(DC)(DC)(DC)(DG)(DT)(DA)(DG)(DT)(DT)(DG)(DA)
(DC)(DT)(DG)(DG)(DC)(DA)(DT)(DC)(DC)(DG)(DG)(DG)(DC)(DG)(DC)(DC)(DG)(DG)(DG)(DT)
(DC)(DG)(DC)(DC)
;
O
8 'polydeoxyribonucleotide'
;(DG)(DG)(DC)(DG)(DA)(DC)(DC)(DC)(DG)(DG)(DC)(DG)(DC)(DC)(DG)(DC)(DC)(DT)(DA)(DC)
(DG)(DG)(DT)(DC)(DA)(DG)(DT)(DA)(DC)(DT)(DA)(DC)(DG)(DG)(DG)(DT)(DA)(DG)(DG)(DG)
(DG)(DG)(DT)(DA)(DT)(DC)(DG)(DG)(DG)(DC)(DA)(DA)(DC)(DG)(DC)(DG)(DG)(DC)(DA)(DC)
(DT)(DG)(DA)(DA)(DC)(DA)(DC)(DC)(DG)(DT)(DT)(DG)(DT)(DC)(DA)(DT)(DG)(DT)(DG)(DC)
(DC)(DT)(DT)(DG)
;
P
9 'polyribonucleotide' GUAGG Q
#
loop_
_chem_comp.id
_chem_comp.type
_chem_comp.name
_chem_comp.formula
A RNA linking ADENOSINE-5'-MONOPHOSPHATE 'C10 H14 N5 O7 P'
DA DNA linking 2'-DEOXYADENOSINE-5'-MONOPHOSPHATE 'C10 H14 N5 O6 P'
DC DNA linking 2'-DEOXYCYTIDINE-5'-MONOPHOSPHATE 'C9 H14 N3 O7 P'
DG DNA linking 2'-DEOXYGUANOSINE-5'-MONOPHOSPHATE 'C10 H14 N5 O7 P'
DT DNA linking THYMIDINE-5'-MONOPHOSPHATE 'C10 H15 N2 O8 P'
G RNA linking GUANOSINE-5'-MONOPHOSPHATE 'C10 H14 N5 O8 P'
MG non-polymer 'MAGNESIUM ION' 'Mg 2'
U RNA linking URIDINE-5'-MONOPHOSPHATE 'C9 H13 N2 O9 P'
ZN non-polymer 'ZINC ION' 'Zn 2'
#
# COMPACT_ATOMS: atom_id res chain seq x y z
N LEU A 2 7.64 47.22 -45.14
CA LEU A 2 7.14 48.49 -45.75
C LEU A 2 6.06 48.19 -46.78
N ILE A 3 6.34 47.24 -47.67
CA ILE A 3 5.39 46.90 -48.72
C ILE A 3 4.14 46.31 -48.09
N ALA A 4 2.99 46.72 -48.61
CA ALA A 4 1.69 46.26 -48.12
C ALA A 4 1.08 45.33 -49.15
N GLN A 5 0.80 44.10 -48.74
CA GLN A 5 0.17 43.10 -49.60
C GLN A 5 -0.76 42.26 -48.74
N ARG A 6 -2.04 42.20 -49.11
CA ARG A 6 -3.00 41.48 -48.30
C ARG A 6 -3.06 40.01 -48.69
N PRO A 7 -3.43 39.12 -47.76
CA PRO A 7 -3.42 37.69 -48.08
C PRO A 7 -4.41 37.36 -49.19
N SER A 8 -4.03 36.38 -50.02
CA SER A 8 -4.86 35.88 -51.11
C SER A 8 -4.82 34.37 -51.10
N LEU A 9 -6.00 33.75 -51.05
CA LEU A 9 -6.13 32.30 -50.95
C LEU A 9 -6.54 31.72 -52.29
N THR A 10 -5.92 30.60 -52.65
CA THR A 10 -6.25 29.86 -53.86
C THR A 10 -6.41 28.39 -53.54
N GLU A 11 -7.24 27.70 -54.31
CA GLU A 11 -7.59 26.31 -54.07
C GLU A 11 -7.14 25.43 -55.22
N GLU A 12 -6.87 24.16 -54.90
CA GLU A 12 -6.70 23.12 -55.89
C GLU A 12 -7.14 21.81 -55.27
N VAL A 13 -7.65 20.91 -56.10
CA VAL A 13 -8.15 19.61 -55.67
C VAL A 13 -7.19 18.53 -56.17
N VAL A 14 -6.79 17.62 -55.27
CA VAL A 14 -5.95 16.50 -55.67
C VAL A 14 -6.73 15.20 -55.73
N ASP A 15 -7.76 15.03 -54.90
CA ASP A 15 -8.59 13.84 -54.91
C ASP A 15 -10.03 14.28 -54.69
N GLU A 16 -10.95 13.32 -54.79
CA GLU A 16 -12.35 13.63 -54.56
C GLU A 16 -12.61 14.12 -53.15
N PHE A 17 -11.69 13.86 -52.20
CA PHE A 17 -11.86 14.32 -50.83
C PHE A 17 -10.56 14.84 -50.24
N ARG A 18 -9.65 15.33 -51.08
CA ARG A 18 -8.41 15.95 -50.62
C ARG A 18 -8.07 17.16 -51.48
N SER A 19 -7.63 18.23 -50.83
CA SER A 19 -7.38 19.49 -51.51
C SER A 19 -6.25 20.25 -50.85
N ARG A 20 -5.54 21.02 -51.67
CA ARG A 20 -4.43 21.85 -51.24
C ARG A 20 -4.76 23.31 -51.50
N PHE A 21 -4.54 24.16 -50.49
CA PHE A 21 -4.90 25.56 -50.56
C PHE A 21 -3.68 26.40 -50.24
N VAL A 22 -3.38 27.37 -51.09
CA VAL A 22 -2.13 28.12 -51.05
C VAL A 22 -2.42 29.59 -50.78
N ILE A 23 -1.64 30.16 -49.87
CA ILE A 23 -1.66 31.59 -49.57
C ILE A 23 -0.21 32.06 -49.63
N GLU A 24 0.12 32.83 -50.67
CA GLU A 24 1.48 33.30 -50.89
C GLU A 24 1.88 34.58 -50.14
N PRO A 25 1.03 35.63 -50.00
CA PRO A 25 1.54 36.91 -49.49
C PRO A 25 1.93 36.94 -48.01
N LEU A 26 1.95 35.79 -47.34
CA LEU A 26 2.11 35.77 -45.90
C LEU A 26 3.46 36.35 -45.48
N GLU A 27 3.46 37.02 -44.33
CA GLU A 27 4.68 37.57 -43.77
C GLU A 27 5.65 36.45 -43.39
N PRO A 28 6.93 36.76 -43.24
CA PRO A 28 7.89 35.72 -42.87
C PRO A 28 7.57 35.17 -41.49
N GLY A 29 7.78 33.86 -41.32
CA GLY A 29 7.50 33.24 -40.05
C GLY A 29 6.06 33.33 -39.63
N PHE A 30 5.13 33.35 -40.58
CA PHE A 30 3.70 33.34 -40.30
C PHE A 30 3.03 32.07 -40.77
N GLY A 31 3.42 31.56 -41.94
CA GLY A 31 2.73 30.42 -42.51
C GLY A 31 2.66 29.24 -41.56
N TYR A 32 3.70 29.06 -40.74
CA TYR A 32 3.69 27.96 -39.79
C TYR A 32 2.58 28.14 -38.76
N THR A 33 2.53 29.30 -38.10
CA THR A 33 1.50 29.50 -37.08
C THR A 33 0.11 29.50 -37.72
N LEU A 34 -0.01 30.09 -38.90
CA LEU A 34 -1.29 30.09 -39.59
C LEU A 34 -1.77 28.67 -39.86
N GLY A 35 -0.89 27.85 -40.46
CA GLY A 35 -1.26 26.48 -40.73
C GLY A 35 -1.57 25.70 -39.47
N ASN A 36 -0.81 25.95 -38.41
CA ASN A 36 -1.09 25.24 -37.16
C ASN A 36 -2.46 25.58 -36.62
N SER A 37 -2.80 26.86 -36.55
CA SER A 37 -4.11 27.22 -36.03
C SER A 37 -5.22 26.66 -36.91
N LEU A 38 -5.02 26.75 -38.23
CA LEU A 38 -6.00 26.19 -39.15
C LEU A 38 -6.21 24.70 -38.90
N ARG A 39 -5.12 23.96 -38.81
CA ARG A 39 -5.20 22.52 -38.56
C ARG A 39 -5.92 22.22 -37.24
N ARG A 40 -5.47 22.84 -36.15
CA ARG A 40 -6.05 22.51 -34.86
C ARG A 40 -7.53 22.83 -34.80
N THR A 41 -7.91 24.00 -35.32
CA THR A 41 -9.31 24.39 -35.28
C THR A 41 -10.15 23.43 -36.09
N LEU A 42 -9.66 23.04 -37.27
CA LEU A 42 -10.44 22.16 -38.12
C LEU A 42 -10.66 20.82 -37.44
N LEU A 43 -9.61 20.25 -36.85
CA LEU A 43 -9.78 18.99 -36.12
C LEU A 43 -10.64 19.14 -34.87
N SER A 44 -10.42 20.20 -34.08
CA SER A 44 -11.16 20.37 -32.84
C SER A 44 -12.64 20.59 -33.03
N SER A 45 -12.99 21.47 -33.95
CA SER A 45 -14.40 21.78 -34.14
C SER A 45 -14.85 21.70 -35.56
N ILE A 46 -15.90 20.93 -35.80
CA ILE A 46 -16.47 20.85 -37.13
C ILE A 46 -17.81 20.08 -37.03
N PRO A 47 -18.94 20.71 -37.44
CA PRO A 47 -20.21 19.99 -37.27
C PRO A 47 -20.21 18.67 -38.02
N GLY A 48 -20.83 17.65 -37.42
CA GLY A 48 -20.87 16.34 -38.03
C GLY A 48 -21.96 15.48 -37.42
N ALA A 49 -22.21 14.35 -38.07
CA ALA A 49 -23.26 13.43 -37.67
C ALA A 49 -22.70 12.04 -37.47
N ALA A 50 -23.28 11.32 -36.51
CA ALA A 50 -22.82 9.99 -36.16
C ALA A 50 -23.89 9.28 -35.36
N VAL A 51 -23.90 7.96 -35.46
CA VAL A 51 -24.81 7.13 -34.66
C VAL A 51 -24.43 7.33 -33.20
N THR A 52 -25.43 7.34 -32.31
CA THR A 52 -25.22 7.69 -30.91
C THR A 52 -25.76 6.67 -29.93
N SER A 53 -26.70 5.81 -30.33
CA SER A 53 -27.17 4.76 -29.44
C SER A 53 -28.07 3.82 -30.23
N ILE A 54 -27.92 2.52 -29.96
CA ILE A 54 -28.57 1.48 -30.76
C ILE A 54 -29.39 0.56 -29.86
N ARG A 55 -30.15 -0.31 -30.51
CA ARG A 55 -31.03 -1.26 -29.85
C ARG A 55 -31.04 -2.55 -30.66
N ILE A 56 -30.95 -3.70 -29.98
CA ILE A 56 -30.98 -5.01 -30.63
C ILE A 56 -32.04 -5.86 -29.95
N ASP A 57 -32.96 -6.39 -30.75
CA ASP A 57 -33.96 -7.31 -30.22
C ASP A 57 -33.29 -8.56 -29.68
N GLY A 58 -33.81 -9.07 -28.57
CA GLY A 58 -33.27 -10.27 -27.97
C GLY A 58 -31.89 -10.10 -27.39
N VAL A 59 -31.45 -8.87 -27.15
CA VAL A 59 -30.16 -8.58 -26.53
C VAL A 59 -30.37 -7.53 -25.46
N LEU A 60 -29.77 -7.74 -24.30
CA LEU A 60 -29.91 -6.83 -23.17
C LEU A 60 -28.60 -6.16 -22.78
N HIS A 61 -27.48 -6.53 -23.39
CA HIS A 61 -26.22 -5.84 -23.15
C HIS A 61 -25.29 -6.09 -24.33
N GLU A 62 -24.31 -5.21 -24.48
CA GLU A 62 -23.37 -5.31 -25.59
C GLU A 62 -22.44 -6.51 -25.46
N PHE A 63 -22.37 -7.13 -24.29
CA PHE A 63 -21.40 -8.21 -24.08
C PHE A 63 -21.84 -9.51 -24.74
N THR A 64 -23.14 -9.76 -24.84
CA THR A 64 -23.61 -11.03 -25.36
C THR A 64 -23.47 -11.08 -26.88
N THR A 65 -24.07 -12.11 -27.47
CA THR A 65 -23.94 -12.40 -28.89
C THR A 65 -25.31 -12.61 -29.51
N VAL A 66 -25.43 -12.20 -30.77
CA VAL A 66 -26.64 -12.40 -31.56
C VAL A 66 -26.47 -13.70 -32.33
N PRO A 67 -27.40 -14.65 -32.24
CA PRO A 67 -27.29 -15.85 -33.08
C PRO A 67 -27.32 -15.50 -34.55
N GLY A 68 -26.51 -16.22 -35.33
CA GLY A 68 -26.48 -16.06 -36.77
C GLY A 68 -25.30 -15.29 -37.31
N VAL A 69 -24.64 -14.49 -36.48
CA VAL A 69 -23.47 -13.72 -36.88
C VAL A 69 -22.25 -14.35 -36.24
N LYS A 70 -21.16 -14.45 -37.01
CA LYS A 70 -19.89 -14.78 -36.39
C LYS A 70 -19.39 -13.64 -35.51
N GLU A 71 -19.81 -12.42 -35.79
CA GLU A 71 -19.38 -11.24 -35.03
C GLU A 71 -20.23 -11.13 -33.77
N ASP A 72 -19.58 -10.94 -32.63
CA ASP A 72 -20.35 -10.68 -31.42
C ASP A 72 -20.91 -9.27 -31.47
N VAL A 73 -21.67 -8.91 -30.44
CA VAL A 73 -22.28 -7.59 -30.39
C VAL A 73 -21.21 -6.50 -30.32
N THR A 74 -20.17 -6.73 -29.53
CA THR A 74 -19.11 -5.73 -29.39
C THR A 74 -18.40 -5.49 -30.72
N ASP A 75 -18.18 -6.55 -31.50
CA ASP A 75 -17.65 -6.37 -32.83
C ASP A 75 -18.55 -5.48 -33.67
N LEU A 76 -19.87 -5.64 -33.53
CA LEU A 76 -20.78 -4.76 -34.25
C LEU A 76 -20.65 -3.32 -33.76
N ILE A 77 -20.43 -3.12 -32.46
CA ILE A 77 -20.20 -1.78 -31.94
C ILE A 77 -19.00 -1.16 -32.65
N LEU A 78 -17.89 -1.89 -32.69
CA LEU A 78 -16.68 -1.35 -33.32
C LEU A 78 -16.88 -1.14 -34.81
N ASN A 79 -17.68 -2.00 -35.45
CA ASN A 79 -17.98 -1.81 -36.86
C ASN A 79 -18.75 -0.51 -37.10
N ILE A 80 -19.73 -0.22 -36.25
CA ILE A 80 -20.60 0.92 -36.51
C ILE A 80 -19.93 2.22 -36.06
N LYS A 81 -19.06 2.19 -35.05
CA LYS A 81 -18.49 3.43 -34.53
C LYS A 81 -17.78 4.21 -35.61
N GLN A 82 -17.17 3.51 -36.57
CA GLN A 82 -16.50 4.15 -37.70
C GLN A 82 -17.42 4.31 -38.91
N LEU A 83 -18.69 3.92 -38.78
CA LEU A 83 -19.67 4.26 -39.81
C LEU A 83 -19.82 5.77 -39.89
N VAL A 84 -19.86 6.30 -41.10
CA VAL A 84 -19.89 7.74 -41.34
C VAL A 84 -21.24 8.13 -41.92
N VAL A 85 -21.86 9.16 -41.33
CA VAL A 85 -23.20 9.60 -41.68
C VAL A 85 -23.24 11.12 -41.71
N SER A 86 -24.25 11.65 -42.39
CA SER A 86 -24.53 13.08 -42.44
C SER A 86 -26.01 13.27 -42.13
N SER A 87 -26.31 14.09 -41.12
CA SER A 87 -27.68 14.31 -40.66
C SER A 87 -28.00 15.79 -40.68
N GLU A 88 -29.07 16.16 -41.39
CA GLU A 88 -29.51 17.54 -41.44
C GLU A 88 -30.36 17.94 -40.24
N HIS A 89 -30.99 16.99 -39.57
CA HIS A 89 -31.91 17.30 -38.48
C HIS A 89 -31.12 17.55 -37.21
N ASP A 90 -31.48 18.60 -36.47
CA ASP A 90 -30.86 18.84 -35.18
C ASP A 90 -31.30 17.84 -34.13
N GLU A 91 -32.53 17.34 -34.22
CA GLU A 91 -33.07 16.41 -33.23
C GLU A 91 -32.78 14.98 -33.64
N PRO A 92 -32.77 14.04 -32.69
CA PRO A 92 -32.40 12.66 -33.01
C PRO A 92 -33.33 12.05 -34.05
N VAL A 93 -32.76 11.23 -34.93
CA VAL A 93 -33.50 10.51 -35.95
C VAL A 93 -33.28 9.02 -35.70
N VAL A 94 -34.19 8.19 -36.22
CA VAL A 94 -34.12 6.74 -36.04
C VAL A 94 -33.86 6.09 -37.38
N MET A 95 -32.96 5.11 -37.38
CA MET A 95 -32.58 4.34 -38.56
C MET A 95 -32.73 2.86 -38.22
N TYR A 96 -32.90 2.04 -39.25
CA TYR A 96 -33.20 0.62 -39.05
C TYR A 96 -32.32 -0.23 -39.94
N LEU A 97 -31.82 -1.33 -39.40
CA LEU A 97 -31.05 -2.32 -40.16
C LEU A 97 -31.68 -3.69 -39.93
N ARG A 98 -32.12 -4.32 -41.01
CA ARG A 98 -32.80 -5.61 -40.95
C ARG A 98 -32.25 -6.49 -42.06
N LYS A 99 -31.83 -7.70 -41.70
CA LYS A 99 -31.27 -8.61 -42.69
C LYS A 99 -31.56 -10.05 -42.29
N GLN A 100 -31.92 -10.86 -43.29
CA GLN A 100 -32.24 -12.27 -43.10
C GLN A 100 -31.53 -13.11 -44.16
N GLY A 101 -31.19 -14.34 -43.80
CA GLY A 101 -30.58 -15.27 -44.71
C GLY A 101 -29.06 -15.21 -44.65
N PRO A 102 -28.38 -16.03 -45.46
CA PRO A 102 -26.91 -16.03 -45.44
C PRO A 102 -26.37 -14.91 -46.34
N GLY A 103 -25.37 -14.21 -45.84
CA GLY A 103 -24.72 -13.19 -46.64
C GLY A 103 -24.18 -12.07 -45.78
N LEU A 104 -23.51 -11.13 -46.46
CA LEU A 104 -22.86 -10.01 -45.80
C LEU A 104 -23.91 -8.95 -45.48
N VAL A 105 -23.79 -8.29 -44.32
CA VAL A 105 -24.69 -7.17 -44.04
C VAL A 105 -23.88 -5.92 -44.34
N THR A 106 -24.51 -4.90 -44.90
CA THR A 106 -23.77 -3.70 -45.32
C THR A 106 -24.39 -2.39 -44.94
N ALA A 107 -23.60 -1.33 -45.01
CA ALA A 107 -24.12 0.01 -44.74
C ALA A 107 -25.18 0.34 -45.78
N ALA A 108 -24.99 -0.12 -47.02
CA ALA A 108 -25.96 0.13 -48.08
C ALA A 108 -27.31 -0.49 -47.73
N ASP A 109 -27.29 -1.67 -47.10
CA ASP A 109 -28.52 -2.35 -46.70
C ASP A 109 -29.35 -1.55 -45.71
N ILE A 110 -28.71 -0.70 -44.92
CA ILE A 110 -29.43 0.04 -43.88
C ILE A 110 -30.55 0.91 -44.45
N ALA A 111 -31.65 1.00 -43.71
CA ALA A 111 -32.80 1.80 -44.16
C ALA A 111 -32.54 3.30 -43.90
N PRO A 112 -32.33 4.11 -44.97
CA PRO A 112 -32.00 5.52 -44.68
C PRO A 112 -33.25 6.35 -44.44
N PRO A 113 -33.36 7.06 -43.33
CA PRO A 113 -34.41 8.07 -43.21
C PRO A 113 -34.10 9.29 -44.07
N ALA A 114 -35.16 9.96 -44.51
CA ALA A 114 -35.01 11.15 -45.32
C ALA A 114 -34.22 12.21 -44.58
N GLY A 115 -33.21 12.77 -45.23
CA GLY A 115 -32.36 13.79 -44.64
C GLY A 115 -31.19 13.25 -43.85
N VAL A 116 -31.06 11.94 -43.73
CA VAL A 116 -29.92 11.29 -43.08
C VAL A 116 -29.30 10.34 -44.10
N GLU A 117 -28.01 10.53 -44.39
CA GLU A 117 -27.33 9.82 -45.46
C GLU A 117 -26.03 9.23 -44.97
N VAL A 118 -25.92 7.91 -45.06
CA VAL A 118 -24.63 7.25 -44.85
C VAL A 118 -23.75 7.54 -46.06
N HIS A 119 -22.45 7.60 -45.85
CA HIS A 119 -21.52 7.98 -46.90
C HIS A 119 -20.43 6.94 -47.16
N ASN A 120 -20.51 5.76 -46.55
CA ASN A 120 -19.57 4.66 -46.83
C ASN A 120 -20.38 3.40 -47.07
N PRO A 121 -21.13 3.34 -48.18
CA PRO A 121 -21.97 2.16 -48.45
C PRO A 121 -21.18 0.86 -48.54
N ASP A 122 -19.96 0.90 -49.07
CA ASP A 122 -19.21 -0.33 -49.29
C ASP A 122 -18.73 -0.96 -47.99
N LEU A 123 -18.77 -0.25 -46.88
CA LEU A 123 -18.34 -0.82 -45.61
C LEU A 123 -19.22 -2.01 -45.25
N VAL A 124 -18.56 -3.11 -44.90
CA VAL A 124 -19.26 -4.31 -44.43
C VAL A 124 -19.29 -4.26 -42.91
N LEU A 125 -20.46 -4.54 -42.34
CA LEU A 125 -20.62 -4.52 -40.89
C LEU A 125 -20.45 -5.90 -40.27
N ALA A 126 -20.98 -6.93 -40.90
CA ALA A 126 -20.88 -8.29 -40.36
C ALA A 126 -21.35 -9.26 -41.44
N THR A 127 -21.50 -10.53 -41.06
CA THR A 127 -22.02 -11.56 -41.93
C THR A 127 -23.00 -12.44 -41.17
N LEU A 128 -24.03 -12.89 -41.86
CA LEU A 128 -25.07 -13.74 -41.31
C LEU A 128 -25.05 -15.12 -41.97
N ASN A 129 -25.41 -16.13 -41.18
CA ASN A 129 -25.57 -17.49 -41.66
C ASN A 129 -26.92 -17.61 -42.37
N GLY A 130 -27.18 -18.79 -42.93
CA GLY A 130 -28.49 -19.06 -43.47
C GLY A 130 -29.57 -19.00 -42.40
N LYS A 131 -29.24 -19.47 -41.20
CA LYS A 131 -30.16 -19.43 -40.06
C LYS A 131 -30.17 -18.07 -39.37
N GLY A 132 -29.28 -17.15 -39.74
CA GLY A 132 -29.14 -15.93 -38.99
C GLY A 132 -30.21 -14.89 -39.26
N LYS A 133 -30.27 -13.92 -38.36
CA LYS A 133 -31.22 -12.82 -38.46
C LYS A 133 -30.64 -11.64 -37.70
N LEU A 134 -30.57 -10.47 -38.34
CA LEU A 134 -30.16 -9.24 -37.69
C LEU A 134 -31.30 -8.24 -37.73
N GLU A 135 -31.63 -7.70 -36.56
CA GLU A 135 -32.60 -6.62 -36.43
C GLU A 135 -31.97 -5.60 -35.50
N MET A 136 -31.91 -4.34 -35.93
CA MET A 136 -31.14 -3.32 -35.23
C MET A 136 -31.80 -1.96 -35.41
N GLU A 137 -31.88 -1.22 -34.32
CA GLU A 137 -32.32 0.17 -34.31
C GLU A 137 -31.12 1.05 -34.03
N LEU A 138 -31.05 2.18 -34.73
CA LEU A 138 -29.94 3.11 -34.60
C LEU A 138 -30.51 4.50 -34.35
N THR A 139 -29.79 5.29 -33.57
CA THR A 139 -30.12 6.68 -33.34
C THR A 139 -29.06 7.54 -33.98
N VAL A 140 -29.47 8.39 -34.93
CA VAL A 140 -28.57 9.30 -35.62
C VAL A 140 -28.77 10.67 -35.00
N GLU A 141 -27.73 11.15 -34.31
CA GLU A 141 -27.63 12.48 -33.75
C GLU A 141 -26.49 13.22 -34.46
N ARG A 142 -26.46 14.54 -34.30
CA ARG A 142 -25.43 15.38 -34.89
C ARG A 142 -24.73 16.19 -33.81
N GLY A 143 -23.42 16.33 -33.98
CA GLY A 143 -22.63 17.07 -33.03
C GLY A 143 -21.25 17.34 -33.60
N ARG A 144 -20.31 17.64 -32.71
CA ARG A 144 -18.93 17.88 -33.13
C ARG A 144 -17.99 17.23 -32.12
N GLY A 145 -16.81 16.85 -32.61
CA GLY A 145 -15.79 16.26 -31.76
C GLY A 145 -16.07 14.82 -31.40
N TYR A 146 -15.74 14.45 -30.17
CA TYR A 146 -15.89 13.10 -29.66
C TYR A 146 -16.85 13.11 -28.47
N VAL A 147 -17.71 12.10 -28.42
CA VAL A 147 -18.62 11.91 -27.29
C VAL A 147 -18.58 10.44 -26.90
N SER A 148 -18.19 10.17 -25.65
CA SER A 148 -18.14 8.82 -25.16
C SER A 148 -19.53 8.34 -24.75
N ALA A 149 -19.71 7.02 -24.76
CA ALA A 149 -21.02 6.45 -24.44
C ALA A 149 -21.46 6.77 -23.02
N VAL A 150 -20.52 6.99 -22.10
CA VAL A 150 -20.89 7.16 -20.69
C VAL A 150 -21.78 8.38 -20.52
N GLN A 151 -21.43 9.50 -21.15
CA GLN A 151 -22.27 10.69 -21.11
C GLN A 151 -23.37 10.66 -22.14
N ASN A 152 -23.36 9.69 -23.06
CA ASN A 152 -24.36 9.60 -24.11
C ASN A 152 -25.56 8.76 -23.65
N LYS A 153 -25.56 8.27 -22.41
CA LYS A 153 -26.66 7.47 -21.89
C LYS A 153 -27.65 8.40 -21.18
N GLN A 154 -28.93 8.29 -21.55
CA GLN A 154 -29.98 9.09 -20.92
C GLN A 154 -31.24 8.30 -20.60
N VAL A 155 -31.42 7.12 -21.18
CA VAL A 155 -32.60 6.29 -20.95
C VAL A 155 -32.18 5.08 -20.13
N GLY A 156 -32.83 4.90 -18.98
CA GLY A 156 -32.50 3.82 -18.07
C GLY A 156 -33.50 2.69 -18.12
N GLN A 157 -34.76 3.01 -18.41
CA GLN A 157 -35.80 1.99 -18.45
C GLN A 157 -35.64 1.09 -19.68
N GLU A 158 -35.27 1.67 -20.81
CA GLU A 158 -35.08 0.90 -22.04
C GLU A 158 -33.74 0.17 -21.95
N ILE A 159 -33.78 -0.97 -21.25
CA ILE A 159 -32.57 -1.79 -21.11
C ILE A 159 -32.13 -2.31 -22.47
N GLY A 160 -33.08 -2.52 -23.39
CA GLY A 160 -32.70 -2.93 -24.73
C GLY A 160 -31.81 -1.92 -25.42
N ARG A 161 -32.08 -0.64 -25.21
CA ARG A 161 -31.22 0.40 -25.78
C ARG A 161 -29.84 0.34 -25.14
N ILE A 162 -28.83 0.67 -25.93
CA ILE A 162 -27.45 0.71 -25.48
C ILE A 162 -26.73 1.90 -26.09
N PRO A 163 -25.90 2.63 -25.35
CA PRO A 163 -25.17 3.74 -25.94
C PRO A 163 -23.87 3.28 -26.59
N VAL A 164 -23.42 4.06 -27.56
CA VAL A 164 -22.17 3.82 -28.26
C VAL A 164 -21.44 5.15 -28.38
N ASP A 165 -20.15 5.17 -28.02
CA ASP A 165 -19.35 6.35 -28.27
C ASP A 165 -19.31 6.62 -29.77
N SER A 166 -19.32 7.90 -30.13
CA SER A 166 -19.48 8.29 -31.52
C SER A 166 -18.44 9.34 -31.89
N ILE A 167 -18.14 9.41 -33.18
CA ILE A 167 -17.19 10.38 -33.73
C ILE A 167 -17.89 11.16 -34.83
N TYR A 168 -17.90 12.49 -34.70
CA TYR A 168 -18.59 13.36 -35.64
C TYR A 168 -17.68 13.95 -36.70
N SER A 169 -16.49 14.39 -36.33
CA SER A 169 -15.65 15.14 -37.26
C SER A 169 -15.32 14.28 -38.47
N PRO A 170 -15.64 14.70 -39.69
CA PRO A 170 -15.34 13.89 -40.88
C PRO A 170 -14.02 14.22 -41.56
N VAL A 171 -13.17 15.05 -40.96
CA VAL A 171 -11.85 15.34 -41.50
C VAL A 171 -10.92 14.22 -41.08
N LEU A 172 -10.02 13.82 -41.98
CA LEU A 172 -9.10 12.71 -41.72
C LEU A 172 -7.75 13.22 -41.27
N LYS A 173 -7.13 14.09 -42.06
CA LYS A 173 -5.84 14.62 -41.64
C LYS A 173 -5.46 15.86 -42.44
N VAL A 174 -4.62 16.67 -41.81
CA VAL A 174 -4.23 17.98 -42.29
C VAL A 174 -2.72 18.09 -42.22
N THR A 175 -2.12 18.71 -43.23
CA THR A 175 -0.68 18.89 -43.28
C THR A 175 -0.37 20.18 -44.01
N TYR A 176 0.38 21.07 -43.35
CA TYR A 176 0.72 22.35 -43.92
C TYR A 176 2.23 22.48 -44.10
N LYS A 177 2.61 23.25 -45.11
CA LYS A 177 3.99 23.42 -45.50
C LYS A 177 4.20 24.87 -45.89
N VAL A 178 5.44 25.34 -45.80
CA VAL A 178 5.78 26.71 -46.14
C VAL A 178 6.92 26.71 -47.14
N GLU A 179 7.12 27.85 -47.79
CA GLU A 179 8.18 28.03 -48.78
C GLU A 179 8.67 29.46 -48.68
N ALA A 180 9.40 29.91 -49.70
CA ALA A 180 9.86 31.29 -49.80
C ALA A 180 9.35 31.90 -51.09
N THR A 181 8.86 33.13 -51.01
CA THR A 181 8.30 33.81 -52.17
C THR A 181 9.39 34.30 -53.10
N ARG A 182 9.04 34.39 -54.38
CA ARG A 182 9.98 34.88 -55.40
C ARG A 182 10.24 36.37 -55.29
N VAL A 183 9.44 37.10 -54.51
CA VAL A 183 9.62 38.55 -54.40
C VAL A 183 11.01 38.85 -53.86
N GLU A 184 11.64 39.89 -54.42
CA GLU A 184 13.01 40.24 -54.07
C GLU A 184 12.96 41.21 -52.88
N GLN A 185 13.30 40.70 -51.70
CA GLN A 185 13.35 41.52 -50.49
C GLN A 185 13.99 40.68 -49.40
N ARG A 186 14.38 41.36 -48.32
CA ARG A 186 15.03 40.68 -47.20
C ARG A 186 14.04 39.89 -46.35
N THR A 187 12.78 40.32 -46.29
CA THR A 187 11.81 39.64 -45.44
C THR A 187 11.58 38.21 -45.92
N ASP A 188 11.53 37.99 -47.23
CA ASP A 188 11.32 36.67 -47.81
C ASP A 188 9.99 36.07 -47.32
N PHE A 189 8.91 36.72 -47.74
CA PHE A 189 7.56 36.28 -47.41
C PHE A 189 7.39 34.80 -47.75
N ASP A 190 6.75 34.07 -46.85
CA ASP A 190 6.56 32.64 -46.98
C ASP A 190 5.23 32.33 -47.63
N LYS A 191 5.16 31.19 -48.31
CA LYS A 191 3.98 30.72 -49.02
C LYS A 191 3.43 29.50 -48.29
N LEU A 192 2.33 29.68 -47.57
CA LEU A 192 1.70 28.57 -46.87
C LEU A 192 0.89 27.74 -47.86
N ILE A 193 0.95 26.41 -47.70
CA ILE A 193 0.11 25.48 -48.44
C ILE A 193 -0.45 24.49 -47.44
N VAL A 194 -1.77 24.44 -47.31
CA VAL A 194 -2.45 23.57 -46.36
C VAL A 194 -3.20 22.50 -47.16
N ASP A 195 -2.86 21.25 -46.93
CA ASP A 195 -3.50 20.10 -47.57
C ASP A 195 -4.39 19.43 -46.55
N VAL A 196 -5.65 19.23 -46.91
CA VAL A 196 -6.64 18.60 -46.04
C VAL A 196 -7.28 17.45 -46.79
N GLU A 197 -7.35 16.29 -46.14
CA GLU A 197 -8.10 15.15 -46.64
C GLU A 197 -9.13 14.76 -45.59
N THR A 198 -10.34 14.48 -46.05
CA THR A 198 -11.48 14.25 -45.17
C THR A 198 -12.25 13.02 -45.63
N LYS A 199 -13.12 12.54 -44.73
CA LYS A 199 -13.99 11.43 -45.06
C LYS A 199 -15.00 11.85 -46.11
N GLN A 200 -15.85 10.91 -46.49
CA GLN A 200 -16.79 11.11 -47.59
C GLN A 200 -17.95 12.03 -47.23
N ALA A 201 -18.07 12.43 -45.95
CA ALA A 201 -19.25 13.15 -45.51
C ALA A 201 -19.35 14.52 -46.17
N MET A 202 -18.27 15.30 -46.16
CA MET A 202 -18.32 16.68 -46.57
C MET A 202 -17.02 17.07 -47.27
N ARG A 203 -17.14 18.00 -48.21
CA ARG A 203 -16.00 18.46 -48.99
C ARG A 203 -15.08 19.31 -48.12
N PRO A 204 -13.75 19.23 -48.31
CA PRO A 204 -12.86 20.04 -47.47
C PRO A 204 -13.10 21.54 -47.57
N ARG A 205 -13.55 22.02 -48.73
CA ARG A 205 -13.80 23.45 -48.89
C ARG A 205 -14.76 23.97 -47.83
N ASP A 206 -15.91 23.33 -47.69
CA ASP A 206 -16.87 23.77 -46.68
C ASP A 206 -16.35 23.52 -45.28
N ALA A 207 -15.53 22.48 -45.09
CA ALA A 207 -14.95 22.22 -43.78
C ALA A 207 -14.11 23.40 -43.33
N MET A 208 -13.17 23.85 -44.17
CA MET A 208 -12.38 25.01 -43.75
C MET A 208 -13.19 26.29 -43.80
N ALA A 209 -14.26 26.35 -44.58
CA ALA A 209 -15.16 27.49 -44.47
C ALA A 209 -15.73 27.59 -43.06
N SER A 210 -16.18 26.46 -42.53
CA SER A 210 -16.66 26.43 -41.15
C SER A 210 -15.55 26.77 -40.16
N ALA A 211 -14.35 26.24 -40.39
CA ALA A 211 -13.25 26.53 -39.48
C ALA A 211 -12.95 28.03 -39.45
N GLY A 212 -12.91 28.64 -40.64
CA GLY A 212 -12.75 30.08 -40.71
C GLY A 212 -13.87 30.82 -40.03
N LYS A 213 -15.10 30.33 -40.16
CA LYS A 213 -16.22 30.94 -39.45
C LYS A 213 -15.95 30.96 -37.95
N THR A 214 -15.60 29.81 -37.40
CA THR A 214 -15.32 29.73 -35.97
C THR A 214 -14.20 30.70 -35.58
N LEU A 215 -13.07 30.63 -36.28
CA LEU A 215 -11.90 31.39 -35.85
C LEU A 215 -12.13 32.89 -36.02
N VAL A 216 -12.77 33.29 -37.13
CA VAL A 216 -13.06 34.70 -37.33
C VAL A 216 -14.06 35.19 -36.31
N GLU A 217 -15.00 34.33 -35.89
CA GLU A 217 -15.86 34.71 -34.78
C GLU A 217 -15.04 34.98 -33.53
N LEU A 218 -14.10 34.09 -33.21
CA LEU A 218 -13.30 34.27 -32.00
C LEU A 218 -12.51 35.57 -32.06
N PHE A 219 -11.89 35.86 -33.21
CA PHE A 219 -11.06 37.06 -33.27
C PHE A 219 -11.90 38.32 -33.39
N GLY A 220 -13.10 38.24 -33.98
CA GLY A 220 -14.01 39.36 -33.91
C GLY A 220 -14.42 39.65 -32.49
N LEU A 221 -14.64 38.60 -31.70
CA LEU A 221 -14.87 38.78 -30.26
C LEU A 221 -13.68 39.46 -29.61
N ALA A 222 -12.48 39.03 -29.95
CA ALA A 222 -11.29 39.62 -29.35
C ALA A 222 -11.17 41.10 -29.71
N ARG A 223 -11.41 41.45 -30.97
CA ARG A 223 -11.22 42.81 -31.43
C ARG A 223 -12.32 43.74 -30.95
N GLU A 224 -13.57 43.38 -31.22
CA GLU A 224 -14.68 44.30 -30.96
C GLU A 224 -14.77 44.66 -29.48
N LEU A 225 -14.48 43.70 -28.60
CA LEU A 225 -14.51 43.97 -27.17
C LEU A 225 -13.43 44.95 -26.73
N ASN A 226 -12.43 45.22 -27.58
CA ASN A 226 -11.43 46.23 -27.34
C ASN A 226 -11.78 47.50 -28.11
N ILE A 227 -11.38 48.63 -27.55
CA ILE A 227 -11.64 49.94 -28.15
C ILE A 227 -13.15 50.15 -28.27
N MET B 1 -24.13 22.28 -28.77
CA MET B 1 -23.33 22.82 -29.89
C MET B 1 -22.73 24.15 -29.46
N LEU B 2 -23.60 25.06 -29.07
CA LEU B 2 -23.19 26.38 -28.62
C LEU B 2 -22.15 26.25 -27.53
N ILE B 3 -21.11 27.08 -27.61
CA ILE B 3 -20.11 27.11 -26.55
C ILE B 3 -20.81 27.45 -25.24
N ALA B 4 -20.53 26.65 -24.21
CA ALA B 4 -21.27 26.76 -22.96
C ALA B 4 -21.17 28.16 -22.39
N GLN B 5 -19.98 28.76 -22.45
CA GLN B 5 -19.74 30.13 -22.01
C GLN B 5 -19.00 30.88 -23.10
N ARG B 6 -19.54 32.01 -23.50
CA ARG B 6 -18.88 32.85 -24.50
C ARG B 6 -17.67 33.54 -23.87
N PRO B 7 -16.52 33.57 -24.55
CA PRO B 7 -15.38 34.31 -23.99
C PRO B 7 -15.62 35.81 -24.05
N SER B 8 -14.80 36.53 -23.29
CA SER B 8 -15.01 37.96 -23.10
C SER B 8 -13.68 38.58 -22.71
N LEU B 9 -13.01 39.21 -23.67
CA LEU B 9 -11.68 39.76 -23.42
C LEU B 9 -11.72 40.85 -22.36
N THR B 10 -10.73 40.85 -21.47
CA THR B 10 -10.64 41.84 -20.41
C THR B 10 -9.18 42.24 -20.21
N GLU B 11 -8.98 43.36 -19.53
CA GLU B 11 -7.69 44.00 -19.38
C GLU B 11 -7.28 44.09 -17.91
N GLU B 12 -5.97 44.10 -17.69
CA GLU B 12 -5.38 44.33 -16.37
C GLU B 12 -4.11 45.14 -16.59
N VAL B 13 -4.10 46.38 -16.13
CA VAL B 13 -3.01 47.32 -16.39
C VAL B 13 -2.09 47.37 -15.17
N VAL B 14 -0.79 47.26 -15.42
CA VAL B 14 0.22 47.52 -14.40
C VAL B 14 1.06 48.75 -14.73
N ASP B 15 1.18 49.11 -15.99
CA ASP B 15 1.93 50.30 -16.39
C ASP B 15 1.37 50.81 -17.71
N GLU B 16 1.70 52.06 -18.02
CA GLU B 16 1.20 52.69 -19.24
C GLU B 16 1.63 51.93 -20.49
N PHE B 17 2.72 51.17 -20.42
CA PHE B 17 3.22 50.40 -21.55
C PHE B 17 3.08 48.90 -21.37
N ARG B 18 3.24 48.39 -20.15
CA ARG B 18 3.07 46.96 -19.89
C ARG B 18 1.61 46.70 -19.56
N SER B 19 1.08 45.59 -20.06
CA SER B 19 -0.30 45.26 -19.81
C SER B 19 -0.48 43.75 -19.82
N ARG B 20 -1.62 43.30 -19.27
CA ARG B 20 -2.01 41.90 -19.30
C ARG B 20 -3.44 41.85 -19.82
N PHE B 21 -3.73 40.85 -20.65
CA PHE B 21 -5.04 40.66 -21.22
C PHE B 21 -5.48 39.24 -20.93
N VAL B 22 -6.71 39.08 -20.48
CA VAL B 22 -7.24 37.80 -20.01
C VAL B 22 -8.45 37.45 -20.85
N ILE B 23 -8.55 36.17 -21.20
CA ILE B 23 -9.69 35.65 -21.96
C ILE B 23 -10.55 34.80 -21.03
N GLU B 24 -11.84 35.12 -20.96
CA GLU B 24 -12.81 34.38 -20.16
C GLU B 24 -12.83 32.97 -20.73
N PRO B 25 -13.00 31.91 -19.88
CA PRO B 25 -12.81 30.53 -20.35
C PRO B 25 -13.43 30.18 -21.69
N LEU B 26 -12.78 29.24 -22.39
CA LEU B 26 -12.95 29.02 -23.81
C LEU B 26 -13.12 27.53 -24.07
N GLU B 27 -13.52 27.21 -25.29
CA GLU B 27 -13.63 25.83 -25.72
C GLU B 27 -12.29 25.13 -25.51
N PRO B 28 -12.27 23.91 -24.97
CA PRO B 28 -10.97 23.27 -24.70
C PRO B 28 -10.22 23.00 -25.99
N GLY B 29 -8.89 23.11 -25.91
CA GLY B 29 -8.04 22.88 -27.04
C GLY B 29 -7.91 24.05 -28.00
N PHE B 30 -8.60 25.14 -27.76
CA PHE B 30 -8.54 26.32 -28.62
C PHE B 30 -7.52 27.34 -28.15
N GLY B 31 -7.12 27.29 -26.88
CA GLY B 31 -6.35 28.38 -26.31
C GLY B 31 -5.03 28.61 -27.01
N TYR B 32 -4.39 27.53 -27.48
CA TYR B 32 -3.08 27.69 -28.08
C TYR B 32 -3.17 28.27 -29.48
N THR B 33 -4.21 27.94 -30.24
CA THR B 33 -4.43 28.60 -31.53
C THR B 33 -4.48 30.10 -31.37
N LEU B 34 -5.47 30.58 -30.62
CA LEU B 34 -5.63 32.01 -30.43
C LEU B 34 -4.38 32.67 -29.91
N GLY B 35 -3.85 32.19 -28.79
CA GLY B 35 -2.71 32.85 -28.20
C GLY B 35 -1.45 32.88 -29.05
N ASN B 36 -1.12 31.76 -29.68
CA ASN B 36 0.05 31.72 -30.54
C ASN B 36 -0.11 32.61 -31.76
N SER B 37 -1.27 32.57 -32.38
CA SER B 37 -1.52 33.41 -33.54
C SER B 37 -1.46 34.86 -33.13
N LEU B 38 -2.06 35.17 -32.00
CA LEU B 38 -2.04 36.54 -31.51
C LEU B 38 -0.60 36.95 -31.30
N ARG B 39 0.18 36.10 -30.65
CA ARG B 39 1.58 36.43 -30.40
C ARG B 39 2.29 36.82 -31.69
N ARG B 40 2.19 35.96 -32.69
CA ARG B 40 2.96 36.18 -33.92
C ARG B 40 2.54 37.46 -34.61
N THR B 41 1.23 37.63 -34.85
CA THR B 41 0.80 38.81 -35.60
C THR B 41 1.06 40.08 -34.80
N LEU B 42 0.86 40.03 -33.48
CA LEU B 42 1.05 41.23 -32.66
C LEU B 42 2.51 41.64 -32.65
N LEU B 43 3.42 40.67 -32.59
CA LEU B 43 4.84 41.00 -32.68
C LEU B 43 5.20 41.58 -34.05
N SER B 44 4.71 40.96 -35.13
CA SER B 44 5.25 41.22 -36.46
C SER B 44 4.29 41.96 -37.38
N SER B 45 3.05 41.48 -37.53
CA SER B 45 2.20 41.99 -38.60
C SER B 45 1.89 43.48 -38.45
N ILE B 46 1.77 43.96 -37.21
CA ILE B 46 1.44 45.37 -37.00
C ILE B 46 2.56 46.24 -37.56
N PRO B 47 2.26 47.33 -38.28
CA PRO B 47 3.33 48.12 -38.89
C PRO B 47 3.83 49.24 -37.99
N GLY B 48 4.92 49.85 -38.43
CA GLY B 48 5.50 50.96 -37.71
C GLY B 48 6.74 51.46 -38.43
N ALA B 49 7.45 52.38 -37.77
CA ALA B 49 8.58 53.07 -38.37
C ALA B 49 9.80 52.97 -37.47
N ALA B 50 10.98 52.92 -38.09
CA ALA B 50 12.24 52.81 -37.38
C ALA B 50 13.35 53.36 -38.26
N VAL B 51 14.51 53.63 -37.63
CA VAL B 51 15.67 54.06 -38.39
C VAL B 51 16.19 52.90 -39.24
N THR B 52 16.92 53.25 -40.30
CA THR B 52 17.45 52.26 -41.24
C THR B 52 18.94 52.32 -41.45
N SER B 53 19.55 53.51 -41.42
CA SER B 53 20.99 53.63 -41.57
C SER B 53 21.43 54.92 -40.88
N ILE B 54 22.72 54.99 -40.59
CA ILE B 54 23.30 56.11 -39.85
C ILE B 54 24.58 56.53 -40.55
N ARG B 55 24.88 57.82 -40.48
CA ARG B 55 26.10 58.36 -41.09
C ARG B 55 26.65 59.44 -40.16
N ILE B 56 27.82 59.16 -39.61
CA ILE B 56 28.58 60.07 -38.77
C ILE B 56 29.53 60.85 -39.66
N ASP B 57 29.69 62.13 -39.38
CA ASP B 57 30.66 62.93 -40.12
C ASP B 57 32.07 62.44 -39.84
N GLY B 58 32.88 62.37 -40.89
CA GLY B 58 34.31 62.14 -40.73
C GLY B 58 34.69 60.82 -40.10
N VAL B 59 34.04 59.73 -40.50
CA VAL B 59 34.47 58.39 -40.12
C VAL B 59 34.24 57.45 -41.28
N LEU B 60 34.96 56.34 -41.27
CA LEU B 60 34.81 55.26 -42.24
C LEU B 60 34.10 54.08 -41.58
N HIS B 61 33.59 53.18 -42.42
CA HIS B 61 32.94 51.99 -41.90
C HIS B 61 33.92 51.13 -41.09
N GLU B 62 35.15 51.00 -41.58
CA GLU B 62 36.16 50.26 -40.83
C GLU B 62 36.65 51.05 -39.62
N PHE B 63 36.62 52.37 -39.70
CA PHE B 63 37.06 53.23 -38.60
C PHE B 63 35.92 53.33 -37.59
N THR B 64 35.88 52.39 -36.66
CA THR B 64 34.83 52.34 -35.65
C THR B 64 34.91 53.51 -34.66
N THR B 65 36.09 54.08 -34.45
CA THR B 65 36.23 55.20 -33.53
C THR B 65 35.63 56.46 -34.13
N VAL B 66 35.12 57.32 -33.27
CA VAL B 66 34.61 58.63 -33.64
C VAL B 66 35.32 59.67 -32.79
N PRO B 67 36.01 60.66 -33.37
CA PRO B 67 36.67 61.67 -32.54
C PRO B 67 35.67 62.53 -31.78
N GLY B 68 36.16 63.12 -30.68
CA GLY B 68 35.40 64.12 -29.95
C GLY B 68 34.30 63.59 -29.07
N VAL B 69 34.07 62.28 -29.05
CA VAL B 69 32.99 61.67 -28.27
C VAL B 69 33.61 60.62 -27.37
N LYS B 70 33.25 60.65 -26.08
CA LYS B 70 33.76 59.65 -25.15
C LYS B 70 33.29 58.25 -25.54
N GLU B 71 32.04 58.13 -25.95
CA GLU B 71 31.48 56.83 -26.28
C GLU B 71 31.94 56.37 -27.66
N ASP B 72 31.75 55.08 -27.92
CA ASP B 72 32.18 54.48 -29.18
C ASP B 72 31.05 54.54 -30.20
N VAL B 73 31.27 53.94 -31.36
CA VAL B 73 30.23 53.89 -32.39
C VAL B 73 29.18 52.84 -32.06
N THR B 74 29.59 51.67 -31.56
CA THR B 74 28.65 50.56 -31.37
C THR B 74 27.55 50.93 -30.38
N ASP B 75 27.93 51.53 -29.25
CA ASP B 75 26.91 51.95 -28.29
C ASP B 75 26.01 53.01 -28.89
N LEU B 76 26.54 53.84 -29.80
CA LEU B 76 25.68 54.79 -30.50
C LEU B 76 24.68 54.09 -31.40
N ILE B 77 25.11 52.99 -32.05
CA ILE B 77 24.17 52.22 -32.87
C ILE B 77 23.07 51.63 -32.00
N LEU B 78 23.44 51.03 -30.87
CA LEU B 78 22.44 50.50 -29.96
C LEU B 78 21.48 51.59 -29.50
N ASN B 79 22.01 52.75 -29.13
CA ASN B 79 21.16 53.82 -28.63
C ASN B 79 20.21 54.32 -29.71
N ILE B 80 20.70 54.49 -30.94
CA ILE B 80 19.84 55.05 -31.98
C ILE B 80 18.78 54.05 -32.39
N LYS B 81 19.12 52.76 -32.47
CA LYS B 81 18.08 51.78 -32.77
C LYS B 81 17.08 51.68 -31.62
N GLN B 82 17.55 51.91 -30.39
CA GLN B 82 16.62 51.94 -29.25
C GLN B 82 15.62 53.08 -29.39
N LEU B 83 15.99 54.14 -30.10
CA LEU B 83 15.07 55.25 -30.30
C LEU B 83 13.87 54.81 -31.12
N VAL B 84 12.71 55.35 -30.78
CA VAL B 84 11.47 55.10 -31.53
C VAL B 84 11.17 56.32 -32.37
N VAL B 85 10.81 56.09 -33.63
CA VAL B 85 10.47 57.15 -34.57
C VAL B 85 9.15 56.79 -35.23
N SER B 86 8.25 57.78 -35.31
CA SER B 86 6.96 57.61 -35.97
C SER B 86 6.98 58.42 -37.26
N SER B 87 6.94 57.70 -38.39
CA SER B 87 6.99 58.31 -39.71
C SER B 87 5.86 57.75 -40.57
N GLU B 88 5.48 58.51 -41.59
CA GLU B 88 4.39 58.12 -42.47
C GLU B 88 4.68 58.42 -43.93
N HIS B 89 5.88 58.89 -44.28
CA HIS B 89 6.16 59.31 -45.65
C HIS B 89 6.10 58.15 -46.64
N ASP B 90 6.24 56.91 -46.16
CA ASP B 90 6.24 55.71 -46.99
C ASP B 90 7.43 55.65 -47.94
N GLU B 91 8.42 56.52 -47.77
CA GLU B 91 9.65 56.52 -48.53
C GLU B 91 10.78 56.90 -47.58
N PRO B 92 12.03 56.57 -47.92
CA PRO B 92 13.13 56.94 -47.03
C PRO B 92 13.19 58.44 -46.80
N VAL B 93 13.44 58.82 -45.55
CA VAL B 93 13.59 60.22 -45.16
C VAL B 93 14.85 60.33 -44.31
N VAL B 94 15.41 61.54 -44.25
CA VAL B 94 16.65 61.78 -43.55
C VAL B 94 16.42 62.79 -42.44
N MET B 95 16.91 62.47 -41.26
CA MET B 95 16.89 63.37 -40.10
C MET B 95 18.33 63.76 -39.76
N TYR B 96 18.50 65.02 -39.37
CA TYR B 96 19.81 65.59 -39.10
C TYR B 96 20.01 65.85 -37.60
N LEU B 97 21.29 65.99 -37.22
CA LEU B 97 21.64 66.33 -35.85
C LEU B 97 23.02 66.96 -35.87
N ARG B 98 23.08 68.26 -35.60
CA ARG B 98 24.30 69.05 -35.73
C ARG B 98 24.51 69.82 -34.44
N LYS B 99 25.43 69.36 -33.59
CA LYS B 99 25.64 69.96 -32.28
C LYS B 99 27.13 70.02 -31.98
N GLN B 100 27.51 71.00 -31.16
CA GLN B 100 28.90 71.28 -30.83
C GLN B 100 29.03 71.49 -29.32
N GLY B 101 30.25 71.80 -28.89
CA GLY B 101 30.55 72.00 -27.50
C GLY B 101 30.45 70.72 -26.69
N PRO B 102 31.05 70.69 -25.50
CA PRO B 102 30.89 69.52 -24.63
C PRO B 102 29.50 69.50 -24.01
N GLY B 103 29.10 68.31 -23.56
CA GLY B 103 27.83 68.15 -22.89
C GLY B 103 27.23 66.79 -23.22
N LEU B 104 25.90 66.78 -23.31
CA LEU B 104 25.15 65.58 -23.64
C LEU B 104 24.19 65.89 -24.78
N VAL B 105 24.23 65.06 -25.82
CA VAL B 105 23.31 65.15 -26.94
C VAL B 105 22.27 64.06 -26.76
N THR B 106 20.99 64.45 -26.82
CA THR B 106 19.87 63.59 -26.48
C THR B 106 18.84 63.59 -27.61
N ALA B 107 17.85 62.71 -27.46
CA ALA B 107 16.75 62.68 -28.42
C ALA B 107 15.98 63.99 -28.42
N ALA B 108 15.85 64.64 -27.26
CA ALA B 108 15.25 65.97 -27.23
C ALA B 108 16.00 66.93 -28.13
N ASP B 109 17.33 66.84 -28.16
CA ASP B 109 18.14 67.78 -28.92
C ASP B 109 18.02 67.59 -30.41
N ILE B 110 17.44 66.48 -30.87
CA ILE B 110 17.35 66.20 -32.30
C ILE B 110 16.35 67.14 -32.94
N ALA B 111 16.64 67.58 -34.17
CA ALA B 111 15.74 68.39 -34.96
C ALA B 111 15.11 67.51 -36.03
N PRO B 112 13.83 67.14 -35.95
CA PRO B 112 13.25 66.27 -36.97
C PRO B 112 12.68 67.06 -38.12
N PRO B 113 12.58 66.47 -39.32
CA PRO B 113 11.91 67.17 -40.42
C PRO B 113 10.40 67.08 -40.33
N ALA B 114 9.71 67.64 -41.31
CA ALA B 114 8.25 67.62 -41.30
C ALA B 114 7.73 66.21 -41.54
N GLY B 115 6.58 65.89 -40.95
CA GLY B 115 5.93 64.62 -41.15
C GLY B 115 6.47 63.47 -40.33
N VAL B 116 7.49 63.72 -39.49
CA VAL B 116 8.09 62.69 -38.65
C VAL B 116 8.11 63.21 -37.22
N GLU B 117 7.66 62.38 -36.28
CA GLU B 117 7.64 62.72 -34.87
C GLU B 117 8.47 61.70 -34.11
N VAL B 118 9.35 62.19 -33.24
CA VAL B 118 10.09 61.35 -32.30
C VAL B 118 9.33 61.37 -30.98
N HIS B 119 8.92 60.19 -30.53
CA HIS B 119 8.05 60.11 -29.36
C HIS B 119 8.81 60.34 -28.07
N ASN B 120 10.06 59.90 -28.00
CA ASN B 120 10.85 59.95 -26.76
C ASN B 120 11.99 60.94 -26.92
N PRO B 121 11.84 62.19 -26.47
CA PRO B 121 12.96 63.12 -26.48
C PRO B 121 13.94 62.94 -25.33
N ASP B 122 13.56 62.17 -24.30
CA ASP B 122 14.38 62.06 -23.10
C ASP B 122 15.70 61.35 -23.33
N LEU B 123 15.74 60.37 -24.25
CA LEU B 123 16.90 59.49 -24.36
C LEU B 123 18.17 60.28 -24.67
N VAL B 124 19.21 60.03 -23.88
CA VAL B 124 20.52 60.62 -24.10
C VAL B 124 21.26 59.76 -25.11
N LEU B 125 21.83 60.40 -26.13
CA LEU B 125 22.46 59.67 -27.22
C LEU B 125 23.98 59.64 -27.09
N ALA B 126 24.60 60.77 -26.74
CA ALA B 126 26.05 60.87 -26.72
C ALA B 126 26.50 61.80 -25.60
N THR B 127 27.72 61.54 -25.12
CA THR B 127 28.41 62.40 -24.16
C THR B 127 29.70 62.89 -24.81
N LEU B 128 29.89 64.20 -24.81
CA LEU B 128 30.96 64.84 -25.57
C LEU B 128 32.04 65.35 -24.62
N ASN B 129 33.29 65.19 -25.05
CA ASN B 129 34.45 65.71 -24.33
C ASN B 129 35.11 66.78 -25.19
N GLY B 130 35.51 67.88 -24.57
CA GLY B 130 36.04 68.99 -25.33
C GLY B 130 34.99 69.52 -26.29
N LYS B 131 35.45 69.88 -27.50
CA LYS B 131 34.52 70.32 -28.53
C LYS B 131 33.59 69.17 -28.90
N GLY B 132 32.32 69.50 -29.10
CA GLY B 132 31.35 68.48 -29.44
C GLY B 132 31.62 67.85 -30.80
N LYS B 133 31.67 68.67 -31.84
CA LYS B 133 31.99 68.28 -33.21
C LYS B 133 30.89 67.43 -33.84
N LEU B 134 29.83 67.10 -33.11
CA LEU B 134 28.92 66.04 -33.54
C LEU B 134 28.09 66.50 -34.73
N GLU B 135 28.16 65.73 -35.81
CA GLU B 135 27.28 65.90 -36.96
C GLU B 135 26.90 64.51 -37.46
N MET B 136 25.61 64.22 -37.45
CA MET B 136 25.12 62.88 -37.79
C MET B 136 23.80 63.00 -38.53
N GLU B 137 23.67 62.24 -39.61
CA GLU B 137 22.41 62.16 -40.36
C GLU B 137 22.00 60.70 -40.48
N LEU B 138 20.72 60.43 -40.26
CA LEU B 138 20.22 59.06 -40.23
C LEU B 138 18.98 58.93 -41.11
N THR B 139 18.77 57.73 -41.63
CA THR B 139 17.67 57.42 -42.51
C THR B 139 16.58 56.66 -41.76
N VAL B 140 15.35 57.13 -41.90
CA VAL B 140 14.17 56.49 -41.33
C VAL B 140 13.27 56.06 -42.47
N GLU B 141 12.70 54.87 -42.34
CA GLU B 141 11.81 54.29 -43.35
C GLU B 141 10.79 53.45 -42.64
N ARG B 142 9.52 53.71 -42.92
CA ARG B 142 8.46 52.88 -42.35
C ARG B 142 8.62 51.45 -42.84
N GLY B 143 8.22 50.50 -42.00
CA GLY B 143 8.35 49.11 -42.36
C GLY B 143 7.36 48.25 -41.60
N ARG B 144 7.43 46.95 -41.87
CA ARG B 144 6.56 45.97 -41.25
C ARG B 144 7.41 44.95 -40.51
N GLY B 145 7.02 44.61 -39.28
CA GLY B 145 7.75 43.60 -38.52
C GLY B 145 9.18 43.92 -38.14
N TYR B 146 10.08 42.97 -38.31
CA TYR B 146 11.49 43.19 -38.00
C TYR B 146 12.37 42.82 -39.18
N VAL B 147 13.31 43.69 -39.53
CA VAL B 147 14.24 43.34 -40.60
C VAL B 147 15.69 43.43 -40.12
N SER B 148 16.48 42.41 -40.47
CA SER B 148 17.90 42.41 -40.10
C SER B 148 18.65 43.43 -40.94
N ALA B 149 19.73 43.97 -40.40
CA ALA B 149 20.53 44.94 -41.14
C ALA B 149 21.08 44.25 -42.37
N VAL B 150 21.01 44.93 -43.49
CA VAL B 150 21.53 44.36 -44.72
C VAL B 150 22.36 45.41 -45.44
N GLN B 151 23.31 44.96 -46.23
CA GLN B 151 24.19 45.90 -46.93
C GLN B 151 23.55 46.28 -48.27
N ASN B 152 23.22 47.56 -48.41
CA ASN B 152 22.52 48.07 -49.58
C ASN B 152 23.41 48.92 -50.48
N LYS B 153 24.72 48.81 -50.33
CA LYS B 153 25.72 49.62 -51.04
C LYS B 153 25.70 51.08 -50.59
N GLN B 154 24.99 51.40 -49.51
CA GLN B 154 25.05 52.76 -48.97
C GLN B 154 26.44 53.11 -48.48
N VAL B 155 27.15 52.13 -47.92
CA VAL B 155 28.55 52.34 -47.54
C VAL B 155 29.37 52.66 -48.78
N GLY B 156 29.11 51.96 -49.89
CA GLY B 156 29.79 52.29 -51.14
C GLY B 156 29.41 53.66 -51.65
N GLN B 157 28.13 54.01 -51.58
CA GLN B 157 27.68 55.32 -52.04
C GLN B 157 28.34 56.42 -51.23
N GLU B 158 28.36 56.28 -49.91
CA GLU B 158 29.14 57.15 -49.03
C GLU B 158 29.74 56.30 -47.94
N ILE B 159 31.04 56.47 -47.69
CA ILE B 159 31.73 55.59 -46.76
C ILE B 159 31.18 55.72 -45.35
N GLY B 160 30.66 56.89 -45.00
CA GLY B 160 30.14 57.09 -43.66
C GLY B 160 28.92 56.25 -43.34
N ARG B 161 28.04 56.06 -44.32
CA ARG B 161 26.78 55.37 -44.06
C ARG B 161 27.00 53.88 -43.80
N ILE B 162 26.27 53.36 -42.82
CA ILE B 162 26.31 51.92 -42.50
C ILE B 162 24.90 51.44 -42.21
N PRO B 163 24.67 50.14 -42.36
CA PRO B 163 23.35 49.58 -42.02
C PRO B 163 23.20 49.39 -40.51
N VAL B 164 21.95 49.19 -40.10
CA VAL B 164 21.62 48.98 -38.70
C VAL B 164 20.29 48.26 -38.63
N ASP B 165 20.13 47.44 -37.59
CA ASP B 165 18.86 46.75 -37.38
C ASP B 165 17.75 47.76 -37.07
N SER B 166 16.56 47.45 -37.56
CA SER B 166 15.40 48.32 -37.44
C SER B 166 14.25 47.54 -36.83
N ILE B 167 13.46 48.22 -35.98
CA ILE B 167 12.36 47.60 -35.25
C ILE B 167 11.08 48.31 -35.67
N TYR B 168 10.42 47.79 -36.69
CA TYR B 168 9.16 48.37 -37.13
C TYR B 168 8.01 48.05 -36.19
N SER B 169 8.11 46.95 -35.46
CA SER B 169 7.05 46.55 -34.54
C SER B 169 6.84 47.63 -33.49
N PRO B 170 5.65 48.20 -33.35
CA PRO B 170 5.43 49.10 -32.21
C PRO B 170 5.47 48.41 -30.87
N VAL B 171 5.48 47.07 -30.84
CA VAL B 171 5.55 46.33 -29.60
C VAL B 171 6.93 45.71 -29.46
N LEU B 172 7.28 45.36 -28.23
CA LEU B 172 8.57 44.75 -27.92
C LEU B 172 8.45 43.24 -27.73
N LYS B 173 7.58 42.78 -26.85
CA LYS B 173 7.47 41.35 -26.63
C LYS B 173 6.08 41.02 -26.14
N VAL B 174 5.70 39.75 -26.30
CA VAL B 174 4.43 39.23 -25.80
C VAL B 174 4.71 37.85 -25.21
N THR B 175 4.17 37.59 -24.02
CA THR B 175 4.28 36.29 -23.38
C THR B 175 2.87 35.81 -23.07
N TYR B 176 2.43 34.77 -23.77
CA TYR B 176 1.09 34.21 -23.62
C TYR B 176 1.18 32.86 -22.95
N LYS B 177 0.39 32.67 -21.90
CA LYS B 177 0.35 31.42 -21.14
C LYS B 177 -1.09 30.96 -21.00
N VAL B 178 -1.29 29.66 -21.15
CA VAL B 178 -2.60 29.03 -21.07
C VAL B 178 -2.67 28.28 -19.74
N GLU B 179 -3.78 28.45 -19.02
CA GLU B 179 -3.98 27.76 -17.75
C GLU B 179 -5.41 27.22 -17.68
N ALA B 180 -5.63 26.31 -16.75
CA ALA B 180 -6.88 25.55 -16.68
C ALA B 180 -7.81 26.13 -15.63
N THR B 181 -9.12 26.10 -15.94
CA THR B 181 -10.14 26.64 -15.06
C THR B 181 -11.28 25.64 -14.93
N ARG B 182 -11.98 25.70 -13.80
CA ARG B 182 -13.13 24.86 -13.52
C ARG B 182 -14.41 25.68 -13.69
N VAL B 183 -15.30 25.19 -14.55
CA VAL B 183 -16.57 25.86 -14.82
C VAL B 183 -17.67 24.81 -14.90
N GLU B 184 -18.84 25.14 -14.35
CA GLU B 184 -20.01 24.25 -14.28
C GLU B 184 -19.61 22.80 -14.01
N GLN B 185 -18.75 22.66 -13.00
CA GLN B 185 -18.22 21.37 -12.56
C GLN B 185 -17.40 20.69 -13.66
N ARG B 186 -16.90 21.44 -14.63
CA ARG B 186 -16.06 20.91 -15.70
C ARG B 186 -14.77 21.71 -15.76
N THR B 187 -13.64 21.00 -15.77
CA THR B 187 -12.32 21.62 -15.81
C THR B 187 -11.79 21.82 -17.23
N ASP B 188 -12.53 21.36 -18.24
CA ASP B 188 -12.07 21.45 -19.63
C ASP B 188 -12.27 22.86 -20.17
N PHE B 189 -11.55 23.81 -19.58
CA PHE B 189 -11.64 25.20 -20.00
C PHE B 189 -10.29 25.86 -19.82
N ASP B 190 -9.86 26.61 -20.83
CA ASP B 190 -8.53 27.19 -20.90
C ASP B 190 -8.62 28.72 -20.89
N LYS B 191 -8.10 29.33 -19.85
CA LYS B 191 -7.95 30.78 -19.77
C LYS B 191 -6.62 31.16 -20.38
N LEU B 192 -6.62 32.21 -21.20
CA LEU B 192 -5.40 32.79 -21.76
C LEU B 192 -5.03 34.03 -20.97
N ILE B 193 -3.74 34.13 -20.60
CA ILE B 193 -3.17 35.31 -19.98
C ILE B 193 -2.03 35.75 -20.88
N VAL B 194 -2.20 36.87 -21.56
CA VAL B 194 -1.23 37.37 -22.53
C VAL B 194 -0.69 38.69 -22.02
N ASP B 195 0.60 38.72 -21.68
CA ASP B 195 1.26 39.91 -21.18
C ASP B 195 2.02 40.58 -22.33
N VAL B 196 1.67 41.84 -22.60
CA VAL B 196 2.22 42.60 -23.72
C VAL B 196 3.11 43.70 -23.16
N GLU B 197 4.37 43.72 -23.61
CA GLU B 197 5.33 44.78 -23.32
C GLU B 197 5.55 45.56 -24.61
N THR B 198 5.23 46.85 -24.56
CA THR B 198 5.18 47.73 -25.73
C THR B 198 5.99 48.99 -25.42
N LYS B 199 6.38 49.70 -26.47
CA LYS B 199 7.08 50.97 -26.29
C LYS B 199 6.07 52.08 -26.01
N GLN B 200 6.59 53.25 -25.65
CA GLN B 200 5.74 54.36 -25.22
C GLN B 200 4.88 54.92 -26.35
N ALA B 201 5.26 54.69 -27.60
CA ALA B 201 4.56 55.32 -28.72
C ALA B 201 3.11 54.85 -28.81
N MET B 202 2.88 53.54 -28.80
CA MET B 202 1.57 52.97 -29.07
C MET B 202 1.00 52.39 -27.78
N ARG B 203 -0.31 52.50 -27.62
CA ARG B 203 -0.97 51.92 -26.46
C ARG B 203 -1.30 50.47 -26.75
N PRO B 204 -0.92 49.52 -25.88
CA PRO B 204 -0.95 48.10 -26.29
C PRO B 204 -2.31 47.60 -26.74
N ARG B 205 -3.37 47.99 -26.05
CA ARG B 205 -4.69 47.47 -26.43
C ARG B 205 -5.10 47.93 -27.82
N ASP B 206 -4.70 49.15 -28.22
CA ASP B 206 -4.96 49.56 -29.60
C ASP B 206 -4.23 48.66 -30.57
N ALA B 207 -2.97 48.32 -30.26
CA ALA B 207 -2.22 47.44 -31.13
C ALA B 207 -2.89 46.08 -31.24
N MET B 208 -3.37 45.54 -30.13
CA MET B 208 -4.00 44.23 -30.19
C MET B 208 -5.34 44.30 -30.92
N ALA B 209 -6.03 45.43 -30.83
CA ALA B 209 -7.22 45.62 -31.65
C ALA B 209 -6.87 45.56 -33.13
N SER B 210 -5.79 46.26 -33.52
CA SER B 210 -5.36 46.21 -34.90
C SER B 210 -5.01 44.78 -35.32
N ALA B 211 -4.28 44.07 -34.46
CA ALA B 211 -3.89 42.70 -34.76
C ALA B 211 -5.10 41.80 -34.91
N GLY B 212 -6.08 41.94 -34.02
CA GLY B 212 -7.29 41.16 -34.13
C GLY B 212 -8.03 41.44 -35.42
N LYS B 213 -8.09 42.71 -35.82
CA LYS B 213 -8.72 43.04 -37.09
C LYS B 213 -7.99 42.39 -38.25
N THR B 214 -6.66 42.42 -38.22
CA THR B 214 -5.87 41.80 -39.29
C THR B 214 -6.16 40.32 -39.39
N LEU B 215 -6.14 39.61 -38.26
CA LEU B 215 -6.43 38.18 -38.29
C LEU B 215 -7.86 37.93 -38.73
N VAL B 216 -8.79 38.80 -38.30
CA VAL B 216 -10.19 38.66 -38.72
C VAL B 216 -10.28 38.72 -40.23
N GLU B 217 -9.53 39.63 -40.85
CA GLU B 217 -9.50 39.67 -42.31
C GLU B 217 -8.90 38.39 -42.88
N LEU B 218 -7.75 37.98 -42.34
CA LEU B 218 -7.03 36.84 -42.90
C LEU B 218 -7.85 35.57 -42.82
N PHE B 219 -8.76 35.47 -41.84
CA PHE B 219 -9.57 34.28 -41.65
C PHE B 219 -10.98 34.42 -42.18
N GLY B 220 -11.44 35.66 -42.41
CA GLY B 220 -12.58 35.85 -43.27
C GLY B 220 -12.29 35.56 -44.72
N LEU B 221 -11.01 35.59 -45.09
CA LEU B 221 -10.60 35.15 -46.41
C LEU B 221 -11.04 33.71 -46.68
N ALA B 222 -11.22 32.91 -45.62
CA ALA B 222 -11.69 31.54 -45.78
C ALA B 222 -13.19 31.46 -46.06
N ARG B 223 -13.96 32.49 -45.72
CA ARG B 223 -15.40 32.46 -45.99
C ARG B 223 -15.69 32.37 -47.48
N GLU B 224 -14.75 32.81 -48.32
CA GLU B 224 -14.96 32.78 -49.76
C GLU B 224 -15.12 31.36 -50.28
N LEU B 225 -14.64 30.36 -49.53
CA LEU B 225 -14.85 28.98 -49.93
C LEU B 225 -16.35 28.67 -50.03
N ASN B 226 -17.09 28.99 -48.97
CA ASN B 226 -18.52 28.71 -48.90
C ASN B 226 -19.06 29.37 -47.65
N ILE B 227 -20.37 29.23 -47.45
CA ILE B 227 -21.05 29.75 -46.26
C ILE B 227 -21.40 28.57 -45.37
N ASP B 228 -20.94 28.61 -44.13
CA ASP B 228 -21.21 27.55 -43.16
C ASP B 228 -21.38 28.17 -41.78
N ALA B 229 -22.07 27.44 -40.90
CA ALA B 229 -22.44 27.92 -39.58
C ALA B 229 -21.91 26.97 -38.50
N GLU B 230 -21.55 27.54 -37.36
CA GLU B 230 -21.07 26.78 -36.21
C GLU B 230 -21.70 27.33 -34.93
N GLY B 231 -22.01 26.43 -33.99
CA GLY B 231 -22.62 26.82 -32.74
C GLY B 231 -21.78 27.78 -31.94
N ILE B 232 -22.38 28.88 -31.49
CA ILE B 232 -21.65 29.94 -30.82
C ILE B 232 -22.61 30.69 -29.91
N ASP B 233 -22.09 31.19 -28.79
CA ASP B 233 -22.87 32.00 -27.87
C ASP B 233 -24.03 31.20 -27.28
N ALA C 16 2.28 -26.04 -43.89
CA ALA C 16 2.09 -25.11 -45.05
C ALA C 16 1.38 -23.85 -44.62
N SER C 17 0.06 -23.96 -44.39
CA SER C 17 -0.75 -22.86 -43.89
C SER C 17 -0.88 -22.88 -42.38
N THR C 18 0.12 -23.42 -41.68
CA THR C 18 0.04 -23.54 -40.23
C THR C 18 -0.10 -22.18 -39.57
N ALA C 19 0.68 -21.21 -40.01
CA ALA C 19 0.69 -19.87 -39.47
C ALA C 19 0.51 -18.86 -40.59
N PRO C 20 0.04 -17.65 -40.28
CA PRO C 20 0.03 -16.61 -41.31
C PRO C 20 1.44 -16.21 -41.68
N LEU C 21 1.61 -15.77 -42.92
CA LEU C 21 2.94 -15.45 -43.43
C LEU C 21 3.58 -14.35 -42.60
N ARG C 22 4.88 -14.51 -42.32
CA ARG C 22 5.65 -13.50 -41.60
C ARG C 22 7.07 -13.54 -42.15
N ILE C 23 7.58 -12.39 -42.61
CA ILE C 23 8.91 -12.35 -43.20
C ILE C 23 9.93 -12.73 -42.15
N SER C 24 10.97 -13.45 -42.58
CA SER C 24 12.00 -13.98 -41.70
C SER C 24 13.36 -13.33 -42.03
N PHE C 25 14.03 -12.84 -41.01
CA PHE C 25 15.39 -12.33 -41.11
C PHE C 25 16.40 -13.31 -40.53
N ALA C 26 15.98 -14.55 -40.26
CA ALA C 26 16.91 -15.56 -39.78
C ALA C 26 17.98 -15.85 -40.82
N LYS C 27 19.19 -16.13 -40.34
CA LYS C 27 20.33 -16.38 -41.21
C LYS C 27 20.78 -17.83 -41.23
N ILE C 28 20.43 -18.62 -40.22
CA ILE C 28 20.84 -20.02 -40.12
C ILE C 28 19.60 -20.88 -40.05
N LYS C 29 19.60 -21.98 -40.81
CA LYS C 29 18.47 -22.89 -40.81
C LYS C 29 18.51 -23.77 -39.56
N GLU C 30 17.33 -24.10 -39.04
CA GLU C 30 17.23 -24.85 -37.80
C GLU C 30 16.74 -26.26 -38.10
N PRO C 31 17.57 -27.31 -37.95
CA PRO C 31 17.07 -28.67 -38.22
C PRO C 31 16.01 -29.12 -37.23
N LEU C 32 16.30 -29.04 -35.93
CA LEU C 32 15.41 -29.54 -34.90
C LEU C 32 14.28 -28.56 -34.64
N GLU C 33 13.04 -29.06 -34.67
CA GLU C 33 11.88 -28.26 -34.33
C GLU C 33 11.68 -28.25 -32.82
N VAL C 34 11.12 -27.15 -32.32
CA VAL C 34 10.87 -27.06 -30.89
C VAL C 34 9.87 -28.15 -30.49
N PRO C 35 10.07 -28.85 -29.37
CA PRO C 35 9.10 -29.89 -28.99
C PRO C 35 7.78 -29.30 -28.54
N ASN C 36 6.83 -30.15 -28.18
CA ASN C 36 5.58 -29.68 -27.59
C ASN C 36 5.90 -28.90 -26.33
N LEU C 37 5.46 -27.64 -26.29
CA LEU C 37 5.84 -26.76 -25.20
C LEU C 37 5.31 -27.22 -23.84
N LEU C 38 4.24 -28.02 -23.81
CA LEU C 38 3.61 -28.44 -22.57
C LEU C 38 3.86 -29.91 -22.27
N ALA C 39 4.90 -30.50 -22.85
CA ALA C 39 5.17 -31.92 -22.62
C ALA C 39 5.40 -32.21 -21.14
N LEU C 40 5.95 -31.24 -20.40
CA LEU C 40 6.43 -31.50 -19.05
C LEU C 40 5.30 -32.02 -18.16
N GLN C 41 4.14 -31.38 -18.22
CA GLN C 41 3.03 -31.78 -17.38
C GLN C 41 2.29 -32.99 -17.95
N THR C 42 1.93 -32.92 -19.23
CA THR C 42 1.08 -33.95 -19.82
C THR C 42 1.77 -35.31 -19.80
N GLU C 43 3.04 -35.38 -20.17
CA GLU C 43 3.71 -36.68 -20.24
C GLU C 43 3.95 -37.25 -18.84
N SER C 44 4.29 -36.38 -17.88
CA SER C 44 4.46 -36.84 -16.51
C SER C 44 3.18 -37.42 -15.95
N PHE C 45 2.08 -36.69 -16.08
CA PHE C 45 0.83 -37.21 -15.55
C PHE C 45 0.37 -38.44 -16.34
N ASP C 46 0.73 -38.50 -17.62
CA ASP C 46 0.47 -39.69 -18.42
C ASP C 46 1.19 -40.89 -17.83
N TRP C 47 2.46 -40.72 -17.44
CA TRP C 47 3.17 -41.81 -16.79
C TRP C 47 2.47 -42.19 -15.50
N LEU C 48 2.02 -41.20 -14.74
CA LEU C 48 1.40 -41.51 -13.45
C LEU C 48 0.16 -42.37 -13.64
N LEU C 49 -0.76 -41.93 -14.49
CA LEU C 49 -1.96 -42.73 -14.73
C LEU C 49 -1.61 -44.07 -15.38
N GLY C 50 -0.59 -44.08 -16.23
CA GLY C 50 -0.32 -45.26 -17.03
C GLY C 50 -1.47 -45.63 -17.93
N ASN C 51 -2.12 -44.65 -18.52
CA ASN C 51 -3.22 -44.92 -19.45
C ASN C 51 -2.63 -45.38 -20.79
N ASP C 52 -3.49 -45.48 -21.80
CA ASP C 52 -3.05 -45.99 -23.10
C ASP C 52 -1.92 -45.13 -23.67
N ALA C 53 -1.94 -43.82 -23.41
CA ALA C 53 -0.93 -42.93 -23.97
C ALA C 53 0.46 -43.27 -23.46
N TRP C 54 0.59 -43.49 -22.14
CA TRP C 54 1.91 -43.76 -21.58
C TRP C 54 2.49 -45.05 -22.14
N LYS C 55 1.68 -46.11 -22.17
CA LYS C 55 2.18 -47.38 -22.70
C LYS C 55 2.47 -47.29 -24.19
N ALA C 56 1.64 -46.55 -24.95
CA ALA C 56 1.93 -46.35 -26.36
C ALA C 56 3.27 -45.65 -26.55
N ARG C 57 3.53 -44.61 -25.77
CA ARG C 57 4.81 -43.92 -25.84
C ARG C 57 5.95 -44.84 -25.42
N VAL C 58 5.70 -45.68 -24.41
CA VAL C 58 6.74 -46.60 -23.94
C VAL C 58 7.13 -47.58 -25.03
N GLU C 59 6.13 -48.19 -25.68
CA GLU C 59 6.44 -49.14 -26.74
C GLU C 59 7.05 -48.43 -27.94
N SER C 60 6.65 -47.19 -28.22
CA SER C 60 7.29 -46.45 -29.29
C SER C 60 8.77 -46.22 -29.00
N ALA C 61 9.09 -45.85 -27.76
CA ALA C 61 10.48 -45.67 -27.38
C ALA C 61 11.24 -46.98 -27.45
N LEU C 62 10.61 -48.07 -27.00
CA LEU C 62 11.29 -49.36 -26.98
C LEU C 62 11.60 -49.85 -28.39
N GLU C 63 10.61 -49.79 -29.30
CA GLU C 63 10.86 -50.18 -30.68
C GLU C 63 11.84 -49.22 -31.35
N SER C 64 11.84 -47.96 -30.96
CA SER C 64 12.86 -47.02 -31.40
C SER C 64 14.20 -47.22 -30.71
N GLY C 65 14.25 -48.08 -29.69
CA GLY C 65 15.47 -48.32 -28.95
C GLY C 65 15.73 -47.36 -27.81
N GLN C 66 14.87 -46.36 -27.63
CA GLN C 66 15.08 -45.37 -26.58
C GLN C 66 14.71 -45.95 -25.21
N ASP C 67 15.52 -45.64 -24.22
CA ASP C 67 15.25 -46.07 -22.86
C ASP C 67 13.98 -45.41 -22.33
N VAL C 68 13.26 -46.14 -21.48
CA VAL C 68 12.02 -45.63 -20.89
C VAL C 68 11.62 -46.51 -19.72
N PRO C 69 11.06 -45.96 -18.64
CA PRO C 69 10.46 -46.81 -17.61
C PRO C 69 9.24 -47.54 -18.14
N THR C 70 9.27 -48.87 -18.07
CA THR C 70 8.20 -49.70 -18.60
C THR C 70 7.03 -49.85 -17.63
N LYS C 71 7.19 -49.46 -16.37
CA LYS C 71 6.18 -49.69 -15.35
C LYS C 71 5.47 -48.38 -15.03
N SER C 72 4.14 -48.42 -15.01
CA SER C 72 3.35 -47.24 -14.71
C SER C 72 3.45 -46.90 -13.23
N GLY C 73 3.19 -45.63 -12.91
CA GLY C 73 3.31 -45.15 -11.55
C GLY C 73 2.30 -45.77 -10.59
N LEU C 74 1.01 -45.65 -10.92
CA LEU C 74 -0.04 -46.13 -10.01
C LEU C 74 0.14 -47.61 -9.71
N GLU C 75 0.30 -48.42 -10.76
CA GLU C 75 0.51 -49.84 -10.53
C GLU C 75 1.81 -50.08 -9.75
N GLU C 76 2.82 -49.25 -9.97
CA GLU C 76 4.06 -49.42 -9.22
C GLU C 76 3.84 -49.17 -7.73
N ILE C 77 3.17 -48.06 -7.39
CA ILE C 77 2.96 -47.77 -5.97
C ILE C 77 2.06 -48.83 -5.35
N PHE C 78 1.10 -49.36 -6.10
CA PHE C 78 0.33 -50.48 -5.58
C PHE C 78 1.22 -51.70 -5.36
N GLU C 79 2.12 -51.97 -6.30
CA GLU C 79 2.94 -53.19 -6.22
C GLU C 79 3.91 -53.13 -5.05
N GLU C 80 4.60 -52.00 -4.86
CA GLU C 80 5.59 -51.94 -3.80
C GLU C 80 4.95 -52.19 -2.44
N ILE C 81 3.66 -51.90 -2.32
CA ILE C 81 2.90 -52.27 -1.14
C ILE C 81 2.74 -53.79 -1.18
N SER C 82 3.53 -54.49 -0.38
CA SER C 82 3.43 -55.93 -0.35
C SER C 82 2.11 -56.34 0.31
N PRO C 83 1.58 -57.52 -0.02
CA PRO C 83 0.40 -57.99 0.69
C PRO C 83 0.64 -58.04 2.19
N ILE C 84 -0.34 -57.53 2.95
CA ILE C 84 -0.13 -57.38 4.38
C ILE C 84 -0.09 -58.75 5.05
N GLU C 85 0.84 -58.91 5.98
CA GLU C 85 1.06 -60.17 6.68
C GLU C 85 0.96 -59.92 8.17
N ASP C 86 0.06 -60.64 8.83
CA ASP C 86 -0.08 -60.54 10.28
C ASP C 86 1.14 -61.19 10.96
N PHE C 87 1.12 -61.18 12.29
CA PHE C 87 2.19 -61.84 13.03
C PHE C 87 2.27 -63.32 12.68
N SER C 88 1.12 -63.95 12.39
CA SER C 88 1.11 -65.34 11.95
C SER C 88 1.45 -65.47 10.47
N GLY C 89 1.41 -64.38 9.71
CA GLY C 89 1.68 -64.45 8.28
C GLY C 89 0.69 -65.32 7.53
N SER C 90 -0.50 -65.52 8.08
CA SER C 90 -1.45 -66.45 7.47
C SER C 90 -2.13 -65.85 6.24
N MET C 91 -2.37 -64.54 6.25
CA MET C 91 -3.24 -63.89 5.30
C MET C 91 -2.45 -62.87 4.47
N SER C 92 -2.99 -62.57 3.30
CA SER C 92 -2.35 -61.65 2.36
C SER C 92 -3.42 -61.02 1.48
N LEU C 93 -3.17 -59.77 1.07
CA LEU C 93 -4.03 -59.04 0.14
C LEU C 93 -3.20 -58.60 -1.05
N THR C 94 -3.54 -59.09 -2.24
CA THR C 94 -2.82 -58.76 -3.46
C THR C 94 -3.60 -57.72 -4.25
N PHE C 95 -2.93 -56.66 -4.65
CA PHE C 95 -3.53 -55.58 -5.44
C PHE C 95 -2.91 -55.68 -6.84
N ARG C 96 -3.51 -56.50 -7.69
CA ARG C 96 -2.87 -56.82 -8.97
C ARG C 96 -3.12 -55.73 -10.01
N ASP C 97 -4.38 -55.53 -10.39
CA ASP C 97 -4.74 -54.68 -11.52
C ASP C 97 -5.56 -53.49 -11.06
N HIS C 98 -5.18 -52.30 -11.52
CA HIS C 98 -5.95 -51.08 -11.32
C HIS C 98 -6.53 -50.64 -12.65
N ARG C 99 -7.63 -49.90 -12.58
CA ARG C 99 -8.32 -49.47 -13.78
C ARG C 99 -9.15 -48.23 -13.47
N PHE C 100 -9.58 -47.57 -14.54
CA PHE C 100 -10.34 -46.33 -14.48
C PHE C 100 -11.68 -46.52 -15.18
N GLU C 101 -12.57 -45.55 -14.95
CA GLU C 101 -13.83 -45.44 -15.67
C GLU C 101 -13.95 -44.02 -16.18
N PRO C 102 -14.79 -43.78 -17.20
CA PRO C 102 -14.96 -42.41 -17.70
C PRO C 102 -15.48 -41.50 -16.61
N PRO C 103 -15.04 -40.24 -16.55
CA PRO C 103 -15.62 -39.32 -15.56
C PRO C 103 -17.10 -39.12 -15.78
N LYS C 104 -17.83 -38.92 -14.68
CA LYS C 104 -19.27 -38.74 -14.75
C LYS C 104 -19.67 -37.35 -15.23
N ASN C 105 -18.89 -36.33 -14.91
CA ASN C 105 -19.24 -34.95 -15.18
C ASN C 105 -18.38 -34.37 -16.29
N SER C 106 -19.02 -33.63 -17.19
CA SER C 106 -18.28 -32.97 -18.26
C SER C 106 -17.41 -31.86 -17.69
N ILE C 107 -16.35 -31.52 -18.43
CA ILE C 107 -15.41 -30.50 -17.95
C ILE C 107 -16.11 -29.17 -17.77
N ASP C 108 -16.93 -28.78 -18.74
CA ASP C 108 -17.73 -27.57 -18.61
C ASP C 108 -18.67 -27.69 -17.41
N GLU C 109 -19.29 -28.86 -17.25
CA GLU C 109 -20.18 -29.06 -16.11
C GLU C 109 -19.42 -28.98 -14.80
N CYS C 110 -18.22 -29.58 -14.75
CA CYS C 110 -17.41 -29.51 -13.54
C CYS C 110 -17.08 -28.07 -13.19
N LYS C 111 -16.66 -27.28 -14.19
CA LYS C 111 -16.31 -25.90 -13.94
C LYS C 111 -17.53 -25.10 -13.48
N ASP C 112 -18.68 -25.34 -14.11
CA ASP C 112 -19.87 -24.56 -13.80
C ASP C 112 -20.41 -24.88 -12.41
N ARG C 113 -20.46 -26.17 -12.06
CA ARG C 113 -21.13 -26.61 -10.86
C ARG C 113 -20.18 -26.87 -9.69
N ASP C 114 -18.93 -26.44 -9.79
CA ASP C 114 -18.00 -26.52 -8.66
C ASP C 114 -17.81 -27.97 -8.23
N PHE C 115 -17.28 -28.78 -9.13
CA PHE C 115 -16.99 -30.19 -8.88
C PHE C 115 -15.56 -30.50 -9.31
N THR C 116 -14.86 -31.27 -8.48
CA THR C 116 -13.50 -31.66 -8.81
C THR C 116 -13.51 -32.69 -9.93
N TYR C 117 -12.91 -32.33 -11.06
CA TYR C 117 -12.93 -33.19 -12.24
C TYR C 117 -12.10 -34.42 -11.96
N ALA C 118 -12.77 -35.52 -11.61
CA ALA C 118 -12.11 -36.76 -11.25
C ALA C 118 -12.83 -37.93 -11.94
N ALA C 119 -12.28 -39.11 -11.75
CA ALA C 119 -12.83 -40.33 -12.34
C ALA C 119 -12.79 -41.44 -11.30
N PRO C 120 -13.59 -42.49 -11.48
CA PRO C 120 -13.47 -43.64 -10.58
C PRO C 120 -12.21 -44.44 -10.86
N LEU C 121 -11.61 -44.93 -9.77
CA LEU C 121 -10.40 -45.77 -9.86
C LEU C 121 -10.66 -47.03 -9.06
N PHE C 122 -10.72 -48.17 -9.75
CA PHE C 122 -10.96 -49.46 -9.14
C PHE C 122 -9.67 -50.28 -9.13
N VAL C 123 -9.62 -51.24 -8.20
CA VAL C 123 -8.49 -52.15 -8.09
C VAL C 123 -9.03 -53.51 -7.63
N THR C 124 -8.43 -54.56 -8.17
CA THR C 124 -8.82 -55.93 -7.84
C THR C 124 -8.00 -56.41 -6.65
N ALA C 125 -8.63 -56.49 -5.48
CA ALA C 125 -7.99 -56.98 -4.27
C ALA C 125 -8.30 -58.46 -4.11
N GLU C 126 -7.27 -59.26 -3.90
CA GLU C 126 -7.37 -60.70 -3.76
C GLU C 126 -6.97 -61.08 -2.35
N PHE C 127 -7.93 -61.59 -1.58
CA PHE C 127 -7.69 -62.10 -0.24
C PHE C 127 -7.23 -63.55 -0.35
N THR C 128 -6.11 -63.88 0.30
CA THR C 128 -5.60 -65.24 0.29
C THR C 128 -5.06 -65.58 1.67
N ASN C 129 -5.64 -66.61 2.29
CA ASN C 129 -5.20 -67.08 3.60
C ASN C 129 -4.75 -68.53 3.46
N ASN C 130 -3.53 -68.80 3.91
CA ASN C 130 -3.02 -70.18 3.88
C ASN C 130 -3.88 -71.10 4.74
N GLU C 131 -4.32 -70.60 5.90
CA GLU C 131 -5.13 -71.42 6.79
C GLU C 131 -6.43 -71.84 6.10
N THR C 132 -7.08 -70.90 5.41
CA THR C 132 -8.25 -71.25 4.60
C THR C 132 -7.85 -71.93 3.30
N GLY C 133 -6.68 -71.59 2.75
CA GLY C 133 -6.28 -72.14 1.47
C GLY C 133 -7.23 -71.77 0.35
N GLU C 134 -7.73 -70.54 0.36
CA GLU C 134 -8.70 -70.07 -0.62
C GLU C 134 -8.32 -68.68 -1.08
N ILE C 135 -8.72 -68.35 -2.31
CA ILE C 135 -8.48 -67.04 -2.91
C ILE C 135 -9.83 -66.42 -3.21
N LYS C 136 -10.05 -65.20 -2.70
CA LYS C 136 -11.28 -64.45 -2.89
C LYS C 136 -10.96 -63.13 -3.57
N SER C 137 -11.33 -63.02 -4.83
CA SER C 137 -11.10 -61.81 -5.61
C SER C 137 -12.30 -60.89 -5.50
N GLN C 138 -12.03 -59.58 -5.39
CA GLN C 138 -13.11 -58.60 -5.34
C GLN C 138 -12.58 -57.25 -5.80
N THR C 139 -13.35 -56.58 -6.65
CA THR C 139 -12.99 -55.24 -7.10
C THR C 139 -13.48 -54.22 -6.08
N VAL C 140 -12.61 -53.27 -5.75
CA VAL C 140 -12.93 -52.23 -4.77
C VAL C 140 -12.57 -50.88 -5.38
N PHE C 141 -13.17 -49.82 -4.82
CA PHE C 141 -13.07 -48.48 -5.36
C PHE C 141 -12.46 -47.57 -4.31
N MET C 142 -11.27 -47.04 -4.61
CA MET C 142 -10.50 -46.27 -3.65
C MET C 142 -10.97 -44.83 -3.51
N GLY C 143 -11.68 -44.30 -4.50
CA GLY C 143 -12.12 -42.92 -4.48
C GLY C 143 -11.94 -42.24 -5.82
N ASP C 144 -12.64 -41.13 -5.97
CA ASP C 144 -12.48 -40.33 -7.17
C ASP C 144 -11.09 -39.71 -7.21
N PHE C 145 -10.44 -39.85 -8.36
CA PHE C 145 -9.05 -39.44 -8.51
C PHE C 145 -8.99 -38.14 -9.28
N PRO C 146 -8.46 -37.04 -8.72
CA PRO C 146 -8.37 -35.79 -9.49
C PRO C 146 -7.59 -35.99 -10.78
N LEU C 147 -8.28 -35.88 -11.90
CA LEU C 147 -7.69 -36.03 -13.22
C LEU C 147 -7.19 -34.67 -13.71
N MET C 148 -6.28 -34.70 -14.68
CA MET C 148 -5.75 -33.47 -15.25
C MET C 148 -6.20 -33.43 -16.70
N THR C 149 -6.81 -32.32 -17.11
CA THR C 149 -7.36 -32.25 -18.47
C THR C 149 -6.29 -32.15 -19.55
N ASN C 150 -6.69 -32.33 -20.81
CA ASN C 150 -5.73 -32.31 -21.91
C ASN C 150 -5.01 -30.98 -21.99
N LYS C 151 -5.70 -29.88 -21.67
CA LYS C 151 -5.06 -28.57 -21.66
C LYS C 151 -4.05 -28.44 -20.53
N GLY C 152 -4.03 -29.40 -19.60
CA GLY C 152 -3.02 -29.38 -18.55
C GLY C 152 -3.32 -28.89 -17.15
N THR C 153 -4.59 -28.64 -16.85
CA THR C 153 -4.91 -28.11 -15.53
C THR C 153 -5.91 -28.90 -14.68
N PHE C 154 -5.58 -29.08 -13.40
CA PHE C 154 -6.45 -29.80 -12.49
C PHE C 154 -7.62 -28.88 -12.14
N VAL C 155 -8.82 -29.32 -12.48
CA VAL C 155 -10.04 -28.59 -12.14
C VAL C 155 -10.48 -29.13 -10.79
N ILE C 156 -10.42 -28.29 -9.75
CA ILE C 156 -10.90 -28.68 -8.44
C ILE C 156 -11.84 -27.59 -7.93
N ASN C 157 -13.01 -28.01 -7.46
CA ASN C 157 -13.98 -27.09 -6.88
C ASN C 157 -14.42 -26.02 -7.88
N GLY C 158 -14.29 -26.32 -9.17
CA GLY C 158 -14.62 -25.38 -10.22
C GLY C 158 -13.50 -24.44 -10.62
N THR C 159 -12.37 -24.45 -9.91
CA THR C 159 -11.25 -23.56 -10.20
C THR C 159 -10.15 -24.32 -10.94
N GLU C 160 -9.35 -23.58 -11.68
CA GLU C 160 -8.28 -24.14 -12.50
C GLU C 160 -6.96 -23.98 -11.77
N ARG C 161 -6.45 -25.05 -11.17
CA ARG C 161 -5.16 -25.02 -10.50
C ARG C 161 -4.16 -25.89 -11.25
N VAL C 162 -2.88 -25.63 -11.02
CA VAL C 162 -1.82 -26.39 -11.66
C VAL C 162 -0.72 -26.68 -10.64
N VAL C 163 -0.13 -27.85 -10.74
CA VAL C 163 0.98 -28.26 -9.88
C VAL C 163 2.28 -27.96 -10.62
N VAL C 164 3.16 -27.20 -9.99
CA VAL C 164 4.41 -26.76 -10.60
C VAL C 164 5.53 -27.70 -10.18
N SER C 165 6.46 -27.95 -11.10
CA SER C 165 7.56 -28.86 -10.84
C SER C 165 8.48 -28.29 -9.76
N GLN C 166 9.09 -29.19 -8.99
CA GLN C 166 9.89 -28.81 -7.83
C GLN C 166 11.32 -29.28 -7.98
N LEU C 167 12.26 -28.35 -7.81
CA LEU C 167 13.68 -28.65 -7.81
C LEU C 167 14.13 -29.10 -6.43
N VAL C 168 14.76 -30.27 -6.34
CA VAL C 168 15.22 -30.80 -5.05
C VAL C 168 16.51 -31.55 -5.31
N ARG C 169 17.40 -31.64 -4.34
CA ARG C 169 18.61 -32.43 -4.51
C ARG C 169 18.26 -33.91 -4.67
N SER C 170 18.92 -34.59 -5.60
CA SER C 170 18.67 -36.00 -5.85
C SER C 170 19.23 -36.88 -4.74
N PRO C 171 18.63 -38.05 -4.51
CA PRO C 171 19.27 -38.92 -3.52
C PRO C 171 20.65 -39.34 -4.02
N GLY C 172 21.65 -39.37 -3.13
CA GLY C 172 23.00 -39.71 -3.55
C GLY C 172 24.09 -39.50 -2.51
N VAL C 173 25.34 -39.64 -2.93
CA VAL C 173 26.46 -39.40 -2.02
C VAL C 173 27.08 -38.06 -2.36
N TYR C 174 27.15 -37.14 -1.41
CA TYR C 174 27.63 -35.80 -1.71
C TYR C 174 28.86 -35.54 -0.87
N PHE C 175 29.92 -35.04 -1.52
CA PHE C 175 31.20 -34.78 -0.88
C PHE C 175 31.47 -33.29 -0.89
N ASP C 176 32.08 -32.79 0.19
CA ASP C 176 32.35 -31.38 0.35
C ASP C 176 33.75 -31.19 0.94
N SER C 177 34.39 -30.10 0.54
CA SER C 177 35.66 -29.66 1.10
C SER C 177 35.52 -28.21 1.54
N SER C 178 36.20 -27.86 2.63
CA SER C 178 36.14 -26.52 3.18
C SER C 178 37.45 -26.24 3.90
N ILE C 179 37.56 -25.03 4.46
CA ILE C 179 38.72 -24.61 5.22
C ILE C 179 38.24 -24.06 6.56
N ASP C 180 38.88 -24.50 7.64
CA ASP C 180 38.62 -23.97 8.97
C ASP C 180 39.79 -23.10 9.39
N LYS C 181 39.51 -21.82 9.69
CA LYS C 181 40.57 -20.89 10.02
C LYS C 181 41.27 -21.30 11.31
N THR C 182 40.51 -21.78 12.29
CA THR C 182 41.12 -22.26 13.52
C THR C 182 42.07 -23.42 13.24
N SER C 183 41.65 -24.35 12.38
CA SER C 183 42.48 -25.50 12.07
C SER C 183 43.65 -25.12 11.17
N ASP C 184 43.49 -24.09 10.35
CA ASP C 184 44.49 -23.71 9.36
C ASP C 184 44.78 -24.84 8.38
N LYS C 185 43.80 -25.71 8.16
CA LYS C 185 43.97 -26.84 7.25
C LYS C 185 42.62 -27.21 6.66
N ASP C 186 42.66 -27.90 5.52
CA ASP C 186 41.45 -28.30 4.83
C ASP C 186 40.67 -29.32 5.66
N ILE C 187 39.35 -29.29 5.48
CA ILE C 187 38.44 -30.22 6.13
C ILE C 187 37.55 -30.83 5.06
N PHE C 188 37.31 -32.13 5.16
CA PHE C 188 36.53 -32.86 4.18
C PHE C 188 35.38 -33.60 4.86
N SER C 189 34.23 -33.58 4.20
CA SER C 189 33.03 -34.19 4.75
C SER C 189 32.24 -34.86 3.63
N ALA C 190 31.37 -35.77 4.02
CA ALA C 190 30.51 -36.48 3.10
C ALA C 190 29.15 -36.64 3.77
N LYS C 191 28.12 -36.77 2.94
CA LYS C 191 26.76 -36.93 3.44
C LYS C 191 26.02 -37.81 2.45
N ILE C 192 25.31 -38.81 2.96
CA ILE C 192 24.44 -39.63 2.13
C ILE C 192 23.03 -39.13 2.34
N ILE C 193 22.43 -38.63 1.27
CA ILE C 193 21.06 -38.10 1.29
C ILE C 193 20.14 -39.19 0.76
N PRO C 194 19.33 -39.82 1.60
CA PRO C 194 18.39 -40.84 1.11
C PRO C 194 17.18 -40.20 0.47
N SER C 195 16.44 -41.01 -0.28
CA SER C 195 15.19 -40.53 -0.85
C SER C 195 14.13 -40.33 0.24
N ARG C 196 14.08 -41.23 1.22
CA ARG C 196 13.08 -41.15 2.29
C ARG C 196 13.68 -41.31 3.68
N GLY C 197 14.75 -42.08 3.83
CA GLY C 197 15.22 -42.50 5.13
C GLY C 197 15.91 -41.38 5.90
N ALA C 198 16.37 -41.74 7.10
CA ALA C 198 17.15 -40.83 7.92
C ALA C 198 18.54 -40.65 7.32
N TRP C 199 19.18 -39.55 7.70
CA TRP C 199 20.40 -39.11 7.04
C TRP C 199 21.64 -39.47 7.85
N LEU C 200 22.75 -39.63 7.13
CA LEU C 200 24.02 -40.06 7.70
C LEU C 200 25.14 -39.28 7.05
N GLU C 201 26.15 -38.93 7.85
CA GLU C 201 27.28 -38.17 7.35
C GLU C 201 28.59 -38.77 7.84
N MET C 202 29.68 -38.36 7.21
CA MET C 202 31.00 -38.99 7.36
C MET C 202 32.05 -37.90 7.22
N GLU C 203 32.60 -37.44 8.34
CA GLU C 203 33.53 -36.31 8.32
C GLU C 203 34.94 -36.78 8.62
N ILE C 204 35.87 -36.51 7.72
CA ILE C 204 37.23 -37.01 7.82
C ILE C 204 38.14 -35.88 8.30
N ASP C 205 38.89 -36.16 9.37
CA ASP C 205 39.93 -35.28 9.86
C ASP C 205 39.35 -33.95 10.35
N LYS C 206 38.28 -34.02 11.12
CA LYS C 206 37.82 -32.85 11.87
C LYS C 206 38.90 -32.40 12.85
N ARG C 207 39.49 -33.34 13.56
CA ARG C 207 40.67 -33.11 14.39
C ARG C 207 41.72 -34.16 14.07
N ASP C 208 41.99 -34.34 12.78
CA ASP C 208 42.92 -35.30 12.17
C ASP C 208 42.35 -36.71 12.16
N MET C 209 41.21 -36.97 12.80
CA MET C 209 40.56 -38.27 12.82
C MET C 209 39.28 -38.22 12.01
N VAL C 210 38.80 -39.39 11.60
CA VAL C 210 37.53 -39.50 10.88
C VAL C 210 36.44 -39.93 11.86
N GLY C 211 35.20 -39.53 11.56
CA GLY C 211 34.08 -39.83 12.43
C GLY C 211 32.78 -39.90 11.66
N VAL C 212 31.78 -40.47 12.32
CA VAL C 212 30.47 -40.73 11.73
C VAL C 212 29.46 -39.79 12.36
N ARG C 213 28.40 -39.51 11.63
CA ARG C 213 27.23 -38.79 12.13
C ARG C 213 26.01 -39.64 11.80
N ILE C 214 25.62 -40.48 12.76
CA ILE C 214 24.36 -41.23 12.69
C ILE C 214 23.29 -40.25 13.16
N ASP C 215 22.72 -39.50 12.21
CA ASP C 215 21.75 -38.46 12.49
C ASP C 215 22.31 -37.36 13.39
N ARG C 216 23.65 -37.24 13.45
CA ARG C 216 24.31 -36.24 14.29
C ARG C 216 23.85 -36.35 15.75
N LYS C 217 23.87 -37.57 16.28
CA LYS C 217 23.35 -37.79 17.63
C LYS C 217 24.42 -37.48 18.68
N ARG C 218 25.60 -38.06 18.54
CA ARG C 218 26.64 -37.90 19.55
C ARG C 218 28.00 -38.15 18.92
N LYS C 219 29.03 -37.63 19.59
CA LYS C 219 30.40 -37.81 19.11
C LYS C 219 30.80 -39.27 19.14
N GLN C 220 31.54 -39.69 18.12
CA GLN C 220 31.95 -41.09 18.01
C GLN C 220 32.97 -41.22 16.89
N SER C 221 33.57 -42.41 16.79
CA SER C 221 34.58 -42.71 15.81
C SER C 221 34.01 -43.64 14.74
N VAL C 222 34.88 -43.97 13.76
CA VAL C 222 34.48 -44.88 12.70
C VAL C 222 34.82 -46.32 13.06
N THR C 223 35.86 -46.52 13.88
CA THR C 223 36.28 -47.87 14.23
C THR C 223 35.15 -48.62 14.92
N VAL C 224 34.41 -47.95 15.80
CA VAL C 224 33.30 -48.60 16.49
C VAL C 224 32.27 -49.07 15.48
N LEU C 225 32.01 -48.27 14.44
CA LEU C 225 31.03 -48.66 13.44
C LEU C 225 31.48 -49.92 12.70
N LEU C 226 32.71 -49.92 12.19
CA LEU C 226 33.19 -51.07 11.43
C LEU C 226 33.24 -52.31 12.31
N LYS C 227 33.68 -52.16 13.56
CA LYS C 227 33.70 -53.30 14.47
C LYS C 227 32.30 -53.83 14.70
N ALA C 228 31.33 -52.94 14.90
CA ALA C 228 29.95 -53.37 15.05
C ALA C 228 29.48 -54.19 13.85
N LEU C 229 29.99 -53.89 12.66
CA LEU C 229 29.72 -54.71 11.50
C LEU C 229 30.60 -55.97 11.55
N GLY C 230 30.26 -56.93 10.69
CA GLY C 230 30.97 -58.19 10.67
C GLY C 230 32.42 -58.09 10.22
N TRP C 231 32.82 -56.94 9.69
CA TRP C 231 34.19 -56.79 9.21
C TRP C 231 35.16 -56.76 10.39
N THR C 232 36.21 -57.58 10.28
CA THR C 232 37.16 -57.75 11.37
C THR C 232 38.28 -56.72 11.28
N THR C 233 38.93 -56.50 12.42
CA THR C 233 40.01 -55.53 12.48
C THR C 233 41.13 -55.88 11.52
N GLU C 234 41.36 -57.18 11.29
CA GLU C 234 42.49 -57.61 10.48
C GLU C 234 42.29 -57.23 9.02
N GLN C 235 41.16 -57.64 8.44
CA GLN C 235 40.86 -57.24 7.08
C GLN C 235 40.72 -55.73 6.96
N ILE C 236 40.20 -55.09 8.02
CA ILE C 236 40.02 -53.64 7.99
C ILE C 236 41.36 -52.94 7.82
N LEU C 237 42.34 -53.31 8.65
CA LEU C 237 43.66 -52.68 8.53
C LEU C 237 44.39 -53.14 7.27
N GLU C 238 44.12 -54.37 6.82
CA GLU C 238 44.74 -54.83 5.57
C GLU C 238 44.30 -53.95 4.41
N GLU C 239 42.99 -53.69 4.30
CA GLU C 239 42.51 -52.80 3.26
C GLU C 239 42.94 -51.35 3.51
N PHE C 240 43.09 -50.97 4.77
CA PHE C 240 43.34 -49.58 5.15
C PHE C 240 44.73 -49.38 5.73
N GLY C 241 45.65 -50.33 5.51
CA GLY C 241 47.01 -50.15 5.96
C GLY C 241 47.83 -49.21 5.12
N GLU C 242 47.30 -48.76 3.99
CA GLU C 242 48.02 -47.88 3.08
C GLU C 242 47.84 -46.40 3.39
N TYR C 243 46.90 -46.05 4.26
CA TYR C 243 46.64 -44.66 4.64
C TYR C 243 46.77 -44.53 6.14
N GLU C 244 47.64 -43.60 6.58
CA GLU C 244 48.02 -43.54 7.99
C GLU C 244 46.89 -43.02 8.87
N SER C 245 46.03 -42.15 8.35
CA SER C 245 44.97 -41.59 9.18
C SER C 245 44.07 -42.67 9.75
N MET C 246 43.64 -43.61 8.89
CA MET C 246 42.80 -44.70 9.37
C MET C 246 43.56 -45.59 10.35
N ARG C 247 44.86 -45.79 10.12
CA ARG C 247 45.65 -46.58 11.05
C ARG C 247 45.70 -45.92 12.43
N ALA C 248 45.89 -44.60 12.45
CA ALA C 248 45.88 -43.87 13.71
C ALA C 248 44.52 -43.99 14.39
N THR C 249 43.44 -43.85 13.62
CA THR C 249 42.10 -44.01 14.19
C THR C 249 41.93 -45.39 14.80
N LEU C 250 42.37 -46.42 14.09
CA LEU C 250 42.21 -47.79 14.56
C LEU C 250 43.00 -48.01 15.85
N GLU C 251 44.29 -47.63 15.85
CA GLU C 251 45.11 -47.90 17.02
C GLU C 251 44.61 -47.12 18.23
N LYS C 252 44.17 -45.88 18.05
CA LYS C 252 43.68 -45.14 19.21
C LYS C 252 42.34 -45.67 19.70
N ASP C 253 41.61 -46.42 18.87
CA ASP C 253 40.36 -47.05 19.31
C ASP C 253 40.70 -48.19 20.25
N HIS C 254 40.41 -47.99 21.54
CA HIS C 254 40.75 -49.01 22.53
C HIS C 254 39.77 -50.18 22.48
N THR C 255 38.50 -49.91 22.20
CA THR C 255 37.51 -50.97 22.17
C THR C 255 37.78 -51.92 21.01
N GLN C 256 37.39 -53.18 21.22
CA GLN C 256 37.55 -54.22 20.20
C GLN C 256 36.43 -55.23 20.34
N GLY C 257 36.17 -55.94 19.26
CA GLY C 257 35.13 -56.95 19.24
C GLY C 257 33.81 -56.43 18.70
N GLN C 258 33.12 -57.25 17.93
CA GLN C 258 31.84 -56.81 17.35
C GLN C 258 30.81 -56.53 18.43
N ASP C 259 30.70 -57.43 19.41
CA ASP C 259 29.69 -57.26 20.45
C ASP C 259 29.94 -55.99 21.26
N ASP C 260 31.19 -55.73 21.62
CA ASP C 260 31.50 -54.56 22.43
C ASP C 260 31.18 -53.27 21.69
N ALA C 261 31.62 -53.18 20.43
CA ALA C 261 31.32 -51.99 19.64
C ALA C 261 29.82 -51.82 19.45
N LEU C 262 29.12 -52.92 19.17
CA LEU C 262 27.68 -52.85 18.94
C LEU C 262 26.94 -52.37 20.18
N LEU C 263 27.24 -52.95 21.34
CA LEU C 263 26.56 -52.53 22.55
C LEU C 263 26.92 -51.10 22.92
N ASP C 264 28.17 -50.69 22.68
CA ASP C 264 28.56 -49.33 22.98
C ASP C 264 27.80 -48.32 22.11
N ILE C 265 27.69 -48.59 20.81
CA ILE C 265 26.98 -47.67 19.94
C ILE C 265 25.49 -47.66 20.28
N TYR C 266 24.93 -48.81 20.67
CA TYR C 266 23.54 -48.82 21.08
C TYR C 266 23.33 -47.98 22.34
N ARG C 267 24.24 -48.10 23.31
CA ARG C 267 24.13 -47.29 24.51
C ARG C 267 24.23 -45.81 24.17
N LYS C 268 25.17 -45.44 23.31
CA LYS C 268 25.33 -44.03 22.96
C LYS C 268 24.09 -43.50 22.24
N LEU C 269 23.54 -44.28 21.31
CA LEU C 269 22.39 -43.81 20.55
C LEU C 269 21.14 -43.74 21.42
N ARG C 270 20.90 -44.77 22.23
CA ARG C 270 19.73 -44.84 23.12
C ARG C 270 20.22 -45.13 24.53
N PRO C 271 20.77 -44.13 25.22
CA PRO C 271 21.18 -44.33 26.61
C PRO C 271 19.97 -44.44 27.52
N GLY C 272 20.23 -44.87 28.75
CA GLY C 272 19.22 -45.02 29.78
C GLY C 272 18.77 -46.44 30.02
N GLU C 273 19.12 -47.38 29.15
CA GLU C 273 18.77 -48.78 29.30
C GLU C 273 20.01 -49.64 29.10
N PRO C 274 20.05 -50.84 29.69
CA PRO C 274 21.19 -51.71 29.45
C PRO C 274 21.24 -52.14 27.99
N PRO C 275 22.43 -52.33 27.43
CA PRO C 275 22.51 -52.72 26.01
C PRO C 275 21.96 -54.12 25.79
N THR C 276 21.36 -54.31 24.61
CA THR C 276 20.84 -55.61 24.20
C THR C 276 21.34 -55.91 22.80
N ARG C 277 21.99 -57.05 22.64
CA ARG C 277 22.63 -57.38 21.36
C ARG C 277 21.60 -57.44 20.24
N GLU C 278 20.55 -58.23 20.42
CA GLU C 278 19.58 -58.42 19.36
C GLU C 278 18.78 -57.15 19.09
N ALA C 279 18.44 -56.40 20.15
CA ALA C 279 17.71 -55.16 19.96
C ALA C 279 18.54 -54.16 19.16
N ALA C 280 19.82 -54.04 19.51
CA ALA C 280 20.70 -53.14 18.77
C ALA C 280 20.88 -53.58 17.33
N GLN C 281 21.03 -54.89 17.10
CA GLN C 281 21.21 -55.38 15.74
C GLN C 281 19.97 -55.10 14.90
N THR C 282 18.79 -55.35 15.44
CA THR C 282 17.56 -55.04 14.72
C THR C 282 17.41 -53.54 14.52
N LEU C 283 17.86 -52.74 15.48
CA LEU C 283 17.84 -51.29 15.32
C LEU C 283 18.68 -50.87 14.12
N LEU C 284 19.88 -51.42 14.02
CA LEU C 284 20.75 -51.10 12.88
C LEU C 284 20.12 -51.57 11.58
N GLU C 285 19.55 -52.77 11.57
CA GLU C 285 18.90 -53.27 10.36
C GLU C 285 17.75 -52.37 9.95
N ASN C 286 16.94 -51.94 10.90
CA ASN C 286 15.83 -51.04 10.62
C ASN C 286 16.32 -49.71 10.08
N LEU C 287 17.37 -49.17 10.68
CA LEU C 287 17.80 -47.82 10.34
C LEU C 287 18.31 -47.74 8.90
N TYR C 288 19.04 -48.76 8.44
CA TYR C 288 19.76 -48.67 7.18
C TYR C 288 19.48 -49.86 6.26
N PHE C 289 19.28 -51.06 6.81
CA PHE C 289 19.14 -52.23 5.94
C PHE C 289 17.69 -52.60 5.66
N ASN C 290 16.74 -51.91 6.30
CA ASN C 290 15.32 -52.24 6.12
C ASN C 290 14.78 -51.57 4.86
N PRO C 291 14.20 -52.36 3.97
CA PRO C 291 13.74 -51.78 2.70
C PRO C 291 12.66 -50.73 2.90
N LYS C 292 11.69 -50.99 3.76
CA LYS C 292 10.63 -50.03 3.99
C LYS C 292 11.11 -48.73 4.64
N ARG C 293 11.90 -48.85 5.71
CA ARG C 293 12.38 -47.65 6.41
C ARG C 293 13.39 -46.80 5.66
N TYR C 294 14.36 -47.45 5.02
CA TYR C 294 15.33 -46.71 4.24
C TYR C 294 14.93 -46.89 2.80
N ASP C 295 14.56 -45.80 2.16
CA ASP C 295 14.10 -45.90 0.79
C ASP C 295 15.07 -45.15 -0.09
N LEU C 296 15.54 -45.82 -1.13
CA LEU C 296 16.41 -45.15 -2.06
C LEU C 296 15.72 -45.25 -3.40
N ALA C 297 15.32 -44.10 -3.95
CA ALA C 297 14.70 -44.06 -5.26
C ALA C 297 15.62 -44.71 -6.30
N LYS C 298 15.06 -45.02 -7.46
CA LYS C 298 15.85 -45.61 -8.53
C LYS C 298 16.91 -44.63 -8.95
N VAL C 299 16.55 -43.35 -8.97
CA VAL C 299 17.52 -42.32 -9.33
C VAL C 299 18.66 -42.29 -8.33
N GLY C 300 18.35 -42.44 -7.04
CA GLY C 300 19.38 -42.43 -6.05
C GLY C 300 20.33 -43.58 -6.23
N ARG C 301 19.80 -44.76 -6.51
CA ARG C 301 20.64 -45.92 -6.75
C ARG C 301 21.48 -45.71 -7.99
N TYR C 302 20.87 -45.14 -9.02
CA TYR C 302 21.59 -44.87 -10.26
C TYR C 302 22.71 -43.90 -10.02
N LYS C 303 22.44 -42.86 -9.25
CA LYS C 303 23.48 -41.88 -8.95
C LYS C 303 24.63 -42.42 -8.11
N VAL C 304 24.32 -43.21 -7.09
CA VAL C 304 25.38 -43.68 -6.20
C VAL C 304 26.37 -44.57 -6.93
N ASN C 305 25.89 -45.45 -7.80
CA ASN C 305 26.79 -46.35 -8.49
C ASN C 305 27.77 -45.62 -9.41
N LYS C 306 27.31 -44.60 -10.13
CA LYS C 306 28.21 -43.83 -10.97
C LYS C 306 29.23 -43.11 -10.11
N LYS C 307 28.77 -42.53 -9.02
CA LYS C 307 29.66 -41.77 -8.15
C LYS C 307 30.72 -42.67 -7.51
N LEU C 308 30.32 -43.85 -7.09
CA LEU C 308 31.26 -44.75 -6.43
C LEU C 308 31.91 -45.68 -7.42
N GLY C 309 31.46 -45.64 -8.67
CA GLY C 309 32.09 -46.45 -9.69
C GLY C 309 31.79 -47.94 -9.62
N ALA C 310 30.96 -48.37 -8.67
CA ALA C 310 30.58 -49.77 -8.59
C ALA C 310 29.90 -50.20 -9.88
N ASP C 311 30.32 -51.34 -10.42
CA ASP C 311 29.84 -51.81 -11.71
C ASP C 311 28.60 -52.67 -11.50
N GLU C 312 27.43 -52.13 -11.86
CA GLU C 312 26.16 -52.83 -11.76
C GLU C 312 25.92 -53.39 -10.36
N PRO C 313 25.64 -52.53 -9.36
CA PRO C 313 25.10 -53.05 -8.10
C PRO C 313 23.63 -53.39 -8.24
N LEU C 314 22.97 -53.69 -7.13
CA LEU C 314 21.54 -53.96 -7.16
C LEU C 314 20.80 -52.78 -7.77
N ASP C 315 19.92 -53.07 -8.75
CA ASP C 315 19.20 -51.99 -9.42
C ASP C 315 18.30 -51.25 -8.46
N ALA C 316 17.61 -51.98 -7.57
CA ALA C 316 16.78 -51.38 -6.54
C ALA C 316 17.08 -52.08 -5.21
N GLY C 317 17.43 -51.29 -4.20
CA GLY C 317 17.75 -51.85 -2.91
C GLY C 317 18.44 -50.83 -2.04
N VAL C 318 18.54 -51.17 -0.76
CA VAL C 318 19.11 -50.29 0.25
C VAL C 318 20.63 -50.31 0.14
N LEU C 319 21.28 -49.40 0.87
CA LEU C 319 22.73 -49.36 0.90
C LEU C 319 23.28 -50.63 1.52
N THR C 320 24.44 -51.06 1.04
CA THR C 320 25.14 -52.24 1.54
C THR C 320 26.42 -51.81 2.24
N THR C 321 26.90 -52.67 3.14
CA THR C 321 28.17 -52.39 3.80
C THR C 321 29.29 -52.22 2.78
N ASP C 322 29.18 -52.92 1.65
CA ASP C 322 30.08 -52.66 0.53
C ASP C 322 30.04 -51.20 0.14
N ASP C 323 28.83 -50.62 0.02
CA ASP C 323 28.71 -49.22 -0.35
C ASP C 323 29.33 -48.33 0.71
N VAL C 324 29.10 -48.65 1.99
CA VAL C 324 29.64 -47.83 3.08
C VAL C 324 31.16 -47.81 3.02
N ILE C 325 31.77 -48.99 2.85
CA ILE C 325 33.22 -49.05 2.82
C ILE C 325 33.76 -48.37 1.56
N ALA C 326 33.02 -48.47 0.45
CA ALA C 326 33.44 -47.78 -0.77
C ALA C 326 33.45 -46.27 -0.57
N THR C 327 32.42 -45.74 0.10
CA THR C 327 32.41 -44.32 0.41
C THR C 327 33.54 -43.94 1.35
N ILE C 328 33.81 -44.78 2.36
CA ILE C 328 34.92 -44.51 3.27
C ILE C 328 36.23 -44.44 2.49
N LYS C 329 36.42 -45.39 1.58
CA LYS C 329 37.63 -45.41 0.76
C LYS C 329 37.73 -44.15 -0.10
N TYR C 330 36.61 -43.75 -0.72
CA TYR C 330 36.61 -42.53 -1.51
C TYR C 330 36.98 -41.32 -0.67
N LEU C 331 36.42 -41.22 0.53
CA LEU C 331 36.68 -40.07 1.38
C LEU C 331 38.15 -40.01 1.78
N VAL C 332 38.71 -41.15 2.19
CA VAL C 332 40.10 -41.14 2.63
C VAL C 332 41.03 -40.90 1.45
N LYS C 333 40.70 -41.44 0.28
CA LYS C 333 41.50 -41.15 -0.91
C LYS C 333 41.47 -39.67 -1.24
N LEU C 334 40.30 -39.06 -1.15
CA LEU C 334 40.19 -37.62 -1.44
C LEU C 334 41.03 -36.82 -0.47
N HIS C 335 40.95 -37.13 0.82
CA HIS C 335 41.74 -36.38 1.79
C HIS C 335 43.23 -36.64 1.61
N ALA C 336 43.59 -37.84 1.15
CA ALA C 336 45.00 -38.18 1.01
C ALA C 336 45.70 -37.34 -0.05
N GLY C 337 44.94 -36.63 -0.89
CA GLY C 337 45.49 -35.86 -1.97
C GLY C 337 45.51 -36.57 -3.31
N GLU C 338 45.36 -37.90 -3.30
CA GLU C 338 45.23 -38.63 -4.55
C GLU C 338 44.00 -38.16 -5.30
N THR C 339 44.14 -37.99 -6.60
CA THR C 339 43.07 -37.49 -7.45
C THR C 339 42.46 -38.56 -8.34
N GLU C 340 43.16 -39.65 -8.59
CA GLU C 340 42.64 -40.78 -9.35
C GLU C 340 42.92 -42.05 -8.58
N THR C 341 41.91 -42.90 -8.41
CA THR C 341 42.08 -44.11 -7.63
C THR C 341 41.14 -45.18 -8.15
N VAL C 342 41.48 -46.43 -7.85
CA VAL C 342 40.63 -47.56 -8.21
C VAL C 342 39.39 -47.53 -7.32
N GLY C 343 38.22 -47.64 -7.95
CA GLY C 343 36.99 -47.76 -7.19
C GLY C 343 36.86 -49.14 -6.58
N GLU C 344 36.30 -49.19 -5.38
CA GLU C 344 36.05 -50.46 -4.72
C GLU C 344 35.09 -51.30 -5.57
N SER C 345 35.59 -52.44 -6.05
CA SER C 345 34.80 -53.30 -6.93
C SER C 345 34.34 -52.53 -8.17
N GLY C 346 35.22 -51.71 -8.71
CA GLY C 346 34.90 -50.89 -9.87
C GLY C 346 36.14 -50.48 -10.60
N ARG C 347 35.93 -49.74 -11.68
CA ARG C 347 37.04 -49.26 -12.51
C ARG C 347 37.70 -48.04 -11.86
N GLU C 348 38.78 -47.59 -12.48
CA GLU C 348 39.46 -46.39 -12.00
C GLU C 348 38.55 -45.19 -12.16
N ILE C 349 38.61 -44.28 -11.18
CA ILE C 349 37.78 -43.08 -11.19
C ILE C 349 38.54 -41.94 -10.54
N VAL C 350 38.28 -40.73 -11.04
CA VAL C 350 38.75 -39.52 -10.37
C VAL C 350 38.04 -39.39 -9.03
N VAL C 351 38.80 -39.04 -7.99
CA VAL C 351 38.26 -38.75 -6.67
C VAL C 351 38.37 -37.25 -6.46
N GLU C 352 37.22 -36.60 -6.28
CA GLU C 352 37.18 -35.14 -6.18
C GLU C 352 35.94 -34.74 -5.41
N THR C 353 35.98 -33.52 -4.87
CA THR C 353 34.81 -32.91 -4.28
C THR C 353 33.86 -32.47 -5.39
N ASP C 354 32.56 -32.50 -5.10
CA ASP C 354 31.53 -32.16 -6.06
C ASP C 354 30.68 -31.01 -5.53
N ASP C 355 30.36 -30.06 -6.41
CA ASP C 355 29.55 -28.91 -6.02
C ASP C 355 28.07 -29.29 -6.06
N ILE C 356 27.33 -28.87 -5.03
CA ILE C 356 25.91 -29.16 -4.99
C ILE C 356 25.17 -28.40 -6.09
N ASP C 357 25.68 -27.23 -6.49
CA ASP C 357 24.98 -26.40 -7.45
C ASP C 357 24.80 -27.09 -8.80
N HIS C 358 25.78 -27.90 -9.23
CA HIS C 358 25.68 -28.56 -10.51
C HIS C 358 24.45 -29.46 -10.57
N PHE C 359 23.74 -29.41 -11.70
CA PHE C 359 22.47 -30.13 -11.80
C PHE C 359 22.63 -31.62 -12.02
N GLY C 360 23.87 -32.11 -12.10
CA GLY C 360 24.06 -33.53 -11.95
C GLY C 360 23.57 -34.03 -10.60
N ASN C 361 23.47 -33.12 -9.62
CA ASN C 361 22.95 -33.43 -8.30
C ASN C 361 21.51 -32.96 -8.10
N ARG C 362 21.05 -31.99 -8.90
CA ARG C 362 19.70 -31.46 -8.78
C ARG C 362 18.74 -32.27 -9.63
N ARG C 363 17.46 -32.24 -9.28
CA ARG C 363 16.45 -33.06 -9.92
C ARG C 363 15.11 -32.35 -9.82
N ILE C 364 14.22 -32.64 -10.75
CA ILE C 364 12.89 -32.01 -10.79
C ILE C 364 11.83 -33.04 -10.44
N ARG C 365 10.91 -32.66 -9.55
CA ARG C 365 9.79 -33.52 -9.18
C ARG C 365 8.59 -33.10 -10.01
N ASN C 366 8.44 -33.73 -11.18
CA ASN C 366 7.29 -33.42 -12.02
C ASN C 366 6.00 -33.82 -11.31
N VAL C 367 4.87 -33.44 -11.92
CA VAL C 367 3.58 -33.54 -11.24
C VAL C 367 3.29 -34.99 -10.86
N GLY C 368 3.59 -35.91 -11.77
CA GLY C 368 3.29 -37.31 -11.51
C GLY C 368 3.95 -37.82 -10.25
N GLU C 369 5.22 -37.49 -10.06
CA GLU C 369 5.93 -38.00 -8.88
C GLU C 369 5.40 -37.37 -7.60
N LEU C 370 5.01 -36.10 -7.65
CA LEU C 370 4.42 -35.47 -6.47
C LEU C 370 3.12 -36.15 -6.08
N ILE C 371 2.21 -36.30 -7.05
CA ILE C 371 0.94 -36.95 -6.78
C ILE C 371 1.17 -38.38 -6.30
N GLN C 372 2.15 -39.06 -6.90
CA GLN C 372 2.48 -40.41 -6.47
C GLN C 372 3.00 -40.42 -5.04
N ASN C 373 3.79 -39.42 -4.66
CA ASN C 373 4.28 -39.36 -3.29
C ASN C 373 3.13 -39.19 -2.31
N GLN C 374 2.18 -38.32 -2.63
CA GLN C 374 1.05 -38.16 -1.72
C GLN C 374 0.18 -39.41 -1.70
N VAL C 375 -0.02 -40.06 -2.85
CA VAL C 375 -0.75 -41.31 -2.87
C VAL C 375 -0.01 -42.37 -2.06
N ARG C 376 1.31 -42.33 -2.08
CA ARG C 376 2.12 -43.25 -1.29
C ARG C 376 1.91 -43.02 0.20
N THR C 377 1.89 -41.75 0.62
CA THR C 377 1.61 -41.46 2.01
C THR C 377 0.22 -41.95 2.39
N GLY C 378 -0.76 -41.72 1.53
CA GLY C 378 -2.11 -42.21 1.79
C GLY C 378 -2.17 -43.71 1.91
N LEU C 379 -1.47 -44.42 1.02
CA LEU C 379 -1.45 -45.87 1.10
C LEU C 379 -0.69 -46.35 2.32
N ALA C 380 0.28 -45.57 2.81
CA ALA C 380 0.92 -45.91 4.08
C ALA C 380 -0.07 -45.82 5.23
N ARG C 381 -0.87 -44.75 5.24
CA ARG C 381 -1.94 -44.65 6.23
C ARG C 381 -2.90 -45.83 6.08
N MET C 382 -3.22 -46.21 4.84
CA MET C 382 -4.11 -47.33 4.61
C MET C 382 -3.50 -48.62 5.14
N GLU C 383 -2.19 -48.81 4.93
CA GLU C 383 -1.53 -50.02 5.40
C GLU C 383 -1.57 -50.11 6.92
N ARG C 384 -1.22 -49.03 7.61
CA ARG C 384 -1.27 -49.08 9.07
C ARG C 384 -2.69 -49.31 9.56
N VAL C 385 -3.68 -48.69 8.91
CA VAL C 385 -5.07 -48.86 9.34
C VAL C 385 -5.51 -50.31 9.15
N VAL C 386 -5.26 -50.88 7.98
CA VAL C 386 -5.72 -52.25 7.73
C VAL C 386 -4.95 -53.23 8.60
N ARG C 387 -3.66 -52.97 8.86
CA ARG C 387 -2.92 -53.83 9.76
C ARG C 387 -3.53 -53.80 11.16
N GLU C 388 -3.89 -52.61 11.64
CA GLU C 388 -4.56 -52.50 12.92
C GLU C 388 -5.88 -53.26 12.91
N ARG C 389 -6.63 -53.14 11.82
CA ARG C 389 -7.91 -53.84 11.72
C ARG C 389 -7.72 -55.35 11.78
N MET C 390 -6.74 -55.87 11.03
CA MET C 390 -6.49 -57.31 11.03
C MET C 390 -6.05 -57.79 12.41
N THR C 391 -5.23 -56.99 13.09
CA THR C 391 -4.86 -57.32 14.46
C THR C 391 -6.08 -57.36 15.38
N THR C 392 -7.17 -56.71 15.01
CA THR C 392 -8.38 -56.62 15.81
C THR C 392 -9.59 -57.08 15.02
N GLN C 393 -9.43 -58.14 14.21
CA GLN C 393 -10.51 -58.69 13.41
C GLN C 393 -10.40 -60.20 13.42
N ASP C 394 -11.56 -60.86 13.28
CA ASP C 394 -11.64 -62.30 13.33
C ASP C 394 -11.59 -62.90 11.93
N VAL C 395 -11.04 -64.12 11.85
CA VAL C 395 -10.90 -64.78 10.56
C VAL C 395 -12.27 -65.23 10.05
N GLU C 396 -12.38 -65.36 8.74
CA GLU C 396 -13.58 -65.76 8.00
C GLU C 396 -14.63 -64.66 7.92
N ALA C 397 -14.42 -63.52 8.60
CA ALA C 397 -15.27 -62.36 8.47
C ALA C 397 -14.53 -61.19 7.83
N ILE C 398 -13.45 -61.49 7.11
CA ILE C 398 -12.58 -60.47 6.52
C ILE C 398 -12.81 -60.53 5.01
N THR C 399 -13.12 -59.38 4.42
CA THR C 399 -13.24 -59.25 2.98
C THR C 399 -12.45 -58.05 2.49
N PRO C 400 -11.92 -58.09 1.26
CA PRO C 400 -11.24 -56.89 0.75
C PRO C 400 -12.16 -55.68 0.69
N GLN C 401 -13.45 -55.90 0.45
CA GLN C 401 -14.40 -54.79 0.45
C GLN C 401 -14.48 -54.14 1.83
N THR C 402 -14.45 -54.94 2.89
CA THR C 402 -14.72 -54.45 4.23
C THR C 402 -13.48 -53.91 4.95
N LEU C 403 -12.32 -54.53 4.72
CA LEU C 403 -11.18 -54.24 5.59
C LEU C 403 -10.54 -52.89 5.28
N ILE C 404 -10.51 -52.47 4.02
CA ILE C 404 -9.83 -51.23 3.66
C ILE C 404 -10.72 -50.04 4.00
N ASN C 405 -10.09 -48.96 4.43
CA ASN C 405 -10.74 -47.66 4.60
C ASN C 405 -10.17 -46.71 3.56
N ILE C 406 -11.04 -46.17 2.71
CA ILE C 406 -10.59 -45.30 1.62
C ILE C 406 -10.36 -43.87 2.06
N ARG C 407 -10.64 -43.54 3.32
CA ARG C 407 -10.49 -42.16 3.77
C ARG C 407 -9.09 -41.59 3.61
N PRO C 408 -8.01 -42.28 4.01
CA PRO C 408 -6.69 -41.65 3.89
C PRO C 408 -6.32 -41.26 2.47
N VAL C 409 -6.63 -42.10 1.48
CA VAL C 409 -6.21 -41.80 0.11
C VAL C 409 -6.93 -40.56 -0.41
N VAL C 410 -8.26 -40.54 -0.27
CA VAL C 410 -9.03 -39.41 -0.77
C VAL C 410 -8.65 -38.15 -0.01
N ALA C 411 -8.48 -38.24 1.31
CA ALA C 411 -8.09 -37.08 2.10
C ALA C 411 -6.72 -36.54 1.72
N SER C 412 -5.72 -37.41 1.57
CA SER C 412 -4.38 -37.00 1.16
C SER C 412 -4.40 -36.34 -0.20
N ILE C 413 -4.96 -36.98 -1.21
CA ILE C 413 -4.89 -36.34 -2.52
C ILE C 413 -5.63 -35.00 -2.47
N LYS C 414 -6.72 -34.94 -1.71
CA LYS C 414 -7.43 -33.68 -1.54
C LYS C 414 -6.55 -32.67 -0.81
N GLU C 415 -5.82 -33.11 0.20
CA GLU C 415 -4.98 -32.21 0.98
C GLU C 415 -3.78 -31.74 0.18
N PHE C 416 -3.49 -32.40 -0.94
CA PHE C 416 -2.41 -31.92 -1.77
C PHE C 416 -2.92 -30.88 -2.76
N PHE C 417 -4.15 -31.02 -3.23
CA PHE C 417 -4.57 -30.06 -4.25
C PHE C 417 -5.10 -28.78 -3.62
N GLY C 418 -5.61 -28.86 -2.39
CA GLY C 418 -5.90 -27.69 -1.58
C GLY C 418 -4.90 -27.59 -0.47
N THR C 419 -4.48 -26.36 -0.16
CA THR C 419 -3.52 -26.09 0.91
C THR C 419 -2.19 -26.82 0.63
N SER C 420 -1.56 -26.40 -0.46
CA SER C 420 -0.22 -26.86 -0.79
C SER C 420 0.43 -25.85 -1.73
N GLN C 421 1.68 -25.50 -1.42
CA GLN C 421 2.35 -24.43 -2.16
C GLN C 421 2.50 -24.79 -3.62
N LEU C 422 2.88 -26.04 -3.91
CA LEU C 422 3.12 -26.43 -5.30
C LEU C 422 1.85 -26.47 -6.12
N SER C 423 0.68 -26.60 -5.49
CA SER C 423 -0.60 -26.51 -6.18
C SER C 423 -1.00 -25.04 -6.16
N GLN C 424 -0.87 -24.38 -7.31
CA GLN C 424 -1.03 -22.95 -7.40
C GLN C 424 -2.19 -22.56 -8.31
N PHE C 425 -2.79 -21.41 -7.99
CA PHE C 425 -3.86 -20.85 -8.78
C PHE C 425 -3.37 -20.56 -10.19
N MET C 426 -4.09 -21.02 -11.21
CA MET C 426 -3.60 -20.83 -12.58
C MET C 426 -3.85 -19.42 -13.05
N ASP C 427 -2.79 -18.68 -13.35
CA ASP C 427 -2.97 -17.34 -13.89
C ASP C 427 -3.55 -17.44 -15.29
N GLN C 428 -4.51 -16.60 -15.60
CA GLN C 428 -5.15 -16.66 -16.91
C GLN C 428 -5.17 -15.30 -17.57
N ASN C 429 -4.13 -14.50 -17.34
CA ASN C 429 -4.05 -13.18 -17.94
C ASN C 429 -3.95 -13.26 -19.46
N ASN C 430 -3.37 -14.34 -19.98
CA ASN C 430 -3.10 -14.47 -21.40
C ASN C 430 -2.54 -15.88 -21.64
N PRO C 431 -2.51 -16.32 -22.89
CA PRO C 431 -1.93 -17.66 -23.15
C PRO C 431 -0.51 -17.80 -22.67
N LEU C 432 0.29 -16.73 -22.82
CA LEU C 432 1.71 -16.84 -22.48
C LEU C 432 1.90 -17.03 -20.99
N SER C 433 1.19 -16.25 -20.17
CA SER C 433 1.27 -16.46 -18.72
C SER C 433 0.81 -17.86 -18.37
N GLY C 434 -0.18 -18.37 -19.10
CA GLY C 434 -0.52 -19.78 -18.98
C GLY C 434 0.70 -20.66 -19.11
N LEU C 435 1.26 -20.73 -20.33
CA LEU C 435 2.37 -21.64 -20.58
C LEU C 435 3.50 -21.45 -19.58
N THR C 436 3.80 -20.19 -19.26
CA THR C 436 4.88 -19.92 -18.32
C THR C 436 4.58 -20.52 -16.96
N HIS C 437 3.37 -20.34 -16.44
CA HIS C 437 3.09 -20.90 -15.11
C HIS C 437 2.98 -22.41 -15.18
N LYS C 438 2.73 -22.97 -16.37
CA LYS C 438 2.86 -24.41 -16.54
C LYS C 438 4.31 -24.85 -16.33
N ARG C 439 5.25 -24.20 -17.01
CA ARG C 439 6.60 -24.72 -17.09
C ARG C 439 7.54 -24.23 -15.99
N ARG C 440 7.03 -23.60 -14.92
CA ARG C 440 7.94 -23.13 -13.90
C ARG C 440 8.53 -24.29 -13.12
N LEU C 441 9.73 -24.06 -12.55
CA LEU C 441 10.42 -25.01 -11.69
C LEU C 441 10.54 -24.34 -10.33
N ASN C 442 9.54 -24.55 -9.48
CA ASN C 442 9.48 -23.87 -8.20
C ASN C 442 10.38 -24.61 -7.21
N ALA C 443 11.54 -24.02 -6.89
CA ALA C 443 12.43 -24.65 -5.93
C ALA C 443 11.90 -24.54 -4.51
N LEU C 444 11.05 -23.56 -4.24
CA LEU C 444 10.41 -23.47 -2.94
C LEU C 444 9.39 -24.59 -2.80
N GLY C 445 9.35 -25.22 -1.63
CA GLY C 445 8.37 -26.25 -1.38
C GLY C 445 8.76 -27.19 -0.26
N PRO C 446 7.85 -28.09 0.09
CA PRO C 446 8.12 -29.03 1.19
C PRO C 446 9.27 -29.97 0.84
N GLY C 447 10.02 -30.34 1.87
CA GLY C 447 11.17 -31.20 1.65
C GLY C 447 12.16 -30.58 0.68
N GLY C 448 12.36 -29.28 0.77
CA GLY C 448 13.23 -28.61 -0.17
C GLY C 448 13.62 -27.24 0.34
N LEU C 449 14.25 -26.48 -0.53
CA LEU C 449 14.76 -25.16 -0.17
C LEU C 449 13.61 -24.25 0.20
N SER C 450 13.74 -23.55 1.33
CA SER C 450 12.73 -22.61 1.79
C SER C 450 13.25 -21.18 1.66
N ARG C 451 12.33 -20.22 1.78
CA ARG C 451 12.69 -18.81 1.57
C ARG C 451 13.73 -18.36 2.57
N GLU C 452 13.51 -18.65 3.86
CA GLU C 452 14.50 -18.30 4.86
C GLU C 452 15.79 -19.10 4.69
N ARG C 453 15.69 -20.29 4.11
CA ARG C 453 16.85 -21.14 3.88
C ARG C 453 17.74 -20.65 2.75
N ALA C 454 17.26 -19.68 1.96
CA ALA C 454 17.96 -19.28 0.75
C ALA C 454 19.31 -18.67 1.07
N GLY C 455 20.25 -18.81 0.12
CA GLY C 455 21.55 -18.19 0.23
C GLY C 455 21.97 -17.59 -1.11
N PHE C 456 23.14 -16.96 -1.09
CA PHE C 456 23.67 -16.38 -2.31
C PHE C 456 23.96 -17.47 -3.35
N GLU C 457 24.50 -18.60 -2.91
CA GLU C 457 24.95 -19.61 -3.84
C GLU C 457 23.80 -20.23 -4.62
N VAL C 458 22.71 -20.58 -3.94
CA VAL C 458 21.62 -21.27 -4.63
C VAL C 458 21.01 -20.36 -5.69
N ARG C 459 20.90 -19.08 -5.40
CA ARG C 459 20.19 -18.19 -6.30
C ARG C 459 20.95 -17.96 -7.60
N ASP C 460 22.28 -17.91 -7.53
CA ASP C 460 23.05 -17.46 -8.68
C ASP C 460 22.98 -18.48 -9.81
N VAL C 461 23.39 -18.04 -11.01
CA VAL C 461 23.46 -18.94 -12.13
C VAL C 461 24.73 -19.77 -12.04
N HIS C 462 24.71 -20.94 -12.66
CA HIS C 462 25.78 -21.92 -12.64
C HIS C 462 26.01 -22.42 -14.06
N PRO C 463 27.25 -22.78 -14.41
CA PRO C 463 27.52 -23.07 -15.83
C PRO C 463 26.72 -24.22 -16.41
N SER C 464 25.96 -24.93 -15.59
CA SER C 464 25.17 -26.06 -16.06
C SER C 464 23.78 -25.61 -16.46
N HIS C 465 23.47 -24.34 -16.22
CA HIS C 465 22.14 -23.82 -16.53
C HIS C 465 21.82 -23.84 -18.01
N TYR C 466 22.85 -23.80 -18.85
CA TYR C 466 22.58 -23.72 -20.28
C TYR C 466 21.70 -24.87 -20.66
N GLY C 467 20.56 -24.58 -21.28
CA GLY C 467 19.67 -25.62 -21.75
C GLY C 467 18.79 -26.25 -20.69
N ARG C 468 18.99 -25.88 -19.44
CA ARG C 468 18.22 -26.50 -18.35
C ARG C 468 17.40 -25.49 -17.57
N MET C 469 17.61 -24.22 -17.85
CA MET C 469 16.90 -23.17 -17.13
C MET C 469 17.22 -21.87 -17.83
N CYS C 470 16.23 -21.00 -18.01
CA CYS C 470 16.46 -19.69 -18.60
C CYS C 470 17.08 -18.80 -17.54
N PRO C 471 18.38 -18.53 -17.58
CA PRO C 471 18.97 -17.72 -16.49
C PRO C 471 18.49 -16.29 -16.47
N ILE C 472 17.83 -15.84 -17.54
CA ILE C 472 17.43 -14.43 -17.64
C ILE C 472 16.31 -14.12 -16.66
N GLU C 473 15.29 -14.98 -16.61
CA GLU C 473 13.97 -14.59 -16.10
C GLU C 473 13.64 -15.28 -14.79
N THR C 474 13.03 -14.52 -13.90
CA THR C 474 12.69 -14.95 -12.55
C THR C 474 11.89 -13.83 -11.88
N PRO C 475 11.07 -14.13 -10.88
CA PRO C 475 10.45 -13.05 -10.11
C PRO C 475 11.52 -12.16 -9.48
N GLU C 476 11.24 -10.86 -9.48
CA GLU C 476 12.18 -9.86 -8.99
C GLU C 476 12.14 -9.70 -7.47
N GLY C 477 11.11 -10.22 -6.81
CA GLY C 477 10.95 -10.04 -5.39
C GLY C 477 12.02 -10.75 -4.59
N PRO C 478 11.77 -10.96 -3.29
CA PRO C 478 12.77 -11.67 -2.46
C PRO C 478 13.10 -13.05 -2.97
N ASN C 479 12.21 -13.68 -3.74
CA ASN C 479 12.49 -14.97 -4.35
C ASN C 479 13.09 -14.77 -5.75
N ILE C 480 14.22 -14.07 -5.77
CA ILE C 480 14.97 -13.87 -7.00
C ILE C 480 15.65 -15.17 -7.39
N GLY C 481 15.40 -15.62 -8.63
CA GLY C 481 16.09 -16.77 -9.18
C GLY C 481 15.65 -18.12 -8.66
N LEU C 482 15.07 -18.19 -7.45
CA LEU C 482 14.64 -19.47 -6.92
C LEU C 482 13.60 -20.12 -7.82
N ILE C 483 12.74 -19.31 -8.42
CA ILE C 483 11.75 -19.78 -9.39
C ILE C 483 12.29 -19.43 -10.76
N GLY C 484 12.25 -20.40 -11.67
CA GLY C 484 12.70 -20.16 -13.02
C GLY C 484 11.99 -21.07 -14.00
N SER C 485 11.81 -20.56 -15.20
CA SER C 485 11.11 -21.30 -16.24
C SER C 485 12.07 -22.26 -16.92
N LEU C 486 11.51 -23.27 -17.58
CA LEU C 486 12.32 -24.27 -18.25
C LEU C 486 12.88 -23.71 -19.54
N ALA C 487 14.02 -24.24 -19.95
CA ALA C 487 14.61 -23.84 -21.22
C ALA C 487 13.69 -24.27 -22.37
N SER C 488 14.01 -23.76 -23.56
CA SER C 488 13.11 -23.95 -24.70
C SER C 488 13.05 -25.42 -25.13
N TYR C 489 14.20 -26.05 -25.34
CA TYR C 489 14.26 -27.42 -25.82
C TYR C 489 14.40 -28.44 -24.70
N GLY C 490 14.36 -28.00 -23.44
CA GLY C 490 14.60 -28.92 -22.35
C GLY C 490 13.62 -30.08 -22.35
N ARG C 491 14.15 -31.28 -22.20
CA ARG C 491 13.37 -32.50 -22.02
C ARG C 491 13.85 -33.17 -20.75
N ILE C 492 13.02 -34.03 -20.18
CA ILE C 492 13.19 -34.50 -18.81
C ILE C 492 13.71 -35.93 -18.82
N ASN C 493 14.85 -36.14 -18.19
CA ASN C 493 15.36 -37.49 -18.00
C ASN C 493 14.37 -38.29 -17.14
N PRO C 494 14.16 -39.58 -17.42
CA PRO C 494 13.18 -40.33 -16.62
C PRO C 494 13.52 -40.36 -15.13
N PHE C 495 14.79 -40.37 -14.77
CA PHE C 495 15.15 -40.28 -13.36
C PHE C 495 14.72 -38.94 -12.76
N GLY C 496 14.82 -37.86 -13.52
CA GLY C 496 14.45 -36.53 -13.05
C GLY C 496 15.44 -35.45 -13.39
N PHE C 497 16.48 -35.74 -14.18
CA PHE C 497 17.35 -34.69 -14.68
C PHE C 497 16.80 -34.13 -15.98
N ILE C 498 17.40 -33.04 -16.45
CA ILE C 498 16.95 -32.31 -17.61
C ILE C 498 17.98 -32.51 -18.70
N GLU C 499 17.56 -33.06 -19.83
CA GLU C 499 18.45 -33.26 -20.97
C GLU C 499 18.29 -32.09 -21.94
N THR C 500 19.28 -31.95 -22.83
CA THR C 500 19.26 -30.90 -23.85
C THR C 500 19.75 -31.52 -25.14
N PRO C 501 19.07 -31.24 -26.25
CA PRO C 501 19.48 -31.79 -27.56
C PRO C 501 20.74 -31.16 -28.13
N TYR C 502 21.66 -32.00 -28.62
CA TYR C 502 22.89 -31.48 -29.24
C TYR C 502 23.17 -32.11 -30.59
N ARG C 503 23.49 -31.28 -31.58
CA ARG C 503 23.84 -31.81 -32.90
C ARG C 503 25.18 -32.54 -32.87
N LYS C 504 25.28 -33.61 -33.63
CA LYS C 504 26.52 -34.40 -33.63
C LYS C 504 27.57 -33.85 -34.58
N VAL C 505 28.81 -33.81 -34.12
CA VAL C 505 29.91 -33.30 -34.94
C VAL C 505 30.96 -34.40 -35.07
N VAL C 506 31.39 -34.66 -36.30
CA VAL C 506 32.41 -35.65 -36.58
C VAL C 506 33.36 -35.07 -37.62
N GLU C 507 34.65 -35.31 -37.43
CA GLU C 507 35.73 -34.92 -38.34
C GLU C 507 35.55 -33.51 -38.90
N GLY C 508 34.94 -32.62 -38.11
CA GLY C 508 34.75 -31.25 -38.53
C GLY C 508 33.49 -30.99 -39.32
N GLN C 509 32.70 -32.01 -39.64
CA GLN C 509 31.42 -31.81 -40.33
C GLN C 509 30.29 -31.96 -39.32
N VAL C 510 29.35 -31.03 -39.35
CA VAL C 510 28.14 -31.13 -38.53
C VAL C 510 27.18 -32.08 -39.21
N THR C 511 26.69 -33.07 -38.47
CA THR C 511 25.79 -34.08 -38.98
C THR C 511 24.37 -33.82 -38.50
N ASP C 512 23.41 -34.33 -39.26
CA ASP C 512 21.99 -34.18 -38.93
C ASP C 512 21.51 -35.27 -37.98
N ASP C 513 22.22 -35.42 -36.87
CA ASP C 513 21.85 -36.35 -35.81
C ASP C 513 21.87 -35.60 -34.49
N VAL C 514 20.94 -35.94 -33.61
CA VAL C 514 20.76 -35.25 -32.33
C VAL C 514 20.84 -36.27 -31.21
N ASP C 515 21.55 -35.91 -30.15
CA ASP C 515 21.65 -36.73 -28.95
C ASP C 515 21.29 -35.88 -27.75
N TYR C 516 20.58 -36.48 -26.79
CA TYR C 516 20.11 -35.78 -25.61
C TYR C 516 21.10 -36.01 -24.47
N LEU C 517 21.65 -34.94 -23.94
CA LEU C 517 22.72 -35.00 -22.95
C LEU C 517 22.27 -34.37 -21.64
N THR C 518 22.75 -34.94 -20.53
CA THR C 518 22.32 -34.53 -19.21
C THR C 518 23.35 -33.61 -18.56
N ALA C 519 23.16 -33.29 -17.29
CA ALA C 519 23.97 -32.27 -16.62
C ALA C 519 25.35 -32.77 -16.25
N ASP C 520 25.63 -34.06 -16.40
CA ASP C 520 26.95 -34.64 -16.12
C ASP C 520 27.61 -35.22 -17.36
N GLU C 521 26.82 -35.89 -18.21
CA GLU C 521 27.33 -36.33 -19.51
C GLU C 521 27.91 -35.17 -20.30
N GLU C 522 27.31 -33.98 -20.17
CA GLU C 522 27.76 -32.83 -20.94
C GLU C 522 29.16 -32.41 -20.56
N ASP C 523 29.59 -32.69 -19.34
CA ASP C 523 30.89 -32.21 -18.87
C ASP C 523 32.04 -32.84 -19.64
N ARG C 524 31.95 -34.14 -19.92
CA ARG C 524 33.06 -34.85 -20.55
C ARG C 524 33.41 -34.27 -21.91
N PHE C 525 32.41 -34.12 -22.78
CA PHE C 525 32.66 -33.68 -24.13
C PHE C 525 32.93 -32.18 -24.17
N VAL C 526 33.10 -31.67 -25.38
CA VAL C 526 33.27 -30.24 -25.62
C VAL C 526 32.15 -29.81 -26.56
N ILE C 527 31.46 -28.74 -26.18
CA ILE C 527 30.26 -28.28 -26.86
C ILE C 527 30.60 -26.98 -27.58
N ALA C 528 30.37 -26.95 -28.89
CA ALA C 528 30.67 -25.78 -29.70
C ALA C 528 29.47 -24.84 -29.68
N GLN C 529 29.48 -23.84 -30.58
CA GLN C 529 28.50 -22.76 -30.58
C GLN C 529 27.65 -22.83 -31.83
N ALA C 530 26.35 -22.51 -31.67
CA ALA C 530 25.45 -22.51 -32.82
C ALA C 530 25.70 -21.33 -33.75
N ASN C 531 25.87 -20.13 -33.19
CA ASN C 531 26.01 -18.96 -34.05
C ASN C 531 27.29 -18.99 -34.87
N ALA C 532 28.24 -19.85 -34.50
CA ALA C 532 29.46 -20.00 -35.28
C ALA C 532 29.12 -20.32 -36.72
N ALA C 533 29.76 -19.58 -37.64
CA ALA C 533 29.44 -19.73 -39.06
C ALA C 533 29.88 -21.09 -39.57
N LEU C 534 29.26 -21.50 -40.67
CA LEU C 534 29.58 -22.76 -41.33
C LEU C 534 29.80 -22.50 -42.82
N GLY C 535 30.66 -23.30 -43.42
CA GLY C 535 30.90 -23.20 -44.84
C GLY C 535 29.71 -23.68 -45.64
N ASP C 536 29.84 -23.55 -46.96
CA ASP C 536 28.79 -24.06 -47.85
C ASP C 536 28.58 -25.55 -47.64
N ASP C 537 29.67 -26.30 -47.51
CA ASP C 537 29.61 -27.68 -47.10
C ASP C 537 29.31 -27.75 -45.61
N MET C 538 29.26 -28.98 -45.08
CA MET C 538 29.00 -29.16 -43.66
C MET C 538 30.23 -28.88 -42.80
N ARG C 539 31.38 -28.57 -43.41
CA ARG C 539 32.57 -28.27 -42.64
C ARG C 539 32.53 -26.82 -42.13
N PHE C 540 33.34 -26.56 -41.11
CA PHE C 540 33.46 -25.22 -40.57
C PHE C 540 34.04 -24.27 -41.63
N ALA C 541 33.48 -23.07 -41.69
CA ALA C 541 34.05 -22.05 -42.57
C ALA C 541 35.38 -21.53 -42.04
N GLU C 542 35.54 -21.48 -40.72
CA GLU C 542 36.73 -20.95 -40.08
C GLU C 542 37.34 -22.01 -39.17
N ALA C 543 38.67 -22.11 -39.20
CA ALA C 543 39.35 -23.02 -38.29
C ALA C 543 39.13 -22.60 -36.84
N ARG C 544 39.23 -21.31 -36.57
CA ARG C 544 38.98 -20.80 -35.22
C ARG C 544 37.49 -20.81 -34.94
N VAL C 545 37.09 -21.54 -33.90
CA VAL C 545 35.71 -21.59 -33.46
C VAL C 545 35.67 -21.54 -31.94
N LEU C 546 34.80 -20.70 -31.40
CA LEU C 546 34.62 -20.60 -29.96
C LEU C 546 33.90 -21.84 -29.45
N VAL C 547 34.32 -22.34 -28.28
CA VAL C 547 33.74 -23.53 -27.67
C VAL C 547 33.72 -23.34 -26.17
N ARG C 548 32.94 -24.19 -25.50
CA ARG C 548 32.85 -24.22 -24.06
C ARG C 548 33.15 -25.63 -23.56
N ARG C 549 33.67 -25.72 -22.35
CA ARG C 549 34.19 -26.98 -21.83
C ARG C 549 33.88 -27.06 -20.34
N ARG C 550 34.52 -28.01 -19.66
CA ARG C 550 34.22 -28.30 -18.27
C ARG C 550 34.40 -27.05 -17.41
N GLY C 551 33.68 -27.01 -16.29
CA GLY C 551 33.78 -25.89 -15.37
C GLY C 551 33.36 -24.57 -15.95
N GLY C 552 32.49 -24.57 -16.96
CA GLY C 552 32.06 -23.33 -17.56
C GLY C 552 33.15 -22.58 -18.28
N GLU C 553 34.22 -23.26 -18.66
CA GLU C 553 35.32 -22.59 -19.35
C GLU C 553 34.88 -22.21 -20.76
N VAL C 554 35.38 -21.07 -21.24
CA VAL C 554 34.98 -20.50 -22.51
C VAL C 554 36.15 -20.46 -23.50
N ASP C 555 37.19 -21.25 -23.25
CA ASP C 555 38.35 -21.24 -24.13
C ASP C 555 37.96 -21.74 -25.53
N TYR C 556 38.66 -21.22 -26.53
CA TYR C 556 38.46 -21.65 -27.91
C TYR C 556 39.40 -22.81 -28.24
N VAL C 557 39.00 -23.58 -29.24
CA VAL C 557 39.81 -24.71 -29.72
C VAL C 557 39.69 -24.75 -31.24
N PRO C 558 40.64 -24.21 -32.00
CA PRO C 558 40.50 -24.19 -33.46
C PRO C 558 40.60 -25.58 -34.05
N GLY C 559 40.13 -25.71 -35.28
CA GLY C 559 40.25 -26.95 -36.02
C GLY C 559 39.22 -27.97 -35.60
N ASP C 560 39.26 -29.12 -36.27
CA ASP C 560 38.33 -30.20 -35.98
C ASP C 560 38.67 -30.85 -34.65
N ASP C 561 37.98 -30.42 -33.59
CA ASP C 561 38.11 -31.04 -32.27
C ASP C 561 36.78 -31.30 -31.59
N VAL C 562 35.72 -30.58 -31.95
CA VAL C 562 34.46 -30.71 -31.22
C VAL C 562 33.71 -31.95 -31.69
N ASP C 563 32.78 -32.38 -30.84
CA ASP C 563 31.90 -33.50 -31.12
C ASP C 563 30.43 -33.18 -30.94
N TYR C 564 30.08 -32.07 -30.29
CA TYR C 564 28.70 -31.63 -30.17
C TYR C 564 28.64 -30.11 -30.26
N MET C 565 27.53 -29.61 -30.77
CA MET C 565 27.35 -28.17 -30.91
C MET C 565 25.88 -27.89 -30.70
N ASP C 566 25.56 -26.67 -30.33
CA ASP C 566 24.18 -26.32 -30.07
C ASP C 566 23.33 -26.40 -31.32
N VAL C 567 22.12 -26.92 -31.20
CA VAL C 567 21.25 -27.01 -32.35
C VAL C 567 20.60 -25.66 -32.68
N SER C 568 20.04 -24.98 -31.69
CA SER C 568 19.39 -23.70 -31.93
C SER C 568 20.04 -22.63 -31.07
N PRO C 569 20.17 -21.40 -31.57
CA PRO C 569 20.77 -20.36 -30.74
C PRO C 569 19.99 -20.06 -29.48
N ARG C 570 18.68 -20.34 -29.47
CA ARG C 570 17.81 -19.97 -28.35
C ARG C 570 17.71 -21.07 -27.30
N GLN C 571 18.74 -21.90 -27.16
CA GLN C 571 18.65 -23.02 -26.24
C GLN C 571 18.55 -22.56 -24.79
N MET C 572 19.10 -21.40 -24.47
CA MET C 572 19.15 -20.96 -23.09
C MET C 572 18.00 -20.05 -22.69
N VAL C 573 17.12 -19.70 -23.61
CA VAL C 573 16.06 -18.73 -23.35
C VAL C 573 14.72 -19.43 -23.36
N SER C 574 13.95 -19.22 -22.29
CA SER C 574 12.61 -19.80 -22.18
C SER C 574 11.66 -19.08 -23.11
N VAL C 575 10.39 -19.49 -23.09
CA VAL C 575 9.43 -18.97 -24.05
C VAL C 575 9.25 -17.47 -23.86
N ALA C 576 8.99 -17.05 -22.61
CA ALA C 576 8.72 -15.65 -22.35
C ALA C 576 9.90 -14.79 -22.79
N THR C 577 11.11 -15.13 -22.33
CA THR C 577 12.27 -14.38 -22.75
C THR C 577 12.54 -14.57 -24.24
N ALA C 578 12.10 -15.69 -24.82
CA ALA C 578 12.28 -15.90 -26.25
C ALA C 578 11.36 -15.03 -27.08
N MET C 579 10.33 -14.45 -26.49
CA MET C 579 9.50 -13.50 -27.26
C MET C 579 10.29 -12.27 -27.68
N ILE C 580 11.12 -11.72 -26.80
CA ILE C 580 11.59 -10.35 -26.98
C ILE C 580 12.45 -10.25 -28.23
N PRO C 581 12.08 -9.50 -29.26
CA PRO C 581 12.99 -9.32 -30.39
C PRO C 581 14.21 -8.52 -29.99
N PHE C 582 15.30 -8.77 -30.71
CA PHE C 582 16.54 -8.03 -30.50
C PHE C 582 17.02 -8.13 -29.06
N LEU C 583 16.90 -9.32 -28.48
CA LEU C 583 17.34 -9.50 -27.10
C LEU C 583 18.85 -9.35 -26.98
N GLU C 584 19.59 -9.63 -28.05
CA GLU C 584 21.04 -9.65 -27.96
C GLU C 584 21.61 -8.29 -27.58
N HIS C 585 20.88 -7.23 -27.92
CA HIS C 585 21.34 -5.88 -27.67
C HIS C 585 20.80 -5.33 -26.36
N ASP C 586 20.38 -6.20 -25.46
CA ASP C 586 19.75 -5.71 -24.24
C ASP C 586 20.47 -6.13 -22.98
N ASP C 587 20.54 -5.23 -22.02
CA ASP C 587 21.14 -5.58 -20.75
C ASP C 587 20.24 -6.63 -20.13
N ALA C 588 20.83 -7.60 -19.45
CA ALA C 588 20.05 -8.67 -18.88
C ALA C 588 19.04 -8.15 -17.88
N ASN C 589 19.45 -7.18 -17.07
CA ASN C 589 18.55 -6.61 -16.08
C ASN C 589 17.22 -6.18 -16.70
N ARG C 590 17.27 -5.46 -17.81
CA ARG C 590 16.04 -4.96 -18.43
C ARG C 590 15.32 -6.08 -19.16
N ALA C 591 16.06 -7.06 -19.70
CA ALA C 591 15.39 -8.20 -20.30
C ALA C 591 14.60 -8.97 -19.25
N LEU C 592 15.17 -9.11 -18.05
CA LEU C 592 14.43 -9.72 -16.94
C LEU C 592 13.17 -8.93 -16.63
N MET C 593 13.29 -7.60 -16.58
CA MET C 593 12.12 -6.78 -16.34
C MET C 593 11.05 -7.00 -17.39
N GLY C 594 11.45 -7.06 -18.66
CA GLY C 594 10.49 -7.25 -19.72
C GLY C 594 9.83 -8.62 -19.65
N ALA C 595 10.61 -9.66 -19.40
CA ALA C 595 10.05 -11.00 -19.33
C ALA C 595 9.08 -11.13 -18.16
N ASN C 596 9.41 -10.51 -17.01
CA ASN C 596 8.47 -10.51 -15.90
C ASN C 596 7.24 -9.67 -16.20
N MET C 597 7.37 -8.64 -17.06
CA MET C 597 6.23 -7.81 -17.42
C MET C 597 5.52 -8.31 -18.67
N MET C 598 5.97 -9.42 -19.24
CA MET C 598 5.25 -10.00 -20.37
C MET C 598 4.20 -11.03 -19.96
N ARG C 599 4.10 -11.35 -18.67
CA ARG C 599 3.11 -12.28 -18.14
C ARG C 599 1.91 -11.57 -17.53
N GLN C 600 1.79 -10.25 -17.71
CA GLN C 600 0.72 -9.48 -17.11
C GLN C 600 -0.07 -8.65 -18.09
N ALA C 601 0.23 -8.71 -19.39
CA ALA C 601 -0.56 -8.00 -20.37
C ALA C 601 -1.99 -8.53 -20.37
N VAL C 602 -2.96 -7.62 -20.33
CA VAL C 602 -4.36 -8.01 -20.38
C VAL C 602 -4.79 -8.03 -21.84
N PRO C 603 -5.64 -8.97 -22.27
CA PRO C 603 -6.14 -8.92 -23.64
C PRO C 603 -7.02 -7.71 -23.81
N LEU C 604 -7.32 -7.41 -25.06
CA LEU C 604 -8.13 -6.25 -25.42
C LEU C 604 -9.27 -6.68 -26.34
N ILE C 605 -10.12 -5.70 -26.67
CA ILE C 605 -11.30 -5.98 -27.47
C ILE C 605 -10.90 -6.61 -28.80
N LYS C 606 -9.96 -5.98 -29.49
CA LYS C 606 -9.49 -6.44 -30.79
C LYS C 606 -7.98 -6.64 -30.73
N SER C 607 -7.53 -7.85 -31.01
CA SER C 607 -6.12 -8.21 -30.90
C SER C 607 -5.45 -8.14 -32.26
N GLU C 608 -4.19 -7.70 -32.28
CA GLU C 608 -3.39 -7.62 -33.49
C GLU C 608 -1.99 -8.14 -33.20
N SER C 609 -1.50 -9.02 -34.06
CA SER C 609 -0.17 -9.59 -33.87
C SER C 609 0.88 -8.49 -34.00
N PRO C 610 2.00 -8.61 -33.27
CA PRO C 610 3.02 -7.57 -33.36
C PRO C 610 3.60 -7.50 -34.76
N LEU C 611 3.95 -6.28 -35.17
CA LEU C 611 4.55 -6.09 -36.49
C LEU C 611 5.99 -6.57 -36.51
N VAL C 612 6.72 -6.36 -35.41
CA VAL C 612 8.07 -6.84 -35.24
C VAL C 612 8.09 -7.73 -33.99
N GLY C 613 8.69 -8.90 -34.11
CA GLY C 613 8.72 -9.82 -32.98
C GLY C 613 9.30 -11.16 -33.39
N THR C 614 9.62 -11.95 -32.36
CA THR C 614 10.25 -13.24 -32.58
C THR C 614 9.33 -14.14 -33.39
N GLY C 615 9.93 -14.99 -34.22
CA GLY C 615 9.16 -15.90 -35.03
C GLY C 615 8.61 -17.12 -34.32
N MET C 616 8.82 -17.22 -33.01
CA MET C 616 8.34 -18.34 -32.23
C MET C 616 6.96 -18.10 -31.62
N GLU C 617 6.44 -16.87 -31.70
CA GLU C 617 5.18 -16.54 -31.07
C GLU C 617 4.05 -17.46 -31.55
N TYR C 618 4.08 -17.86 -32.81
CA TYR C 618 3.03 -18.72 -33.33
C TYR C 618 2.96 -20.04 -32.57
N ARG C 619 4.10 -20.67 -32.32
CA ARG C 619 4.10 -21.91 -31.55
C ARG C 619 3.62 -21.67 -30.13
N SER C 620 4.06 -20.57 -29.52
CA SER C 620 3.65 -20.29 -28.14
C SER C 620 2.13 -20.15 -28.06
N ALA C 621 1.53 -19.49 -29.03
CA ALA C 621 0.07 -19.40 -29.06
C ALA C 621 -0.55 -20.77 -29.31
N ALA C 622 0.03 -21.53 -30.25
CA ALA C 622 -0.60 -22.78 -30.67
C ALA C 622 -0.63 -23.81 -29.53
N ASP C 623 0.49 -23.98 -28.82
CA ASP C 623 0.52 -24.99 -27.78
C ASP C 623 -0.36 -24.64 -26.61
N ALA C 624 -0.47 -23.35 -26.27
CA ALA C 624 -1.39 -22.95 -25.22
C ALA C 624 -2.82 -23.32 -25.61
N GLY C 625 -3.58 -23.77 -24.62
CA GLY C 625 -4.93 -24.25 -24.87
C GLY C 625 -5.98 -23.19 -25.10
N ASP C 626 -5.63 -21.91 -24.97
CA ASP C 626 -6.62 -20.86 -25.20
C ASP C 626 -7.15 -20.91 -26.62
N VAL C 627 -6.25 -21.09 -27.60
CA VAL C 627 -6.69 -21.25 -28.98
C VAL C 627 -7.48 -22.54 -29.11
N VAL C 628 -8.44 -22.53 -30.04
CA VAL C 628 -9.28 -23.69 -30.33
C VAL C 628 -8.93 -24.15 -31.74
N LYS C 629 -8.34 -25.33 -31.85
CA LYS C 629 -7.95 -25.92 -33.12
C LYS C 629 -8.74 -27.20 -33.35
N ALA C 630 -8.90 -27.55 -34.62
CA ALA C 630 -9.70 -28.70 -35.02
C ALA C 630 -8.86 -29.96 -34.99
N GLU C 631 -9.51 -31.08 -34.66
CA GLU C 631 -8.88 -32.38 -34.59
C GLU C 631 -8.97 -33.16 -35.90
N LYS C 632 -9.65 -32.61 -36.91
CA LYS C 632 -9.87 -33.32 -38.16
C LYS C 632 -9.61 -32.37 -39.32
N ALA C 633 -9.47 -32.96 -40.52
CA ALA C 633 -9.22 -32.21 -41.75
C ALA C 633 -10.42 -32.37 -42.67
N GLY C 634 -11.36 -31.43 -42.57
CA GLY C 634 -12.54 -31.43 -43.43
C GLY C 634 -12.93 -30.04 -43.87
N VAL C 635 -14.19 -29.87 -44.24
CA VAL C 635 -14.74 -28.59 -44.68
C VAL C 635 -15.70 -28.10 -43.61
N VAL C 636 -15.50 -26.87 -43.14
CA VAL C 636 -16.43 -26.28 -42.18
C VAL C 636 -17.81 -26.21 -42.81
N GLN C 637 -18.82 -26.54 -42.01
CA GLN C 637 -20.21 -26.53 -42.47
C GLN C 637 -21.00 -25.32 -41.98
N GLU C 638 -20.73 -24.82 -40.78
CA GLU C 638 -21.44 -23.67 -40.25
C GLU C 638 -20.47 -22.85 -39.40
N VAL C 639 -20.47 -21.54 -39.59
CA VAL C 639 -19.62 -20.65 -38.80
C VAL C 639 -20.44 -19.60 -38.06
N SER C 640 -20.63 -19.80 -36.76
CA SER C 640 -21.37 -18.82 -35.96
C SER C 640 -20.56 -18.49 -34.72
N ALA C 641 -20.84 -17.35 -34.13
CA ALA C 641 -20.07 -16.93 -32.97
C ALA C 641 -20.24 -17.94 -31.84
N ASP C 642 -21.46 -18.37 -31.59
CA ASP C 642 -21.71 -19.34 -30.53
C ASP C 642 -21.05 -20.69 -30.81
N TYR C 643 -21.17 -21.18 -32.03
CA TYR C 643 -20.63 -22.50 -32.34
C TYR C 643 -20.08 -22.64 -33.75
N ILE C 644 -19.12 -23.53 -33.93
CA ILE C 644 -18.60 -23.77 -35.27
C ILE C 644 -18.69 -25.25 -35.58
N THR C 645 -19.28 -25.59 -36.72
CA THR C 645 -19.51 -26.99 -37.05
C THR C 645 -18.57 -27.43 -38.17
N THR C 646 -17.93 -28.58 -37.98
CA THR C 646 -17.03 -29.16 -38.97
C THR C 646 -17.44 -30.59 -39.24
N THR C 647 -17.17 -31.03 -40.47
CA THR C 647 -17.52 -32.37 -40.92
C THR C 647 -16.35 -32.94 -41.71
N ASN C 648 -15.70 -33.96 -41.15
CA ASN C 648 -14.61 -34.60 -41.85
C ASN C 648 -15.15 -35.42 -43.03
N ASP C 649 -14.26 -35.72 -43.97
CA ASP C 649 -14.64 -36.53 -45.12
C ASP C 649 -15.21 -37.88 -44.70
N ASP C 650 -14.74 -38.43 -43.58
CA ASP C 650 -15.26 -39.70 -43.11
C ASP C 650 -16.76 -39.61 -42.82
N GLY C 651 -17.19 -38.53 -42.18
CA GLY C 651 -18.60 -38.33 -41.87
C GLY C 651 -18.85 -37.81 -40.48
N THR C 652 -17.82 -37.75 -39.65
CA THR C 652 -17.98 -37.29 -38.27
C THR C 652 -18.23 -35.80 -38.24
N TYR C 653 -19.30 -35.40 -37.57
CA TYR C 653 -19.65 -33.99 -37.36
C TYR C 653 -19.29 -33.59 -35.94
N ILE C 654 -18.59 -32.47 -35.80
CA ILE C 654 -18.16 -31.98 -34.50
C ILE C 654 -18.48 -30.50 -34.42
N THR C 655 -19.10 -30.08 -33.33
CA THR C 655 -19.48 -28.69 -33.11
C THR C 655 -18.66 -28.15 -31.95
N TYR C 656 -17.73 -27.26 -32.25
CA TYR C 656 -16.97 -26.58 -31.20
C TYR C 656 -17.77 -25.41 -30.66
N ARG C 657 -17.98 -25.41 -29.35
CA ARG C 657 -18.66 -24.32 -28.66
C ARG C 657 -17.61 -23.32 -28.18
N LEU C 658 -17.72 -22.08 -28.64
CA LEU C 658 -16.76 -21.05 -28.30
C LEU C 658 -17.20 -20.33 -27.04
N ALA C 659 -16.36 -20.39 -26.00
CA ALA C 659 -16.64 -19.65 -24.79
C ALA C 659 -16.74 -18.16 -25.09
N LYS C 660 -17.69 -17.50 -24.44
CA LYS C 660 -17.99 -16.10 -24.72
C LYS C 660 -18.17 -15.35 -23.41
N PHE C 661 -17.23 -14.45 -23.11
CA PHE C 661 -17.41 -13.48 -22.03
C PHE C 661 -17.61 -14.17 -20.69
N SER C 662 -16.80 -15.20 -20.43
CA SER C 662 -16.81 -15.91 -19.16
C SER C 662 -15.61 -15.48 -18.33
N ARG C 663 -15.86 -15.23 -17.04
CA ARG C 663 -14.82 -14.68 -16.18
C ARG C 663 -13.63 -15.63 -16.10
N SER C 664 -12.43 -15.06 -16.13
CA SER C 664 -11.20 -15.82 -15.99
C SER C 664 -10.80 -15.84 -14.52
N ASN C 665 -9.57 -16.28 -14.24
CA ASN C 665 -9.10 -16.32 -12.86
C ASN C 665 -8.81 -14.93 -12.33
N GLN C 666 -8.24 -14.05 -13.14
CA GLN C 666 -7.93 -12.70 -12.73
C GLN C 666 -9.02 -11.71 -13.09
N GLY C 667 -10.10 -12.15 -13.73
CA GLY C 667 -11.18 -11.27 -14.08
C GLY C 667 -10.94 -10.53 -15.37
N THR C 668 -10.68 -11.27 -16.44
CA THR C 668 -10.69 -10.73 -17.79
C THR C 668 -11.46 -11.66 -18.71
N SER C 669 -12.10 -11.08 -19.70
CA SER C 669 -12.90 -11.86 -20.62
C SER C 669 -12.03 -12.88 -21.33
N VAL C 670 -12.63 -14.02 -21.67
CA VAL C 670 -11.96 -15.07 -22.42
C VAL C 670 -12.66 -15.19 -23.76
N ASN C 671 -13.13 -14.06 -24.27
CA ASN C 671 -13.80 -14.02 -25.57
C ASN C 671 -12.96 -14.75 -26.62
N GLN C 672 -13.65 -15.32 -27.60
CA GLN C 672 -13.04 -16.12 -28.65
C GLN C 672 -13.69 -15.75 -29.97
N LYS C 673 -12.88 -15.38 -30.95
CA LYS C 673 -13.41 -14.97 -32.24
C LYS C 673 -13.57 -16.18 -33.15
N VAL C 674 -13.75 -15.92 -34.44
CA VAL C 674 -13.76 -16.94 -35.46
C VAL C 674 -13.01 -16.40 -36.68
N ILE C 675 -12.21 -17.23 -37.30
CA ILE C 675 -11.34 -16.84 -38.41
C ILE C 675 -11.71 -17.56 -39.68
N VAL C 676 -11.92 -18.88 -39.60
CA VAL C 676 -12.17 -19.67 -40.80
C VAL C 676 -13.48 -19.25 -41.45
N ALA C 677 -13.49 -19.30 -42.78
CA ALA C 677 -14.69 -18.99 -43.54
C ALA C 677 -15.62 -20.20 -43.53
N GLU C 678 -16.64 -20.18 -44.38
CA GLU C 678 -17.62 -21.27 -44.39
C GLU C 678 -17.06 -22.51 -45.08
N GLY C 679 -16.74 -22.40 -46.37
CA GLY C 679 -16.33 -23.54 -47.17
C GLY C 679 -14.84 -23.84 -47.16
N ASP C 680 -14.06 -23.12 -46.35
CA ASP C 680 -12.61 -23.28 -46.39
C ASP C 680 -12.19 -24.63 -45.85
N ARG C 681 -11.21 -25.25 -46.53
CA ARG C 681 -10.68 -26.53 -46.10
C ARG C 681 -9.87 -26.37 -44.82
N ILE C 682 -9.93 -27.38 -43.96
CA ILE C 682 -9.24 -27.37 -42.67
C ILE C 682 -8.30 -28.56 -42.61
N ILE C 683 -7.24 -28.40 -41.81
CA ILE C 683 -6.26 -29.44 -41.56
C ILE C 683 -6.22 -29.69 -40.06
N GLU C 684 -5.82 -30.90 -39.68
CA GLU C 684 -5.73 -31.25 -38.27
C GLU C 684 -4.80 -30.30 -37.54
N GLY C 685 -5.23 -29.84 -36.37
CA GLY C 685 -4.48 -28.89 -35.59
C GLY C 685 -4.57 -27.46 -36.08
N GLN C 686 -5.18 -27.21 -37.23
CA GLN C 686 -5.34 -25.86 -37.72
C GLN C 686 -6.23 -25.07 -36.77
N VAL C 687 -5.89 -23.80 -36.59
CA VAL C 687 -6.58 -22.93 -35.64
C VAL C 687 -7.92 -22.51 -36.25
N LEU C 688 -8.99 -22.75 -35.50
CA LEU C 688 -10.34 -22.37 -35.92
C LEU C 688 -10.81 -21.08 -35.29
N ALA C 689 -10.38 -20.81 -34.06
CA ALA C 689 -10.84 -19.64 -33.32
C ALA C 689 -9.72 -19.14 -32.43
N ASP C 690 -9.49 -17.83 -32.45
CA ASP C 690 -8.48 -17.24 -31.60
C ASP C 690 -8.99 -17.17 -30.15
N GLY C 691 -8.05 -17.21 -29.22
CA GLY C 691 -8.34 -17.02 -27.83
C GLY C 691 -8.14 -15.56 -27.46
N PRO C 692 -8.19 -15.24 -26.18
CA PRO C 692 -7.88 -13.87 -25.76
C PRO C 692 -6.46 -13.51 -26.16
N ALA C 693 -6.27 -12.25 -26.52
CA ALA C 693 -4.96 -11.71 -26.87
C ALA C 693 -4.30 -12.56 -27.97
N THR C 694 -5.10 -12.86 -28.99
CA THR C 694 -4.64 -13.77 -30.04
C THR C 694 -5.21 -13.30 -31.36
N GLU C 695 -4.46 -13.54 -32.44
CA GLU C 695 -4.86 -13.06 -33.75
C GLU C 695 -4.32 -14.03 -34.79
N ASN C 696 -5.22 -14.66 -35.56
CA ASN C 696 -4.85 -15.59 -36.62
C ASN C 696 -3.94 -16.69 -36.07
N GLY C 697 -4.23 -17.13 -34.85
CA GLY C 697 -3.45 -18.15 -34.21
C GLY C 697 -2.14 -17.69 -33.60
N GLU C 698 -1.84 -16.40 -33.64
CA GLU C 698 -0.57 -15.87 -33.17
C GLU C 698 -0.78 -15.03 -31.93
N MET C 699 0.22 -15.02 -31.05
CA MET C 699 0.12 -14.30 -29.80
C MET C 699 0.00 -12.80 -30.09
N ALA C 700 -0.87 -12.13 -29.33
CA ALA C 700 -1.03 -10.68 -29.49
C ALA C 700 -1.42 -10.12 -28.12
N LEU C 701 -0.42 -9.72 -27.36
CA LEU C 701 -0.63 -9.29 -25.99
C LEU C 701 -0.90 -7.80 -25.89
N GLY C 702 -0.94 -7.08 -27.01
CA GLY C 702 -1.18 -5.65 -26.99
C GLY C 702 -1.30 -5.15 -28.40
N LYS C 703 -1.09 -3.85 -28.56
CA LYS C 703 -1.11 -3.20 -29.86
C LYS C 703 0.20 -2.48 -30.12
N ASN C 704 0.36 -2.05 -31.38
CA ASN C 704 1.56 -1.36 -31.82
C ASN C 704 1.23 0.10 -32.10
N LEU C 705 2.00 0.99 -31.50
CA LEU C 705 1.76 2.43 -31.59
C LEU C 705 2.89 3.11 -32.35
N LEU C 706 2.50 4.13 -33.12
CA LEU C 706 3.45 5.08 -33.67
C LEU C 706 4.01 5.91 -32.52
N VAL C 707 5.32 6.09 -32.48
CA VAL C 707 6.00 6.58 -31.29
C VAL C 707 7.23 7.39 -31.68
N ALA C 708 7.50 8.43 -30.90
CA ALA C 708 8.62 9.33 -31.11
C ALA C 708 9.31 9.64 -29.80
N PHE C 709 10.64 9.77 -29.84
CA PHE C 709 11.48 10.02 -28.66
C PHE C 709 11.80 11.50 -28.58
N MET C 710 11.26 12.19 -27.56
CA MET C 710 11.56 13.60 -27.30
C MET C 710 10.86 14.03 -26.01
N PRO C 711 11.52 14.80 -25.14
CA PRO C 711 10.80 15.35 -23.97
C PRO C 711 9.69 16.29 -24.41
N TRP C 712 8.68 16.45 -23.55
CA TRP C 712 7.51 17.25 -23.91
C TRP C 712 6.92 17.86 -22.64
N GLU C 713 7.31 19.10 -22.36
CA GLU C 713 6.74 19.91 -21.28
C GLU C 713 6.72 19.19 -19.95
N GLY C 714 7.59 18.21 -19.75
CA GLY C 714 7.61 17.51 -18.50
C GLY C 714 6.50 16.51 -18.31
N HIS C 715 5.57 16.40 -19.27
CA HIS C 715 4.54 15.38 -19.16
C HIS C 715 5.05 13.99 -19.48
N ASN C 716 6.34 13.85 -19.80
CA ASN C 716 7.02 12.57 -19.79
C ASN C 716 8.32 12.68 -18.99
N TYR C 717 8.20 13.22 -17.79
CA TYR C 717 9.31 13.33 -16.85
C TYR C 717 9.40 12.08 -15.98
N GLU C 718 10.63 11.65 -15.69
CA GLU C 718 10.88 10.44 -14.91
C GLU C 718 10.14 9.25 -15.51
N ASP C 719 10.16 9.16 -16.83
CA ASP C 719 9.63 8.03 -17.59
C ASP C 719 8.13 7.87 -17.48
N ALA C 720 7.40 8.94 -17.15
CA ALA C 720 5.97 8.93 -17.39
C ALA C 720 5.72 8.97 -18.90
N ILE C 721 4.50 8.63 -19.30
CA ILE C 721 4.16 8.42 -20.70
C ILE C 721 3.11 9.43 -21.11
N ILE C 722 3.12 9.80 -22.40
CA ILE C 722 2.08 10.62 -23.00
C ILE C 722 1.54 9.85 -24.20
N LEU C 723 0.23 9.73 -24.27
CA LEU C 723 -0.42 9.05 -25.39
C LEU C 723 -1.58 9.90 -25.88
N SER C 724 -1.80 9.84 -27.19
CA SER C 724 -2.81 10.66 -27.83
C SER C 724 -4.20 10.24 -27.38
N GLN C 725 -5.15 11.17 -27.49
CA GLN C 725 -6.54 10.83 -27.22
C GLN C 725 -7.11 9.91 -28.29
N ARG C 726 -6.40 9.71 -29.41
CA ARG C 726 -6.88 8.79 -30.44
C ARG C 726 -7.03 7.38 -29.89
N LEU C 727 -6.20 7.00 -28.93
CA LEU C 727 -6.38 5.69 -28.29
C LEU C 727 -7.65 5.69 -27.43
N VAL C 728 -7.99 6.84 -26.86
CA VAL C 728 -9.27 6.95 -26.16
C VAL C 728 -10.43 7.01 -27.16
N GLN C 729 -10.13 7.35 -28.42
CA GLN C 729 -11.18 7.55 -29.42
C GLN C 729 -11.55 6.25 -30.11
N ASP C 730 -10.58 5.37 -30.37
CA ASP C 730 -10.80 4.21 -31.22
C ASP C 730 -10.74 2.89 -30.46
N ASP C 731 -10.73 2.93 -29.12
CA ASP C 731 -10.68 1.71 -28.30
C ASP C 731 -9.50 0.83 -28.67
N VAL C 732 -8.40 1.47 -29.09
CA VAL C 732 -7.19 0.72 -29.41
C VAL C 732 -6.68 0.00 -28.17
N LEU C 733 -6.72 0.67 -27.02
CA LEU C 733 -6.37 0.08 -25.72
C LEU C 733 -7.61 0.13 -24.85
N SER C 734 -8.46 -0.89 -24.97
CA SER C 734 -9.66 -1.03 -24.17
C SER C 734 -9.81 -2.50 -23.79
N SER C 735 -10.10 -2.75 -22.51
CA SER C 735 -10.13 -4.11 -21.99
C SER C 735 -11.44 -4.36 -21.27
N ILE C 736 -12.01 -5.54 -21.49
CA ILE C 736 -13.20 -5.96 -20.76
C ILE C 736 -12.77 -6.36 -19.36
N HIS C 737 -13.68 -6.18 -18.40
CA HIS C 737 -13.47 -6.62 -17.03
C HIS C 737 -14.78 -7.16 -16.50
N ILE C 738 -14.79 -8.42 -16.08
CA ILE C 738 -15.98 -9.09 -15.58
C ILE C 738 -15.73 -9.45 -14.12
N GLU C 739 -16.53 -8.88 -13.23
CA GLU C 739 -16.46 -9.17 -11.82
C GLU C 739 -17.67 -10.03 -11.44
N GLU C 740 -17.44 -11.00 -10.58
CA GLU C 740 -18.48 -11.92 -10.14
C GLU C 740 -18.40 -12.04 -8.63
N HIS C 741 -19.54 -11.84 -7.97
CA HIS C 741 -19.65 -11.98 -6.53
C HIS C 741 -21.06 -12.48 -6.22
N GLU C 742 -21.17 -13.21 -5.11
CA GLU C 742 -22.43 -13.86 -4.79
C GLU C 742 -22.99 -13.66 -3.39
N VAL C 743 -24.20 -14.17 -3.15
CA VAL C 743 -24.79 -14.08 -1.83
C VAL C 743 -25.45 -15.42 -1.50
N ASP C 744 -25.56 -15.74 -0.22
CA ASP C 744 -26.12 -17.03 0.19
C ASP C 744 -27.32 -16.94 1.12
N ALA C 745 -28.34 -17.76 0.86
CA ALA C 745 -29.50 -17.78 1.75
C ALA C 745 -29.23 -18.89 2.74
N ARG C 746 -29.16 -18.58 4.02
CA ARG C 746 -28.80 -19.59 4.99
C ARG C 746 -29.80 -19.71 6.13
N ASP C 747 -30.21 -20.93 6.45
CA ASP C 747 -31.11 -21.14 7.57
C ASP C 747 -30.33 -20.96 8.87
N THR C 748 -30.44 -19.79 9.49
CA THR C 748 -29.77 -19.59 10.77
C THR C 748 -30.64 -20.13 11.90
N LYS C 749 -30.19 -19.91 13.13
CA LYS C 749 -30.93 -20.41 14.29
C LYS C 749 -32.33 -19.80 14.35
N LEU C 750 -32.43 -18.50 14.12
CA LEU C 750 -33.72 -17.82 14.22
C LEU C 750 -34.67 -18.30 13.15
N GLY C 751 -34.18 -18.47 11.92
CA GLY C 751 -35.03 -18.88 10.83
C GLY C 751 -34.30 -18.87 9.50
N PRO C 752 -35.03 -19.01 8.40
CA PRO C 752 -34.40 -19.00 7.08
C PRO C 752 -34.31 -17.60 6.49
N GLU C 753 -33.23 -17.38 5.73
CA GLU C 753 -33.10 -16.15 4.96
C GLU C 753 -33.85 -16.30 3.63
N GLU C 754 -34.41 -15.19 3.16
CA GLU C 754 -35.29 -15.20 1.99
C GLU C 754 -34.76 -14.21 0.96
N ILE C 755 -34.84 -14.61 -0.31
CA ILE C 755 -34.60 -13.71 -1.43
C ILE C 755 -35.97 -13.30 -1.97
N THR C 756 -36.17 -11.99 -2.11
CA THR C 756 -37.47 -11.45 -2.48
C THR C 756 -37.32 -10.01 -2.94
N ARG C 757 -38.31 -9.55 -3.69
CA ARG C 757 -38.37 -8.14 -4.06
C ARG C 757 -38.95 -7.28 -2.94
N ASP C 758 -39.45 -7.89 -1.87
CA ASP C 758 -40.00 -7.13 -0.74
C ASP C 758 -38.93 -6.92 0.32
N ILE C 759 -38.01 -6.02 0.02
CA ILE C 759 -36.99 -5.66 1.01
C ILE C 759 -37.62 -4.73 2.04
N PRO C 760 -37.33 -4.88 3.33
CA PRO C 760 -37.92 -3.98 4.32
C PRO C 760 -37.10 -2.72 4.53
N ASN C 761 -37.81 -1.65 4.92
CA ASN C 761 -37.20 -0.37 5.24
C ASN C 761 -36.35 0.13 4.07
N VAL C 762 -37.02 0.31 2.94
CA VAL C 762 -36.38 0.80 1.72
C VAL C 762 -37.36 1.67 0.96
N SER C 763 -36.82 2.46 0.03
CA SER C 763 -37.64 3.20 -0.91
C SER C 763 -38.15 2.27 -1.99
N GLU C 764 -38.94 2.81 -2.91
CA GLU C 764 -39.50 2.02 -4.00
C GLU C 764 -38.56 1.94 -5.19
N GLU C 765 -38.06 3.07 -5.68
CA GLU C 765 -37.26 3.11 -6.89
C GLU C 765 -35.96 2.31 -6.77
N VAL C 766 -35.46 2.10 -5.55
CA VAL C 766 -34.23 1.32 -5.40
C VAL C 766 -34.45 -0.10 -5.94
N LEU C 767 -35.58 -0.70 -5.64
CA LEU C 767 -35.94 -2.02 -6.14
C LEU C 767 -36.75 -1.94 -7.43
N ALA C 768 -36.25 -1.16 -8.38
CA ALA C 768 -36.99 -0.91 -9.62
C ALA C 768 -36.69 -1.95 -10.69
N ASP C 769 -35.42 -2.18 -10.99
CA ASP C 769 -35.03 -3.04 -12.09
C ASP C 769 -34.93 -4.51 -11.70
N LEU C 770 -35.28 -4.86 -10.46
CA LEU C 770 -35.10 -6.22 -9.99
C LEU C 770 -36.05 -7.18 -10.70
N ASP C 771 -35.90 -8.45 -10.40
CA ASP C 771 -36.70 -9.51 -10.99
C ASP C 771 -37.91 -9.78 -10.08
N GLU C 772 -38.65 -10.84 -10.39
CA GLU C 772 -39.84 -11.16 -9.59
C GLU C 772 -39.43 -11.62 -8.20
N ARG C 773 -38.38 -12.43 -8.11
CA ARG C 773 -37.96 -13.03 -6.84
C ARG C 773 -36.93 -12.20 -6.09
N GLY C 774 -36.60 -11.00 -6.58
CA GLY C 774 -35.62 -10.16 -5.90
C GLY C 774 -34.22 -10.34 -6.44
N ILE C 775 -34.08 -10.35 -7.76
CA ILE C 775 -32.80 -10.48 -8.45
C ILE C 775 -32.73 -9.36 -9.48
N ILE C 776 -31.51 -8.90 -9.77
CA ILE C 776 -31.37 -7.85 -10.77
C ILE C 776 -31.56 -8.44 -12.15
N ARG C 777 -32.26 -7.71 -13.02
CA ARG C 777 -32.44 -8.19 -14.39
C ARG C 777 -31.10 -8.22 -15.12
N ILE C 778 -31.13 -8.74 -16.34
CA ILE C 778 -29.95 -8.76 -17.20
C ILE C 778 -29.97 -7.52 -18.08
N GLY C 779 -28.85 -6.80 -18.12
CA GLY C 779 -28.75 -5.58 -18.89
C GLY C 779 -28.87 -4.31 -18.09
N ALA C 780 -29.29 -4.37 -16.83
CA ALA C 780 -29.51 -3.18 -16.02
C ALA C 780 -28.19 -2.74 -15.41
N GLU C 781 -27.69 -1.59 -15.87
CA GLU C 781 -26.45 -1.05 -15.34
C GLU C 781 -26.57 -0.83 -13.85
N VAL C 782 -25.44 -0.85 -13.15
CA VAL C 782 -25.41 -0.73 -11.70
C VAL C 782 -24.35 0.29 -11.31
N VAL C 783 -24.53 0.85 -10.13
CA VAL C 783 -23.59 1.78 -9.52
C VAL C 783 -23.41 1.40 -8.07
N ALA C 784 -22.50 2.09 -7.37
CA ALA C 784 -22.32 1.84 -5.95
C ALA C 784 -23.62 2.08 -5.21
N GLY C 785 -24.05 1.09 -4.43
CA GLY C 785 -25.30 1.15 -3.70
C GLY C 785 -26.46 0.46 -4.37
N ASP C 786 -26.35 0.13 -5.66
CA ASP C 786 -27.44 -0.53 -6.35
C ASP C 786 -27.67 -1.91 -5.76
N ILE C 787 -28.94 -2.32 -5.73
CA ILE C 787 -29.31 -3.62 -5.18
C ILE C 787 -29.29 -4.65 -6.29
N LEU C 788 -28.49 -5.70 -6.12
CA LEU C 788 -28.39 -6.78 -7.09
C LEU C 788 -29.40 -7.88 -6.81
N VAL C 789 -29.39 -8.39 -5.58
CA VAL C 789 -30.32 -9.43 -5.15
C VAL C 789 -30.83 -9.07 -3.76
N GLY C 790 -32.14 -9.01 -3.61
CA GLY C 790 -32.73 -8.60 -2.35
C GLY C 790 -32.79 -9.73 -1.36
N LYS C 791 -32.12 -9.57 -0.21
CA LYS C 791 -32.11 -10.57 0.83
C LYS C 791 -32.49 -9.93 2.16
N VAL C 792 -33.24 -10.67 2.96
CA VAL C 792 -33.76 -10.17 4.23
C VAL C 792 -33.47 -11.19 5.32
N THR C 793 -33.04 -10.70 6.48
CA THR C 793 -32.83 -11.56 7.63
C THR C 793 -34.17 -12.18 8.07
N PRO C 794 -34.16 -13.44 8.55
CA PRO C 794 -35.42 -14.01 9.06
C PRO C 794 -36.03 -13.16 10.16
N LYS C 795 -35.25 -12.82 11.18
CA LYS C 795 -35.74 -12.02 12.30
C LYS C 795 -34.57 -11.69 13.21
N GLY C 796 -34.85 -10.92 14.24
CA GLY C 796 -33.89 -10.61 15.28
C GLY C 796 -34.58 -10.00 16.48
N GLU C 797 -34.03 -10.21 17.67
CA GLU C 797 -34.62 -9.64 18.89
C GLU C 797 -34.45 -8.12 18.82
N THR C 798 -35.55 -7.41 18.61
CA THR C 798 -35.54 -5.97 18.44
C THR C 798 -36.14 -5.32 19.68
N GLU C 799 -35.31 -4.67 20.49
CA GLU C 799 -35.75 -3.82 21.59
C GLU C 799 -35.74 -2.39 21.06
N LEU C 800 -36.92 -1.92 20.64
CA LEU C 800 -36.99 -0.66 19.92
C LEU C 800 -36.76 0.50 20.90
N THR C 801 -35.90 1.42 20.51
CA THR C 801 -35.40 2.44 21.43
C THR C 801 -36.45 3.51 21.70
N PRO C 802 -36.32 4.23 22.81
CA PRO C 802 -37.34 5.24 23.15
C PRO C 802 -37.52 6.28 22.06
N GLU C 803 -36.42 6.84 21.55
CA GLU C 803 -36.52 7.83 20.48
C GLU C 803 -37.14 7.21 19.24
N GLU C 804 -36.66 6.03 18.84
CA GLU C 804 -37.20 5.34 17.69
C GLU C 804 -38.65 4.94 17.94
N ARG C 805 -38.98 4.55 19.17
CA ARG C 805 -40.36 4.24 19.52
C ARG C 805 -41.25 5.44 19.24
N LEU C 806 -40.86 6.62 19.73
CA LEU C 806 -41.65 7.82 19.48
C LEU C 806 -41.75 8.11 17.99
N LEU C 807 -40.65 7.97 17.26
CA LEU C 807 -40.67 8.28 15.84
C LEU C 807 -41.66 7.38 15.10
N ARG C 808 -41.63 6.09 15.38
CA ARG C 808 -42.60 5.17 14.79
C ARG C 808 -44.02 5.58 15.16
N ALA C 809 -44.23 5.93 16.43
CA ALA C 809 -45.58 6.31 16.85
C ALA C 809 -46.08 7.53 16.07
N ILE C 810 -45.21 8.53 15.89
CA ILE C 810 -45.61 9.73 15.16
C ILE C 810 -45.91 9.39 13.70
N PHE C 811 -45.01 8.64 13.06
CA PHE C 811 -45.19 8.30 11.66
C PHE C 811 -46.04 7.06 11.44
N GLY C 812 -46.40 6.34 12.50
CA GLY C 812 -47.27 5.18 12.34
C GLY C 812 -46.69 4.09 11.47
N GLU C 813 -45.38 3.86 11.54
CA GLU C 813 -44.72 2.82 10.78
C GLU C 813 -44.34 1.66 11.70
N LYS C 814 -44.40 0.45 11.16
CA LYS C 814 -44.15 -0.77 11.93
C LYS C 814 -42.74 -1.25 11.64
N ALA C 815 -41.89 -1.26 12.67
CA ALA C 815 -40.58 -1.89 12.57
C ALA C 815 -40.74 -3.39 12.77
N ARG C 816 -40.38 -4.15 11.74
CA ARG C 816 -40.55 -5.59 11.72
C ARG C 816 -39.21 -6.29 11.97
N GLU C 817 -39.28 -7.41 12.70
CA GLU C 817 -38.08 -8.13 13.09
C GLU C 817 -37.20 -8.50 11.89
N VAL C 818 -37.80 -8.70 10.72
CA VAL C 818 -37.02 -8.96 9.52
C VAL C 818 -36.12 -7.77 9.25
N ARG C 819 -34.85 -8.04 8.96
CA ARG C 819 -33.84 -7.00 8.79
C ARG C 819 -33.21 -7.13 7.42
N ASP C 820 -32.86 -5.99 6.83
CA ASP C 820 -32.26 -5.99 5.50
C ASP C 820 -30.82 -6.47 5.55
N THR C 821 -30.51 -7.45 4.70
CA THR C 821 -29.15 -7.92 4.49
C THR C 821 -28.90 -8.12 3.01
N SER C 822 -29.49 -7.26 2.17
CA SER C 822 -29.40 -7.42 0.73
C SER C 822 -27.98 -7.12 0.25
N LEU C 823 -27.68 -7.65 -0.94
CA LEU C 823 -26.41 -7.39 -1.59
C LEU C 823 -26.42 -6.02 -2.25
N LYS C 824 -25.28 -5.33 -2.19
CA LYS C 824 -25.11 -4.04 -2.83
C LYS C 824 -23.77 -4.02 -3.55
N VAL C 825 -23.68 -3.16 -4.55
CA VAL C 825 -22.39 -3.00 -5.25
C VAL C 825 -21.37 -2.47 -4.25
N PRO C 826 -20.17 -3.04 -4.15
CA PRO C 826 -19.16 -2.42 -3.28
C PRO C 826 -18.75 -1.06 -3.82
N HIS C 827 -18.29 -0.20 -2.91
CA HIS C 827 -18.07 1.20 -3.25
C HIS C 827 -17.08 1.35 -4.40
N GLY C 828 -17.34 2.35 -5.25
CA GLY C 828 -16.47 2.65 -6.37
C GLY C 828 -16.46 1.58 -7.44
N GLU C 829 -17.57 1.45 -8.15
CA GLU C 829 -17.70 0.43 -9.19
C GLU C 829 -18.64 0.94 -10.26
N ILE C 830 -18.70 0.19 -11.36
CA ILE C 830 -19.62 0.49 -12.45
C ILE C 830 -19.63 -0.70 -13.39
N GLY C 831 -20.79 -1.00 -13.95
CA GLY C 831 -20.89 -2.08 -14.91
C GLY C 831 -22.30 -2.49 -15.28
N LYS C 832 -22.41 -3.19 -16.40
CA LYS C 832 -23.69 -3.73 -16.87
C LYS C 832 -23.74 -5.22 -16.53
N VAL C 833 -24.89 -5.65 -15.99
CA VAL C 833 -25.03 -7.06 -15.65
C VAL C 833 -25.14 -7.87 -16.94
N ILE C 834 -24.36 -8.94 -17.02
CA ILE C 834 -24.31 -9.76 -18.23
C ILE C 834 -24.87 -11.15 -18.02
N GLY C 835 -24.79 -11.72 -16.82
CA GLY C 835 -25.35 -13.03 -16.55
C GLY C 835 -25.64 -13.21 -15.08
N VAL C 836 -26.63 -14.04 -14.76
CA VAL C 836 -26.96 -14.34 -13.38
C VAL C 836 -27.26 -15.83 -13.28
N ARG C 837 -26.71 -16.47 -12.26
CA ARG C 837 -26.90 -17.90 -12.03
C ARG C 837 -27.44 -18.11 -10.63
N VAL C 838 -28.36 -19.06 -10.50
CA VAL C 838 -29.00 -19.37 -9.21
C VAL C 838 -29.00 -20.88 -9.03
N PHE C 839 -28.59 -21.33 -7.84
CA PHE C 839 -28.74 -22.72 -7.43
C PHE C 839 -29.62 -22.75 -6.19
N ASP C 840 -30.42 -23.81 -6.06
CA ASP C 840 -31.43 -23.92 -5.02
C ASP C 840 -31.32 -25.27 -4.33
N ARG C 841 -31.61 -25.27 -3.03
CA ARG C 841 -31.51 -26.50 -2.24
C ARG C 841 -32.57 -27.51 -2.68
N GLU C 842 -33.84 -27.15 -2.57
CA GLU C 842 -34.90 -28.12 -2.84
C GLU C 842 -34.86 -28.60 -4.28
N GLU C 843 -34.35 -27.78 -5.20
CA GLU C 843 -34.19 -28.22 -6.56
C GLU C 843 -33.14 -29.34 -6.63
N GLY C 844 -33.05 -29.97 -7.81
CA GLY C 844 -32.11 -31.06 -7.99
C GLY C 844 -30.66 -30.68 -7.74
N ASP C 845 -30.34 -29.41 -7.83
CA ASP C 845 -28.97 -28.98 -7.57
C ASP C 845 -28.61 -29.17 -6.11
N GLU C 846 -27.40 -29.67 -5.87
CA GLU C 846 -26.88 -29.87 -4.52
C GLU C 846 -26.18 -28.61 -4.06
N LEU C 847 -26.24 -28.36 -2.76
CA LEU C 847 -25.54 -27.24 -2.14
C LEU C 847 -24.93 -27.71 -0.84
N PRO C 848 -23.94 -26.98 -0.32
CA PRO C 848 -23.41 -27.29 1.01
C PRO C 848 -24.49 -27.22 2.07
N PRO C 849 -24.21 -27.66 3.30
CA PRO C 849 -25.24 -27.63 4.34
C PRO C 849 -25.63 -26.20 4.71
N GLY C 850 -26.87 -26.03 5.11
CA GLY C 850 -27.36 -24.74 5.59
C GLY C 850 -27.82 -23.82 4.48
N VAL C 851 -26.95 -23.59 3.50
CA VAL C 851 -27.26 -22.67 2.41
C VAL C 851 -28.44 -23.25 1.62
N ASN C 852 -29.50 -22.46 1.48
CA ASN C 852 -30.68 -22.91 0.78
C ASN C 852 -30.66 -22.50 -0.69
N GLN C 853 -30.16 -21.30 -0.96
CA GLN C 853 -30.04 -20.80 -2.32
C GLN C 853 -28.77 -19.99 -2.44
N LEU C 854 -28.12 -20.12 -3.60
CA LEU C 854 -26.93 -19.36 -3.95
C LEU C 854 -27.22 -18.59 -5.21
N VAL C 855 -26.78 -17.33 -5.27
CA VAL C 855 -26.93 -16.51 -6.46
C VAL C 855 -25.59 -15.85 -6.79
N ARG C 856 -25.17 -15.99 -8.04
CA ARG C 856 -23.97 -15.37 -8.58
C ARG C 856 -24.41 -14.35 -9.64
N VAL C 857 -23.75 -13.19 -9.64
CA VAL C 857 -24.07 -12.12 -10.57
C VAL C 857 -22.79 -11.70 -11.28
N TYR C 858 -22.89 -11.52 -12.60
CA TYR C 858 -21.78 -11.06 -13.43
C TYR C 858 -22.01 -9.59 -13.76
N VAL C 859 -21.07 -8.74 -13.36
CA VAL C 859 -21.11 -7.31 -13.69
C VAL C 859 -19.88 -7.02 -14.55
N ALA C 860 -20.11 -6.46 -15.73
CA ALA C 860 -19.07 -6.32 -16.73
C ALA C 860 -18.94 -4.86 -17.15
N GLN C 861 -17.70 -4.43 -17.40
CA GLN C 861 -17.43 -3.10 -17.92
C GLN C 861 -16.36 -3.16 -18.99
N LYS C 862 -16.20 -2.04 -19.68
CA LYS C 862 -15.23 -1.88 -20.76
C LYS C 862 -14.29 -0.76 -20.37
N ARG C 863 -13.24 -1.09 -19.62
CA ARG C 863 -12.32 -0.06 -19.15
C ARG C 863 -11.50 0.45 -20.31
N LYS C 864 -11.61 1.74 -20.59
CA LYS C 864 -10.82 2.42 -21.60
C LYS C 864 -9.53 2.93 -20.99
N ILE C 865 -8.50 3.02 -21.83
CA ILE C 865 -7.21 3.49 -21.36
C ILE C 865 -7.37 4.90 -20.82
N THR C 866 -7.00 5.09 -19.55
CA THR C 866 -7.20 6.35 -18.87
C THR C 866 -5.96 6.68 -18.05
N ASP C 867 -5.96 7.89 -17.50
CA ASP C 867 -4.84 8.31 -16.65
C ASP C 867 -4.72 7.38 -15.47
N GLY C 868 -3.49 6.96 -15.18
CA GLY C 868 -3.22 6.06 -14.08
C GLY C 868 -3.00 4.64 -14.51
N ASP C 869 -3.51 4.27 -15.68
CA ASP C 869 -3.24 2.95 -16.24
C ASP C 869 -1.74 2.77 -16.43
N LYS C 870 -1.20 1.67 -15.92
CA LYS C 870 0.18 1.33 -16.20
C LYS C 870 0.31 0.96 -17.67
N LEU C 871 1.52 1.06 -18.20
CA LEU C 871 1.75 0.72 -19.59
C LEU C 871 3.24 0.45 -19.77
N ALA C 872 3.57 -0.49 -20.66
CA ALA C 872 4.99 -0.89 -20.82
C ALA C 872 5.38 -1.55 -22.12
N GLY C 873 6.58 -1.26 -22.60
CA GLY C 873 7.09 -1.89 -23.81
C GLY C 873 7.70 -3.25 -23.51
N ARG C 874 8.00 -4.02 -24.54
CA ARG C 874 8.59 -5.34 -24.37
C ARG C 874 9.95 -5.34 -23.69
N HIS C 875 10.74 -4.29 -23.89
CA HIS C 875 12.08 -4.22 -23.32
C HIS C 875 12.12 -3.71 -21.88
N GLY C 876 10.95 -3.45 -21.29
CA GLY C 876 10.90 -3.00 -19.91
C GLY C 876 10.69 -1.53 -19.63
N ASN C 877 10.46 -0.74 -20.67
CA ASN C 877 10.14 0.67 -20.44
C ASN C 877 8.71 0.80 -19.93
N LYS C 878 8.52 0.94 -18.62
CA LYS C 878 7.17 0.96 -18.08
C LYS C 878 6.92 2.28 -17.35
N GLY C 879 5.73 2.83 -17.59
CA GLY C 879 5.35 4.07 -16.94
C GLY C 879 3.86 4.17 -16.79
N VAL C 880 3.44 5.11 -15.95
CA VAL C 880 2.04 5.39 -15.72
C VAL C 880 1.63 6.57 -16.57
N ILE C 881 0.53 6.43 -17.30
CA ILE C 881 0.06 7.51 -18.16
C ILE C 881 -0.22 8.73 -17.30
N SER C 882 0.37 9.88 -17.66
CA SER C 882 0.21 11.10 -16.90
C SER C 882 -0.63 12.15 -17.60
N LYS C 883 -0.85 12.04 -18.91
CA LYS C 883 -1.74 12.97 -19.57
C LYS C 883 -2.10 12.46 -20.96
N ILE C 884 -3.31 12.78 -21.40
CA ILE C 884 -3.82 12.36 -22.69
C ILE C 884 -4.28 13.64 -23.40
N ASN C 885 -3.43 14.17 -24.28
CA ASN C 885 -3.79 15.37 -25.00
C ASN C 885 -4.75 15.04 -26.14
N PRO C 886 -5.51 16.02 -26.61
CA PRO C 886 -6.30 15.81 -27.83
C PRO C 886 -5.40 15.48 -29.01
N ILE C 887 -6.03 15.06 -30.10
CA ILE C 887 -5.30 14.57 -31.26
C ILE C 887 -4.45 15.67 -31.89
N GLU C 888 -4.75 16.93 -31.61
CA GLU C 888 -4.03 18.02 -32.26
C GLU C 888 -2.70 18.30 -31.58
N ASP C 889 -2.66 18.33 -30.25
CA ASP C 889 -1.44 18.70 -29.54
C ASP C 889 -0.31 17.69 -29.76
N MET C 890 -0.60 16.52 -30.29
CA MET C 890 0.46 15.59 -30.63
C MET C 890 1.46 16.27 -31.56
N PRO C 891 2.77 16.12 -31.32
CA PRO C 891 3.70 16.63 -32.32
C PRO C 891 3.59 15.78 -33.56
N PHE C 892 2.92 16.31 -34.56
CA PHE C 892 2.59 15.53 -35.74
C PHE C 892 3.73 15.60 -36.73
N LEU C 893 3.68 14.70 -37.71
CA LEU C 893 4.77 14.52 -38.65
C LEU C 893 4.43 15.17 -39.99
N GLU C 894 5.36 15.05 -40.94
CA GLU C 894 5.33 15.85 -42.17
C GLU C 894 4.02 15.66 -42.92
N ASP C 895 3.59 14.42 -43.12
CA ASP C 895 2.37 14.15 -43.88
C ASP C 895 1.12 14.30 -43.02
N GLY C 896 1.27 14.66 -41.74
CA GLY C 896 0.14 14.89 -40.88
C GLY C 896 -0.24 13.72 -40.00
N THR C 897 0.47 12.61 -40.08
CA THR C 897 0.21 11.50 -39.17
C THR C 897 0.58 11.92 -37.76
N PRO C 898 -0.33 11.89 -36.80
CA PRO C 898 0.09 12.18 -35.42
C PRO C 898 0.88 11.02 -34.84
N VAL C 899 1.64 11.33 -33.79
CA VAL C 899 2.29 10.32 -32.98
C VAL C 899 1.30 9.86 -31.92
N ASP C 900 1.24 8.55 -31.70
CA ASP C 900 0.28 8.00 -30.75
C ASP C 900 0.86 7.83 -29.35
N ILE C 901 2.15 8.10 -29.16
CA ILE C 901 2.72 8.01 -27.82
C ILE C 901 4.08 8.70 -27.83
N ILE C 902 4.40 9.36 -26.72
CA ILE C 902 5.67 10.05 -26.53
C ILE C 902 6.46 9.27 -25.49
N LEU C 903 7.78 9.39 -25.54
CA LEU C 903 8.65 8.68 -24.61
C LEU C 903 9.82 9.57 -24.21
N ASN C 904 10.24 9.44 -22.96
CA ASN C 904 11.35 10.24 -22.45
C ASN C 904 12.67 9.60 -22.89
N PRO C 905 13.43 10.21 -23.81
CA PRO C 905 14.65 9.54 -24.28
C PRO C 905 15.67 9.30 -23.18
N LEU C 906 15.64 10.11 -22.12
CA LEU C 906 16.61 10.01 -21.04
C LEU C 906 16.72 8.61 -20.47
N ALA C 907 15.71 7.77 -20.68
CA ALA C 907 15.78 6.40 -20.20
C ALA C 907 16.84 5.60 -20.94
N VAL C 908 16.80 5.60 -22.26
CA VAL C 908 17.42 4.48 -23.00
C VAL C 908 18.94 4.48 -22.90
N PRO C 909 19.65 5.61 -22.66
CA PRO C 909 21.08 5.46 -22.37
C PRO C 909 21.34 4.80 -21.03
N SER C 910 20.72 5.35 -19.98
CA SER C 910 21.02 4.90 -18.63
C SER C 910 20.58 3.47 -18.41
N ARG C 911 19.42 3.09 -18.94
CA ARG C 911 18.94 1.72 -18.78
C ARG C 911 19.70 0.73 -19.66
N MET C 912 20.58 1.20 -20.54
CA MET C 912 21.53 0.34 -21.25
C MET C 912 20.79 -0.72 -22.06
N ASN C 913 19.64 -0.34 -22.59
CA ASN C 913 18.75 -1.27 -23.28
C ASN C 913 18.39 -0.71 -24.65
N PRO C 914 19.38 -0.57 -25.53
CA PRO C 914 19.13 0.00 -26.85
C PRO C 914 18.41 -0.94 -27.81
N GLY C 915 17.89 -2.07 -27.36
CA GLY C 915 17.10 -2.91 -28.23
C GLY C 915 15.88 -2.17 -28.77
N GLN C 916 15.29 -1.29 -27.95
CA GLN C 916 14.05 -0.66 -28.36
C GLN C 916 14.24 0.32 -29.50
N VAL C 917 15.42 0.93 -29.62
CA VAL C 917 15.64 1.82 -30.77
C VAL C 917 15.73 1.00 -32.06
N LEU C 918 16.38 -0.17 -32.00
CA LEU C 918 16.33 -1.08 -33.13
C LEU C 918 14.91 -1.46 -33.45
N GLU C 919 14.13 -1.76 -32.41
CA GLU C 919 12.76 -2.21 -32.61
C GLU C 919 11.92 -1.14 -33.29
N ILE C 920 12.02 0.10 -32.82
CA ILE C 920 11.21 1.19 -33.38
C ILE C 920 11.60 1.43 -34.83
N HIS C 921 12.90 1.42 -35.13
CA HIS C 921 13.29 1.59 -36.54
C HIS C 921 12.78 0.45 -37.40
N LEU C 922 12.87 -0.79 -36.90
CA LEU C 922 12.37 -1.91 -37.67
C LEU C 922 10.87 -1.83 -37.84
N GLY C 923 10.17 -1.28 -36.85
CA GLY C 923 8.73 -1.12 -36.98
C GLY C 923 8.34 -0.12 -38.05
N TRP C 924 9.02 1.03 -38.06
CA TRP C 924 8.81 1.97 -39.16
C TRP C 924 9.09 1.28 -40.48
N LEU C 925 10.16 0.50 -40.54
CA LEU C 925 10.49 -0.23 -41.75
C LEU C 925 9.38 -1.19 -42.16
N ALA C 926 8.79 -1.87 -41.19
CA ALA C 926 7.76 -2.85 -41.50
C ALA C 926 6.50 -2.18 -42.00
N SER C 927 6.15 -1.03 -41.43
CA SER C 927 4.92 -0.36 -41.85
C SER C 927 4.99 0.02 -43.32
N ARG C 928 6.12 0.57 -43.77
CA ARG C 928 6.31 0.98 -45.15
C ARG C 928 7.17 -0.07 -45.83
N GLY C 929 6.59 -0.81 -46.76
CA GLY C 929 7.30 -1.88 -47.42
C GLY C 929 8.59 -1.41 -48.08
N TRP C 930 9.40 -2.38 -48.50
CA TRP C 930 10.65 -2.10 -49.19
C TRP C 930 10.79 -3.03 -50.38
N ASP C 931 11.48 -2.54 -51.40
CA ASP C 931 11.81 -3.30 -52.61
C ASP C 931 13.32 -3.30 -52.77
N VAL C 932 13.90 -4.49 -52.92
CA VAL C 932 15.33 -4.65 -53.09
C VAL C 932 15.59 -5.68 -54.18
N SER C 933 16.00 -5.20 -55.36
CA SER C 933 16.23 -6.09 -56.49
C SER C 933 17.40 -5.54 -57.30
N GLY C 934 18.46 -6.33 -57.42
CA GLY C 934 19.60 -5.93 -58.22
C GLY C 934 20.46 -4.85 -57.60
N LEU C 935 20.38 -4.67 -56.28
CA LEU C 935 21.19 -3.64 -55.62
C LEU C 935 22.65 -4.04 -55.49
N ALA C 936 22.95 -5.34 -55.43
CA ALA C 936 24.31 -5.85 -55.36
C ALA C 936 25.02 -5.47 -54.06
N GLU C 937 24.27 -5.01 -53.06
CA GLU C 937 24.85 -4.65 -51.77
C GLU C 937 24.92 -5.87 -50.87
N GLU C 938 25.90 -5.86 -49.96
CA GLU C 938 26.08 -6.99 -49.06
C GLU C 938 24.81 -7.27 -48.27
N TRP C 939 24.22 -6.23 -47.68
CA TRP C 939 22.94 -6.41 -47.00
C TRP C 939 21.84 -6.80 -47.99
N ALA C 940 21.85 -6.20 -49.18
CA ALA C 940 20.88 -6.56 -50.20
C ALA C 940 21.04 -8.03 -50.61
N GLN C 941 22.28 -8.47 -50.78
CA GLN C 941 22.53 -9.87 -51.10
C GLN C 941 22.05 -10.78 -49.98
N ARG C 942 22.27 -10.37 -48.72
CA ARG C 942 21.85 -11.20 -47.60
C ARG C 942 20.34 -11.33 -47.55
N LEU C 943 19.59 -10.24 -47.80
CA LEU C 943 18.14 -10.37 -47.86
C LEU C 943 17.71 -11.21 -49.05
N GLN C 944 18.35 -11.02 -50.21
CA GLN C 944 17.96 -11.77 -51.39
C GLN C 944 18.14 -13.27 -51.18
N VAL C 945 19.25 -13.67 -50.58
CA VAL C 945 19.44 -15.10 -50.31
C VAL C 945 18.47 -15.55 -49.23
N ILE C 946 18.26 -14.74 -48.20
CA ILE C 946 17.25 -15.08 -47.19
C ILE C 946 15.86 -15.06 -47.82
N GLY C 947 15.68 -14.27 -48.88
CA GLY C 947 14.42 -14.19 -49.59
C GLY C 947 13.55 -13.02 -49.18
N ALA C 948 13.89 -12.32 -48.10
CA ALA C 948 13.10 -11.20 -47.61
C ALA C 948 13.42 -9.92 -48.36
N ASP C 949 13.37 -9.97 -49.69
CA ASP C 949 13.78 -8.83 -50.51
C ASP C 949 12.60 -7.93 -50.83
N LYS C 950 11.52 -8.48 -51.39
CA LYS C 950 10.35 -7.72 -51.81
C LYS C 950 9.28 -7.88 -50.73
N VAL C 951 8.96 -6.79 -50.05
CA VAL C 951 8.02 -6.79 -48.94
C VAL C 951 6.98 -5.70 -49.19
N GLU C 952 5.70 -6.07 -49.09
CA GLU C 952 4.63 -5.10 -49.20
C GLU C 952 4.40 -4.41 -47.86
N PRO C 953 3.82 -3.21 -47.86
CA PRO C 953 3.63 -2.49 -46.60
C PRO C 953 2.74 -3.26 -45.64
N GLY C 954 3.11 -3.22 -44.36
CA GLY C 954 2.30 -3.79 -43.31
C GLY C 954 2.51 -5.27 -43.07
N THR C 955 3.15 -5.98 -43.99
CA THR C 955 3.37 -7.41 -43.79
C THR C 955 4.38 -7.64 -42.69
N ASN C 956 4.06 -8.55 -41.78
CA ASN C 956 4.85 -8.71 -40.57
C ASN C 956 6.24 -9.25 -40.89
N VAL C 957 7.11 -9.22 -39.88
CA VAL C 957 8.50 -9.65 -40.00
C VAL C 957 8.88 -10.45 -38.78
N ALA C 958 9.93 -11.24 -38.90
CA ALA C 958 10.46 -12.08 -37.83
C ALA C 958 11.94 -11.80 -37.66
N THR C 959 12.35 -11.61 -36.40
CA THR C 959 13.76 -11.43 -36.02
C THR C 959 14.06 -12.41 -34.90
N PRO C 960 14.52 -13.64 -35.22
CA PRO C 960 14.88 -14.59 -34.16
C PRO C 960 15.78 -13.98 -33.09
N VAL C 961 15.73 -14.54 -31.89
CA VAL C 961 16.23 -13.85 -30.71
C VAL C 961 17.71 -13.53 -30.84
N PHE C 962 18.49 -14.45 -31.42
CA PHE C 962 19.94 -14.27 -31.54
C PHE C 962 20.41 -14.24 -32.97
N ASP C 963 19.52 -14.36 -33.95
CA ASP C 963 19.85 -14.26 -35.37
C ASP C 963 19.05 -13.15 -36.01
N GLY C 964 18.89 -12.04 -35.29
CA GLY C 964 18.07 -10.94 -35.76
C GLY C 964 18.69 -10.16 -36.89
N ALA C 965 18.24 -8.93 -37.07
CA ALA C 965 18.72 -8.06 -38.14
C ALA C 965 19.96 -7.30 -37.68
N ARG C 966 20.95 -7.21 -38.55
CA ARG C 966 22.13 -6.43 -38.25
C ARG C 966 21.88 -4.95 -38.56
N GLU C 967 22.59 -4.09 -37.82
CA GLU C 967 22.43 -2.65 -38.00
C GLU C 967 22.64 -2.22 -39.44
N ASP C 968 23.57 -2.88 -40.14
CA ASP C 968 23.77 -2.59 -41.56
C ASP C 968 22.52 -2.89 -42.35
N GLU C 969 21.84 -4.00 -42.04
CA GLU C 969 20.62 -4.34 -42.73
C GLU C 969 19.56 -3.29 -42.50
N LEU C 970 19.44 -2.82 -41.25
CA LEU C 970 18.48 -1.77 -40.94
C LEU C 970 18.79 -0.51 -41.73
N ALA C 971 20.06 -0.12 -41.79
CA ALA C 971 20.42 1.09 -42.51
C ALA C 971 20.08 0.98 -44.00
N GLY C 972 20.43 -0.15 -44.61
CA GLY C 972 20.15 -0.31 -46.03
C GLY C 972 18.66 -0.31 -46.32
N LEU C 973 17.89 -1.09 -45.55
CA LEU C 973 16.45 -1.12 -45.75
C LEU C 973 15.85 0.27 -45.57
N LEU C 974 16.28 0.99 -44.54
CA LEU C 974 15.81 2.34 -44.32
C LEU C 974 16.10 3.22 -45.52
N GLN C 975 17.30 3.10 -46.08
CA GLN C 975 17.62 3.86 -47.28
C GLN C 975 16.78 3.43 -48.48
N HIS C 976 16.17 2.25 -48.42
CA HIS C 976 15.36 1.74 -49.53
C HIS C 976 13.94 1.42 -49.08
N THR C 977 13.31 2.36 -48.39
CA THR C 977 11.90 2.21 -48.03
C THR C 977 11.00 2.72 -49.14
N ILE C 978 9.85 2.08 -49.28
CA ILE C 978 8.89 2.47 -50.32
C ILE C 978 8.37 3.88 -50.00
N PRO C 979 8.20 4.77 -50.98
CA PRO C 979 7.66 6.10 -50.66
C PRO C 979 6.19 6.02 -50.27
N ASN C 980 5.89 6.47 -49.05
CA ASN C 980 4.51 6.44 -48.57
C ASN C 980 3.62 7.38 -49.37
N ARG C 981 4.12 8.56 -49.74
CA ARG C 981 3.30 9.54 -50.44
C ARG C 981 4.22 10.49 -51.17
N ASP C 982 3.72 11.07 -52.26
CA ASP C 982 4.42 12.10 -53.03
C ASP C 982 5.78 11.63 -53.55
N GLY C 983 6.02 10.32 -53.56
CA GLY C 983 7.30 9.82 -54.01
C GLY C 983 8.48 10.28 -53.19
N GLU C 984 8.29 10.51 -51.89
CA GLU C 984 9.37 10.92 -51.00
C GLU C 984 9.46 9.93 -49.84
N ARG C 985 10.70 9.61 -49.45
CA ARG C 985 10.95 8.88 -48.22
C ARG C 985 10.90 9.85 -47.05
N MET C 986 10.13 9.49 -46.03
CA MET C 986 9.71 10.48 -45.05
C MET C 986 10.62 10.50 -43.84
N VAL C 987 11.40 9.44 -43.63
CA VAL C 987 12.41 9.38 -42.56
C VAL C 987 13.77 9.58 -43.19
N LEU C 988 14.63 10.34 -42.52
CA LEU C 988 15.98 10.56 -43.01
C LEU C 988 16.82 9.30 -42.82
N PRO C 989 17.89 9.14 -43.61
CA PRO C 989 18.76 7.96 -43.44
C PRO C 989 19.24 7.76 -42.00
N SER C 990 19.37 8.84 -41.24
CA SER C 990 19.75 8.73 -39.84
C SER C 990 18.68 8.03 -39.01
N GLY C 991 17.48 7.84 -39.54
CA GLY C 991 16.39 7.33 -38.75
C GLY C 991 15.66 8.39 -37.96
N LYS C 992 15.72 9.63 -38.39
CA LYS C 992 15.08 10.74 -37.71
C LYS C 992 14.33 11.57 -38.75
N ALA C 993 13.19 12.12 -38.34
CA ALA C 993 12.31 12.84 -39.24
C ALA C 993 11.87 14.15 -38.61
N ARG C 994 11.23 14.98 -39.43
CA ARG C 994 10.88 16.34 -39.02
C ARG C 994 9.54 16.33 -38.31
N LEU C 995 9.50 16.90 -37.10
CA LEU C 995 8.30 16.95 -36.28
C LEU C 995 7.84 18.40 -36.21
N PHE C 996 6.56 18.62 -36.48
CA PHE C 996 5.95 19.94 -36.38
C PHE C 996 5.18 20.01 -35.07
N ASP C 997 5.61 20.89 -34.18
CA ASP C 997 4.94 21.04 -32.88
C ASP C 997 3.47 21.35 -33.07
N GLY C 998 2.62 20.59 -32.38
CA GLY C 998 1.19 20.78 -32.54
C GLY C 998 0.71 22.10 -31.99
N ARG C 999 1.26 22.52 -30.84
CA ARG C 999 0.73 23.69 -30.16
C ARG C 999 1.33 24.98 -30.70
N SER C 1000 2.64 24.99 -30.95
CA SER C 1000 3.30 26.20 -31.41
C SER C 1000 3.30 26.30 -32.94
N GLY C 1001 3.49 25.18 -33.63
CA GLY C 1001 3.42 25.14 -35.07
C GLY C 1001 4.76 25.29 -35.74
N GLU C 1002 5.75 25.79 -35.05
CA GLU C 1002 7.08 25.87 -35.62
C GLU C 1002 7.64 24.46 -35.79
N PRO C 1003 8.26 24.14 -36.93
CA PRO C 1003 8.92 22.85 -37.03
C PRO C 1003 10.01 22.73 -35.98
N PHE C 1004 10.14 21.55 -35.41
CA PHE C 1004 11.12 21.38 -34.35
C PHE C 1004 12.53 21.56 -34.92
N PRO C 1005 13.46 22.08 -34.11
CA PRO C 1005 14.73 22.54 -34.69
C PRO C 1005 15.51 21.46 -35.42
N GLU C 1006 15.44 20.22 -34.97
CA GLU C 1006 16.16 19.10 -35.57
C GLU C 1006 15.21 17.93 -35.74
N PRO C 1007 15.54 16.98 -36.61
CA PRO C 1007 14.67 15.81 -36.77
C PRO C 1007 14.60 14.99 -35.50
N ILE C 1008 13.61 14.09 -35.45
CA ILE C 1008 13.36 13.23 -34.31
C ILE C 1008 13.12 11.82 -34.81
N SER C 1009 13.46 10.83 -33.99
CA SER C 1009 13.24 9.43 -34.34
C SER C 1009 11.76 9.07 -34.20
N VAL C 1010 11.25 8.28 -35.14
CA VAL C 1010 9.85 7.89 -35.13
C VAL C 1010 9.70 6.50 -35.73
N GLY C 1011 8.87 5.68 -35.11
CA GLY C 1011 8.60 4.35 -35.62
C GLY C 1011 7.42 3.71 -34.93
N TYR C 1012 7.33 2.38 -35.04
CA TYR C 1012 6.19 1.62 -34.53
C TYR C 1012 6.69 0.57 -33.54
N MET C 1013 6.28 0.69 -32.28
CA MET C 1013 6.68 -0.26 -31.26
C MET C 1013 5.44 -0.87 -30.62
N TYR C 1014 5.54 -2.17 -30.30
CA TYR C 1014 4.47 -2.88 -29.61
C TYR C 1014 4.39 -2.34 -28.18
N ILE C 1015 3.17 -2.23 -27.66
CA ILE C 1015 2.98 -1.78 -26.28
C ILE C 1015 1.93 -2.66 -25.62
N LEU C 1016 2.06 -2.84 -24.31
CA LEU C 1016 1.28 -3.81 -23.55
C LEU C 1016 0.58 -3.12 -22.39
N LYS C 1017 -0.72 -3.34 -22.25
CA LYS C 1017 -1.49 -2.80 -21.14
C LYS C 1017 -1.38 -3.76 -19.96
N LEU C 1018 -0.67 -3.35 -18.92
CA LEU C 1018 -0.49 -4.19 -17.75
C LEU C 1018 -1.74 -4.21 -16.87
N HIS C 1019 -1.74 -5.13 -15.91
CA HIS C 1019 -2.86 -5.36 -15.01
C HIS C 1019 -2.68 -4.68 -13.65
N HIS C 1020 -1.76 -3.73 -13.53
CA HIS C 1020 -1.67 -2.90 -12.34
C HIS C 1020 -2.47 -1.61 -12.54
N LEU C 1021 -3.74 -1.80 -12.86
CA LEU C 1021 -4.59 -0.68 -13.24
C LEU C 1021 -4.92 0.20 -12.04
N VAL C 1022 -5.17 1.48 -12.33
CA VAL C 1022 -5.46 2.44 -11.26
C VAL C 1022 -6.74 2.09 -10.55
N ASP C 1023 -7.78 1.70 -11.30
CA ASP C 1023 -9.08 1.44 -10.70
C ASP C 1023 -8.97 0.44 -9.55
N ASP C 1024 -8.10 -0.55 -9.71
CA ASP C 1024 -7.90 -1.53 -8.65
C ASP C 1024 -7.24 -0.88 -7.43
N LYS C 1025 -6.21 -0.06 -7.67
CA LYS C 1025 -5.39 0.45 -6.57
C LYS C 1025 -6.08 1.56 -5.79
N LEU C 1026 -6.96 2.33 -6.44
CA LEU C 1026 -7.55 3.50 -5.81
C LEU C 1026 -8.33 3.09 -4.56
N HIS C 1027 -8.27 3.94 -3.53
CA HIS C 1027 -8.86 3.59 -2.26
C HIS C 1027 -8.89 4.82 -1.35
N ALA C 1028 -9.86 4.86 -0.44
CA ALA C 1028 -10.02 5.96 0.49
C ALA C 1028 -10.89 5.50 1.66
N ARG C 1029 -10.95 6.32 2.71
CA ARG C 1029 -11.72 5.94 3.88
C ARG C 1029 -11.96 7.14 4.77
N SER C 1030 -13.21 7.55 4.92
CA SER C 1030 -13.57 8.50 5.96
C SER C 1030 -13.50 7.83 7.32
N THR C 1031 -14.34 6.84 7.53
CA THR C 1031 -14.30 5.97 8.69
C THR C 1031 -15.00 4.67 8.31
N GLY C 1032 -14.40 3.55 8.70
CA GLY C 1032 -14.84 2.25 8.24
C GLY C 1032 -14.93 1.25 9.38
N PRO C 1033 -14.99 -0.04 9.05
CA PRO C 1033 -15.08 -1.07 10.09
C PRO C 1033 -13.88 -1.06 11.03
N TYR C 1034 -13.88 -1.97 12.00
CA TYR C 1034 -12.77 -2.05 12.96
C TYR C 1034 -12.50 -3.51 13.35
N SER C 1035 -11.26 -3.85 13.65
CA SER C 1035 -10.93 -5.22 14.10
C SER C 1035 -11.43 -5.51 15.52
N MET C 1036 -11.88 -6.74 15.75
CA MET C 1036 -12.36 -7.11 17.09
C MET C 1036 -11.36 -7.18 18.24
N ILE C 1037 -10.21 -7.82 18.05
CA ILE C 1037 -9.27 -7.99 19.15
C ILE C 1037 -8.70 -6.67 19.59
N THR C 1038 -8.31 -5.84 18.63
CA THR C 1038 -7.82 -4.52 18.93
C THR C 1038 -8.65 -3.66 18.02
N GLN C 1039 -9.20 -2.57 18.54
CA GLN C 1039 -10.12 -1.77 17.73
C GLN C 1039 -9.52 -1.12 16.50
N GLN C 1040 -8.21 -0.91 16.49
CA GLN C 1040 -7.56 -0.35 15.32
C GLN C 1040 -8.17 -0.78 13.95
N PRO C 1041 -8.41 0.17 13.00
CA PRO C 1041 -9.03 -0.25 11.74
C PRO C 1041 -8.27 -1.38 11.07
N LEU C 1042 -9.03 -2.32 10.53
CA LEU C 1042 -8.40 -3.40 9.77
C LEU C 1042 -7.79 -2.85 8.49
N GLY C 1043 -7.09 -3.72 7.77
CA GLY C 1043 -6.49 -3.38 6.51
C GLY C 1043 -7.30 -3.92 5.33
N GLY C 1044 -6.74 -3.73 4.14
CA GLY C 1044 -7.35 -4.24 2.93
C GLY C 1044 -8.25 -3.22 2.26
N LYS C 1045 -8.43 -3.42 0.95
CA LYS C 1045 -9.32 -2.57 0.16
C LYS C 1045 -10.75 -3.07 0.18
N ALA C 1046 -10.94 -4.39 0.31
CA ALA C 1046 -12.28 -4.95 0.23
C ALA C 1046 -13.12 -4.62 1.46
N GLN C 1047 -12.52 -4.03 2.50
CA GLN C 1047 -13.21 -3.80 3.76
C GLN C 1047 -12.99 -2.40 4.30
N PHE C 1048 -12.61 -1.45 3.45
CA PHE C 1048 -12.42 -0.05 3.85
C PHE C 1048 -11.40 0.05 4.99
N GLY C 1049 -10.16 -0.29 4.65
CA GLY C 1049 -9.05 -0.21 5.59
C GLY C 1049 -8.26 1.06 5.37
N GLY C 1050 -7.90 1.71 6.46
CA GLY C 1050 -7.05 2.89 6.37
C GLY C 1050 -5.58 2.50 6.28
N GLN C 1051 -4.79 3.33 5.59
CA GLN C 1051 -3.37 3.03 5.42
C GLN C 1051 -2.63 3.02 6.73
N ARG C 1052 -1.81 2.00 6.94
CA ARG C 1052 -1.06 1.88 8.19
C ARG C 1052 -0.02 2.97 8.35
N PHE C 1053 0.15 3.48 9.56
CA PHE C 1053 1.19 4.45 9.79
C PHE C 1053 2.35 3.66 10.37
N GLY C 1054 3.45 3.59 9.64
CA GLY C 1054 4.61 2.79 10.08
C GLY C 1054 5.48 3.38 11.16
N GLU C 1055 6.36 2.56 11.73
CA GLU C 1055 7.29 3.08 12.72
C GLU C 1055 8.22 4.12 12.09
N MET C 1056 8.76 3.86 10.91
CA MET C 1056 9.59 4.86 10.24
C MET C 1056 8.82 6.16 10.05
N GLU C 1057 7.51 6.04 9.82
CA GLU C 1057 6.71 7.24 9.63
C GLU C 1057 6.74 8.10 10.88
N VAL C 1058 6.53 7.48 12.05
CA VAL C 1058 6.52 8.27 13.28
C VAL C 1058 7.92 8.76 13.59
N TRP C 1059 8.96 8.05 13.16
CA TRP C 1059 10.29 8.63 13.36
C TRP C 1059 10.43 9.92 12.56
N ALA C 1060 9.98 9.92 11.31
CA ALA C 1060 10.05 11.14 10.53
C ALA C 1060 9.26 12.27 11.19
N LEU C 1061 8.05 11.96 11.65
CA LEU C 1061 7.25 13.00 12.30
C LEU C 1061 7.92 13.51 13.58
N GLU C 1062 8.55 12.62 14.34
CA GLU C 1062 9.30 13.07 15.52
C GLU C 1062 10.43 13.99 15.10
N ALA C 1063 11.07 13.69 13.97
CA ALA C 1063 12.14 14.56 13.48
C ALA C 1063 11.61 15.96 13.21
N TYR C 1064 10.44 16.05 12.58
CA TYR C 1064 9.86 17.37 12.33
C TYR C 1064 9.58 18.13 13.62
N GLY C 1065 9.41 17.45 14.74
CA GLY C 1065 9.00 18.11 15.96
C GLY C 1065 7.52 18.38 16.07
N ALA C 1066 6.73 17.97 15.07
CA ALA C 1066 5.29 18.20 15.07
C ALA C 1066 4.63 17.16 15.97
N ALA C 1067 4.69 17.38 17.27
CA ALA C 1067 4.16 16.42 18.23
C ALA C 1067 2.66 16.21 18.10
N TYR C 1068 1.90 17.29 17.92
CA TYR C 1068 0.44 17.18 17.99
C TYR C 1068 -0.11 16.34 16.86
N ALA C 1069 0.44 16.48 15.65
CA ALA C 1069 -0.01 15.65 14.54
C ALA C 1069 0.25 14.18 14.83
N LEU C 1070 1.42 13.86 15.39
CA LEU C 1070 1.68 12.50 15.84
C LEU C 1070 0.62 12.05 16.83
N GLN C 1071 0.31 12.90 17.80
CA GLN C 1071 -0.62 12.51 18.85
C GLN C 1071 -1.97 12.15 18.27
N GLU C 1072 -2.48 12.97 17.36
CA GLU C 1072 -3.79 12.66 16.79
C GLU C 1072 -3.72 11.45 15.87
N LEU C 1073 -2.68 11.36 15.02
CA LEU C 1073 -2.54 10.20 14.15
C LEU C 1073 -2.40 8.91 14.93
N LEU C 1074 -2.01 8.98 16.19
CA LEU C 1074 -1.92 7.80 17.03
C LEU C 1074 -3.17 7.53 17.86
N THR C 1075 -3.90 8.56 18.28
CA THR C 1075 -4.98 8.40 19.24
C THR C 1075 -6.35 8.66 18.64
N ILE C 1076 -6.60 9.84 18.07
CA ILE C 1076 -7.94 10.17 17.62
C ILE C 1076 -8.35 9.32 16.43
N LYS C 1077 -7.51 9.24 15.41
CA LYS C 1077 -7.92 8.66 14.15
C LYS C 1077 -7.93 7.13 14.17
N SER C 1078 -7.58 6.51 15.30
CA SER C 1078 -7.68 5.07 15.47
C SER C 1078 -7.21 4.74 16.88
N ASP C 1079 -7.50 3.52 17.31
CA ASP C 1079 -6.97 2.93 18.54
C ASP C 1079 -7.59 3.52 19.80
N ASP C 1080 -8.60 4.36 19.69
CA ASP C 1080 -9.26 4.98 20.84
C ASP C 1080 -10.75 5.01 20.57
N VAL C 1081 -11.50 4.09 21.16
CA VAL C 1081 -12.92 3.99 20.88
C VAL C 1081 -13.64 5.24 21.35
N THR C 1082 -13.33 5.73 22.55
CA THR C 1082 -14.05 6.86 23.10
C THR C 1082 -13.84 8.14 22.31
N GLY C 1083 -12.73 8.25 21.59
CA GLY C 1083 -12.42 9.48 20.89
C GLY C 1083 -13.01 9.56 19.50
N ARG C 1084 -13.26 8.42 18.86
CA ARG C 1084 -13.70 8.43 17.47
C ARG C 1084 -15.07 9.08 17.33
N VAL C 1085 -16.05 8.62 18.11
CA VAL C 1085 -17.39 9.20 18.02
C VAL C 1085 -17.34 10.67 18.41
N LYS C 1086 -16.52 11.00 19.41
CA LYS C 1086 -16.43 12.38 19.87
C LYS C 1086 -15.91 13.29 18.77
N VAL C 1087 -14.85 12.87 18.08
CA VAL C 1087 -14.30 13.71 17.02
C VAL C 1087 -15.30 13.81 15.87
N TYR C 1088 -16.00 12.71 15.56
CA TYR C 1088 -16.95 12.79 14.46
C TYR C 1088 -18.06 13.77 14.75
N GLU C 1089 -18.63 13.72 15.96
CA GLU C 1089 -19.67 14.69 16.30
C GLU C 1089 -19.09 16.10 16.33
N ALA C 1090 -17.84 16.25 16.78
CA ALA C 1090 -17.24 17.59 16.82
C ALA C 1090 -17.12 18.17 15.42
N ILE C 1091 -16.67 17.37 14.45
CA ILE C 1091 -16.50 17.90 13.09
C ILE C 1091 -17.86 18.22 12.48
N VAL C 1092 -18.83 17.32 12.61
CA VAL C 1092 -20.12 17.60 11.96
C VAL C 1092 -20.79 18.81 12.60
N LYS C 1093 -20.64 18.97 13.92
CA LYS C 1093 -21.23 20.11 14.62
C LYS C 1093 -20.40 21.38 14.47
N GLY C 1094 -19.17 21.29 13.97
CA GLY C 1094 -18.30 22.44 13.89
C GLY C 1094 -17.59 22.78 15.19
N GLU C 1095 -17.90 22.08 16.27
CA GLU C 1095 -17.23 22.29 17.55
C GLU C 1095 -15.76 21.86 17.45
N ASN C 1096 -14.91 22.53 18.23
CA ASN C 1096 -13.49 22.18 18.18
C ASN C 1096 -13.27 20.75 18.67
N ILE C 1097 -12.10 20.22 18.34
CA ILE C 1097 -11.81 18.82 18.67
C ILE C 1097 -11.55 18.69 20.16
N PRO C 1098 -12.03 17.65 20.84
CA PRO C 1098 -11.75 17.51 22.28
C PRO C 1098 -10.39 16.89 22.52
N GLU C 1099 -10.01 16.85 23.78
CA GLU C 1099 -8.69 16.36 24.15
C GLU C 1099 -8.64 14.84 24.02
N PRO C 1100 -7.56 14.25 23.50
CA PRO C 1100 -7.55 12.80 23.27
C PRO C 1100 -7.58 12.01 24.57
N GLY C 1101 -8.15 10.81 24.48
CA GLY C 1101 -8.11 9.85 25.56
C GLY C 1101 -7.04 8.80 25.34
N ILE C 1102 -6.82 7.99 26.37
CA ILE C 1102 -5.76 6.98 26.33
C ILE C 1102 -6.10 5.95 25.26
N PRO C 1103 -5.13 5.40 24.54
CA PRO C 1103 -5.44 4.40 23.52
C PRO C 1103 -5.81 3.07 24.15
N GLU C 1104 -6.59 2.29 23.41
CA GLU C 1104 -7.01 0.98 23.91
C GLU C 1104 -5.86 -0.02 23.94
N SER C 1105 -4.98 0.02 22.95
CA SER C 1105 -3.99 -1.04 22.80
C SER C 1105 -3.07 -1.11 24.00
N PHE C 1106 -2.71 0.04 24.58
CA PHE C 1106 -1.97 0.01 25.83
C PHE C 1106 -2.77 -0.72 26.90
N LYS C 1107 -4.09 -0.56 26.89
CA LYS C 1107 -4.92 -1.24 27.87
C LYS C 1107 -4.90 -2.74 27.65
N VAL C 1108 -4.99 -3.18 26.39
CA VAL C 1108 -4.98 -4.61 26.12
C VAL C 1108 -3.65 -5.20 26.55
N LEU C 1109 -2.58 -4.47 26.25
CA LEU C 1109 -1.23 -4.92 26.61
C LEU C 1109 -1.10 -5.03 28.11
N ILE C 1110 -1.66 -4.06 28.83
CA ILE C 1110 -1.51 -4.07 30.27
C ILE C 1110 -2.19 -5.31 30.85
N LYS C 1111 -3.36 -5.67 30.32
CA LYS C 1111 -4.05 -6.87 30.78
C LYS C 1111 -3.22 -8.10 30.50
N GLU C 1112 -2.60 -8.14 29.33
CA GLU C 1112 -1.78 -9.29 28.97
C GLU C 1112 -0.57 -9.44 29.89
N MET C 1113 0.06 -8.34 30.25
CA MET C 1113 1.19 -8.42 31.15
C MET C 1113 0.72 -8.78 32.55
N GLN C 1114 -0.46 -8.30 32.92
CA GLN C 1114 -1.03 -8.64 34.21
C GLN C 1114 -1.37 -10.12 34.28
N SER C 1115 -1.82 -10.72 33.19
CA SER C 1115 -2.10 -12.14 33.14
C SER C 1115 -0.86 -13.00 33.37
N LEU C 1116 0.33 -12.42 33.24
CA LEU C 1116 1.59 -13.15 33.37
C LEU C 1116 2.26 -12.93 34.72
N CYS C 1117 1.48 -12.57 35.74
CA CYS C 1117 1.98 -12.43 37.11
C CYS C 1117 2.97 -11.29 37.24
N LEU C 1118 2.88 -10.30 36.35
CA LEU C 1118 3.60 -9.04 36.48
C LEU C 1118 2.59 -7.98 36.86
N ASN C 1119 2.69 -7.46 38.08
CA ASN C 1119 1.74 -6.46 38.56
C ASN C 1119 2.08 -5.11 37.94
N VAL C 1120 1.76 -4.97 36.66
CA VAL C 1120 2.01 -3.75 35.92
C VAL C 1120 1.03 -2.69 36.41
N GLU C 1121 1.51 -1.75 37.22
CA GLU C 1121 0.68 -0.75 37.87
C GLU C 1121 1.06 0.63 37.35
N VAL C 1122 0.06 1.37 36.88
CA VAL C 1122 0.21 2.76 36.52
C VAL C 1122 0.08 3.58 37.80
N LEU C 1123 1.13 4.33 38.14
CA LEU C 1123 1.19 5.10 39.37
C LEU C 1123 1.57 6.54 39.07
N SER C 1124 1.04 7.45 39.89
CA SER C 1124 1.33 8.87 39.77
C SER C 1124 2.48 9.25 40.70
N SER C 1125 3.02 10.45 40.47
CA SER C 1125 4.07 10.95 41.36
C SER C 1125 3.56 11.10 42.78
N ASP C 1126 2.34 11.62 42.94
CA ASP C 1126 1.70 11.76 44.24
C ASP C 1126 0.69 10.61 44.39
N GLY C 1127 1.20 9.45 44.78
CA GLY C 1127 0.35 8.30 44.99
C GLY C 1127 -0.21 7.73 43.70
N MET C 1128 -1.41 7.16 43.80
CA MET C 1128 -2.08 6.55 42.66
C MET C 1128 -2.40 7.61 41.61
N SER C 1129 -2.54 7.16 40.36
CA SER C 1129 -2.83 8.03 39.22
C SER C 1129 -4.28 7.86 38.79
N ILE C 1130 -4.79 8.89 38.09
CA ILE C 1130 -6.14 8.87 37.54
C ILE C 1130 -6.06 8.58 36.04
N GLU C 1131 -6.92 7.69 35.58
CA GLU C 1131 -6.94 7.27 34.17
C GLU C 1131 -8.33 7.47 33.57
N PHE D 7 -0.46 9.47 34.36
CA PHE D 7 0.72 8.72 33.80
C PHE D 7 2.02 9.37 34.23
N ASP D 8 2.66 8.77 35.23
CA ASP D 8 3.96 9.22 35.73
C ASP D 8 5.00 8.12 35.78
N GLU D 9 4.61 6.90 36.16
CA GLU D 9 5.54 5.77 36.14
C GLU D 9 4.75 4.48 36.01
N LEU D 10 5.31 3.52 35.26
CA LEU D 10 4.75 2.18 35.15
C LEU D 10 5.60 1.22 35.98
N ARG D 11 5.30 1.16 37.28
CA ARG D 11 5.98 0.22 38.14
C ARG D 11 5.57 -1.21 37.78
N ILE D 12 6.55 -2.08 37.57
CA ILE D 12 6.32 -3.48 37.26
C ILE D 12 7.13 -4.33 38.23
N GLY D 13 6.62 -5.52 38.54
CA GLY D 13 7.31 -6.37 39.50
C GLY D 13 6.58 -7.68 39.68
N LEU D 14 7.03 -8.43 40.68
CA LEU D 14 6.45 -9.74 40.98
C LEU D 14 5.03 -9.58 41.47
N ALA D 15 4.11 -10.32 40.87
CA ALA D 15 2.72 -10.34 41.29
C ALA D 15 2.51 -11.55 42.20
N THR D 16 2.27 -11.29 43.47
CA THR D 16 2.06 -12.37 44.42
C THR D 16 0.67 -12.98 44.24
N ALA D 17 0.49 -14.15 44.86
CA ALA D 17 -0.80 -14.84 44.75
C ALA D 17 -1.93 -13.98 45.28
N ASP D 18 -1.68 -13.24 46.36
CA ASP D 18 -2.70 -12.34 46.88
C ASP D 18 -3.11 -11.32 45.83
N ASP D 19 -2.14 -10.81 45.07
CA ASP D 19 -2.47 -9.84 44.03
C ASP D 19 -3.36 -10.47 42.96
N ILE D 20 -3.05 -11.70 42.55
CA ILE D 20 -3.84 -12.34 41.51
C ILE D 20 -5.26 -12.59 42.03
N ARG D 21 -5.38 -13.01 43.29
CA ARG D 21 -6.70 -13.18 43.86
C ARG D 21 -7.45 -11.84 43.90
N GLN D 22 -6.74 -10.77 44.25
CA GLN D 22 -7.38 -9.46 44.34
C GLN D 22 -7.90 -9.02 42.98
N TRP D 23 -7.11 -9.22 41.92
CA TRP D 23 -7.58 -8.89 40.59
C TRP D 23 -8.82 -9.72 40.23
N SER D 24 -8.80 -11.01 40.56
CA SER D 24 -9.89 -11.88 40.21
C SER D 24 -11.17 -11.43 40.89
N HIS D 25 -12.24 -11.33 40.09
CA HIS D 25 -13.58 -11.07 40.60
C HIS D 25 -14.30 -12.36 40.97
N GLY D 26 -13.63 -13.51 40.82
CA GLY D 26 -14.23 -14.80 41.03
C GLY D 26 -13.23 -15.91 40.75
N GLU D 27 -13.65 -16.94 40.03
CA GLU D 27 -12.75 -17.99 39.59
C GLU D 27 -13.43 -18.84 38.53
N VAL D 28 -12.67 -19.75 37.93
CA VAL D 28 -13.15 -20.63 36.87
C VAL D 28 -13.00 -22.05 37.36
N LYS D 29 -13.97 -22.92 37.00
CA LYS D 29 -14.00 -24.30 37.47
C LYS D 29 -14.17 -25.34 36.38
N LYS D 30 -14.54 -24.94 35.18
CA LYS D 30 -14.88 -25.89 34.12
C LYS D 30 -14.13 -25.52 32.86
N PRO D 31 -14.00 -26.44 31.92
CA PRO D 31 -13.55 -26.08 30.57
C PRO D 31 -14.66 -25.68 29.61
N GLU D 32 -15.89 -25.54 30.12
CA GLU D 32 -17.01 -25.19 29.26
C GLU D 32 -16.84 -23.78 28.71
N THR D 33 -17.21 -23.61 27.45
CA THR D 33 -17.13 -22.32 26.76
C THR D 33 -18.51 -21.78 26.42
N ILE D 34 -19.30 -22.53 25.66
CA ILE D 34 -20.65 -22.12 25.28
C ILE D 34 -21.47 -23.37 25.02
N ASN D 35 -22.79 -23.21 25.02
CA ASN D 35 -23.66 -24.31 24.64
C ASN D 35 -23.74 -24.44 23.12
N TYR D 36 -23.69 -25.68 22.64
CA TYR D 36 -23.71 -25.93 21.20
C TYR D 36 -25.00 -25.41 20.59
N ARG D 37 -26.09 -25.40 21.34
CA ARG D 37 -27.42 -25.07 20.83
C ARG D 37 -27.81 -23.62 21.11
N THR D 38 -27.75 -23.20 22.37
CA THR D 38 -28.07 -21.80 22.68
C THR D 38 -26.96 -20.85 22.28
N LEU D 39 -25.75 -21.37 22.01
CA LEU D 39 -24.61 -20.54 21.63
C LEU D 39 -24.30 -19.49 22.69
N LYS D 40 -24.71 -19.75 23.93
CA LYS D 40 -24.59 -18.81 25.02
C LYS D 40 -23.54 -19.29 26.01
N PRO D 41 -22.95 -18.39 26.80
CA PRO D 41 -21.93 -18.83 27.76
C PRO D 41 -22.48 -19.76 28.80
N GLU D 42 -21.67 -20.73 29.20
CA GLU D 42 -22.02 -21.65 30.27
C GLU D 42 -21.73 -20.99 31.62
N LYS D 43 -21.82 -21.76 32.69
CA LYS D 43 -21.69 -21.25 34.05
C LYS D 43 -20.35 -21.66 34.63
N ASP D 44 -19.68 -20.71 35.28
CA ASP D 44 -18.45 -20.98 36.04
C ASP D 44 -17.33 -21.54 35.17
N GLY D 45 -17.39 -21.30 33.86
CA GLY D 45 -16.35 -21.72 32.95
C GLY D 45 -15.75 -20.56 32.20
N LEU D 46 -15.06 -20.84 31.10
CA LEU D 46 -14.58 -19.77 30.25
C LEU D 46 -15.76 -19.06 29.59
N PHE D 47 -15.61 -17.76 29.38
CA PHE D 47 -16.68 -16.88 28.93
C PHE D 47 -17.83 -16.82 29.93
N CYS D 48 -17.60 -17.17 31.20
CA CYS D 48 -18.66 -17.14 32.19
C CYS D 48 -19.03 -15.70 32.52
N GLU D 49 -20.25 -15.32 32.12
CA GLU D 49 -20.72 -13.96 32.37
C GLU D 49 -20.80 -13.62 33.85
N LYS D 50 -21.02 -14.61 34.72
CA LYS D 50 -21.16 -14.31 36.14
C LYS D 50 -19.90 -13.73 36.74
N ILE D 51 -18.73 -14.01 36.15
CA ILE D 51 -17.46 -13.50 36.63
C ILE D 51 -16.94 -12.38 35.74
N PHE D 52 -17.16 -12.48 34.44
CA PHE D 52 -16.60 -11.50 33.50
C PHE D 52 -17.61 -10.40 33.18
N GLY D 53 -18.77 -10.77 32.63
CA GLY D 53 -19.81 -9.80 32.40
C GLY D 53 -20.82 -10.26 31.36
N PRO D 54 -21.92 -9.51 31.25
CA PRO D 54 -22.96 -9.87 30.28
C PRO D 54 -22.48 -9.69 28.85
N THR D 55 -22.82 -10.68 28.02
CA THR D 55 -22.44 -10.60 26.61
C THR D 55 -23.10 -9.40 25.93
N ARG D 56 -24.39 -9.20 26.18
CA ARG D 56 -25.14 -8.11 25.60
C ARG D 56 -25.27 -6.98 26.60
N ASP D 57 -25.33 -5.75 26.09
CA ASP D 57 -25.30 -4.57 26.94
C ASP D 57 -26.49 -4.57 27.91
N TRP D 58 -26.18 -4.59 29.21
CA TRP D 58 -27.16 -4.55 30.28
C TRP D 58 -28.14 -5.71 30.24
N GLU D 59 -27.83 -6.76 29.49
CA GLU D 59 -28.71 -7.92 29.33
C GLU D 59 -28.12 -9.08 30.12
N CYS D 60 -28.90 -9.61 31.06
CA CYS D 60 -28.43 -10.71 31.89
C CYS D 60 -28.70 -12.03 31.16
N TYR D 61 -28.26 -13.13 31.77
CA TYR D 61 -28.29 -14.45 31.12
C TYR D 61 -29.64 -15.15 31.23
N CYS D 62 -30.41 -14.87 32.27
CA CYS D 62 -31.50 -15.75 32.68
C CYS D 62 -32.87 -15.29 32.20
N GLY D 63 -32.91 -14.20 31.44
CA GLY D 63 -34.18 -13.65 30.98
C GLY D 63 -34.78 -12.65 31.95
N LYS D 64 -34.33 -12.63 33.21
CA LYS D 64 -34.95 -11.76 34.21
C LYS D 64 -34.85 -10.26 33.93
N TYR D 65 -33.67 -9.79 33.56
CA TYR D 65 -33.49 -8.37 33.27
C TYR D 65 -32.87 -8.12 31.90
N LYS D 66 -33.56 -7.38 31.04
CA LYS D 66 -32.99 -7.03 29.74
C LYS D 66 -32.91 -5.54 29.45
N ARG D 67 -33.11 -4.69 30.46
CA ARG D 67 -33.14 -3.25 30.19
C ARG D 67 -31.97 -2.43 30.71
N VAL D 68 -31.78 -1.24 30.14
CA VAL D 68 -30.67 -0.37 30.50
C VAL D 68 -30.99 0.49 31.72
N ARG D 69 -32.27 0.77 31.96
CA ARG D 69 -32.68 1.69 33.01
C ARG D 69 -32.05 1.32 34.35
N PHE D 70 -32.34 0.11 34.80
CA PHE D 70 -31.93 -0.36 36.13
C PHE D 70 -30.54 -1.00 36.07
N LYS D 71 -29.59 -0.24 35.53
CA LYS D 71 -28.22 -0.70 35.45
C LYS D 71 -27.58 -0.65 36.83
N GLY D 72 -26.42 -1.31 36.95
CA GLY D 72 -25.67 -1.26 38.18
C GLY D 72 -26.17 -2.16 39.28
N ILE D 73 -26.83 -3.26 38.94
CA ILE D 73 -27.39 -4.19 39.92
C ILE D 73 -27.05 -5.61 39.50
N ILE D 74 -27.21 -6.53 40.45
CA ILE D 74 -26.97 -7.95 40.24
C ILE D 74 -28.29 -8.68 40.48
N CYS D 75 -28.70 -9.50 39.50
CA CYS D 75 -29.90 -10.31 39.67
C CYS D 75 -29.51 -11.64 40.28
N GLU D 76 -30.20 -12.03 41.35
CA GLU D 76 -29.83 -13.23 42.10
C GLU D 76 -30.02 -14.50 41.29
N ARG D 77 -30.73 -14.45 40.17
CA ARG D 77 -30.94 -15.64 39.36
C ARG D 77 -29.63 -16.15 38.77
N CYS D 78 -29.00 -15.35 37.91
CA CYS D 78 -27.72 -15.70 37.32
C CYS D 78 -26.57 -14.85 37.83
N GLY D 79 -26.81 -13.93 38.75
CA GLY D 79 -25.74 -13.15 39.35
C GLY D 79 -25.04 -12.20 38.41
N VAL D 80 -25.56 -12.01 37.20
CA VAL D 80 -24.91 -11.14 36.23
C VAL D 80 -25.14 -9.69 36.62
N GLU D 81 -24.07 -8.91 36.70
CA GLU D 81 -24.15 -7.49 37.00
C GLU D 81 -24.41 -6.73 35.72
N VAL D 82 -25.62 -6.19 35.56
CA VAL D 82 -25.98 -5.50 34.33
C VAL D 82 -25.12 -4.26 34.17
N THR D 83 -24.51 -4.11 33.00
CA THR D 83 -23.64 -2.99 32.69
C THR D 83 -23.38 -3.03 31.19
N ARG D 84 -22.44 -2.21 30.73
CA ARG D 84 -22.02 -2.25 29.33
C ARG D 84 -21.18 -3.50 29.07
N ALA D 85 -21.32 -4.04 27.85
CA ALA D 85 -20.54 -5.22 27.48
C ALA D 85 -19.04 -4.96 27.56
N LYS D 86 -18.62 -3.70 27.43
CA LYS D 86 -17.19 -3.39 27.42
C LYS D 86 -16.49 -3.83 28.70
N VAL D 87 -17.23 -4.02 29.79
CA VAL D 87 -16.61 -4.47 31.04
C VAL D 87 -15.96 -5.83 30.86
N ARG D 88 -16.49 -6.66 29.96
CA ARG D 88 -15.86 -7.94 29.68
C ARG D 88 -14.43 -7.76 29.18
N ARG D 89 -14.18 -6.67 28.45
CA ARG D 89 -12.82 -6.40 27.98
C ARG D 89 -11.86 -6.11 29.12
N GLU D 90 -12.36 -5.73 30.30
CA GLU D 90 -11.52 -5.37 31.43
C GLU D 90 -11.47 -6.44 32.49
N ARG D 91 -12.61 -7.00 32.88
CA ARG D 91 -12.66 -7.94 33.99
C ARG D 91 -11.85 -9.19 33.68
N MET D 92 -11.24 -9.77 34.72
CA MET D 92 -10.51 -11.02 34.59
C MET D 92 -10.68 -11.85 35.85
N GLY D 93 -10.66 -13.18 35.65
CA GLY D 93 -10.73 -14.12 36.73
C GLY D 93 -9.40 -14.83 36.97
N HIS D 94 -9.47 -15.99 37.61
CA HIS D 94 -8.27 -16.75 37.89
C HIS D 94 -8.61 -18.23 38.06
N ILE D 95 -7.58 -19.06 37.95
CA ILE D 95 -7.66 -20.50 38.10
C ILE D 95 -6.80 -20.89 39.29
N GLU D 96 -7.33 -21.76 40.15
CA GLU D 96 -6.62 -22.26 41.30
C GLU D 96 -6.03 -23.63 40.99
N LEU D 97 -4.71 -23.75 41.15
CA LEU D 97 -4.02 -25.02 40.99
C LEU D 97 -3.82 -25.65 42.37
N ALA D 98 -4.28 -26.90 42.50
CA ALA D 98 -4.07 -27.61 43.77
C ALA D 98 -2.59 -27.86 44.02
N ALA D 99 -1.85 -28.24 42.98
CA ALA D 99 -0.43 -28.54 43.06
C ALA D 99 0.39 -27.37 42.51
N PRO D 100 1.24 -26.74 43.31
CA PRO D 100 1.94 -25.54 42.82
C PRO D 100 2.87 -25.85 41.67
N VAL D 101 3.15 -24.82 40.88
CA VAL D 101 4.08 -24.90 39.75
C VAL D 101 4.95 -23.65 39.77
N THR D 102 6.08 -23.72 39.07
CA THR D 102 7.00 -22.61 38.96
C THR D 102 6.85 -21.94 37.60
N HIS D 103 7.18 -20.66 37.53
CA HIS D 103 6.85 -19.85 36.37
C HIS D 103 7.99 -19.94 35.37
N ILE D 104 7.65 -20.25 34.10
CA ILE D 104 8.65 -20.66 33.12
C ILE D 104 9.73 -19.61 32.92
N TRP D 105 9.36 -18.32 32.89
CA TRP D 105 10.31 -17.29 32.45
C TRP D 105 11.55 -17.25 33.32
N TYR D 106 11.37 -17.16 34.65
CA TYR D 106 12.52 -16.95 35.51
C TYR D 106 13.54 -18.06 35.38
N PHE D 107 13.09 -19.28 35.12
CA PHE D 107 13.97 -20.43 34.98
C PHE D 107 14.10 -20.78 33.51
N LYS D 108 14.91 -21.80 33.22
CA LYS D 108 15.12 -22.28 31.86
C LYS D 108 15.57 -21.15 30.94
N GLY D 109 16.55 -20.37 31.42
CA GLY D 109 17.05 -19.25 30.63
C GLY D 109 18.47 -18.87 30.98
N VAL D 110 18.84 -17.63 30.69
CA VAL D 110 20.16 -17.13 31.00
C VAL D 110 20.29 -17.07 32.51
N PRO D 111 21.50 -17.06 33.07
CA PRO D 111 21.64 -17.03 34.53
C PRO D 111 21.40 -15.68 35.17
N SER D 112 21.13 -14.63 34.39
CA SER D 112 20.76 -13.34 34.95
C SER D 112 19.35 -13.33 35.51
N ARG D 113 18.39 -13.91 34.79
CA ARG D 113 17.02 -14.03 35.27
C ARG D 113 16.86 -15.15 36.28
N LEU D 114 17.41 -16.33 36.00
CA LEU D 114 17.46 -17.38 37.01
C LEU D 114 18.27 -16.92 38.22
N GLY D 115 19.41 -16.28 37.97
CA GLY D 115 20.15 -15.62 39.01
C GLY D 115 20.89 -16.53 39.96
N TYR D 116 20.84 -17.85 39.75
CA TYR D 116 21.41 -18.81 40.68
C TYR D 116 20.85 -18.59 42.09
N LEU D 117 19.58 -18.17 42.17
CA LEU D 117 19.00 -17.80 43.46
C LEU D 117 19.12 -18.93 44.47
N LEU D 118 19.04 -20.16 43.99
CA LEU D 118 19.46 -21.34 44.74
C LEU D 118 20.70 -21.89 44.05
N ASP D 119 21.74 -22.15 44.83
CA ASP D 119 23.03 -22.52 44.25
C ASP D 119 22.97 -23.94 43.70
N LEU D 120 22.20 -24.13 42.64
CA LEU D 120 22.00 -25.42 42.01
C LEU D 120 22.10 -25.26 40.50
N ALA D 121 22.72 -26.23 39.85
CA ALA D 121 22.90 -26.16 38.41
C ALA D 121 21.54 -26.20 37.71
N PRO D 122 21.47 -25.70 36.47
CA PRO D 122 20.19 -25.79 35.74
C PRO D 122 19.72 -27.22 35.57
N LYS D 123 20.63 -28.18 35.47
CA LYS D 123 20.23 -29.58 35.38
C LYS D 123 19.48 -30.01 36.63
N ASP D 124 19.93 -29.53 37.80
CA ASP D 124 19.23 -29.86 39.05
C ASP D 124 17.78 -29.43 38.99
N LEU D 125 17.55 -28.17 38.60
CA LEU D 125 16.19 -27.66 38.55
C LEU D 125 15.37 -28.40 37.50
N GLU D 126 15.97 -28.65 36.34
CA GLU D 126 15.26 -29.34 35.28
C GLU D 126 14.82 -30.72 35.72
N LYS D 127 15.66 -31.42 36.48
CA LYS D 127 15.35 -32.77 36.93
C LYS D 127 14.52 -32.80 38.19
N VAL D 128 14.30 -31.66 38.83
CA VAL D 128 13.42 -31.64 40.01
C VAL D 128 12.01 -31.13 39.73
N ILE D 129 11.91 -29.94 39.14
CA ILE D 129 10.60 -29.36 38.84
C ILE D 129 9.80 -30.34 38.02
N TYR D 130 10.26 -30.62 36.81
CA TYR D 130 9.60 -31.66 36.03
C TYR D 130 9.93 -32.85 36.87
N PHE D 131 8.94 -33.69 37.14
CA PHE D 131 9.19 -34.76 38.09
C PHE D 131 10.23 -35.77 37.64
N ALA D 132 11.22 -36.02 38.50
CA ALA D 132 12.31 -36.94 38.17
C ALA D 132 13.25 -37.14 39.37
N ALA D 133 13.81 -36.06 39.93
CA ALA D 133 14.69 -36.28 41.12
C ALA D 133 14.32 -35.54 42.40
N TYR D 134 14.57 -36.15 43.56
CA TYR D 134 14.14 -35.55 44.84
C TYR D 134 14.97 -34.43 45.46
N MET D 135 14.37 -33.69 46.39
CA MET D 135 15.10 -32.65 47.11
C MET D 135 15.00 -32.89 48.61
N ILE D 136 16.05 -32.46 49.30
CA ILE D 136 16.10 -32.44 50.75
C ILE D 136 15.83 -30.99 51.14
N THR D 137 14.56 -30.68 51.39
CA THR D 137 14.19 -29.30 51.69
C THR D 137 14.80 -28.82 53.01
N PHE D 138 14.75 -29.63 54.06
CA PHE D 138 15.19 -29.20 55.38
C PHE D 138 15.64 -30.40 56.18
N VAL D 139 16.67 -30.21 57.00
CA VAL D 139 17.21 -31.27 57.85
C VAL D 139 17.42 -30.70 59.25
N ASP D 140 17.06 -31.49 60.26
CA ASP D 140 17.36 -31.15 61.66
C ASP D 140 18.76 -31.64 62.00
N GLU D 141 19.75 -31.03 61.33
CA GLU D 141 21.13 -31.49 61.48
C GLU D 141 21.61 -31.30 62.91
N GLU D 142 21.11 -30.27 63.60
CA GLU D 142 21.42 -30.14 65.02
C GLU D 142 20.86 -31.34 65.80
N ARG D 143 19.64 -31.76 65.47
CA ARG D 143 19.05 -32.93 66.13
C ARG D 143 19.84 -34.18 65.81
N ARG D 144 20.23 -34.36 64.54
CA ARG D 144 21.00 -35.54 64.16
C ARG D 144 22.35 -35.55 64.86
N THR D 145 23.00 -34.40 64.96
CA THR D 145 24.28 -34.31 65.65
C THR D 145 24.14 -34.55 67.13
N ARG D 146 23.00 -34.18 67.72
CA ARG D 146 22.82 -34.35 69.16
C ARG D 146 22.80 -35.82 69.55
N ASP D 147 22.15 -36.66 68.75
CA ASP D 147 21.92 -38.06 69.09
C ASP D 147 22.84 -39.01 68.34
N LEU D 148 24.02 -38.55 67.94
CA LEU D 148 24.96 -39.41 67.23
C LEU D 148 25.37 -40.64 68.02
N PRO D 149 25.77 -40.55 69.29
CA PRO D 149 26.23 -41.78 69.97
C PRO D 149 25.16 -42.87 70.02
N SER D 150 23.89 -42.49 70.25
CA SER D 150 22.83 -43.49 70.34
C SER D 150 22.65 -44.22 69.00
N LEU D 151 22.47 -43.47 67.92
CA LEU D 151 22.26 -44.08 66.61
C LEU D 151 23.49 -44.86 66.17
N GLU D 152 24.68 -44.37 66.51
CA GLU D 152 25.89 -45.11 66.20
C GLU D 152 25.91 -46.44 66.94
N ALA D 153 25.47 -46.44 68.20
CA ALA D 153 25.40 -47.69 68.96
C ALA D 153 24.38 -48.64 68.36
N HIS D 154 23.22 -48.12 67.93
CA HIS D 154 22.24 -48.98 67.27
C HIS D 154 22.82 -49.60 66.00
N VAL D 155 23.52 -48.80 65.20
CA VAL D 155 24.13 -49.33 63.98
C VAL D 155 25.18 -50.38 64.33
N SER D 156 25.98 -50.13 65.37
CA SER D 156 26.99 -51.10 65.77
C SER D 156 26.35 -52.42 66.19
N VAL D 157 25.26 -52.35 66.95
CA VAL D 157 24.57 -53.57 67.37
C VAL D 157 23.98 -54.28 66.16
N GLU D 158 23.48 -53.51 65.19
CA GLU D 158 22.94 -54.09 63.98
C GLU D 158 24.03 -54.85 63.22
N ARG D 159 25.21 -54.25 63.09
CA ARG D 159 26.31 -54.94 62.43
C ARG D 159 26.73 -56.17 63.21
N GLN D 160 26.73 -56.07 64.55
CA GLN D 160 27.12 -57.21 65.38
C GLN D 160 26.18 -58.39 65.16
N GLN D 161 24.88 -58.14 65.19
CA GLN D 161 23.93 -59.24 64.97
C GLN D 161 23.97 -59.72 63.52
N ILE D 162 24.24 -58.83 62.57
CA ILE D 162 24.38 -59.24 61.17
C ILE D 162 25.54 -60.22 61.04
N GLU D 163 26.67 -59.90 61.68
CA GLU D 163 27.82 -60.79 61.63
C GLU D 163 27.56 -62.08 62.39
N GLN D 164 26.83 -62.01 63.49
CA GLN D 164 26.51 -63.22 64.25
C GLN D 164 25.67 -64.18 63.42
N ARG D 165 24.59 -63.67 62.81
CA ARG D 165 23.76 -64.54 61.99
C ARG D 165 24.50 -64.97 60.73
N ARG D 166 25.42 -64.15 60.21
CA ARG D 166 26.23 -64.58 59.08
C ARG D 166 27.14 -65.73 59.47
N ASP D 167 27.74 -65.66 60.67
CA ASP D 167 28.57 -66.77 61.14
C ASP D 167 27.74 -68.03 61.33
N SER D 168 26.53 -67.88 61.86
CA SER D 168 25.63 -69.03 61.97
C SER D 168 25.32 -69.62 60.60
N ASP D 169 25.09 -68.77 59.61
CA ASP D 169 24.82 -69.25 58.26
C ASP D 169 26.03 -69.97 57.69
N LEU D 170 27.23 -69.45 57.92
CA LEU D 170 28.44 -70.12 57.46
C LEU D 170 28.59 -71.50 58.12
N GLU D 171 28.31 -71.57 59.42
CA GLU D 171 28.37 -72.85 60.11
C GLU D 171 27.37 -73.84 59.53
N ALA D 172 26.14 -73.38 59.27
CA ALA D 172 25.14 -74.25 58.67
C ALA D 172 25.58 -74.69 57.28
N ARG D 173 26.20 -73.79 56.52
CA ARG D 173 26.71 -74.13 55.20
C ARG D 173 27.75 -75.24 55.29
N ALA D 174 28.70 -75.09 56.22
CA ALA D 174 29.75 -76.10 56.36
C ALA D 174 29.17 -77.43 56.79
N LYS D 175 28.23 -77.43 57.74
CA LYS D 175 27.61 -78.68 58.18
C LYS D 175 26.86 -79.34 57.04
N LYS D 176 26.11 -78.56 56.25
CA LYS D 176 25.38 -79.11 55.12
C LYS D 176 26.35 -79.72 54.10
N LEU D 177 27.42 -79.01 53.79
CA LEU D 177 28.39 -79.52 52.82
C LEU D 177 28.99 -80.84 53.29
N GLU D 178 29.46 -80.87 54.54
CA GLU D 178 30.07 -82.08 55.06
C GLU D 178 29.07 -83.22 55.11
N THR D 179 27.84 -82.95 55.54
CA THR D 179 26.84 -84.00 55.66
C THR D 179 26.50 -84.60 54.31
N ASP D 180 26.26 -83.74 53.30
CA ASP D 180 25.93 -84.26 51.98
C ASP D 180 27.11 -85.02 51.39
N LEU D 181 28.33 -84.51 51.55
CA LEU D 181 29.50 -85.22 51.04
C LEU D 181 29.59 -86.60 51.67
N ALA D 182 29.51 -86.66 53.00
CA ALA D 182 29.65 -87.94 53.70
C ALA D 182 28.56 -88.92 53.30
N GLU D 183 27.31 -88.45 53.23
CA GLU D 183 26.21 -89.37 52.97
C GLU D 183 26.22 -89.86 51.54
N LEU D 184 26.58 -89.00 50.58
CA LEU D 184 26.67 -89.48 49.20
C LEU D 184 27.86 -90.40 48.99
N GLU D 185 29.03 -90.10 49.59
CA GLU D 185 30.15 -91.01 49.42
C GLU D 185 29.89 -92.35 50.09
N ALA D 186 29.15 -92.35 51.20
CA ALA D 186 28.71 -93.61 51.79
C ALA D 186 27.74 -94.33 50.87
N GLU D 187 26.83 -93.59 50.24
CA GLU D 187 25.87 -94.21 49.33
C GLU D 187 26.57 -94.88 48.15
N GLY D 188 27.49 -94.15 47.52
CA GLY D 188 28.20 -94.71 46.38
C GLY D 188 27.32 -95.08 45.22
N ALA D 189 26.32 -94.24 44.91
CA ALA D 189 25.43 -94.53 43.79
C ALA D 189 26.19 -94.57 42.47
N LYS D 190 27.13 -93.64 42.28
CA LYS D 190 27.99 -93.63 41.11
C LYS D 190 29.43 -93.44 41.59
N ALA D 191 30.34 -93.24 40.64
CA ALA D 191 31.76 -93.17 41.00
C ALA D 191 32.07 -91.97 41.86
N ASP D 192 31.54 -90.79 41.51
CA ASP D 192 31.97 -89.52 42.12
C ASP D 192 30.78 -88.64 42.44
N VAL D 193 29.76 -89.22 43.09
CA VAL D 193 28.60 -88.43 43.50
C VAL D 193 29.01 -87.36 44.51
N ARG D 194 29.93 -87.71 45.42
CA ARG D 194 30.31 -86.80 46.49
C ARG D 194 30.94 -85.53 45.93
N ARG D 195 31.74 -85.65 44.88
CA ARG D 195 32.36 -84.47 44.29
C ARG D 195 31.32 -83.55 43.67
N LYS D 196 30.32 -84.11 42.99
CA LYS D 196 29.29 -83.29 42.37
C LYS D 196 28.46 -82.56 43.42
N VAL D 197 28.06 -83.27 44.49
CA VAL D 197 27.26 -82.61 45.51
C VAL D 197 28.09 -81.56 46.24
N ARG D 198 29.38 -81.82 46.44
CA ARG D 198 30.24 -80.81 47.06
C ARG D 198 30.38 -79.59 46.17
N GLU D 199 30.48 -79.79 44.85
CA GLU D 199 30.53 -78.66 43.93
C GLU D 199 29.25 -77.83 44.02
N GLY D 200 28.09 -78.49 44.06
CA GLY D 200 26.85 -77.77 44.24
C GLY D 200 26.80 -77.01 45.55
N ALA D 201 27.28 -77.64 46.63
CA ALA D 201 27.26 -76.99 47.93
C ALA D 201 28.15 -75.75 47.96
N GLU D 202 29.35 -75.84 47.40
CA GLU D 202 30.24 -74.67 47.40
C GLU D 202 29.71 -73.58 46.48
N ARG D 203 29.05 -73.95 45.38
CA ARG D 203 28.40 -72.92 44.55
C ARG D 203 27.31 -72.21 45.35
N GLU D 204 26.52 -72.96 46.11
CA GLU D 204 25.51 -72.35 46.97
C GLU D 204 26.15 -71.43 48.00
N MET D 205 27.28 -71.85 48.57
CA MET D 205 27.98 -71.02 49.54
C MET D 205 28.45 -69.72 48.91
N LYS D 206 28.99 -69.79 47.69
CA LYS D 206 29.41 -68.58 46.99
C LYS D 206 28.23 -67.65 46.74
N GLN D 207 27.09 -68.21 46.33
CA GLN D 207 25.91 -67.37 46.10
C GLN D 207 25.45 -66.70 47.40
N LEU D 208 25.46 -67.45 48.50
CA LEU D 208 25.06 -66.87 49.78
C LEU D 208 26.03 -65.78 50.20
N ARG D 209 27.32 -65.96 49.93
CA ARG D 209 28.29 -64.89 50.16
C ARG D 209 27.99 -63.68 49.29
N ASP D 210 27.54 -63.90 48.06
CA ASP D 210 27.20 -62.79 47.17
C ASP D 210 26.07 -61.96 47.76
N ARG D 211 25.02 -62.62 48.26
CA ARG D 211 23.94 -61.85 48.87
C ARG D 211 24.40 -61.19 50.16
N ALA D 212 25.29 -61.86 50.91
CA ALA D 212 25.86 -61.24 52.11
C ALA D 212 26.56 -59.92 51.77
N GLN D 213 27.41 -59.93 50.75
CA GLN D 213 28.13 -58.72 50.42
C GLN D 213 27.21 -57.67 49.83
N ARG D 214 26.17 -58.06 49.08
CA ARG D 214 25.28 -57.05 48.52
C ARG D 214 24.50 -56.35 49.62
N GLU D 215 24.00 -57.11 50.61
CA GLU D 215 23.28 -56.46 51.70
C GLU D 215 24.24 -55.64 52.57
N ILE D 216 25.47 -56.10 52.76
CA ILE D 216 26.45 -55.29 53.50
C ILE D 216 26.69 -53.98 52.79
N ASP D 217 26.84 -54.02 51.46
CA ASP D 217 27.04 -52.80 50.69
C ASP D 217 25.83 -51.88 50.80
N ARG D 218 24.63 -52.46 50.77
CA ARG D 218 23.42 -51.65 50.91
C ARG D 218 23.41 -50.93 52.26
N LEU D 219 23.74 -51.65 53.33
CA LEU D 219 23.78 -51.01 54.64
C LEU D 219 24.83 -49.90 54.67
N ASP D 220 26.01 -50.18 54.12
CA ASP D 220 27.09 -49.19 54.16
C ASP D 220 26.71 -47.94 53.39
N GLU D 221 26.13 -48.09 52.20
CA GLU D 221 25.82 -46.92 51.39
C GLU D 221 24.68 -46.12 51.99
N VAL D 222 23.65 -46.79 52.53
CA VAL D 222 22.58 -46.02 53.16
C VAL D 222 23.11 -45.30 54.39
N TRP D 223 24.01 -45.93 55.15
CA TRP D 223 24.53 -45.29 56.36
C TRP D 223 25.38 -44.08 56.01
N ASN D 224 26.25 -44.20 55.00
CA ASN D 224 27.07 -43.04 54.66
C ASN D 224 26.24 -41.94 54.00
N ARG D 225 25.16 -42.29 53.29
CA ARG D 225 24.27 -41.25 52.82
C ARG D 225 23.57 -40.54 53.97
N PHE D 226 23.16 -41.29 55.00
CA PHE D 226 22.65 -40.66 56.20
C PHE D 226 23.67 -39.71 56.81
N LYS D 227 24.94 -40.12 56.80
CA LYS D 227 26.01 -39.23 57.23
C LYS D 227 26.30 -38.12 56.23
N ASN D 228 25.69 -38.16 55.05
CA ASN D 228 25.87 -37.19 53.98
C ASN D 228 24.60 -36.36 53.79
N LEU D 229 24.01 -35.91 54.91
CA LEU D 229 22.78 -35.15 54.87
C LEU D 229 23.06 -33.66 54.79
N LYS D 230 22.27 -32.96 53.98
CA LYS D 230 22.37 -31.51 53.87
C LYS D 230 21.15 -31.00 53.13
N VAL D 231 20.82 -29.72 53.34
CA VAL D 231 19.72 -29.10 52.62
C VAL D 231 20.10 -28.97 51.15
N GLN D 232 19.07 -28.90 50.30
CA GLN D 232 19.26 -28.77 48.86
C GLN D 232 20.10 -29.92 48.29
N ASP D 233 19.86 -31.12 48.78
CA ASP D 233 20.57 -32.32 48.32
C ASP D 233 19.65 -33.09 47.38
N LEU D 234 20.11 -33.33 46.16
CA LEU D 234 19.33 -34.06 45.18
C LEU D 234 19.52 -35.57 45.37
N GLU D 235 18.43 -36.32 45.20
CA GLU D 235 18.42 -37.77 45.32
C GLU D 235 17.74 -38.32 44.08
N GLY D 236 18.55 -38.62 43.05
CA GLY D 236 17.98 -39.08 41.80
C GLY D 236 17.32 -40.44 41.92
N ASP D 237 17.94 -41.35 42.68
CA ASP D 237 17.43 -42.71 42.81
C ASP D 237 16.25 -42.72 43.78
N GLU D 238 15.04 -42.93 43.24
CA GLU D 238 13.85 -42.92 44.07
C GLU D 238 13.85 -44.06 45.09
N LEU D 239 14.34 -45.24 44.69
CA LEU D 239 14.45 -46.34 45.64
C LEU D 239 15.38 -45.96 46.79
N LEU D 240 16.49 -45.30 46.48
CA LEU D 240 17.40 -44.86 47.53
C LEU D 240 16.70 -43.88 48.47
N TYR D 241 15.91 -42.95 47.92
CA TYR D 241 15.23 -42.00 48.76
C TYR D 241 14.21 -42.69 49.66
N ARG D 242 13.50 -43.68 49.12
CA ARG D 242 12.57 -44.45 49.94
C ARG D 242 13.30 -45.16 51.06
N GLU D 243 14.48 -45.71 50.76
CA GLU D 243 15.30 -46.31 51.79
C GLU D 243 15.67 -45.28 52.85
N LEU D 244 16.00 -44.06 52.44
CA LEU D 244 16.34 -43.01 53.39
C LEU D 244 15.15 -42.69 54.30
N ARG D 245 13.97 -42.55 53.72
CA ARG D 245 12.78 -42.30 54.53
C ARG D 245 12.54 -43.46 55.50
N ASP D 246 12.66 -44.69 55.02
CA ASP D 246 12.32 -45.85 55.84
C ASP D 246 13.30 -46.02 56.99
N ARG D 247 14.60 -45.98 56.69
CA ARG D 247 15.61 -46.21 57.72
C ARG D 247 15.55 -45.13 58.79
N PHE D 248 15.30 -43.88 58.39
CA PHE D 248 15.25 -42.78 59.35
C PHE D 248 14.25 -41.75 58.85
N GLY D 249 13.27 -41.43 59.68
CA GLY D 249 12.34 -40.35 59.44
C GLY D 249 12.35 -39.36 60.59
N THR D 250 11.55 -38.31 60.43
CA THR D 250 11.37 -37.26 61.42
C THR D 250 12.63 -36.44 61.66
N TYR D 251 13.65 -36.61 60.82
CA TYR D 251 14.88 -35.83 60.91
C TYR D 251 15.12 -35.00 59.66
N PHE D 252 15.00 -35.61 58.48
CA PHE D 252 15.14 -34.91 57.21
C PHE D 252 13.75 -34.74 56.60
N ASP D 253 13.54 -33.59 55.96
CA ASP D 253 12.33 -33.33 55.20
C ASP D 253 12.69 -33.23 53.73
N GLY D 254 11.98 -33.97 52.89
CA GLY D 254 12.24 -33.98 51.47
C GLY D 254 10.95 -33.89 50.68
N SER D 255 11.09 -33.60 49.40
CA SER D 255 9.94 -33.31 48.56
C SER D 255 10.31 -33.44 47.09
N MET D 256 9.33 -33.19 46.24
CA MET D 256 9.48 -33.17 44.79
C MET D 256 8.77 -31.96 44.20
N GLY D 257 9.22 -31.57 43.01
CA GLY D 257 8.50 -30.65 42.18
C GLY D 257 8.58 -29.22 42.66
N ALA D 258 7.64 -28.41 42.15
CA ALA D 258 7.60 -27.01 42.52
C ALA D 258 7.32 -26.81 44.00
N ALA D 259 6.67 -27.78 44.65
CA ALA D 259 6.40 -27.65 46.08
C ALA D 259 7.69 -27.57 46.88
N ALA D 260 8.67 -28.42 46.56
CA ALA D 260 9.94 -28.37 47.25
C ALA D 260 10.61 -27.02 47.07
N LEU D 261 10.61 -26.51 45.83
CA LEU D 261 11.19 -25.20 45.58
C LEU D 261 10.47 -24.12 46.36
N GLN D 262 9.15 -24.19 46.42
CA GLN D 262 8.37 -23.19 47.14
C GLN D 262 8.73 -23.22 48.62
N LYS D 263 8.83 -24.41 49.20
CA LYS D 263 9.24 -24.52 50.59
C LYS D 263 10.64 -23.95 50.79
N ARG D 264 11.54 -24.26 49.86
CA ARG D 264 12.92 -23.76 49.97
C ARG D 264 12.93 -22.25 49.98
N LEU D 265 12.28 -21.62 49.01
CA LEU D 265 12.23 -20.16 48.94
C LEU D 265 11.54 -19.56 50.14
N GLU D 266 10.48 -20.20 50.65
CA GLU D 266 9.82 -19.71 51.85
C GLU D 266 10.78 -19.70 53.02
N SER D 267 11.61 -20.74 53.13
CA SER D 267 12.59 -20.83 54.21
C SER D 267 13.90 -20.11 53.90
N PHE D 268 14.07 -19.61 52.68
CA PHE D 268 15.36 -19.09 52.27
C PHE D 268 15.74 -17.86 53.10
N ASP D 269 17.05 -17.72 53.36
CA ASP D 269 17.61 -16.57 54.06
C ASP D 269 18.59 -15.92 53.09
N LEU D 270 18.08 -15.01 52.25
CA LEU D 270 18.90 -14.40 51.22
C LEU D 270 19.99 -13.50 51.79
N ASP D 271 19.75 -12.89 52.95
CA ASP D 271 20.73 -11.97 53.53
C ASP D 271 22.05 -12.66 53.83
N GLU D 272 21.99 -13.87 54.38
CA GLU D 272 23.22 -14.59 54.70
C GLU D 272 23.94 -14.99 53.41
N GLU D 273 23.20 -15.33 52.37
CA GLU D 273 23.81 -15.62 51.08
C GLU D 273 24.53 -14.39 50.54
N ALA D 274 23.90 -13.22 50.66
CA ALA D 274 24.55 -11.99 50.22
C ALA D 274 25.82 -11.73 51.02
N GLU D 275 25.76 -11.93 52.33
CA GLU D 275 26.94 -11.70 53.18
C GLU D 275 28.08 -12.61 52.78
N ARG D 276 27.81 -13.92 52.68
CA ARG D 276 28.87 -14.86 52.36
C ARG D 276 29.38 -14.65 50.94
N LEU D 277 28.52 -14.21 50.02
CA LEU D 277 28.98 -13.97 48.66
C LEU D 277 29.84 -12.71 48.60
N ARG D 278 29.51 -11.70 49.40
CA ARG D 278 30.39 -10.54 49.52
C ARG D 278 31.74 -10.97 50.06
N GLU D 279 31.74 -11.84 51.07
CA GLU D 279 33.00 -12.34 51.61
C GLU D 279 33.79 -13.09 50.54
N ILE D 280 33.10 -13.91 49.74
CA ILE D 280 33.75 -14.67 48.68
C ILE D 280 34.37 -13.72 47.66
N ILE D 281 33.63 -12.67 47.28
CA ILE D 281 34.15 -11.73 46.31
C ILE D 281 35.34 -10.97 46.87
N ARG D 282 35.33 -10.67 48.16
CA ARG D 282 36.47 -10.00 48.76
C ARG D 282 37.74 -10.84 48.61
N THR D 283 37.62 -12.15 48.76
CA THR D 283 38.74 -13.09 48.63
C THR D 283 38.29 -14.25 47.76
N GLY D 284 38.49 -14.11 46.45
CA GLY D 284 38.11 -15.14 45.51
C GLY D 284 38.86 -14.98 44.21
N LYS D 285 38.98 -16.09 43.48
CA LYS D 285 39.73 -16.13 42.22
C LYS D 285 38.92 -16.87 41.16
N GLY D 286 39.25 -16.63 39.91
CA GLY D 286 38.64 -17.37 38.80
C GLY D 286 37.16 -17.44 38.52
N GLN D 287 36.73 -18.56 37.97
CA GLN D 287 35.32 -18.74 37.59
C GLN D 287 34.39 -18.66 38.79
N LYS D 288 34.82 -19.18 39.92
CA LYS D 288 33.99 -19.16 41.11
C LYS D 288 33.70 -17.71 41.47
N LYS D 289 34.71 -16.85 41.37
CA LYS D 289 34.52 -15.44 41.66
C LYS D 289 33.52 -14.80 40.69
N THR D 290 33.62 -15.13 39.41
CA THR D 290 32.70 -14.56 38.43
C THR D 290 31.26 -15.00 38.71
N ARG D 291 31.07 -16.26 39.06
CA ARG D 291 29.73 -16.75 39.36
C ARG D 291 29.21 -16.02 40.58
N ALA D 292 30.07 -15.82 41.57
CA ALA D 292 29.66 -15.14 42.79
C ALA D 292 29.22 -13.73 42.51
N LEU D 293 29.91 -13.05 41.62
CA LEU D 293 29.57 -11.67 41.28
C LEU D 293 28.19 -11.61 40.67
N LYS D 294 27.88 -12.54 39.77
CA LYS D 294 26.57 -12.58 39.15
C LYS D 294 25.50 -12.84 40.19
N ARG D 295 25.79 -13.75 41.11
CA ARG D 295 24.83 -14.07 42.15
C ARG D 295 24.56 -12.88 43.06
N LEU D 296 25.61 -12.15 43.42
CA LEU D 296 25.45 -10.99 44.28
C LEU D 296 24.46 -10.02 43.70
N LYS D 297 24.52 -9.85 42.39
CA LYS D 297 23.63 -8.93 41.70
C LYS D 297 22.18 -9.32 41.96
N VAL D 298 21.85 -10.59 41.73
CA VAL D 298 20.45 -10.99 41.82
C VAL D 298 19.97 -10.98 43.27
N VAL D 299 20.80 -11.45 44.22
CA VAL D 299 20.33 -11.48 45.59
C VAL D 299 20.13 -10.07 46.11
N SER D 300 21.03 -9.15 45.76
CA SER D 300 20.84 -7.76 46.17
C SER D 300 19.60 -7.17 45.53
N ALA D 301 19.32 -7.53 44.28
CA ALA D 301 18.10 -7.05 43.63
C ALA D 301 16.87 -7.53 44.39
N PHE D 302 16.85 -8.80 44.79
CA PHE D 302 15.74 -9.28 45.61
C PHE D 302 15.66 -8.55 46.94
N LEU D 303 16.81 -8.36 47.60
CA LEU D 303 16.82 -7.84 48.96
C LEU D 303 16.34 -6.39 48.99
N GLN D 304 16.81 -5.58 48.04
CA GLN D 304 16.40 -4.18 48.03
C GLN D 304 14.93 -4.04 47.65
N THR D 305 14.45 -4.89 46.73
CA THR D 305 13.03 -4.91 46.42
C THR D 305 12.25 -5.45 47.61
N SER D 306 11.06 -4.87 47.84
CA SER D 306 10.23 -5.31 48.94
C SER D 306 9.57 -6.65 48.66
N ASN D 307 9.35 -6.96 47.38
CA ASN D 307 8.66 -8.20 47.04
C ASN D 307 9.47 -9.41 47.45
N SER D 308 8.77 -10.49 47.83
CA SER D 308 9.42 -11.71 48.26
C SER D 308 9.78 -12.57 47.05
N PRO D 309 10.85 -13.37 47.14
CA PRO D 309 11.19 -14.25 46.00
C PRO D 309 10.15 -15.31 45.72
N LYS D 310 9.25 -15.61 46.66
CA LYS D 310 8.28 -16.70 46.49
C LYS D 310 7.42 -16.53 45.25
N GLY D 311 7.41 -15.35 44.62
CA GLY D 311 6.69 -15.21 43.37
C GLY D 311 7.19 -16.12 42.26
N MET D 312 8.39 -16.68 42.41
CA MET D 312 8.86 -17.68 41.46
C MET D 312 7.84 -18.79 41.28
N VAL D 313 7.23 -19.21 42.39
CA VAL D 313 6.23 -20.28 42.40
C VAL D 313 4.86 -19.63 42.41
N LEU D 314 4.32 -19.35 41.24
CA LEU D 314 2.95 -18.88 41.15
C LEU D 314 2.01 -19.99 41.60
N ASP D 315 0.89 -19.60 42.18
CA ASP D 315 -0.12 -20.55 42.65
C ASP D 315 -1.45 -20.40 41.95
N CYS D 316 -1.87 -19.18 41.66
CA CYS D 316 -3.14 -18.89 41.02
C CYS D 316 -2.87 -18.28 39.66
N VAL D 317 -3.21 -18.99 38.60
CA VAL D 317 -2.93 -18.57 37.23
C VAL D 317 -4.00 -17.56 36.83
N PRO D 318 -3.65 -16.34 36.46
CA PRO D 318 -4.69 -15.43 35.96
C PRO D 318 -5.28 -15.97 34.67
N VAL D 319 -6.35 -15.31 34.22
CA VAL D 319 -6.99 -15.65 32.97
C VAL D 319 -7.24 -14.36 32.18
N ILE D 320 -7.03 -14.45 30.87
CA ILE D 320 -7.26 -13.33 29.97
C ILE D 320 -8.75 -13.01 30.01
N PRO D 321 -9.16 -11.74 30.00
CA PRO D 321 -10.58 -11.42 29.87
C PRO D 321 -11.17 -12.06 28.63
N PRO D 322 -12.44 -12.45 28.66
CA PRO D 322 -13.01 -13.19 27.52
C PRO D 322 -12.94 -12.45 26.21
N ASP D 323 -13.24 -11.14 26.19
CA ASP D 323 -13.24 -10.42 24.92
C ASP D 323 -11.89 -10.50 24.23
N LEU D 324 -10.81 -10.39 25.00
CA LEU D 324 -9.48 -10.39 24.41
C LEU D 324 -9.11 -11.74 23.80
N ARG D 325 -9.90 -12.79 24.07
CA ARG D 325 -9.72 -14.11 23.47
C ARG D 325 -11.06 -14.53 22.89
N PRO D 326 -11.52 -13.85 21.85
CA PRO D 326 -12.93 -13.98 21.46
C PRO D 326 -13.21 -15.32 20.80
N MET D 327 -14.34 -15.93 21.18
CA MET D 327 -14.93 -17.01 20.40
C MET D 327 -16.03 -16.43 19.51
N VAL D 328 -15.62 -15.52 18.64
CA VAL D 328 -16.56 -14.78 17.81
C VAL D 328 -17.27 -15.73 16.86
N GLN D 329 -18.59 -15.53 16.74
CA GLN D 329 -19.36 -16.28 15.76
C GLN D 329 -18.86 -15.99 14.35
N LEU D 330 -18.92 -17.01 13.50
CA LEU D 330 -18.59 -16.87 12.09
C LEU D 330 -19.75 -17.36 11.23
N ASP D 331 -20.06 -16.60 10.19
CA ASP D 331 -21.12 -17.00 9.27
C ASP D 331 -20.79 -18.34 8.64
N GLY D 332 -21.82 -19.14 8.41
CA GLY D 332 -21.66 -20.49 7.91
C GLY D 332 -21.67 -21.57 8.96
N GLY D 333 -22.06 -21.25 10.19
CA GLY D 333 -22.06 -22.22 11.27
C GLY D 333 -20.69 -22.52 11.83
N ARG D 334 -19.65 -21.87 11.32
CA ARG D 334 -18.29 -22.10 11.79
C ARG D 334 -17.98 -21.14 12.93
N PHE D 335 -16.83 -21.33 13.57
CA PHE D 335 -16.43 -20.52 14.71
C PHE D 335 -14.96 -20.16 14.60
N ALA D 336 -14.60 -19.06 15.26
CA ALA D 336 -13.23 -18.58 15.29
C ALA D 336 -12.80 -18.43 16.74
N THR D 337 -11.68 -19.06 17.08
CA THR D 337 -11.19 -19.12 18.45
C THR D 337 -9.70 -18.84 18.48
N SER D 338 -9.26 -18.08 19.47
CA SER D 338 -7.84 -17.88 19.71
C SER D 338 -7.29 -19.07 20.48
N ASP D 339 -6.05 -19.43 20.20
CA ASP D 339 -5.45 -20.61 20.79
C ASP D 339 -5.42 -20.55 22.30
N LEU D 340 -5.45 -19.34 22.87
CA LEU D 340 -5.40 -19.21 24.32
C LEU D 340 -6.58 -19.92 24.97
N ASN D 341 -7.72 -19.95 24.29
CA ASN D 341 -8.85 -20.72 24.80
C ASN D 341 -8.47 -22.18 24.96
N ASP D 342 -7.81 -22.75 23.95
CA ASP D 342 -7.40 -24.14 24.02
C ASP D 342 -6.40 -24.35 25.14
N LEU D 343 -5.43 -23.45 25.29
CA LEU D 343 -4.47 -23.60 26.37
C LEU D 343 -5.15 -23.57 27.73
N TYR D 344 -6.10 -22.64 27.91
CA TYR D 344 -6.80 -22.57 29.19
C TYR D 344 -7.64 -23.81 29.43
N ARG D 345 -8.27 -24.32 28.38
CA ARG D 345 -9.01 -25.58 28.50
C ARG D 345 -8.08 -26.68 28.97
N ARG D 346 -6.90 -26.76 28.38
CA ARG D 346 -5.96 -27.82 28.74
C ARG D 346 -5.57 -27.72 30.21
N VAL D 347 -5.18 -26.52 30.65
CA VAL D 347 -4.67 -26.37 32.01
C VAL D 347 -5.78 -26.61 33.02
N ILE D 348 -6.98 -26.09 32.76
CA ILE D 348 -8.05 -26.29 33.73
C ILE D 348 -8.47 -27.76 33.77
N ASN D 349 -8.50 -28.42 32.61
CA ASN D 349 -8.82 -29.85 32.57
C ASN D 349 -7.83 -30.65 33.40
N ARG D 350 -6.54 -30.42 33.21
CA ARG D 350 -5.54 -31.18 33.93
C ARG D 350 -5.60 -30.89 35.43
N ASN D 351 -5.85 -29.63 35.79
CA ASN D 351 -6.04 -29.32 37.21
C ASN D 351 -7.24 -30.07 37.77
N ASN D 352 -8.33 -30.16 37.00
CA ASN D 352 -9.50 -30.90 37.44
C ASN D 352 -9.14 -32.36 37.69
N ARG D 353 -8.40 -32.96 36.77
CA ARG D 353 -8.05 -34.37 36.94
C ARG D 353 -7.17 -34.57 38.16
N LEU D 354 -6.25 -33.63 38.41
CA LEU D 354 -5.40 -33.75 39.58
C LEU D 354 -6.21 -33.64 40.86
N LYS D 355 -7.19 -32.73 40.88
CA LYS D 355 -8.11 -32.68 42.02
C LYS D 355 -8.80 -34.01 42.20
N ARG D 356 -9.26 -34.60 41.10
CA ARG D 356 -9.96 -35.88 41.17
C ARG D 356 -9.07 -36.95 41.79
N LEU D 357 -7.81 -37.02 41.36
CA LEU D 357 -6.90 -38.01 41.93
C LEU D 357 -6.67 -37.74 43.41
N LEU D 358 -6.31 -36.50 43.76
CA LEU D 358 -5.96 -36.21 45.15
C LEU D 358 -7.13 -36.50 46.07
N ASP D 359 -8.36 -36.35 45.57
CA ASP D 359 -9.53 -36.61 46.40
C ASP D 359 -9.55 -38.05 46.89
N LEU D 360 -9.38 -39.01 46.00
CA LEU D 360 -9.30 -40.41 46.39
C LEU D 360 -7.85 -40.79 46.69
N GLY D 361 -7.69 -41.94 47.36
CA GLY D 361 -6.36 -42.47 47.59
C GLY D 361 -5.76 -43.04 46.32
N ALA D 362 -4.68 -42.45 45.85
CA ALA D 362 -4.04 -42.82 44.61
C ALA D 362 -2.55 -43.06 44.86
N PRO D 363 -1.87 -43.77 43.95
CA PRO D 363 -0.44 -44.03 44.16
C PRO D 363 0.38 -42.76 43.97
N GLU D 364 1.65 -42.86 44.36
CA GLU D 364 2.55 -41.74 44.21
C GLU D 364 2.96 -41.52 42.76
N ILE D 365 3.10 -42.60 41.99
CA ILE D 365 3.52 -42.47 40.59
C ILE D 365 2.49 -41.68 39.80
N ILE D 366 1.22 -42.01 39.95
CA ILE D 366 0.19 -41.38 39.12
C ILE D 366 0.02 -39.92 39.51
N VAL D 367 0.00 -39.62 40.81
CA VAL D 367 -0.14 -38.23 41.23
C VAL D 367 1.06 -37.41 40.78
N ASN D 368 2.27 -37.99 40.87
CA ASN D 368 3.44 -37.26 40.43
C ASN D 368 3.41 -37.01 38.93
N ASN D 369 3.01 -38.01 38.14
CA ASN D 369 2.85 -37.81 36.71
C ASN D 369 1.80 -36.73 36.43
N GLU D 370 0.73 -36.71 37.23
CA GLU D 370 -0.32 -35.72 37.04
C GLU D 370 0.21 -34.32 37.30
N LYS D 371 0.98 -34.16 38.37
CA LYS D 371 1.56 -32.84 38.67
C LYS D 371 2.53 -32.42 37.58
N ARG D 372 3.31 -33.37 37.07
CA ARG D 372 4.17 -33.08 35.92
C ARG D 372 3.36 -32.60 34.74
N MET D 373 2.22 -33.25 34.48
CA MET D 373 1.37 -32.84 33.37
C MET D 373 0.84 -31.43 33.59
N LEU D 374 0.44 -31.12 34.82
CA LEU D 374 -0.04 -29.77 35.13
C LEU D 374 1.06 -28.74 34.88
N GLN D 375 2.27 -29.03 35.34
CA GLN D 375 3.40 -28.13 35.10
C GLN D 375 3.63 -27.94 33.61
N GLU D 376 3.54 -29.02 32.84
CA GLU D 376 3.69 -28.92 31.40
C GLU D 376 2.64 -28.01 30.79
N ALA D 377 1.39 -28.16 31.23
CA ALA D 377 0.32 -27.33 30.69
C ALA D 377 0.56 -25.85 31.01
N VAL D 378 0.91 -25.56 32.26
CA VAL D 378 1.14 -24.16 32.64
C VAL D 378 2.30 -23.57 31.86
N ASP D 379 3.40 -24.31 31.73
CA ASP D 379 4.53 -23.80 30.99
C ASP D 379 4.17 -23.55 29.52
N ALA D 380 3.43 -24.50 28.92
CA ALA D 380 2.97 -24.29 27.55
C ALA D 380 2.12 -23.04 27.45
N LEU D 381 1.28 -22.80 28.45
CA LEU D 381 0.45 -21.60 28.44
C LEU D 381 1.30 -20.34 28.42
N PHE D 382 2.24 -20.22 29.37
CA PHE D 382 3.09 -19.03 29.34
C PHE D 382 4.01 -19.05 28.14
N ASP D 383 4.68 -20.16 27.88
CA ASP D 383 5.60 -20.27 26.76
C ASP D 383 5.39 -21.62 26.08
N ASN D 384 4.82 -21.61 24.89
CA ASN D 384 4.72 -22.80 24.07
C ASN D 384 5.94 -22.88 23.16
N GLY D 385 6.76 -23.91 23.34
CA GLY D 385 7.95 -24.11 22.56
C GLY D 385 9.25 -23.72 23.22
N ARG D 386 9.22 -23.23 24.46
CA ARG D 386 10.44 -22.97 25.20
C ARG D 386 11.12 -24.24 25.69
N ARG D 387 10.49 -25.40 25.52
CA ARG D 387 11.09 -26.66 25.91
C ARG D 387 10.64 -27.74 24.95
N GLY D 388 11.56 -28.29 24.20
CA GLY D 388 11.25 -29.41 23.33
C GLY D 388 10.17 -29.06 22.33
N ARG D 389 9.43 -30.08 21.91
CA ARG D 389 8.37 -29.85 20.96
C ARG D 389 7.26 -29.02 21.59
N PRO D 390 6.67 -28.07 20.88
CA PRO D 390 5.55 -27.31 21.45
C PRO D 390 4.25 -28.10 21.32
N VAL D 391 3.21 -27.55 21.93
CA VAL D 391 1.88 -28.14 21.85
C VAL D 391 1.31 -27.78 20.49
N THR D 392 1.44 -28.68 19.52
CA THR D 392 1.13 -28.34 18.14
C THR D 392 -0.36 -28.15 17.89
N GLY D 393 -1.21 -28.52 18.84
CA GLY D 393 -2.64 -28.31 18.71
C GLY D 393 -3.21 -28.98 17.46
N PRO D 394 -3.60 -28.19 16.45
CA PRO D 394 -4.13 -28.80 15.23
C PRO D 394 -3.10 -29.60 14.44
N GLY D 395 -1.81 -29.47 14.77
CA GLY D 395 -0.78 -30.26 14.15
C GLY D 395 -0.12 -29.59 12.95
N ASN D 396 -0.81 -28.65 12.31
CA ASN D 396 -0.21 -27.95 11.19
C ASN D 396 0.82 -26.93 11.63
N ARG D 397 0.69 -26.39 12.84
CA ARG D 397 1.57 -25.33 13.31
C ARG D 397 1.49 -25.30 14.83
N PRO D 398 2.47 -24.68 15.50
CA PRO D 398 2.41 -24.63 16.96
C PRO D 398 1.31 -23.70 17.46
N LEU D 399 0.93 -23.89 18.72
CA LEU D 399 -0.11 -23.08 19.33
C LEU D 399 0.48 -21.79 19.91
N LYS D 400 -0.24 -20.69 19.69
CA LYS D 400 0.18 -19.40 20.19
C LYS D 400 0.18 -19.39 21.71
N SER D 401 1.01 -18.52 22.28
CA SER D 401 1.12 -18.38 23.72
C SER D 401 1.14 -16.91 24.07
N LEU D 402 0.93 -16.62 25.36
CA LEU D 402 0.91 -15.23 25.81
C LEU D 402 2.22 -14.52 25.48
N SER D 403 3.35 -15.10 25.88
CA SER D 403 4.63 -14.49 25.58
C SER D 403 4.83 -14.39 24.08
N ASP D 404 4.42 -15.41 23.33
CA ASP D 404 4.54 -15.37 21.87
C ASP D 404 3.81 -14.16 21.30
N MET D 405 2.73 -13.72 21.96
CA MET D 405 1.98 -12.59 21.44
C MET D 405 2.73 -11.28 21.59
N LEU D 406 3.60 -11.15 22.58
CA LEU D 406 4.21 -9.88 22.93
C LEU D 406 5.57 -9.66 22.27
N LYS D 407 5.94 -10.51 21.31
CA LYS D 407 7.31 -10.56 20.84
C LYS D 407 7.35 -10.49 19.32
N GLY D 408 8.39 -9.82 18.81
CA GLY D 408 8.77 -9.95 17.42
C GLY D 408 8.03 -9.04 16.47
N LYS D 409 8.23 -9.34 15.18
CA LYS D 409 7.68 -8.50 14.12
C LYS D 409 6.16 -8.48 14.18
N GLN D 410 5.54 -9.64 14.36
CA GLN D 410 4.09 -9.72 14.47
C GLN D 410 3.60 -9.55 15.90
N GLY D 411 4.50 -9.36 16.86
CA GLY D 411 4.10 -9.21 18.23
C GLY D 411 3.28 -7.95 18.45
N ARG D 412 2.90 -7.76 19.70
CA ARG D 412 2.09 -6.59 20.05
C ARG D 412 2.90 -5.30 19.88
N PHE D 413 4.10 -5.25 20.43
CA PHE D 413 4.79 -3.97 20.59
C PHE D 413 5.12 -3.34 19.24
N ARG D 414 5.78 -4.09 18.36
CA ARG D 414 6.31 -3.52 17.13
C ARG D 414 5.28 -3.47 16.01
N GLN D 415 4.07 -4.00 16.22
CA GLN D 415 3.04 -4.01 15.19
C GLN D 415 1.78 -3.26 15.58
N ASN D 416 1.49 -3.09 16.87
CA ASN D 416 0.22 -2.47 17.27
C ASN D 416 0.40 -1.45 18.40
N LEU D 417 1.58 -0.88 18.59
CA LEU D 417 1.71 0.27 19.47
C LEU D 417 2.61 1.36 18.90
N LEU D 418 3.58 1.00 18.05
CA LEU D 418 4.40 1.97 17.36
C LEU D 418 3.94 2.19 15.92
N GLY D 419 3.05 1.31 15.43
CA GLY D 419 2.42 1.52 14.14
C GLY D 419 0.98 1.07 14.18
N LYS D 420 0.06 1.98 13.90
CA LYS D 420 -1.37 1.69 13.92
C LYS D 420 -2.00 2.16 12.63
N ARG D 421 -2.94 1.37 12.12
CA ARG D 421 -3.76 1.88 11.04
C ARG D 421 -4.53 3.09 11.54
N VAL D 422 -4.94 3.96 10.61
CA VAL D 422 -5.55 5.23 10.97
C VAL D 422 -6.74 5.48 10.06
N ASP D 423 -7.81 6.03 10.62
CA ASP D 423 -8.92 6.50 9.81
C ASP D 423 -8.49 7.73 9.03
N TYR D 424 -9.33 8.14 8.07
CA TYR D 424 -9.06 9.34 7.28
C TYR D 424 -7.71 9.20 6.55
N SER D 425 -7.64 8.26 5.63
CA SER D 425 -6.43 8.08 4.85
C SER D 425 -6.79 7.55 3.49
N ALA D 426 -5.80 7.49 2.62
CA ALA D 426 -6.05 6.98 1.28
C ALA D 426 -4.73 6.64 0.63
N ARG D 427 -4.82 6.08 -0.58
CA ARG D 427 -3.66 5.65 -1.32
C ARG D 427 -4.01 5.60 -2.80
N SER D 428 -3.00 5.81 -3.64
CA SER D 428 -3.22 5.70 -5.08
C SER D 428 -1.89 5.87 -5.80
N VAL D 429 -1.89 5.44 -7.07
CA VAL D 429 -0.77 5.71 -7.95
C VAL D 429 -0.56 7.22 -8.03
N ILE D 430 0.66 7.63 -8.36
CA ILE D 430 1.02 9.04 -8.46
C ILE D 430 1.59 9.30 -9.85
N VAL D 431 1.07 10.36 -10.50
CA VAL D 431 1.50 10.73 -11.84
C VAL D 431 2.01 12.17 -11.80
N VAL D 432 2.70 12.55 -12.88
CA VAL D 432 3.44 13.81 -12.92
C VAL D 432 2.58 14.88 -13.58
N GLY D 433 2.39 15.99 -12.87
CA GLY D 433 1.70 17.16 -13.38
C GLY D 433 2.57 18.39 -13.24
N PRO D 434 3.05 18.95 -14.35
CA PRO D 434 4.05 20.02 -14.25
C PRO D 434 3.48 21.36 -13.82
N GLN D 435 2.28 21.69 -14.30
CA GLN D 435 1.73 23.02 -14.07
C GLN D 435 1.43 23.30 -12.61
N LEU D 436 1.42 22.29 -11.76
CA LEU D 436 1.21 22.54 -10.35
C LEU D 436 2.34 23.39 -9.79
N LYS D 437 2.07 24.02 -8.66
CA LYS D 437 3.10 24.80 -7.97
C LYS D 437 3.74 23.94 -6.87
N LEU D 438 4.74 24.50 -6.19
CA LEU D 438 5.51 23.71 -5.24
C LEU D 438 4.66 23.27 -4.04
N HIS D 439 3.46 23.82 -3.89
CA HIS D 439 2.60 23.58 -2.75
C HIS D 439 1.30 22.87 -3.12
N GLN D 440 1.22 22.27 -4.30
CA GLN D 440 -0.04 21.80 -4.85
C GLN D 440 0.09 20.36 -5.36
N CYS D 441 -0.89 19.54 -5.00
CA CYS D 441 -0.97 18.15 -5.43
C CYS D 441 -2.40 17.85 -5.82
N GLY D 442 -2.56 17.06 -6.88
CA GLY D 442 -3.88 16.83 -7.44
C GLY D 442 -4.59 15.59 -6.93
N LEU D 443 -5.52 15.75 -5.99
CA LEU D 443 -6.26 14.63 -5.44
C LEU D 443 -7.39 14.24 -6.38
N PRO D 444 -7.58 12.97 -6.70
CA PRO D 444 -8.77 12.59 -7.46
C PRO D 444 -10.06 12.94 -6.75
N LYS D 445 -11.17 12.93 -7.49
CA LYS D 445 -12.45 13.38 -6.93
C LYS D 445 -12.94 12.43 -5.84
N ALA D 446 -13.00 11.14 -6.16
CA ALA D 446 -13.59 10.18 -5.22
C ALA D 446 -12.79 10.10 -3.93
N MET D 447 -11.46 10.07 -4.05
CA MET D 447 -10.63 10.02 -2.85
C MET D 447 -10.87 11.25 -1.99
N ALA D 448 -10.98 12.42 -2.63
CA ALA D 448 -11.25 13.64 -1.88
C ALA D 448 -12.57 13.54 -1.14
N LEU D 449 -13.63 13.15 -1.85
CA LEU D 449 -14.96 13.14 -1.25
C LEU D 449 -15.03 12.16 -0.10
N GLU D 450 -14.44 10.98 -0.26
CA GLU D 450 -14.36 10.06 0.86
C GLU D 450 -13.56 10.64 2.00
N LEU D 451 -12.47 11.34 1.68
CA LEU D 451 -11.61 11.86 2.74
C LEU D 451 -12.31 12.93 3.56
N PHE D 452 -13.15 13.74 2.92
CA PHE D 452 -13.73 14.94 3.55
C PHE D 452 -15.20 14.76 3.87
N LYS D 453 -15.64 13.54 4.18
CA LYS D 453 -17.07 13.29 4.36
C LYS D 453 -17.67 14.14 5.48
N PRO D 454 -17.10 14.20 6.69
CA PRO D 454 -17.69 15.08 7.70
C PRO D 454 -17.73 16.53 7.27
N PHE D 455 -16.69 17.01 6.62
CA PHE D 455 -16.65 18.43 6.26
C PHE D 455 -17.63 18.75 5.13
N VAL D 456 -17.64 17.92 4.09
CA VAL D 456 -18.56 18.18 2.99
C VAL D 456 -20.00 18.07 3.49
N MET D 457 -20.26 17.12 4.37
CA MET D 457 -21.60 16.98 4.93
C MET D 457 -21.98 18.22 5.74
N LYS D 458 -21.06 18.70 6.57
CA LYS D 458 -21.33 19.88 7.39
C LYS D 458 -21.61 21.10 6.52
N ARG D 459 -20.85 21.26 5.45
CA ARG D 459 -21.06 22.40 4.58
C ARG D 459 -22.36 22.26 3.79
N LEU D 460 -22.68 21.03 3.35
CA LEU D 460 -23.91 20.82 2.60
C LEU D 460 -25.13 21.13 3.46
N VAL D 461 -25.13 20.70 4.72
CA VAL D 461 -26.24 21.06 5.59
C VAL D 461 -26.22 22.55 5.89
N ASP D 462 -25.03 23.13 6.06
CA ASP D 462 -24.95 24.54 6.38
C ASP D 462 -25.38 25.41 5.20
N LEU D 463 -25.09 24.99 3.98
CA LEU D 463 -25.47 25.74 2.78
C LEU D 463 -26.90 25.47 2.35
N ASN D 464 -27.64 24.63 3.09
CA ASN D 464 -29.04 24.33 2.82
C ASN D 464 -29.25 23.55 1.54
N HIS D 465 -28.18 23.09 0.90
CA HIS D 465 -28.34 22.19 -0.24
C HIS D 465 -29.01 20.89 0.19
N ALA D 466 -28.66 20.41 1.37
CA ALA D 466 -29.34 19.28 2.00
C ALA D 466 -30.20 19.81 3.14
N GLN D 467 -31.30 19.12 3.39
CA GLN D 467 -32.22 19.53 4.44
C GLN D 467 -31.63 19.28 5.81
N ASN D 468 -31.35 18.01 6.12
CA ASN D 468 -30.82 17.62 7.42
C ASN D 468 -29.65 16.65 7.21
N ILE D 469 -29.07 16.22 8.32
CA ILE D 469 -27.81 15.48 8.27
C ILE D 469 -27.98 14.16 7.51
N LYS D 470 -29.06 13.44 7.76
CA LYS D 470 -29.28 12.17 7.07
C LYS D 470 -29.43 12.41 5.58
N SER D 471 -30.19 13.45 5.22
CA SER D 471 -30.30 13.82 3.82
C SER D 471 -28.94 14.17 3.25
N ALA D 472 -28.09 14.84 4.02
CA ALA D 472 -26.75 15.16 3.55
C ALA D 472 -25.95 13.90 3.27
N LYS D 473 -26.02 12.92 4.17
CA LYS D 473 -25.30 11.67 3.95
C LYS D 473 -25.80 10.96 2.71
N ARG D 474 -27.12 10.87 2.56
CA ARG D 474 -27.68 10.28 1.35
C ARG D 474 -27.22 11.04 0.11
N MET D 475 -27.15 12.36 0.21
CA MET D 475 -26.81 13.17 -0.95
C MET D 475 -25.38 12.91 -1.37
N VAL D 476 -24.45 12.90 -0.42
CA VAL D 476 -23.05 12.66 -0.75
C VAL D 476 -22.87 11.24 -1.28
N GLU D 477 -23.62 10.27 -0.71
CA GLU D 477 -23.56 8.93 -1.26
C GLU D 477 -24.04 8.90 -2.70
N ARG D 478 -25.08 9.69 -3.00
CA ARG D 478 -25.60 9.72 -4.36
C ARG D 478 -24.58 10.33 -5.33
N GLY D 479 -23.90 11.39 -4.90
CA GLY D 479 -22.87 11.98 -5.73
C GLY D 479 -23.39 12.92 -6.81
N ARG D 480 -24.00 14.01 -6.39
CA ARG D 480 -24.49 15.02 -7.33
C ARG D 480 -23.47 16.15 -7.46
N THR D 481 -23.58 16.91 -8.56
CA THR D 481 -22.64 17.98 -8.84
C THR D 481 -22.56 18.98 -7.69
N VAL D 482 -23.68 19.19 -6.98
CA VAL D 482 -23.67 20.11 -5.85
C VAL D 482 -22.69 19.64 -4.79
N VAL D 483 -22.62 18.33 -4.56
CA VAL D 483 -21.68 17.78 -3.59
C VAL D 483 -20.25 18.11 -4.01
N TYR D 484 -19.94 17.91 -5.29
CA TYR D 484 -18.60 18.19 -5.78
C TYR D 484 -18.27 19.67 -5.64
N ASP D 485 -19.23 20.55 -5.91
CA ASP D 485 -18.97 21.98 -5.79
C ASP D 485 -18.71 22.37 -4.34
N VAL D 486 -19.51 21.84 -3.41
CA VAL D 486 -19.26 22.09 -2.00
C VAL D 486 -17.86 21.61 -1.62
N LEU D 487 -17.50 20.43 -2.12
CA LEU D 487 -16.18 19.90 -1.83
C LEU D 487 -15.09 20.83 -2.36
N GLU D 488 -15.23 21.27 -3.60
CA GLU D 488 -14.29 22.24 -4.17
C GLU D 488 -14.20 23.47 -3.29
N GLU D 489 -15.30 23.84 -2.65
CA GLU D 489 -15.26 24.97 -1.73
C GLU D 489 -14.46 24.67 -0.47
N VAL D 490 -14.59 23.46 0.08
CA VAL D 490 -14.11 23.23 1.44
C VAL D 490 -12.65 22.81 1.49
N ILE D 491 -12.13 22.20 0.41
CA ILE D 491 -10.78 21.65 0.47
C ILE D 491 -9.72 22.73 0.55
N ALA D 492 -9.90 23.87 -0.10
CA ALA D 492 -8.83 24.87 -0.19
C ALA D 492 -8.44 25.37 1.20
N GLU D 493 -7.14 25.65 1.35
CA GLU D 493 -6.57 26.09 2.63
C GLU D 493 -6.73 25.03 3.71
N HIS D 494 -6.52 23.77 3.34
CA HIS D 494 -6.56 22.69 4.32
C HIS D 494 -5.48 21.67 3.95
N PRO D 495 -4.40 21.55 4.74
CA PRO D 495 -3.25 20.76 4.27
C PRO D 495 -3.55 19.27 4.22
N VAL D 496 -2.82 18.57 3.36
CA VAL D 496 -2.87 17.11 3.28
C VAL D 496 -1.44 16.60 3.25
N LEU D 497 -1.16 15.53 4.01
CA LEU D 497 0.18 14.98 4.08
C LEU D 497 0.31 13.85 3.07
N LEU D 498 1.09 14.08 2.01
CA LEU D 498 1.50 13.01 1.13
C LEU D 498 2.66 12.28 1.77
N ASN D 499 2.81 11.00 1.43
CA ASN D 499 3.77 10.19 2.17
C ASN D 499 4.00 8.87 1.43
N ARG D 500 5.26 8.54 1.21
CA ARG D 500 5.60 7.30 0.51
C ARG D 500 5.91 6.20 1.52
N ALA D 501 6.01 4.97 1.01
CA ALA D 501 6.09 3.80 1.90
C ALA D 501 7.46 3.64 2.54
N PRO D 502 8.58 3.59 1.81
CA PRO D 502 9.86 3.36 2.49
C PRO D 502 10.21 4.40 3.54
N THR D 503 9.87 5.67 3.31
CA THR D 503 10.12 6.79 4.22
C THR D 503 11.49 6.69 4.91
N LEU D 504 12.53 6.70 4.07
CA LEU D 504 13.89 6.56 4.60
C LEU D 504 14.23 7.71 5.54
N HIS D 505 14.05 8.95 5.08
CA HIS D 505 14.40 10.14 5.85
C HIS D 505 13.21 11.09 5.87
N ARG D 506 13.30 12.11 6.72
CA ARG D 506 12.13 12.91 7.07
C ARG D 506 11.47 13.57 5.87
N LEU D 507 12.11 13.56 4.69
CA LEU D 507 11.43 14.03 3.48
C LEU D 507 10.40 13.03 2.97
N GLY D 508 10.04 12.00 3.73
CA GLY D 508 8.94 11.14 3.33
C GLY D 508 7.58 11.81 3.47
N ILE D 509 7.33 12.44 4.62
CA ILE D 509 6.06 13.09 4.90
C ILE D 509 6.17 14.54 4.45
N GLN D 510 5.29 14.97 3.55
CA GLN D 510 5.33 16.32 3.02
C GLN D 510 3.91 16.86 2.90
N ALA D 511 3.67 18.04 3.44
CA ALA D 511 2.35 18.65 3.36
C ALA D 511 2.18 19.39 2.04
N PHE D 512 0.95 19.37 1.53
CA PHE D 512 0.61 20.01 0.28
C PHE D 512 -0.78 20.60 0.37
N GLU D 513 -1.06 21.59 -0.47
CA GLU D 513 -2.42 22.05 -0.66
C GLU D 513 -3.16 21.07 -1.55
N PRO D 514 -4.41 20.73 -1.28
CA PRO D 514 -5.16 19.88 -2.21
C PRO D 514 -5.65 20.68 -3.41
N GLN D 515 -6.01 19.95 -4.47
CA GLN D 515 -6.57 20.57 -5.66
C GLN D 515 -7.27 19.49 -6.47
N LEU D 516 -8.57 19.66 -6.70
CA LEU D 516 -9.29 18.63 -7.43
C LEU D 516 -8.79 18.51 -8.87
N VAL D 517 -8.88 17.29 -9.38
CA VAL D 517 -8.46 16.99 -10.74
C VAL D 517 -9.19 15.72 -11.14
N GLU D 518 -9.60 15.66 -12.41
CA GLU D 518 -10.25 14.47 -12.91
C GLU D 518 -9.27 13.30 -12.93
N GLY D 519 -9.76 12.14 -13.33
CA GLY D 519 -8.96 10.93 -13.27
C GLY D 519 -8.95 10.34 -11.88
N LYS D 520 -8.23 9.22 -11.76
CA LYS D 520 -8.24 8.44 -10.53
C LYS D 520 -6.85 8.34 -9.88
N ALA D 521 -5.94 9.25 -10.21
CA ALA D 521 -4.55 9.19 -9.73
C ALA D 521 -4.17 10.49 -9.06
N ILE D 522 -3.39 10.40 -7.98
CA ILE D 522 -2.75 11.58 -7.43
C ILE D 522 -1.87 12.20 -8.50
N GLN D 523 -1.80 13.52 -8.51
CA GLN D 523 -0.78 14.24 -9.26
C GLN D 523 0.24 14.80 -8.29
N ILE D 524 1.42 15.11 -8.77
CA ILE D 524 2.49 15.56 -7.89
C ILE D 524 3.43 16.49 -8.66
N HIS D 525 4.05 17.38 -7.90
CA HIS D 525 4.89 18.44 -8.44
C HIS D 525 6.29 17.90 -8.72
N PRO D 526 6.79 17.98 -9.96
CA PRO D 526 7.96 17.17 -10.33
C PRO D 526 9.21 17.49 -9.54
N LEU D 527 9.30 18.66 -8.91
CA LEU D 527 10.52 18.99 -8.16
C LEU D 527 10.65 18.13 -6.92
N VAL D 528 9.55 17.92 -6.18
CA VAL D 528 9.64 17.19 -4.92
C VAL D 528 9.82 15.70 -5.13
N CYS D 529 9.66 15.21 -6.36
CA CYS D 529 9.67 13.76 -6.57
C CYS D 529 10.97 13.14 -6.09
N THR D 530 12.11 13.80 -6.32
CA THR D 530 13.38 13.18 -5.97
C THR D 530 13.62 13.18 -4.46
N ALA D 531 12.92 14.03 -3.71
CA ALA D 531 13.02 13.96 -2.26
C ALA D 531 12.44 12.65 -1.74
N PHE D 532 11.31 12.22 -2.29
CA PHE D 532 10.73 10.93 -1.95
C PHE D 532 11.54 9.77 -2.51
N ASN D 533 12.40 10.02 -3.50
CA ASN D 533 13.03 8.97 -4.29
C ASN D 533 12.00 8.24 -5.14
N ALA D 534 10.88 8.89 -5.39
CA ALA D 534 9.72 8.27 -6.03
C ALA D 534 9.87 8.40 -7.53
N ASP D 535 10.07 7.29 -8.22
CA ASP D 535 9.95 7.29 -9.66
C ASP D 535 8.47 7.27 -10.03
N PHE D 536 8.21 7.24 -11.35
CA PHE D 536 6.85 7.21 -11.87
C PHE D 536 6.62 6.00 -12.79
N ASP D 537 7.41 4.93 -12.63
CA ASP D 537 7.08 3.68 -13.29
C ASP D 537 5.70 3.21 -12.84
N GLY D 538 5.52 3.11 -11.53
CA GLY D 538 4.24 3.00 -10.88
C GLY D 538 4.52 2.97 -9.39
N ASP D 539 3.87 3.81 -8.61
CA ASP D 539 4.28 3.97 -7.22
C ASP D 539 3.13 4.56 -6.42
N GLN D 540 2.57 3.77 -5.52
CA GLN D 540 1.43 4.20 -4.74
C GLN D 540 1.90 4.99 -3.53
N MET D 541 1.30 6.16 -3.33
CA MET D 541 1.70 7.06 -2.25
C MET D 541 0.49 7.38 -1.38
N ALA D 542 0.64 7.20 -0.07
CA ALA D 542 -0.44 7.38 0.86
C ALA D 542 -0.70 8.86 1.12
N VAL D 543 -1.94 9.16 1.49
CA VAL D 543 -2.40 10.51 1.81
C VAL D 543 -3.05 10.45 3.17
N HIS D 544 -2.75 11.45 4.00
CA HIS D 544 -3.33 11.58 5.33
C HIS D 544 -3.85 12.99 5.53
N LEU D 545 -4.65 13.18 6.57
CA LEU D 545 -5.20 14.48 6.91
C LEU D 545 -4.81 14.86 8.33
N PRO D 546 -4.25 16.03 8.58
CA PRO D 546 -4.15 16.51 9.96
C PRO D 546 -5.51 17.02 10.42
N LEU D 547 -6.18 16.23 11.25
CA LEU D 547 -7.55 16.54 11.64
C LEU D 547 -7.63 17.77 12.53
N SER D 548 -6.91 17.76 13.65
CA SER D 548 -7.02 18.84 14.61
C SER D 548 -6.44 20.15 14.07
N ALA D 549 -6.83 21.25 14.71
CA ALA D 549 -6.30 22.56 14.29
C ALA D 549 -4.80 22.63 14.49
N GLU D 550 -4.30 22.09 15.61
CA GLU D 550 -2.87 22.13 15.87
C GLU D 550 -2.12 21.34 14.81
N ALA D 551 -2.68 20.20 14.39
CA ALA D 551 -2.03 19.38 13.38
C ALA D 551 -1.90 20.15 12.07
N GLN D 552 -2.96 20.84 11.65
CA GLN D 552 -2.85 21.58 10.39
C GLN D 552 -2.00 22.83 10.53
N ALA D 553 -1.92 23.39 11.74
CA ALA D 553 -0.92 24.44 11.97
C ALA D 553 0.48 23.90 11.75
N GLU D 554 0.76 22.72 12.29
CA GLU D 554 2.05 22.09 12.08
C GLU D 554 2.30 21.83 10.60
N ALA D 555 1.27 21.38 9.88
CA ALA D 555 1.42 21.12 8.46
C ALA D 555 1.75 22.41 7.70
N ARG D 556 1.07 23.51 8.02
CA ARG D 556 1.29 24.75 7.29
C ARG D 556 2.66 25.32 7.60
N ILE D 557 3.13 25.18 8.85
CA ILE D 557 4.38 25.82 9.26
C ILE D 557 5.56 24.87 9.06
N LEU D 558 5.48 23.69 9.66
CA LEU D 558 6.66 22.82 9.75
C LEU D 558 6.79 21.94 8.52
N MET D 559 5.80 21.09 8.26
CA MET D 559 5.90 20.10 7.20
C MET D 559 5.49 20.64 5.84
N LEU D 560 5.46 21.94 5.65
CA LEU D 560 5.05 22.48 4.37
C LEU D 560 6.10 22.18 3.31
N SER D 561 5.65 22.04 2.06
CA SER D 561 6.53 21.58 1.00
C SER D 561 7.47 22.67 0.50
N SER D 562 7.30 23.90 0.95
CA SER D 562 8.13 25.02 0.50
C SER D 562 9.22 25.40 1.49
N ASN D 563 9.33 24.67 2.60
CA ASN D 563 10.32 24.97 3.63
C ASN D 563 11.33 23.85 3.81
N ASN D 564 11.47 22.99 2.80
CA ASN D 564 12.33 21.81 2.88
C ASN D 564 13.13 21.70 1.59
N ILE D 565 13.78 22.79 1.20
CA ILE D 565 14.61 22.78 0.00
C ILE D 565 15.88 21.99 0.23
N LEU D 566 16.41 21.99 1.45
CA LEU D 566 17.72 21.42 1.75
C LEU D 566 17.58 20.07 2.43
N LYS D 567 18.25 19.06 1.87
CA LYS D 567 18.24 17.74 2.47
C LYS D 567 18.95 17.79 3.83
N PRO D 568 18.34 17.26 4.90
CA PRO D 568 18.92 17.45 6.23
C PRO D 568 20.29 16.82 6.41
N ALA D 569 20.68 15.87 5.56
CA ALA D 569 21.90 15.10 5.82
C ALA D 569 23.12 16.01 5.85
N ASP D 570 23.43 16.67 4.73
CA ASP D 570 24.65 17.46 4.61
C ASP D 570 24.43 18.92 4.31
N GLY D 571 23.18 19.37 4.15
CA GLY D 571 22.94 20.76 3.83
C GLY D 571 23.25 21.10 2.39
N ARG D 572 22.49 20.52 1.48
CA ARG D 572 22.59 20.83 0.06
C ARG D 572 21.20 20.82 -0.55
N PRO D 573 21.02 21.41 -1.73
CA PRO D 573 19.72 21.32 -2.40
C PRO D 573 19.35 19.87 -2.69
N VAL D 574 18.08 19.55 -2.46
CA VAL D 574 17.57 18.21 -2.76
C VAL D 574 16.30 18.29 -3.60
N THR D 575 15.61 19.43 -3.54
CA THR D 575 14.32 19.58 -4.19
C THR D 575 14.44 20.12 -5.61
N MET D 576 15.59 19.90 -6.26
CA MET D 576 15.82 20.38 -7.62
C MET D 576 16.31 19.21 -8.47
N PRO D 577 15.40 18.30 -8.85
CA PRO D 577 15.78 17.16 -9.69
C PRO D 577 16.23 17.60 -11.08
N THR D 578 16.70 16.61 -11.83
CA THR D 578 17.61 16.88 -12.93
C THR D 578 17.34 16.04 -14.17
N GLN D 579 16.32 15.19 -14.18
CA GLN D 579 16.24 14.18 -15.23
C GLN D 579 16.06 14.82 -16.60
N ASP D 580 15.18 15.81 -16.71
CA ASP D 580 14.82 16.40 -17.99
C ASP D 580 15.07 17.89 -18.06
N MET D 581 14.78 18.63 -16.99
CA MET D 581 14.85 20.07 -17.05
C MET D 581 16.30 20.57 -17.10
N VAL D 582 17.17 19.97 -16.29
CA VAL D 582 18.56 20.41 -16.28
C VAL D 582 19.20 20.22 -17.64
N LEU D 583 18.75 19.22 -18.39
CA LEU D 583 19.15 19.13 -19.79
C LEU D 583 18.74 20.39 -20.54
N GLY D 584 17.52 20.87 -20.32
CA GLY D 584 17.10 22.09 -20.98
C GLY D 584 17.98 23.27 -20.64
N LEU D 585 18.26 23.47 -19.35
CA LEU D 585 19.12 24.58 -18.95
C LEU D 585 20.51 24.45 -19.55
N PHE D 586 21.08 23.24 -19.54
CA PHE D 586 22.40 23.04 -20.13
C PHE D 586 22.38 23.31 -21.63
N PHE D 587 21.33 22.87 -22.31
CA PHE D 587 21.16 23.24 -23.71
C PHE D 587 21.10 24.73 -23.89
N LEU D 588 20.61 25.44 -22.87
CA LEU D 588 20.40 26.87 -22.98
C LEU D 588 21.69 27.65 -22.74
N THR D 589 22.37 27.42 -21.62
CA THR D 589 23.60 28.13 -21.28
C THR D 589 24.78 27.33 -21.84
N THR D 590 24.84 27.21 -23.16
CA THR D 590 25.88 26.41 -23.83
C THR D 590 26.78 27.35 -24.63
N ASP D 591 28.04 26.96 -24.75
CA ASP D 591 28.98 27.73 -25.55
C ASP D 591 28.71 27.49 -27.03
N SER D 592 29.55 28.03 -27.90
CA SER D 592 29.32 27.91 -29.33
C SER D 592 29.58 26.47 -29.79
N GLU D 593 29.44 26.27 -31.09
CA GLU D 593 29.64 25.01 -31.81
C GLU D 593 28.51 24.01 -31.56
N GLY D 594 27.59 24.26 -30.64
CA GLY D 594 26.46 23.38 -30.47
C GLY D 594 25.62 23.24 -31.72
N ARG D 595 25.74 24.20 -32.63
CA ARG D 595 25.12 24.15 -33.95
C ARG D 595 26.06 24.90 -34.89
N SER D 596 25.55 25.24 -36.08
CA SER D 596 26.25 26.18 -36.94
C SER D 596 25.94 27.59 -36.43
N PRO D 597 26.86 28.26 -35.70
CA PRO D 597 26.45 29.49 -35.01
C PRO D 597 26.16 30.64 -35.98
N LYS D 598 25.01 30.55 -36.64
CA LYS D 598 24.59 31.64 -37.51
C LYS D 598 24.21 32.87 -36.68
N GLY D 599 24.39 34.04 -37.29
CA GLY D 599 24.05 35.28 -36.61
C GLY D 599 24.89 35.55 -35.39
N GLU D 600 26.15 35.14 -35.39
CA GLU D 600 27.05 35.35 -34.28
C GLU D 600 27.93 36.55 -34.57
N GLY D 601 28.24 37.32 -33.54
CA GLY D 601 29.09 38.48 -33.70
C GLY D 601 28.31 39.73 -34.07
N ARG D 602 27.24 39.99 -33.33
CA ARG D 602 26.40 41.16 -33.53
C ARG D 602 25.99 41.68 -32.16
N ALA D 603 25.63 42.96 -32.12
CA ALA D 603 25.19 43.61 -30.90
C ALA D 603 23.70 43.94 -31.01
N PHE D 604 23.01 43.90 -29.88
CA PHE D 604 21.56 44.10 -29.82
C PHE D 604 21.21 45.12 -28.76
N GLY D 605 20.18 45.91 -29.03
CA GLY D 605 19.80 46.95 -28.08
C GLY D 605 19.27 46.39 -26.78
N SER D 606 18.41 45.37 -26.85
CA SER D 606 17.80 44.81 -25.66
C SER D 606 17.45 43.35 -25.91
N SER D 607 17.27 42.62 -24.80
CA SER D 607 16.91 41.22 -24.89
C SER D 607 15.62 41.03 -25.68
N ALA D 608 14.72 42.00 -25.62
CA ALA D 608 13.47 41.88 -26.39
C ALA D 608 13.75 41.82 -27.88
N GLU D 609 14.57 42.74 -28.39
CA GLU D 609 14.89 42.73 -29.80
C GLU D 609 15.74 41.52 -30.15
N ALA D 610 16.51 41.01 -29.19
CA ALA D 610 17.22 39.76 -29.40
C ALA D 610 16.24 38.61 -29.60
N ILE D 611 15.18 38.55 -28.79
CA ILE D 611 14.17 37.51 -28.96
C ILE D 611 13.46 37.70 -30.30
N MET D 612 13.27 38.94 -30.71
CA MET D 612 12.67 39.19 -32.02
C MET D 612 13.54 38.58 -33.12
N ALA D 613 14.85 38.80 -33.05
CA ALA D 613 15.74 38.21 -34.03
C ALA D 613 15.70 36.69 -33.95
N PHE D 614 15.65 36.14 -32.74
CA PHE D 614 15.63 34.69 -32.56
C PHE D 614 14.41 34.09 -33.23
N ASP D 615 13.25 34.72 -33.05
CA ASP D 615 12.07 34.28 -33.77
C ASP D 615 12.24 34.46 -35.26
N ALA D 616 12.96 35.50 -35.68
CA ALA D 616 13.23 35.69 -37.09
C ALA D 616 14.06 34.55 -37.67
N GLY D 617 14.79 33.82 -36.83
CA GLY D 617 15.57 32.69 -37.27
C GLY D 617 16.97 33.02 -37.72
N ASP D 618 17.30 34.30 -37.88
CA ASP D 618 18.66 34.68 -38.27
C ASP D 618 19.67 34.24 -37.21
N LEU D 619 19.34 34.40 -35.94
CA LEU D 619 20.24 34.11 -34.84
C LEU D 619 19.89 32.76 -34.21
N THR D 620 20.87 32.15 -33.57
CA THR D 620 20.68 30.92 -32.81
C THR D 620 20.95 31.20 -31.34
N LEU D 621 20.25 30.47 -30.48
CA LEU D 621 20.32 30.70 -29.05
C LEU D 621 21.74 30.56 -28.52
N GLN D 622 22.51 29.60 -29.05
CA GLN D 622 23.91 29.45 -28.70
C GLN D 622 24.72 30.26 -29.72
N ALA D 623 24.90 31.54 -29.42
CA ALA D 623 25.71 32.39 -30.28
C ALA D 623 26.23 33.59 -29.50
N LYS D 624 27.55 33.75 -29.46
CA LYS D 624 28.13 34.84 -28.69
C LYS D 624 27.80 36.17 -29.35
N ILE D 625 27.19 37.07 -28.57
CA ILE D 625 26.80 38.38 -29.04
C ILE D 625 27.10 39.39 -27.94
N ASP D 626 26.75 40.65 -28.19
CA ASP D 626 26.73 41.68 -27.18
C ASP D 626 25.26 41.98 -26.90
N ILE D 627 24.94 42.28 -25.65
CA ILE D 627 23.60 42.69 -25.26
C ILE D 627 23.72 43.83 -24.26
N ARG D 628 22.74 44.72 -24.27
CA ARG D 628 22.59 45.73 -23.24
C ARG D 628 21.82 45.13 -22.07
N PHE D 629 21.61 45.96 -21.04
CA PHE D 629 20.75 45.55 -19.94
C PHE D 629 20.10 46.82 -19.37
N PRO D 630 18.79 46.81 -19.10
CA PRO D 630 18.19 47.97 -18.44
C PRO D 630 18.77 48.15 -17.05
N VAL D 631 18.60 49.36 -16.53
CA VAL D 631 19.08 49.67 -15.19
C VAL D 631 18.44 48.70 -14.20
N GLY D 632 19.10 48.50 -13.07
CA GLY D 632 18.69 47.53 -12.09
C GLY D 632 19.22 46.13 -12.32
N THR D 633 19.78 45.86 -13.49
CA THR D 633 20.36 44.56 -13.78
C THR D 633 21.72 44.45 -13.10
N ILE D 634 21.78 43.70 -12.00
CA ILE D 634 23.05 43.53 -11.28
C ILE D 634 24.03 42.80 -12.20
N PRO D 635 25.28 43.25 -12.31
CA PRO D 635 26.19 42.62 -13.26
C PRO D 635 26.80 41.37 -12.66
N PRO D 636 27.57 40.62 -13.45
CA PRO D 636 28.26 39.44 -12.91
C PRO D 636 29.20 39.83 -11.77
N ARG D 637 29.36 38.90 -10.83
CA ARG D 637 30.31 39.12 -9.74
C ARG D 637 31.70 39.42 -10.27
N GLY D 638 32.14 38.70 -11.30
CA GLY D 638 33.41 38.98 -11.93
C GLY D 638 33.43 40.24 -12.77
N PHE D 639 32.27 40.74 -13.18
CA PHE D 639 32.19 41.98 -13.93
C PHE D 639 32.26 43.21 -13.04
N GLU D 640 32.24 43.04 -11.72
CA GLU D 640 32.26 44.18 -10.83
C GLU D 640 33.53 45.02 -10.96
N PRO D 641 34.74 44.47 -11.01
CA PRO D 641 35.92 45.31 -11.24
C PRO D 641 35.85 46.05 -12.57
N PRO D 642 35.64 45.36 -13.70
CA PRO D 642 35.56 46.10 -14.97
C PRO D 642 34.31 46.96 -15.05
N ALA D 643 34.42 48.01 -15.86
CA ALA D 643 33.32 48.95 -16.09
C ALA D 643 33.62 49.67 -17.40
N ARG D 644 32.73 50.59 -17.76
CA ARG D 644 32.85 51.32 -19.01
C ARG D 644 33.82 52.48 -18.80
N GLU D 645 34.34 53.03 -19.91
CA GLU D 645 35.44 53.99 -19.87
C GLU D 645 34.86 55.39 -19.88
N GLU D 646 35.18 56.17 -18.85
CA GLU D 646 34.69 57.54 -18.76
C GLU D 646 35.57 58.32 -17.82
N GLY D 647 35.57 59.63 -17.99
CA GLY D 647 36.31 60.56 -17.15
C GLY D 647 35.62 60.96 -15.86
N GLU D 648 34.45 60.39 -15.58
CA GLU D 648 33.65 60.68 -14.40
C GLU D 648 33.38 59.40 -13.61
N PRO D 649 33.12 59.50 -12.31
CA PRO D 649 32.82 58.28 -11.55
C PRO D 649 31.58 57.58 -12.10
N GLU D 650 31.66 56.24 -12.13
CA GLU D 650 30.56 55.42 -12.62
C GLU D 650 30.31 54.31 -11.61
N TRP D 651 29.05 53.90 -11.52
CA TRP D 651 28.62 52.84 -10.61
C TRP D 651 27.82 51.85 -11.46
N GLN D 652 28.54 50.94 -12.11
CA GLN D 652 27.93 49.95 -12.97
C GLN D 652 27.36 48.77 -12.19
N GLN D 653 27.59 48.73 -10.87
CA GLN D 653 27.00 47.68 -10.05
C GLN D 653 25.48 47.68 -10.12
N GLY D 654 24.85 48.82 -10.42
CA GLY D 654 23.41 48.87 -10.58
C GLY D 654 22.89 49.82 -11.64
N ASP D 655 23.68 50.14 -12.67
CA ASP D 655 23.16 50.91 -13.80
C ASP D 655 23.34 50.14 -15.10
N THR D 656 23.03 50.77 -16.22
CA THR D 656 23.12 50.10 -17.51
C THR D 656 24.56 49.67 -17.81
N PHE D 657 24.68 48.51 -18.44
CA PHE D 657 25.99 48.02 -18.87
C PHE D 657 25.77 47.06 -20.03
N THR D 658 26.63 47.12 -21.03
CA THR D 658 26.66 46.11 -22.06
C THR D 658 27.54 44.94 -21.62
N LEU D 659 27.31 43.78 -22.21
CA LEU D 659 28.07 42.60 -21.86
C LEU D 659 28.03 41.62 -23.02
N LYS D 660 29.12 40.87 -23.18
CA LYS D 660 29.20 39.85 -24.22
C LYS D 660 28.70 38.54 -23.62
N THR D 661 27.62 38.02 -24.20
CA THR D 661 27.03 36.79 -23.70
C THR D 661 26.08 36.25 -24.76
N THR D 662 25.26 35.28 -24.37
CA THR D 662 24.27 34.66 -25.25
C THR D 662 22.87 35.01 -24.76
N LEU D 663 21.91 34.95 -25.68
CA LEU D 663 20.51 35.12 -25.28
C LEU D 663 20.14 34.18 -24.16
N GLY D 664 20.68 32.96 -24.19
CA GLY D 664 20.34 32.00 -23.16
C GLY D 664 20.74 32.48 -21.79
N ARG D 665 21.96 32.99 -21.65
CA ARG D 665 22.40 33.44 -20.34
C ARG D 665 21.53 34.59 -19.85
N ALA D 666 21.11 35.46 -20.76
CA ALA D 666 20.17 36.51 -20.40
C ALA D 666 18.86 35.93 -19.88
N LEU D 667 18.27 35.00 -20.63
CA LEU D 667 17.00 34.40 -20.20
C LEU D 667 17.15 33.74 -18.85
N PHE D 668 18.26 33.02 -18.65
CA PHE D 668 18.46 32.32 -17.39
C PHE D 668 18.59 33.30 -16.24
N ASN D 669 19.25 34.44 -16.47
CA ASN D 669 19.25 35.46 -15.43
C ASN D 669 17.85 35.98 -15.17
N GLU D 670 17.10 36.28 -16.23
CA GLU D 670 15.74 36.79 -16.08
C GLU D 670 14.87 35.86 -15.26
N LEU D 671 15.03 34.55 -15.40
CA LEU D 671 14.34 33.64 -14.50
C LEU D 671 14.74 33.89 -13.07
N LEU D 672 16.03 34.08 -12.81
CA LEU D 672 16.48 34.41 -11.48
C LEU D 672 15.99 35.80 -11.11
N PRO D 673 15.86 36.09 -9.81
CA PRO D 673 15.33 37.40 -9.42
C PRO D 673 16.29 38.51 -9.81
N GLU D 674 15.75 39.72 -9.86
CA GLU D 674 16.52 40.86 -10.38
C GLU D 674 17.76 41.13 -9.53
N ASP D 675 17.64 41.00 -8.21
CA ASP D 675 18.75 41.37 -7.33
C ASP D 675 19.92 40.40 -7.44
N TYR D 676 19.70 39.21 -7.97
CA TYR D 676 20.78 38.25 -8.08
C TYR D 676 21.77 38.69 -9.17
N PRO D 677 23.07 38.64 -8.91
CA PRO D 677 24.04 38.98 -9.97
C PRO D 677 23.91 38.06 -11.17
N PHE D 678 24.26 38.59 -12.34
CA PHE D 678 24.17 37.83 -13.57
C PHE D 678 25.07 36.61 -13.53
N VAL D 679 24.63 35.55 -14.20
CA VAL D 679 25.36 34.30 -14.31
C VAL D 679 25.64 34.06 -15.79
N ASP D 680 26.93 33.90 -16.14
CA ASP D 680 27.37 33.83 -17.53
C ASP D 680 28.04 32.51 -17.87
N TYR D 681 28.18 31.60 -16.91
CA TYR D 681 28.89 30.35 -17.12
C TYR D 681 27.88 29.22 -17.21
N GLU D 682 28.28 28.14 -17.88
CA GLU D 682 27.37 27.02 -18.09
C GLU D 682 26.93 26.43 -16.75
N VAL D 683 25.68 26.00 -16.70
CA VAL D 683 25.05 25.57 -15.45
C VAL D 683 25.31 24.09 -15.18
N GLY D 684 25.17 23.24 -16.19
CA GLY D 684 25.37 21.82 -15.98
C GLY D 684 24.48 21.31 -14.87
N LYS D 685 25.09 20.67 -13.89
CA LYS D 685 24.40 20.22 -12.69
C LYS D 685 24.98 20.82 -11.42
N LYS D 686 26.29 20.75 -11.23
CA LYS D 686 26.90 21.17 -9.97
C LYS D 686 26.65 22.65 -9.72
N GLN D 687 26.82 23.47 -10.76
CA GLN D 687 26.68 24.90 -10.60
C GLN D 687 25.24 25.28 -10.29
N LEU D 688 24.28 24.56 -10.87
CA LEU D 688 22.88 24.83 -10.55
C LEU D 688 22.62 24.59 -9.07
N SER D 689 23.14 23.49 -8.53
CA SER D 689 22.98 23.23 -7.10
C SER D 689 23.66 24.31 -6.28
N GLU D 690 24.82 24.79 -6.74
CA GLU D 690 25.51 25.87 -6.02
C GLU D 690 24.64 27.11 -5.94
N ILE D 691 24.10 27.55 -7.08
CA ILE D 691 23.32 28.78 -7.08
C ILE D 691 22.02 28.59 -6.30
N VAL D 692 21.44 27.39 -6.36
CA VAL D 692 20.24 27.13 -5.57
C VAL D 692 20.57 27.23 -4.09
N ASN D 693 21.73 26.71 -3.69
CA ASN D 693 22.15 26.85 -2.30
C ASN D 693 22.29 28.32 -1.93
N ASP D 694 22.90 29.11 -2.82
CA ASP D 694 23.03 30.54 -2.55
C ASP D 694 21.67 31.19 -2.35
N LEU D 695 20.73 30.91 -3.25
CA LEU D 695 19.41 31.52 -3.17
C LEU D 695 18.72 31.11 -1.87
N ALA D 696 18.76 29.82 -1.54
CA ALA D 696 18.14 29.36 -0.31
C ALA D 696 18.81 29.98 0.91
N GLU D 697 20.08 30.37 0.79
CA GLU D 697 20.78 30.96 1.92
C GLU D 697 20.39 32.42 2.13
N ARG D 698 20.41 33.22 1.05
CA ARG D 698 20.38 34.66 1.19
C ARG D 698 19.00 35.29 1.04
N TYR D 699 18.03 34.57 0.50
CA TYR D 699 16.77 35.13 0.08
C TYR D 699 15.63 34.54 0.90
N PRO D 700 14.45 35.17 0.87
CA PRO D 700 13.30 34.60 1.59
C PRO D 700 12.75 33.38 0.87
N LYS D 701 11.95 32.62 1.62
CA LYS D 701 11.49 31.32 1.13
C LYS D 701 10.59 31.48 -0.10
N VAL D 702 9.68 32.44 -0.07
CA VAL D 702 8.72 32.59 -1.16
C VAL D 702 9.44 32.86 -2.47
N ILE D 703 10.49 33.69 -2.43
CA ILE D 703 11.27 33.94 -3.62
C ILE D 703 11.93 32.67 -4.10
N VAL D 704 12.41 31.85 -3.16
CA VAL D 704 13.02 30.58 -3.53
C VAL D 704 12.01 29.72 -4.29
N ALA D 705 10.80 29.59 -3.76
CA ALA D 705 9.80 28.76 -4.40
C ALA D 705 9.44 29.28 -5.79
N ALA D 706 9.23 30.59 -5.90
CA ALA D 706 8.88 31.16 -7.20
C ALA D 706 10.00 30.94 -8.20
N THR D 707 11.25 31.14 -7.77
CA THR D 707 12.38 30.96 -8.66
C THR D 707 12.48 29.52 -9.13
N LEU D 708 12.32 28.56 -8.21
CA LEU D 708 12.37 27.17 -8.62
C LEU D 708 11.27 26.84 -9.60
N ASP D 709 10.08 27.38 -9.38
CA ASP D 709 8.98 27.11 -10.30
C ASP D 709 9.27 27.66 -11.69
N ASN D 710 9.79 28.89 -11.75
CA ASN D 710 10.14 29.46 -13.04
C ASN D 710 11.21 28.62 -13.72
N LEU D 711 12.21 28.18 -12.94
CA LEU D 711 13.25 27.32 -13.49
C LEU D 711 12.65 26.06 -14.09
N LYS D 712 11.71 25.45 -13.38
CA LYS D 712 11.09 24.23 -13.88
C LYS D 712 10.37 24.48 -15.20
N ALA D 713 9.57 25.54 -15.26
CA ALA D 713 8.82 25.81 -16.47
C ALA D 713 9.76 26.02 -17.66
N ALA D 714 10.75 26.90 -17.50
CA ALA D 714 11.66 27.16 -18.59
C ALA D 714 12.46 25.90 -18.95
N GLY D 715 12.83 25.12 -17.95
CA GLY D 715 13.61 23.93 -18.21
C GLY D 715 12.85 22.94 -19.06
N PHE D 716 11.59 22.68 -18.72
CA PHE D 716 10.80 21.78 -19.54
C PHE D 716 10.63 22.35 -20.94
N PHE D 717 10.38 23.65 -21.04
CA PHE D 717 10.18 24.24 -22.36
C PHE D 717 11.41 24.06 -23.24
N TRP D 718 12.58 24.35 -22.69
CA TRP D 718 13.78 24.26 -23.50
C TRP D 718 14.23 22.82 -23.71
N ALA D 719 13.88 21.90 -22.81
CA ALA D 719 14.09 20.49 -23.10
C ALA D 719 13.25 20.07 -24.29
N THR D 720 11.99 20.55 -24.35
CA THR D 720 11.18 20.30 -25.53
C THR D 720 11.87 20.81 -26.78
N ARG D 721 12.47 22.00 -26.69
CA ARG D 721 13.05 22.60 -27.88
C ARG D 721 14.44 22.06 -28.20
N SER D 722 15.09 21.35 -27.27
CA SER D 722 16.47 20.96 -27.49
C SER D 722 16.61 20.01 -28.67
N GLY D 723 15.71 19.04 -28.80
CA GLY D 723 15.81 18.06 -29.86
C GLY D 723 16.67 16.85 -29.52
N VAL D 724 16.97 16.63 -28.24
CA VAL D 724 17.70 15.43 -27.84
C VAL D 724 16.87 14.21 -28.25
N THR D 725 17.54 13.21 -28.81
CA THR D 725 16.90 11.99 -29.23
C THR D 725 17.89 10.85 -29.09
N VAL D 726 17.49 9.66 -29.54
CA VAL D 726 18.38 8.52 -29.65
C VAL D 726 18.04 7.80 -30.95
N ALA D 727 19.06 7.34 -31.66
CA ALA D 727 18.87 6.69 -32.95
C ALA D 727 20.08 5.82 -33.26
N ILE D 728 19.97 5.05 -34.34
CA ILE D 728 20.98 4.06 -34.68
C ILE D 728 22.27 4.76 -35.09
N SER D 729 22.16 5.83 -35.86
CA SER D 729 23.31 6.64 -36.21
C SER D 729 23.79 7.49 -35.05
N ASP D 730 22.97 7.66 -34.01
CA ASP D 730 23.39 8.47 -32.87
C ASP D 730 24.54 7.80 -32.13
N ILE D 731 24.40 6.53 -31.79
CA ILE D 731 25.46 5.77 -31.14
C ILE D 731 26.34 5.18 -32.22
N VAL D 732 27.49 5.80 -32.45
CA VAL D 732 28.40 5.39 -33.51
C VAL D 732 29.56 4.63 -32.88
N VAL D 733 29.81 3.42 -33.36
CA VAL D 733 30.95 2.65 -32.87
C VAL D 733 32.24 3.30 -33.37
N PRO D 734 33.29 3.38 -32.56
CA PRO D 734 34.57 3.86 -33.08
C PRO D 734 35.04 3.02 -34.25
N ASP D 735 35.58 3.69 -35.27
CA ASP D 735 36.13 2.98 -36.42
C ASP D 735 37.36 2.18 -36.02
N ALA D 736 38.23 2.76 -35.19
CA ALA D 736 39.49 2.14 -34.85
C ALA D 736 39.34 0.83 -34.08
N LYS D 737 38.26 0.69 -33.31
CA LYS D 737 38.09 -0.40 -32.37
C LYS D 737 38.50 -1.74 -32.95
N LYS D 738 37.80 -2.17 -34.02
CA LYS D 738 38.07 -3.46 -34.65
C LYS D 738 39.58 -3.66 -34.82
N GLU D 739 40.25 -2.71 -35.48
CA GLU D 739 41.67 -2.83 -35.72
C GLU D 739 42.41 -3.10 -34.42
N ILE D 740 42.29 -2.18 -33.46
CA ILE D 740 43.07 -2.33 -32.23
C ILE D 740 42.75 -3.67 -31.59
N VAL D 741 41.46 -4.04 -31.53
CA VAL D 741 41.13 -5.25 -30.79
C VAL D 741 41.71 -6.46 -31.48
N LYS D 742 41.70 -6.50 -32.82
CA LYS D 742 42.27 -7.68 -33.47
C LYS D 742 43.75 -7.77 -33.15
N GLY D 743 44.44 -6.63 -33.13
CA GLY D 743 45.82 -6.63 -32.68
C GLY D 743 45.94 -7.19 -31.28
N TYR D 744 45.08 -6.70 -30.38
CA TYR D 744 45.07 -7.25 -29.03
C TYR D 744 44.75 -8.73 -29.08
N GLU D 745 43.75 -9.10 -29.88
CA GLU D 745 43.42 -10.51 -30.03
C GLU D 745 44.63 -11.27 -30.55
N GLY D 746 45.36 -10.67 -31.48
CA GLY D 746 46.53 -11.28 -32.02
C GLY D 746 47.46 -11.63 -30.88
N GLN D 747 47.74 -10.64 -30.01
CA GLN D 747 48.57 -10.91 -28.84
C GLN D 747 48.08 -12.14 -28.11
N ASP D 748 46.76 -12.17 -27.83
CA ASP D 748 46.17 -13.26 -27.05
C ASP D 748 46.60 -14.61 -27.60
N GLU D 749 46.47 -14.80 -28.92
CA GLU D 749 46.65 -16.15 -29.42
C GLU D 749 48.13 -16.54 -29.42
N LYS D 750 49.03 -15.57 -29.63
CA LYS D 750 50.44 -15.92 -29.45
C LYS D 750 50.69 -16.43 -28.04
N VAL D 751 50.09 -15.78 -27.03
CA VAL D 751 50.30 -16.29 -25.67
C VAL D 751 49.73 -17.69 -25.57
N GLN D 752 48.54 -17.91 -26.11
CA GLN D 752 47.97 -19.25 -26.08
C GLN D 752 48.91 -20.24 -26.74
N LYS D 753 49.54 -19.84 -27.85
CA LYS D 753 50.52 -20.70 -28.48
C LYS D 753 51.66 -21.00 -27.53
N GLN D 754 52.24 -19.97 -26.92
CA GLN D 754 53.32 -20.24 -25.98
C GLN D 754 52.82 -20.86 -24.69
N TYR D 755 51.52 -21.08 -24.56
CA TYR D 755 50.98 -21.89 -23.48
C TYR D 755 50.75 -23.34 -23.90
N GLU D 756 50.43 -23.60 -25.18
CA GLU D 756 50.14 -24.97 -25.55
C GLU D 756 51.39 -25.84 -25.54
N ARG D 757 52.57 -25.21 -25.57
CA ARG D 757 53.83 -25.91 -25.37
C ARG D 757 54.22 -26.02 -23.91
N GLY D 758 53.38 -25.52 -22.99
CA GLY D 758 53.67 -25.60 -21.58
C GLY D 758 54.69 -24.62 -21.08
N LEU D 759 55.12 -23.67 -21.91
CA LEU D 759 56.15 -22.73 -21.50
C LEU D 759 55.69 -21.80 -20.40
N ILE D 760 54.38 -21.69 -20.18
CA ILE D 760 53.82 -20.85 -19.12
C ILE D 760 52.76 -21.66 -18.39
N THR D 761 52.57 -21.35 -17.12
CA THR D 761 51.52 -21.97 -16.33
C THR D 761 50.17 -21.36 -16.68
N LYS D 762 49.11 -22.11 -16.36
CA LYS D 762 47.77 -21.61 -16.60
C LYS D 762 47.48 -20.38 -15.75
N GLU D 763 47.94 -20.36 -14.50
CA GLU D 763 47.69 -19.22 -13.63
C GLU D 763 48.38 -17.97 -14.15
N GLU D 764 49.66 -18.08 -14.53
CA GLU D 764 50.37 -16.94 -15.08
C GLU D 764 49.71 -16.47 -16.37
N ARG D 765 49.26 -17.42 -17.20
CA ARG D 765 48.52 -17.06 -18.40
C ARG D 765 47.28 -16.26 -18.06
N THR D 766 46.54 -16.70 -17.03
CA THR D 766 45.34 -15.96 -16.64
C THR D 766 45.69 -14.54 -16.21
N GLN D 767 46.75 -14.40 -15.40
CA GLN D 767 47.12 -13.07 -14.91
C GLN D 767 47.50 -12.15 -16.06
N GLU D 768 48.33 -12.64 -16.98
CA GLU D 768 48.75 -11.78 -18.09
C GLU D 768 47.59 -11.49 -19.03
N LEU D 769 46.67 -12.45 -19.21
CA LEU D 769 45.50 -12.17 -20.05
C LEU D 769 44.61 -11.10 -19.44
N ILE D 770 44.34 -11.18 -18.14
CA ILE D 770 43.48 -10.18 -17.52
C ILE D 770 44.14 -8.81 -17.58
N ALA D 771 45.46 -8.77 -17.39
CA ALA D 771 46.16 -7.50 -17.54
C ALA D 771 46.06 -6.97 -18.97
N ILE D 772 46.25 -7.85 -19.96
CA ILE D 772 46.20 -7.44 -21.36
C ILE D 772 44.84 -6.85 -21.67
N TRP D 773 43.78 -7.52 -21.25
CA TRP D 773 42.45 -7.06 -21.61
C TRP D 773 42.01 -5.86 -20.79
N THR D 774 42.53 -5.69 -19.55
CA THR D 774 42.33 -4.44 -18.85
C THR D 774 42.92 -3.29 -19.64
N LYS D 775 44.13 -3.47 -20.14
CA LYS D 775 44.73 -2.45 -21.00
C LYS D 775 43.88 -2.21 -22.23
N ALA D 776 43.41 -3.29 -22.87
CA ALA D 776 42.65 -3.15 -24.10
C ALA D 776 41.36 -2.38 -23.88
N THR D 777 40.61 -2.73 -22.83
CA THR D 777 39.35 -2.06 -22.58
C THR D 777 39.55 -0.61 -22.17
N ASN D 778 40.59 -0.33 -21.37
CA ASN D 778 40.88 1.06 -21.05
C ASN D 778 41.16 1.86 -22.31
N GLU D 779 41.98 1.30 -23.21
CA GLU D 779 42.35 2.01 -24.42
C GLU D 779 41.14 2.22 -25.32
N VAL D 780 40.27 1.21 -25.45
CA VAL D 780 39.09 1.37 -26.29
C VAL D 780 38.15 2.39 -25.68
N ALA D 781 38.02 2.41 -24.35
CA ALA D 781 37.19 3.41 -23.70
C ALA D 781 37.70 4.81 -23.99
N GLU D 782 39.02 5.01 -23.90
CA GLU D 782 39.58 6.32 -24.21
C GLU D 782 39.36 6.67 -25.67
N ALA D 783 39.51 5.69 -26.57
CA ALA D 783 39.27 5.95 -27.99
C ALA D 783 37.84 6.43 -28.23
N MET D 784 36.86 5.68 -27.72
CA MET D 784 35.47 6.08 -27.88
C MET D 784 35.21 7.44 -27.26
N ASN D 785 35.79 7.69 -26.08
CA ASN D 785 35.65 9.01 -25.46
C ASN D 785 36.15 10.10 -26.38
N ASP D 786 37.23 9.83 -27.10
CA ASP D 786 37.78 10.82 -28.02
C ASP D 786 36.88 11.00 -29.25
N ASN D 787 36.26 9.91 -29.72
CA ASN D 787 35.59 9.97 -31.02
C ASN D 787 34.32 10.81 -30.98
N PHE D 788 33.48 10.62 -29.97
CA PHE D 788 32.13 11.17 -30.02
C PHE D 788 32.19 12.70 -29.97
N PRO D 789 31.46 13.39 -30.84
CA PRO D 789 31.36 14.86 -30.72
C PRO D 789 30.53 15.27 -29.51
N LYS D 790 30.64 16.55 -29.17
CA LYS D 790 29.91 17.09 -28.03
C LYS D 790 28.48 17.49 -28.37
N THR D 791 28.05 17.35 -29.63
CA THR D 791 26.73 17.79 -30.02
C THR D 791 25.67 16.71 -29.90
N ASN D 792 26.04 15.43 -29.95
CA ASN D 792 25.04 14.38 -29.96
C ASN D 792 24.34 14.29 -28.61
N PRO D 793 23.08 13.82 -28.60
CA PRO D 793 22.27 13.94 -27.39
C PRO D 793 22.84 13.23 -26.18
N VAL D 794 23.39 12.03 -26.35
CA VAL D 794 23.85 11.26 -25.21
C VAL D 794 24.97 12.00 -24.49
N SER D 795 25.91 12.58 -25.25
CA SER D 795 26.92 13.42 -24.64
C SER D 795 26.31 14.61 -23.95
N MET D 796 25.32 15.24 -24.57
CA MET D 796 24.71 16.42 -23.99
C MET D 796 24.11 16.11 -22.64
N MET D 797 23.40 14.98 -22.54
CA MET D 797 22.73 14.62 -21.30
C MET D 797 23.67 14.10 -20.23
N VAL D 798 24.69 13.32 -20.59
CA VAL D 798 25.64 12.82 -19.60
C VAL D 798 26.50 13.96 -19.06
N ASN D 799 26.97 14.85 -19.92
CA ASN D 799 27.80 15.95 -19.45
C ASN D 799 27.01 16.94 -18.61
N SER D 800 25.74 17.14 -18.96
CA SER D 800 24.89 18.07 -18.21
C SER D 800 24.65 17.63 -16.77
N GLY D 801 24.91 16.38 -16.44
CA GLY D 801 24.48 15.84 -15.17
C GLY D 801 23.03 15.42 -15.16
N ALA D 802 22.40 15.36 -16.33
CA ALA D 802 21.00 14.94 -16.39
C ALA D 802 20.84 13.52 -15.89
N ARG D 803 21.38 12.55 -16.63
CA ARG D 803 21.22 11.14 -16.28
C ARG D 803 22.40 10.38 -16.85
N GLY D 804 22.68 9.23 -16.25
CA GLY D 804 23.71 8.35 -16.73
C GLY D 804 25.08 8.72 -16.23
N ASN D 805 26.06 7.97 -16.72
CA ASN D 805 27.45 8.15 -16.33
C ASN D 805 28.33 7.52 -17.39
N MET D 806 29.64 7.73 -17.25
CA MET D 806 30.57 7.45 -18.35
C MET D 806 30.56 5.97 -18.74
N MET D 807 30.61 5.07 -17.75
CA MET D 807 30.79 3.66 -18.09
C MET D 807 29.59 3.09 -18.82
N GLN D 808 28.40 3.65 -18.62
CA GLN D 808 27.26 3.21 -19.41
C GLN D 808 27.51 3.47 -20.89
N MET D 809 28.02 4.66 -21.22
CA MET D 809 28.39 4.92 -22.59
C MET D 809 29.51 4.00 -23.04
N ARG D 810 30.45 3.68 -22.14
CA ARG D 810 31.54 2.80 -22.51
C ARG D 810 30.99 1.45 -22.98
N GLN D 811 30.03 0.90 -22.24
CA GLN D 811 29.55 -0.44 -22.56
C GLN D 811 28.45 -0.44 -23.60
N ILE D 812 27.81 0.70 -23.88
CA ILE D 812 26.86 0.73 -25.00
C ILE D 812 27.61 0.92 -26.32
N ALA D 813 28.71 1.67 -26.30
CA ALA D 813 29.50 1.91 -27.51
C ALA D 813 30.75 1.05 -27.57
N GLY D 814 31.58 1.07 -26.53
CA GLY D 814 32.76 0.23 -26.48
C GLY D 814 32.45 -1.13 -25.89
N MET D 815 33.44 -2.01 -25.95
CA MET D 815 33.23 -3.38 -25.48
C MET D 815 33.03 -3.38 -23.96
N ARG D 816 32.24 -4.34 -23.50
CA ARG D 816 31.98 -4.46 -22.07
C ARG D 816 33.25 -4.76 -21.30
N GLY D 817 34.07 -5.66 -21.82
CA GLY D 817 35.32 -6.03 -21.18
C GLY D 817 35.16 -7.16 -20.20
N LEU D 818 36.01 -7.13 -19.18
CA LEU D 818 35.98 -8.17 -18.16
C LEU D 818 34.68 -8.12 -17.38
N VAL D 819 34.17 -9.30 -17.01
CA VAL D 819 32.97 -9.38 -16.21
C VAL D 819 33.32 -10.37 -15.10
N SER D 820 32.34 -10.74 -14.29
CA SER D 820 32.61 -11.66 -13.20
C SER D 820 31.81 -12.94 -13.26
N ASN D 821 32.49 -14.07 -13.14
CA ASN D 821 31.81 -15.36 -13.13
C ASN D 821 31.31 -15.57 -11.71
N ALA D 822 30.60 -16.66 -11.48
CA ALA D 822 30.03 -16.90 -10.17
C ALA D 822 31.13 -17.00 -9.13
N LYS D 823 30.84 -16.63 -7.88
CA LYS D 823 31.84 -16.62 -6.80
C LYS D 823 33.09 -15.79 -7.06
N ASN D 824 32.91 -14.57 -7.58
CA ASN D 824 34.05 -13.67 -7.79
C ASN D 824 35.20 -14.24 -8.60
N GLU D 825 34.90 -14.82 -9.76
CA GLU D 825 35.96 -15.33 -10.62
C GLU D 825 36.03 -14.56 -11.93
N THR D 826 37.18 -13.97 -12.26
CA THR D 826 37.30 -13.30 -13.55
C THR D 826 37.48 -14.36 -14.64
N ILE D 827 37.05 -14.03 -15.85
CA ILE D 827 37.09 -14.96 -16.97
C ILE D 827 38.32 -14.61 -17.80
N PRO D 828 39.01 -15.59 -18.41
CA PRO D 828 40.16 -15.23 -19.26
C PRO D 828 39.74 -14.46 -20.50
N ARG D 829 38.62 -14.85 -21.11
CA ARG D 829 38.11 -14.24 -22.33
C ARG D 829 37.01 -13.24 -21.97
N PRO D 830 37.29 -11.94 -21.96
CA PRO D 830 36.23 -10.96 -21.70
C PRO D 830 35.34 -10.76 -22.93
N ILE D 831 34.23 -10.07 -22.68
CA ILE D 831 33.30 -9.70 -23.75
C ILE D 831 34.00 -8.77 -24.71
N LYS D 832 33.79 -8.98 -26.01
CA LYS D 832 34.46 -8.23 -27.06
C LYS D 832 33.52 -7.48 -27.97
N ALA D 833 32.25 -7.30 -27.58
CA ALA D 833 31.25 -6.65 -28.43
C ALA D 833 30.53 -5.57 -27.62
N SER D 834 29.95 -4.61 -28.33
CA SER D 834 29.16 -3.56 -27.73
C SER D 834 27.68 -3.90 -27.83
N PHE D 835 26.91 -3.43 -26.84
CA PHE D 835 25.48 -3.66 -26.86
C PHE D 835 24.83 -3.12 -28.13
N ARG D 836 25.42 -2.10 -28.76
CA ARG D 836 25.00 -1.75 -30.10
C ARG D 836 25.28 -2.89 -31.07
N GLU D 837 26.49 -3.44 -31.04
CA GLU D 837 26.83 -4.52 -31.97
C GLU D 837 26.00 -5.77 -31.71
N GLY D 838 25.72 -6.08 -30.44
CA GLY D 838 24.96 -7.26 -30.09
C GLY D 838 25.85 -8.36 -29.55
N LEU D 839 25.64 -8.71 -28.29
CA LEU D 839 26.44 -9.74 -27.63
C LEU D 839 26.33 -11.06 -28.36
N SER D 840 27.21 -12.00 -28.01
CA SER D 840 27.14 -13.34 -28.59
C SER D 840 26.39 -14.19 -27.57
N VAL D 841 25.95 -15.37 -27.96
CA VAL D 841 25.15 -16.18 -27.05
C VAL D 841 25.94 -16.56 -25.79
N LEU D 842 27.19 -16.98 -25.98
CA LEU D 842 28.03 -17.33 -24.83
C LEU D 842 28.32 -16.11 -23.98
N GLU D 843 28.55 -14.97 -24.63
CA GLU D 843 28.83 -13.75 -23.89
C GLU D 843 27.62 -13.37 -23.05
N TYR D 844 26.44 -13.56 -23.61
CA TYR D 844 25.23 -13.23 -22.87
C TYR D 844 25.14 -14.11 -21.63
N PHE D 845 25.48 -15.38 -21.78
CA PHE D 845 25.38 -16.29 -20.65
C PHE D 845 26.30 -15.81 -19.55
N ILE D 846 27.51 -15.42 -19.91
CA ILE D 846 28.47 -14.96 -18.92
C ILE D 846 27.97 -13.67 -18.25
N SER D 847 27.35 -12.79 -19.01
CA SER D 847 26.85 -11.55 -18.45
C SER D 847 25.77 -11.76 -17.39
N THR D 848 24.85 -12.68 -17.64
CA THR D 848 23.76 -12.90 -16.71
C THR D 848 24.31 -13.35 -15.38
N HIS D 849 25.48 -13.97 -15.41
CA HIS D 849 26.10 -14.48 -14.20
C HIS D 849 26.24 -13.34 -13.21
N GLY D 850 26.94 -12.30 -13.62
CA GLY D 850 27.11 -11.14 -12.75
C GLY D 850 25.82 -10.41 -12.44
N ALA D 851 24.95 -10.25 -13.43
CA ALA D 851 23.74 -9.46 -13.22
C ALA D 851 22.79 -10.06 -12.17
N ARG D 852 22.59 -11.38 -12.23
CA ARG D 852 21.73 -12.02 -11.25
C ARG D 852 22.35 -11.89 -9.87
N LYS D 853 23.66 -12.03 -9.80
CA LYS D 853 24.35 -11.94 -8.52
C LYS D 853 24.13 -10.55 -7.95
N GLY D 854 24.21 -9.53 -8.80
CA GLY D 854 24.01 -8.17 -8.35
C GLY D 854 22.60 -7.96 -7.82
N LEU D 855 21.61 -8.53 -8.51
CA LEU D 855 20.24 -8.37 -8.09
C LEU D 855 20.03 -9.01 -6.73
N ALA D 856 20.62 -10.18 -6.54
CA ALA D 856 20.49 -10.87 -5.27
C ALA D 856 21.13 -10.02 -4.17
N ASP D 857 22.28 -9.45 -4.47
CA ASP D 857 22.98 -8.66 -3.47
C ASP D 857 22.15 -7.46 -3.04
N THR D 858 21.51 -6.79 -3.99
CA THR D 858 20.74 -5.60 -3.66
C THR D 858 19.58 -5.94 -2.73
N ALA D 859 18.90 -7.04 -3.01
CA ALA D 859 17.76 -7.44 -2.19
C ALA D 859 18.22 -7.63 -0.76
N LEU D 860 19.44 -8.10 -0.58
CA LEU D 860 19.98 -8.35 0.76
C LEU D 860 20.48 -7.05 1.37
N ARG D 861 21.10 -6.19 0.57
CA ARG D 861 21.66 -4.96 1.10
C ARG D 861 20.55 -4.06 1.61
N THR D 862 19.43 -3.99 0.90
CA THR D 862 18.28 -3.23 1.38
C THR D 862 17.81 -3.77 2.73
N ALA D 863 17.68 -5.08 2.84
CA ALA D 863 17.22 -5.66 4.10
C ALA D 863 18.15 -5.25 5.25
N ASP D 864 19.46 -5.44 5.03
CA ASP D 864 20.41 -5.14 6.09
C ASP D 864 20.40 -3.65 6.44
N SER D 865 20.28 -2.80 5.43
CA SER D 865 20.25 -1.36 5.68
C SER D 865 19.04 -0.97 6.52
N GLY D 866 17.89 -1.56 6.22
CA GLY D 866 16.72 -1.30 7.04
C GLY D 866 16.95 -1.69 8.48
N TYR D 867 17.53 -2.87 8.69
CA TYR D 867 17.84 -3.28 10.06
C TYR D 867 18.76 -2.28 10.74
N LEU D 868 19.81 -1.86 10.03
CA LEU D 868 20.76 -0.93 10.63
C LEU D 868 20.08 0.38 10.99
N THR D 869 19.21 0.88 10.12
CA THR D 869 18.53 2.13 10.41
C THR D 869 17.67 2.00 11.65
N ARG D 870 16.98 0.87 11.81
CA ARG D 870 16.17 0.69 13.01
C ARG D 870 17.05 0.71 14.25
N ARG D 871 18.19 0.03 14.19
CA ARG D 871 19.07 0.00 15.36
C ARG D 871 19.54 1.42 15.70
N LEU D 872 19.98 2.18 14.68
CA LEU D 872 20.45 3.53 14.94
C LEU D 872 19.36 4.40 15.53
N VAL D 873 18.16 4.37 14.94
CA VAL D 873 17.14 5.29 15.41
C VAL D 873 16.70 4.94 16.82
N ASP D 874 16.69 3.64 17.15
CA ASP D 874 16.32 3.27 18.51
C ASP D 874 17.40 3.63 19.51
N VAL D 875 18.67 3.41 19.17
CA VAL D 875 19.75 3.76 20.09
C VAL D 875 19.96 5.26 20.15
N SER D 876 19.55 6.00 19.12
CA SER D 876 19.81 7.43 19.03
C SER D 876 18.74 8.28 19.67
N GLN D 877 17.67 7.68 20.20
CA GLN D 877 16.60 8.47 20.77
C GLN D 877 17.03 9.09 22.10
N ASP D 878 16.16 9.93 22.64
CA ASP D 878 16.31 10.63 23.92
C ASP D 878 17.35 11.75 23.87
N VAL D 879 17.99 11.99 22.72
CA VAL D 879 18.94 13.07 22.57
C VAL D 879 18.19 14.22 21.90
N ILE D 880 17.69 15.14 22.73
CA ILE D 880 16.95 16.31 22.27
C ILE D 880 17.65 17.55 22.83
N ILE D 881 17.64 18.62 22.05
CA ILE D 881 18.34 19.85 22.40
C ILE D 881 17.52 20.58 23.46
N ARG D 882 18.07 20.69 24.67
CA ARG D 882 17.30 21.18 25.81
C ARG D 882 18.02 22.30 26.56
N GLU D 883 18.93 23.02 25.89
CA GLU D 883 19.59 24.16 26.50
C GLU D 883 20.05 25.12 25.41
N GLU D 884 19.88 26.42 25.67
CA GLU D 884 20.19 27.42 24.65
C GLU D 884 21.70 27.47 24.39
N ASP D 885 22.52 27.49 25.44
CA ASP D 885 23.95 27.71 25.32
C ASP D 885 24.69 26.84 26.32
N CYS D 886 25.87 26.37 25.92
CA CYS D 886 26.63 25.45 26.75
C CYS D 886 27.12 26.17 28.01
N GLY D 887 27.61 25.38 28.95
CA GLY D 887 28.10 25.91 30.21
C GLY D 887 29.58 26.21 30.26
N THR D 888 30.34 25.70 29.29
CA THR D 888 31.80 25.73 29.32
C THR D 888 32.36 26.30 28.01
N GLU D 889 33.68 26.16 27.87
CA GLU D 889 34.42 26.69 26.73
C GLU D 889 35.25 25.64 26.00
N ARG D 890 35.42 24.44 26.57
CA ARG D 890 36.26 23.42 25.95
C ARG D 890 35.75 23.09 24.55
N GLY D 891 36.69 23.00 23.60
CA GLY D 891 36.35 22.77 22.21
C GLY D 891 37.07 21.58 21.61
N LEU D 892 36.91 21.39 20.30
CA LEU D 892 37.52 20.28 19.57
C LEU D 892 38.45 20.84 18.50
N LYS D 893 39.63 20.27 18.38
CA LYS D 893 40.60 20.73 17.39
C LYS D 893 40.32 20.04 16.07
N LEU D 894 40.18 20.83 15.01
CA LEU D 894 39.94 20.33 13.67
C LEU D 894 40.97 20.93 12.71
N PRO D 895 41.36 20.19 11.67
CA PRO D 895 42.26 20.76 10.66
C PRO D 895 41.48 21.61 9.67
N ILE D 896 41.62 22.93 9.80
CA ILE D 896 40.91 23.82 8.88
C ILE D 896 41.48 23.71 7.47
N ALA D 897 42.80 23.55 7.36
CA ALA D 897 43.44 23.46 6.05
C ALA D 897 44.54 22.41 6.11
N THR D 898 44.67 21.64 5.04
CA THR D 898 45.64 20.54 4.97
C THR D 898 46.19 20.43 3.57
N ARG D 899 47.19 19.56 3.42
CA ARG D 899 47.85 19.31 2.13
C ARG D 899 48.34 20.62 1.51
N ASP D 900 48.92 21.47 2.35
CA ASP D 900 49.41 22.76 1.92
C ASP D 900 50.68 22.54 1.09
N ALA D 901 50.55 22.66 -0.23
CA ALA D 901 51.70 22.48 -1.09
C ALA D 901 52.77 23.51 -0.76
N ASP D 902 53.96 23.30 -1.34
CA ASP D 902 55.10 24.15 -1.02
C ASP D 902 54.81 25.60 -1.39
N GLY D 903 55.05 26.50 -0.45
CA GLY D 903 54.84 27.91 -0.71
C GLY D 903 53.39 28.32 -0.87
N THR D 904 52.44 27.53 -0.37
CA THR D 904 51.04 27.87 -0.49
C THR D 904 50.25 27.11 0.56
N LEU D 905 49.06 27.63 0.86
CA LEU D 905 48.13 27.03 1.82
C LEU D 905 46.92 26.52 1.07
N ARG D 906 46.58 25.25 1.28
CA ARG D 906 45.44 24.61 0.64
C ARG D 906 44.45 24.15 1.69
N LYS D 907 43.19 24.48 1.49
CA LYS D 907 42.15 24.05 2.41
C LYS D 907 41.93 22.54 2.31
N ALA D 908 41.27 21.99 3.32
CA ALA D 908 40.99 20.55 3.33
C ALA D 908 40.04 20.18 2.20
N GLU D 909 40.26 19.00 1.63
CA GLU D 909 39.47 18.58 0.47
C GLU D 909 38.00 18.40 0.82
N ASP D 910 37.73 17.83 1.99
CA ASP D 910 36.37 17.52 2.44
C ASP D 910 35.99 18.37 3.64
N VAL D 911 36.32 19.66 3.55
CA VAL D 911 36.08 20.58 4.65
C VAL D 911 34.60 20.72 4.97
N GLU D 912 33.74 20.59 3.95
CA GLU D 912 32.32 20.86 4.13
C GLU D 912 31.71 19.95 5.19
N THR D 913 31.91 18.65 5.07
CA THR D 913 31.28 17.72 5.99
C THR D 913 31.79 17.89 7.42
N SER D 914 32.98 18.43 7.61
CA SER D 914 33.63 18.46 8.92
C SER D 914 33.38 19.75 9.68
N VAL D 915 33.86 20.87 9.15
CA VAL D 915 34.00 22.09 9.94
C VAL D 915 32.95 23.14 9.59
N TYR D 916 32.38 23.11 8.39
CA TYR D 916 31.27 24.01 8.08
C TYR D 916 30.15 23.81 9.09
N ALA D 917 29.37 24.86 9.31
CA ALA D 917 28.20 24.81 10.18
C ALA D 917 28.57 24.48 11.63
N ARG D 918 29.84 24.65 12.00
CA ARG D 918 30.28 24.42 13.36
C ARG D 918 30.46 25.74 14.10
N MET D 919 30.33 25.68 15.41
CA MET D 919 30.35 26.85 16.25
C MET D 919 31.77 27.02 16.79
N LEU D 920 32.38 28.18 16.54
CA LEU D 920 33.70 28.44 17.09
C LEU D 920 33.61 28.61 18.59
N ALA D 921 34.38 27.78 19.31
CA ALA D 921 34.37 27.86 20.77
C ALA D 921 34.91 29.20 21.26
N GLU D 922 35.93 29.73 20.59
CA GLU D 922 36.55 30.98 21.00
C GLU D 922 37.04 31.73 19.76
N ASP D 923 37.29 33.02 19.94
CA ASP D 923 37.78 33.85 18.85
C ASP D 923 39.15 33.38 18.40
N VAL D 924 39.56 33.86 17.23
CA VAL D 924 40.85 33.55 16.63
C VAL D 924 41.55 34.86 16.30
N VAL D 925 42.79 34.99 16.75
CA VAL D 925 43.64 36.13 16.45
C VAL D 925 44.94 35.61 15.85
N ILE D 926 45.23 36.04 14.62
CA ILE D 926 46.44 35.63 13.91
C ILE D 926 47.41 36.80 13.73
N ASP D 927 46.88 38.01 13.50
CA ASP D 927 47.69 39.20 13.33
C ASP D 927 47.50 40.18 14.48
N GLY D 928 47.13 39.68 15.66
CA GLY D 928 46.77 40.53 16.76
C GLY D 928 45.35 41.07 16.69
N LYS D 929 44.61 40.73 15.65
CA LYS D 929 43.23 41.17 15.45
C LYS D 929 42.33 39.97 15.30
N VAL D 930 41.13 40.05 15.88
CA VAL D 930 40.15 38.99 15.75
C VAL D 930 39.74 38.87 14.29
N ILE D 931 39.71 37.63 13.78
CA ILE D 931 39.30 37.34 12.40
C ILE D 931 37.87 36.80 12.37
N ALA D 932 37.64 35.67 13.03
CA ALA D 932 36.32 35.07 13.12
C ALA D 932 35.81 35.19 14.56
N PRO D 933 34.72 35.91 14.82
CA PRO D 933 34.27 36.02 16.21
C PRO D 933 33.69 34.70 16.70
N ALA D 934 33.65 34.56 18.02
CA ALA D 934 33.17 33.33 18.62
C ALA D 934 31.67 33.20 18.45
N ASN D 935 31.20 31.96 18.48
CA ASN D 935 29.79 31.64 18.36
C ASN D 935 29.20 32.18 17.06
N VAL D 936 29.97 32.03 15.99
CA VAL D 936 29.52 32.37 14.64
C VAL D 936 29.77 31.17 13.74
N ASP D 937 28.73 30.73 13.05
CA ASP D 937 28.88 29.61 12.14
C ASP D 937 29.85 29.97 11.03
N LEU D 938 30.42 28.94 10.41
CA LEU D 938 31.45 29.12 9.40
C LEU D 938 30.93 28.70 8.03
N GLY D 939 31.05 29.60 7.07
CA GLY D 939 30.65 29.35 5.70
C GLY D 939 31.81 29.50 4.73
N ASP D 940 31.51 29.73 3.46
CA ASP D 940 32.56 29.82 2.45
C ASP D 940 33.48 31.01 2.72
N VAL D 941 32.89 32.19 2.97
CA VAL D 941 33.68 33.41 3.04
C VAL D 941 34.61 33.38 4.26
N LEU D 942 34.08 33.00 5.41
CA LEU D 942 34.89 33.02 6.63
C LEU D 942 36.02 31.99 6.56
N ILE D 943 35.71 30.79 6.08
CA ILE D 943 36.73 29.76 5.95
C ILE D 943 37.80 30.19 4.96
N ASP D 944 37.38 30.78 3.84
CA ASP D 944 38.35 31.26 2.86
C ASP D 944 39.24 32.32 3.47
N ALA D 945 38.66 33.23 4.26
CA ALA D 945 39.46 34.27 4.90
C ALA D 945 40.48 33.66 5.86
N LEU D 946 40.04 32.71 6.69
CA LEU D 946 40.96 32.07 7.62
C LEU D 946 42.08 31.36 6.89
N VAL D 947 41.75 30.67 5.79
CA VAL D 947 42.77 29.99 5.00
C VAL D 947 43.76 31.00 4.45
N ALA D 948 43.25 32.13 3.94
CA ALA D 948 44.13 33.16 3.40
C ALA D 948 45.07 33.69 4.46
N HIS D 949 44.57 33.91 5.68
CA HIS D 949 45.44 34.33 6.77
C HIS D 949 46.51 33.29 7.08
N GLY D 950 46.25 32.02 6.81
CA GLY D 950 47.26 30.99 6.93
C GLY D 950 47.26 30.18 8.20
N VAL D 951 46.23 30.33 9.05
CA VAL D 951 46.13 29.46 10.22
C VAL D 951 45.91 28.03 9.77
N GLU D 952 46.62 27.09 10.41
CA GLU D 952 46.62 25.70 9.96
C GLU D 952 45.50 24.86 10.56
N GLU D 953 44.99 25.23 11.73
CA GLU D 953 43.97 24.45 12.41
C GLU D 953 42.86 25.39 12.86
N VAL D 954 41.92 24.84 13.64
CA VAL D 954 40.82 25.63 14.18
C VAL D 954 40.27 24.87 15.38
N LYS D 955 39.61 25.60 16.28
CA LYS D 955 38.96 25.03 17.45
C LYS D 955 37.46 25.28 17.32
N THR D 956 36.71 24.22 17.03
CA THR D 956 35.26 24.31 16.85
C THR D 956 34.57 23.63 18.03
N ARG D 957 33.55 24.27 18.56
CA ARG D 957 32.71 23.66 19.57
C ARG D 957 31.91 22.51 18.95
N SER D 958 31.63 21.50 19.75
CA SER D 958 30.89 20.35 19.25
C SER D 958 30.26 19.60 20.42
N ILE D 959 29.33 18.69 20.08
CA ILE D 959 28.58 17.96 21.09
C ILE D 959 29.48 17.11 21.97
N LEU D 960 30.59 16.60 21.43
CA LEU D 960 31.40 15.65 22.18
C LEU D 960 31.89 16.23 23.49
N THR D 961 32.36 17.47 23.46
CA THR D 961 32.83 18.15 24.67
C THR D 961 31.74 18.91 25.38
N CYS D 962 30.50 18.86 24.88
CA CYS D 962 29.43 19.63 25.48
C CYS D 962 29.23 19.25 26.94
N GLU D 963 28.99 20.25 27.78
CA GLU D 963 28.74 20.04 29.20
C GLU D 963 27.40 20.71 29.53
N SER D 964 26.33 19.95 29.36
CA SER D 964 24.97 20.42 29.64
C SER D 964 24.37 19.56 30.75
N GLN D 965 23.83 20.22 31.77
CA GLN D 965 23.20 19.50 32.87
C GLN D 965 22.01 18.69 32.40
N VAL D 966 21.33 19.12 31.33
CA VAL D 966 20.20 18.42 30.76
C VAL D 966 20.50 18.19 29.29
N GLY D 967 20.73 16.94 28.92
CA GLY D 967 20.95 16.62 27.51
C GLY D 967 22.14 17.35 26.95
N THR D 968 21.90 18.10 25.87
CA THR D 968 22.92 18.88 25.20
C THR D 968 22.33 20.22 24.80
N CYS D 969 23.21 21.22 24.64
CA CYS D 969 22.79 22.56 24.32
C CYS D 969 22.79 22.79 22.81
N ALA D 970 22.06 23.83 22.39
CA ALA D 970 21.96 24.15 20.98
C ALA D 970 23.29 24.55 20.38
N MET D 971 24.07 25.36 21.11
CA MET D 971 25.29 25.92 20.52
C MET D 971 26.25 24.82 20.10
N CYS D 972 26.42 23.80 20.93
CA CYS D 972 27.40 22.77 20.62
C CYS D 972 27.04 22.01 19.34
N TYR D 973 25.75 21.71 19.15
CA TYR D 973 25.37 21.04 17.91
C TYR D 973 25.41 21.99 16.72
N GLY D 974 25.42 23.29 16.96
CA GLY D 974 25.55 24.23 15.86
C GLY D 974 24.29 24.35 15.02
N ARG D 975 24.40 25.01 13.87
CA ARG D 975 23.23 25.21 13.02
C ARG D 975 22.72 23.97 12.30
N SER D 976 21.41 23.86 12.13
CA SER D 976 20.84 22.74 11.40
C SER D 976 21.14 22.90 9.93
N LEU D 977 21.59 21.83 9.30
CA LEU D 977 21.86 21.88 7.87
C LEU D 977 20.61 22.12 7.04
N ALA D 978 19.51 21.47 7.40
CA ALA D 978 18.28 21.59 6.62
C ALA D 978 17.69 22.98 6.61
N THR D 979 17.69 23.64 7.76
CA THR D 979 17.08 24.96 7.85
C THR D 979 18.12 26.01 7.58
N GLY D 980 19.38 25.60 7.50
CA GLY D 980 20.45 26.56 7.36
C GLY D 980 20.55 27.57 8.47
N LYS D 981 19.86 27.34 9.58
CA LYS D 981 19.76 28.30 10.67
C LYS D 981 20.11 27.60 11.97
N LEU D 982 20.28 28.40 13.03
CA LEU D 982 20.58 27.84 14.33
C LEU D 982 19.43 26.93 14.77
N VAL D 983 19.77 25.82 15.41
CA VAL D 983 18.78 24.84 15.79
C VAL D 983 17.91 25.40 16.91
N ASP D 984 16.59 25.35 16.71
CA ASP D 984 15.67 25.76 17.76
C ASP D 984 15.72 24.77 18.92
N ILE D 985 15.39 25.26 20.11
CA ILE D 985 15.38 24.39 21.28
C ILE D 985 14.31 23.33 21.10
N GLY D 986 14.58 22.14 21.63
CA GLY D 986 13.63 21.05 21.60
C GLY D 986 13.67 20.22 20.34
N GLU D 987 14.49 20.57 19.36
CA GLU D 987 14.60 19.76 18.16
C GLU D 987 15.18 18.39 18.51
N ALA D 988 14.59 17.35 17.94
CA ALA D 988 15.07 15.98 18.15
C ALA D 988 16.19 15.74 17.16
N VAL D 989 17.43 15.72 17.67
CA VAL D 989 18.57 15.57 16.79
C VAL D 989 18.88 14.10 16.54
N GLY D 990 18.58 13.23 17.50
CA GLY D 990 18.93 11.83 17.34
C GLY D 990 18.28 11.19 16.14
N ILE D 991 17.00 11.48 15.92
CA ILE D 991 16.27 10.80 14.85
C ILE D 991 16.75 11.28 13.49
N ILE D 992 17.03 12.57 13.36
CA ILE D 992 17.57 13.05 12.09
C ILE D 992 18.95 12.46 11.86
N ALA D 993 19.74 12.32 12.92
CA ALA D 993 21.04 11.67 12.77
C ALA D 993 20.87 10.25 12.24
N ALA D 994 19.96 9.50 12.85
CA ALA D 994 19.76 8.13 12.43
C ALA D 994 19.28 8.05 11.00
N GLN D 995 18.32 8.91 10.63
CA GLN D 995 17.78 8.86 9.28
C GLN D 995 18.85 9.20 8.25
N SER D 996 19.64 10.23 8.51
CA SER D 996 20.70 10.59 7.56
C SER D 996 21.72 9.47 7.43
N ILE D 997 22.11 8.85 8.55
CA ILE D 997 23.08 7.77 8.49
C ILE D 997 22.51 6.59 7.73
N GLY D 998 21.24 6.30 7.90
CA GLY D 998 20.67 5.08 7.37
C GLY D 998 20.23 5.17 5.93
N GLU D 999 19.87 6.35 5.46
CA GLU D 999 19.27 6.44 4.13
C GLU D 999 20.17 5.92 3.00
N PRO D 1000 21.47 6.20 2.94
CA PRO D 1000 22.25 5.79 1.76
C PRO D 1000 22.72 4.35 1.82
N GLY D 1001 22.33 3.60 2.85
CA GLY D 1001 22.78 2.21 2.96
C GLY D 1001 22.37 1.39 1.76
N THR D 1002 21.14 1.57 1.30
CA THR D 1002 20.72 0.92 0.06
C THR D 1002 21.54 1.39 -1.13
N GLN D 1003 21.98 2.65 -1.11
CA GLN D 1003 22.74 3.19 -2.23
C GLN D 1003 24.19 2.73 -2.22
N LEU D 1004 24.71 2.25 -1.09
CA LEU D 1004 26.11 1.88 -1.00
C LEU D 1004 26.49 0.84 -2.04
N THR D 1005 25.94 -0.38 -1.90
CA THR D 1005 26.15 -1.47 -2.85
C THR D 1005 27.62 -1.62 -3.25
N MET D 1006 28.54 -1.47 -2.30
CA MET D 1006 29.96 -1.69 -2.52
C MET D 1006 30.37 -3.06 -1.96
N ARG D 1007 31.19 -3.76 -2.74
CA ARG D 1007 31.73 -5.05 -2.34
C ARG D 1007 33.06 -5.26 -3.07
N THR D 1008 33.93 -6.06 -2.47
CA THR D 1008 35.19 -6.41 -3.11
C THR D 1008 34.92 -7.07 -4.45
N PHE D 1009 35.62 -6.60 -5.49
CA PHE D 1009 35.39 -7.13 -6.83
C PHE D 1009 35.76 -8.60 -6.91
N HIS D 1010 36.90 -8.98 -6.34
CA HIS D 1010 37.37 -10.36 -6.38
C HIS D 1010 38.09 -10.67 -5.08
N THR D 1011 37.87 -11.87 -4.54
CA THR D 1011 38.56 -12.26 -3.32
C THR D 1011 40.06 -12.26 -3.57
N GLY D 1012 40.46 -12.42 -4.82
CA GLY D 1012 41.87 -12.45 -5.16
C GLY D 1012 42.49 -13.80 -4.92
N GLY D 1013 41.66 -14.78 -4.56
CA GLY D 1013 42.16 -16.12 -4.29
C GLY D 1013 42.72 -16.23 -2.89
N VAL D 1014 42.60 -15.15 -2.11
CA VAL D 1014 43.11 -15.15 -0.74
C VAL D 1014 41.99 -14.76 0.23
N ALA D 1015 41.96 -15.40 1.39
CA ALA D 1015 40.88 -15.13 2.35
C ALA D 1015 41.38 -14.41 3.58
N GLY D 1016 40.70 -13.32 3.95
CA GLY D 1016 41.08 -12.57 5.13
C GLY D 1016 42.11 -11.49 4.86
N ASP D 1017 42.62 -11.44 3.63
CA ASP D 1017 43.58 -10.40 3.27
C ASP D 1017 42.94 -9.02 3.30
N ASP D 1018 41.70 -8.92 2.83
CA ASP D 1018 41.03 -7.63 2.78
C ASP D 1018 39.88 -7.55 3.76
N ILE D 1019 39.82 -6.47 4.53
CA ILE D 1019 38.78 -6.31 5.53
C ILE D 1019 37.44 -6.12 4.83
N THR D 1020 36.34 -6.43 5.51
CA THR D 1020 35.03 -6.35 4.88
C THR D 1020 34.75 -4.93 4.39
N GLN D 1021 34.12 -4.83 3.23
CA GLN D 1021 33.86 -3.52 2.65
C GLN D 1021 32.38 -3.18 2.58
N GLY D 1022 32.03 -1.92 2.84
CA GLY D 1022 30.65 -1.51 2.70
C GLY D 1022 29.87 -1.59 4.00
N LEU D 1023 28.56 -1.76 3.84
CA LEU D 1023 27.65 -1.79 4.98
C LEU D 1023 28.05 -2.79 6.06
N PRO D 1024 28.50 -4.01 5.75
CA PRO D 1024 29.01 -4.88 6.82
C PRO D 1024 30.11 -4.23 7.62
N ARG D 1025 31.02 -3.50 6.97
CA ARG D 1025 32.07 -2.81 7.69
C ARG D 1025 31.48 -1.73 8.60
N VAL D 1026 30.47 -1.03 8.11
CA VAL D 1026 29.86 0.04 8.90
C VAL D 1026 29.24 -0.52 10.17
N VAL D 1027 28.43 -1.58 10.02
CA VAL D 1027 27.80 -2.17 11.20
C VAL D 1027 28.86 -2.78 12.11
N GLU D 1028 29.95 -3.29 11.52
CA GLU D 1028 31.08 -3.74 12.34
C GLU D 1028 31.58 -2.61 13.22
N LEU D 1029 31.78 -1.43 12.63
CA LEU D 1029 32.24 -0.28 13.39
C LEU D 1029 31.24 0.12 14.46
N PHE D 1030 29.95 0.11 14.14
CA PHE D 1030 28.91 0.59 15.04
C PHE D 1030 28.57 -0.40 16.14
N GLU D 1031 28.95 -1.66 16.01
CA GLU D 1031 28.65 -2.67 17.02
C GLU D 1031 29.81 -2.88 17.99
N ALA D 1032 30.84 -2.02 17.93
CA ALA D 1032 32.04 -2.21 18.75
C ALA D 1032 32.66 -3.58 18.50
N ARG D 1033 32.47 -4.11 17.30
CA ARG D 1033 32.84 -5.47 16.98
C ARG D 1033 34.33 -5.54 16.67
N THR D 1034 34.99 -6.58 17.17
CA THR D 1034 36.37 -6.81 16.81
C THR D 1034 36.44 -6.99 15.30
N PRO D 1035 37.24 -6.22 14.58
CA PRO D 1035 37.25 -6.35 13.11
C PRO D 1035 37.62 -7.76 12.67
N LYS D 1036 37.31 -8.07 11.41
CA LYS D 1036 37.63 -9.39 10.89
C LYS D 1036 39.14 -9.58 10.81
N GLY D 1037 39.85 -8.62 10.23
CA GLY D 1037 41.30 -8.64 10.18
C GLY D 1037 41.89 -7.71 11.21
N VAL D 1038 42.34 -8.25 12.34
CA VAL D 1038 42.81 -7.46 13.47
C VAL D 1038 44.32 -7.36 13.42
N ALA D 1039 44.82 -6.13 13.51
CA ALA D 1039 46.25 -5.87 13.67
C ALA D 1039 46.51 -5.38 15.08
N PRO D 1040 47.17 -6.14 15.95
CA PRO D 1040 47.47 -5.63 17.29
C PRO D 1040 48.28 -4.34 17.21
N ILE D 1041 48.12 -3.50 18.23
CA ILE D 1041 48.71 -2.18 18.26
C ILE D 1041 49.81 -2.16 19.31
N SER D 1042 50.81 -1.32 19.07
CA SER D 1042 51.93 -1.19 20.01
C SER D 1042 51.44 -0.68 21.36
N GLU D 1043 52.01 -1.22 22.43
CA GLU D 1043 51.64 -0.79 23.77
C GLU D 1043 52.38 0.50 24.16
N ALA D 1044 53.69 0.52 24.01
CA ALA D 1044 54.51 1.67 24.35
C ALA D 1044 55.82 1.54 23.60
N SER D 1045 56.74 2.48 23.83
CA SER D 1045 58.03 2.47 23.13
C SER D 1045 58.90 1.34 23.65
N GLY D 1046 59.82 0.89 22.81
CA GLY D 1046 60.70 -0.20 23.16
C GLY D 1046 61.33 -0.82 21.93
N ARG D 1047 61.82 -2.05 22.11
CA ARG D 1047 62.49 -2.81 21.07
C ARG D 1047 61.60 -3.97 20.66
N VAL D 1048 61.29 -4.06 19.37
CA VAL D 1048 60.40 -5.09 18.84
C VAL D 1048 61.22 -6.04 17.98
N ARG D 1049 60.84 -7.33 18.00
CA ARG D 1049 61.53 -8.34 17.21
C ARG D 1049 60.56 -9.48 16.91
N ILE D 1050 60.94 -10.29 15.93
CA ILE D 1050 60.10 -11.37 15.41
C ILE D 1050 60.70 -12.71 15.80
N GLU D 1051 59.86 -13.61 16.29
CA GLU D 1051 60.21 -15.00 16.53
C GLU D 1051 59.42 -15.84 15.53
N GLU D 1052 60.11 -16.36 14.52
CA GLU D 1052 59.48 -17.13 13.46
C GLU D 1052 59.48 -18.62 13.81
N THR D 1053 58.80 -18.94 14.90
CA THR D 1053 58.70 -20.32 15.33
C THR D 1053 57.99 -21.15 14.26
N GLU D 1054 58.42 -22.40 14.12
CA GLU D 1054 57.88 -23.25 13.07
C GLU D 1054 56.38 -23.46 13.24
N LYS D 1055 55.92 -23.63 14.47
CA LYS D 1055 54.49 -23.83 14.70
C LYS D 1055 53.69 -22.62 14.27
N THR D 1056 54.18 -21.41 14.58
CA THR D 1056 53.46 -20.19 14.24
C THR D 1056 54.40 -19.01 14.44
N LYS D 1057 54.19 -17.97 13.63
CA LYS D 1057 54.96 -16.74 13.77
C LYS D 1057 54.48 -15.97 15.01
N LYS D 1058 55.39 -15.16 15.56
CA LYS D 1058 55.21 -14.60 16.89
C LYS D 1058 55.99 -13.29 16.95
N ILE D 1059 55.47 -12.30 17.70
CA ILE D 1059 56.13 -10.99 17.77
C ILE D 1059 56.31 -10.60 19.23
N VAL D 1060 57.55 -10.32 19.61
CA VAL D 1060 57.93 -10.07 21.00
C VAL D 1060 58.50 -8.67 21.07
N VAL D 1061 57.95 -7.84 21.95
CA VAL D 1061 58.41 -6.45 22.11
C VAL D 1061 58.70 -6.21 23.58
N THR D 1062 59.91 -5.75 23.87
CA THR D 1062 60.28 -5.33 25.21
C THR D 1062 60.10 -3.83 25.30
N PRO D 1063 59.13 -3.31 26.05
CA PRO D 1063 58.99 -1.85 26.14
C PRO D 1063 60.21 -1.22 26.78
N ASP D 1064 60.53 -0.01 26.35
CA ASP D 1064 61.66 0.72 26.89
C ASP D 1064 61.41 1.04 28.36
N ASP D 1065 62.40 1.70 28.98
CA ASP D 1065 62.34 2.12 30.36
C ASP D 1065 62.24 0.95 31.33
N GLY D 1066 62.68 -0.24 30.90
CA GLY D 1066 62.69 -1.39 31.78
C GLY D 1066 61.33 -1.98 32.07
N SER D 1067 60.28 -1.51 31.40
CA SER D 1067 58.94 -2.02 31.68
C SER D 1067 58.83 -3.46 31.19
N ASP D 1068 57.79 -4.14 31.69
CA ASP D 1068 57.64 -5.56 31.45
C ASP D 1068 57.47 -5.86 29.96
N GLU D 1069 58.14 -6.90 29.50
CA GLU D 1069 58.05 -7.32 28.11
C GLU D 1069 56.63 -7.77 27.78
N THR D 1070 56.19 -7.53 26.54
CA THR D 1070 54.88 -7.93 26.07
C THR D 1070 55.04 -8.77 24.81
N ALA D 1071 54.40 -9.93 24.80
CA ALA D 1071 54.51 -10.91 23.73
C ALA D 1071 53.14 -11.07 23.07
N PHE D 1072 53.08 -10.85 21.76
CA PHE D 1072 51.84 -10.92 21.01
C PHE D 1072 51.89 -12.08 20.02
N PRO D 1073 50.83 -12.89 19.92
CA PRO D 1073 50.80 -13.93 18.89
C PRO D 1073 50.25 -13.39 17.58
N ILE D 1074 50.79 -13.95 16.49
CA ILE D 1074 50.46 -13.50 15.14
C ILE D 1074 50.38 -14.71 14.22
N SER D 1075 49.79 -14.52 13.05
CA SER D 1075 49.65 -15.60 12.10
C SER D 1075 50.97 -15.87 11.39
N LYS D 1076 51.08 -17.07 10.82
CA LYS D 1076 52.25 -17.41 10.02
C LYS D 1076 52.38 -16.47 8.84
N ARG D 1077 51.28 -16.20 8.14
CA ARG D 1077 51.24 -15.20 7.09
C ARG D 1077 51.00 -13.82 7.67
N ALA D 1078 51.94 -13.36 8.48
CA ALA D 1078 51.79 -12.08 9.16
C ALA D 1078 51.77 -10.92 8.16
N ARG D 1079 52.68 -10.95 7.19
CA ARG D 1079 52.83 -9.85 6.23
C ARG D 1079 53.06 -8.53 6.95
N LEU D 1080 53.74 -8.58 8.09
CA LEU D 1080 54.00 -7.40 8.90
C LEU D 1080 54.96 -6.46 8.15
N LEU D 1081 55.22 -5.31 8.77
CA LEU D 1081 56.13 -4.32 8.18
C LEU D 1081 57.11 -3.72 9.18
N VAL D 1082 56.88 -3.87 10.48
CA VAL D 1082 57.79 -3.28 11.46
C VAL D 1082 59.11 -4.04 11.46
N GLY D 1083 60.21 -3.30 11.57
CA GLY D 1083 61.52 -3.93 11.56
C GLY D 1083 61.79 -4.73 12.81
N GLU D 1084 62.71 -5.68 12.69
CA GLU D 1084 63.04 -6.59 13.76
C GLU D 1084 64.11 -5.99 14.66
N GLY D 1085 63.91 -6.13 15.97
CA GLY D 1085 64.84 -5.54 16.92
C GLY D 1085 64.95 -4.03 16.77
N ASP D 1086 63.84 -3.39 16.43
CA ASP D 1086 63.83 -1.97 16.08
C ASP D 1086 62.96 -1.19 17.06
N HIS D 1087 63.08 0.13 16.99
CA HIS D 1087 62.31 0.99 17.86
C HIS D 1087 60.83 0.94 17.52
N VAL D 1088 59.99 0.92 18.56
CA VAL D 1088 58.55 1.04 18.43
C VAL D 1088 58.11 2.31 19.14
N GLU D 1089 56.97 2.83 18.71
CA GLU D 1089 56.31 3.94 19.36
C GLU D 1089 54.96 3.49 19.89
N VAL D 1090 54.37 4.33 20.74
CA VAL D 1090 53.18 3.93 21.49
C VAL D 1090 52.04 3.59 20.54
N GLY D 1091 51.86 4.38 19.49
CA GLY D 1091 50.63 4.33 18.72
C GLY D 1091 50.60 3.39 17.53
N GLN D 1092 51.74 3.03 16.95
CA GLN D 1092 51.68 2.44 15.63
C GLN D 1092 51.11 1.01 15.69
N LYS D 1093 50.63 0.58 14.54
CA LYS D 1093 50.05 -0.75 14.35
C LYS D 1093 51.13 -1.72 13.90
N LEU D 1094 51.11 -2.93 14.47
CA LEU D 1094 52.20 -3.86 14.25
C LEU D 1094 52.22 -4.40 12.82
N THR D 1095 51.08 -4.84 12.32
CA THR D 1095 51.00 -5.49 11.01
C THR D 1095 49.76 -4.98 10.29
N VAL D 1096 49.56 -5.49 9.07
CA VAL D 1096 48.48 -5.02 8.23
C VAL D 1096 47.16 -5.59 8.72
N GLY D 1097 46.11 -4.78 8.66
CA GLY D 1097 44.80 -5.18 9.13
C GLY D 1097 44.01 -3.96 9.55
N ALA D 1098 43.07 -4.18 10.47
CA ALA D 1098 42.24 -3.14 11.04
C ALA D 1098 42.50 -3.04 12.53
N THR D 1099 42.59 -1.82 13.03
CA THR D 1099 42.84 -1.61 14.45
C THR D 1099 41.61 -1.99 15.27
N ASN D 1100 41.85 -2.46 16.49
CA ASN D 1100 40.77 -2.87 17.38
C ASN D 1100 40.38 -1.69 18.25
N PRO D 1101 39.16 -1.15 18.13
CA PRO D 1101 38.84 0.08 18.88
C PRO D 1101 38.98 -0.05 20.39
N HIS D 1102 38.69 -1.22 20.96
CA HIS D 1102 38.75 -1.36 22.41
C HIS D 1102 40.16 -1.06 22.91
N ASP D 1103 41.17 -1.60 22.24
CA ASP D 1103 42.55 -1.31 22.63
C ASP D 1103 42.83 0.17 22.53
N VAL D 1104 42.39 0.80 21.44
CA VAL D 1104 42.67 2.22 21.22
C VAL D 1104 42.08 3.03 22.37
N LEU D 1105 40.83 2.73 22.76
CA LEU D 1105 40.26 3.40 23.92
C LEU D 1105 41.09 3.12 25.17
N ARG D 1106 41.57 1.89 25.32
CA ARG D 1106 42.28 1.51 26.52
C ARG D 1106 43.56 2.33 26.70
N ILE D 1107 44.33 2.49 25.64
CA ILE D 1107 45.67 3.09 25.74
C ILE D 1107 45.69 4.54 25.22
N LEU D 1108 45.12 4.80 24.04
CA LEU D 1108 45.24 6.14 23.48
C LEU D 1108 44.35 7.13 24.24
N GLY D 1109 43.04 6.93 24.19
CA GLY D 1109 42.09 7.83 24.83
C GLY D 1109 40.82 7.95 24.04
N GLN D 1110 39.81 8.57 24.66
CA GLN D 1110 38.51 8.70 24.01
C GLN D 1110 38.61 9.53 22.72
N ARG D 1111 39.44 10.57 22.72
CA ARG D 1111 39.56 11.40 21.54
C ARG D 1111 40.06 10.60 20.35
N ALA D 1112 41.06 9.74 20.58
CA ALA D 1112 41.62 8.96 19.49
C ALA D 1112 40.58 8.04 18.87
N VAL D 1113 39.80 7.36 19.71
CA VAL D 1113 38.80 6.45 19.18
C VAL D 1113 37.71 7.23 18.45
N GLN D 1114 37.33 8.39 18.98
CA GLN D 1114 36.34 9.21 18.29
C GLN D 1114 36.84 9.59 16.90
N VAL D 1115 38.07 10.06 16.81
CA VAL D 1115 38.63 10.48 15.53
C VAL D 1115 38.73 9.28 14.59
N HIS D 1116 39.17 8.13 15.11
CA HIS D 1116 39.31 6.95 14.26
C HIS D 1116 37.97 6.49 13.74
N LEU D 1117 36.95 6.49 14.60
CA LEU D 1117 35.62 6.06 14.19
C LEU D 1117 35.06 6.97 13.11
N VAL D 1118 35.12 8.28 13.34
CA VAL D 1118 34.55 9.21 12.37
C VAL D 1118 35.31 9.10 11.05
N GLY D 1119 36.64 9.00 11.11
CA GLY D 1119 37.41 8.85 9.89
C GLY D 1119 37.06 7.58 9.14
N GLU D 1120 36.95 6.46 9.86
CA GLU D 1120 36.67 5.18 9.22
C GLU D 1120 35.32 5.20 8.54
N VAL D 1121 34.28 5.60 9.27
CA VAL D 1121 32.96 5.60 8.67
C VAL D 1121 32.89 6.59 7.53
N GLN D 1122 33.51 7.76 7.68
CA GLN D 1122 33.46 8.76 6.62
C GLN D 1122 34.16 8.27 5.37
N LYS D 1123 35.30 7.60 5.51
CA LYS D 1123 35.99 7.11 4.33
C LYS D 1123 35.22 5.99 3.67
N VAL D 1124 34.58 5.12 4.46
CA VAL D 1124 33.75 4.09 3.86
C VAL D 1124 32.64 4.73 3.03
N TYR D 1125 31.99 5.75 3.57
CA TYR D 1125 30.91 6.39 2.82
C TYR D 1125 31.46 7.11 1.58
N ASN D 1126 32.56 7.83 1.73
CA ASN D 1126 33.14 8.55 0.60
C ASN D 1126 33.65 7.60 -0.47
N SER D 1127 33.87 6.34 -0.12
CA SER D 1127 34.22 5.34 -1.12
C SER D 1127 33.21 5.36 -2.27
N GLN D 1128 31.92 5.32 -1.94
CA GLN D 1128 30.90 5.49 -2.98
C GLN D 1128 30.89 6.92 -3.47
N GLY D 1129 30.87 7.88 -2.55
CA GLY D 1129 30.80 9.28 -2.91
C GLY D 1129 29.80 10.07 -2.09
N VAL D 1130 28.85 9.37 -1.46
CA VAL D 1130 27.88 10.05 -0.61
C VAL D 1130 28.61 10.73 0.55
N SER D 1131 28.09 11.88 0.96
CA SER D 1131 28.72 12.70 1.99
C SER D 1131 27.73 12.91 3.11
N ILE D 1132 28.18 12.70 4.35
CA ILE D 1132 27.35 12.87 5.54
C ILE D 1132 28.08 13.79 6.50
N HIS D 1133 27.36 14.77 7.02
CA HIS D 1133 27.96 15.70 7.98
C HIS D 1133 28.36 14.95 9.23
N ASP D 1134 29.44 15.41 9.86
CA ASP D 1134 30.09 14.64 10.90
C ASP D 1134 29.40 14.75 12.26
N LYS D 1135 28.53 15.74 12.44
CA LYS D 1135 27.81 15.84 13.70
C LYS D 1135 26.90 14.64 13.91
N HIS D 1136 26.27 14.15 12.84
CA HIS D 1136 25.43 12.98 12.95
C HIS D 1136 26.21 11.80 13.51
N ILE D 1137 27.41 11.57 12.97
CA ILE D 1137 28.26 10.51 13.51
C ILE D 1137 28.62 10.81 14.95
N GLU D 1138 28.97 12.08 15.23
CA GLU D 1138 29.44 12.44 16.56
C GLU D 1138 28.40 12.12 17.62
N ILE D 1139 27.12 12.28 17.29
CA ILE D 1139 26.08 11.97 18.27
C ILE D 1139 26.10 10.47 18.60
N ILE D 1140 26.15 9.62 17.58
CA ILE D 1140 26.15 8.18 17.83
C ILE D 1140 27.40 7.78 18.59
N ILE D 1141 28.56 8.34 18.23
CA ILE D 1141 29.79 7.95 18.91
C ILE D 1141 29.80 8.45 20.35
N ARG D 1142 29.20 9.61 20.60
CA ARG D 1142 28.96 10.00 21.98
C ARG D 1142 28.11 8.97 22.69
N GLN D 1143 27.07 8.49 22.02
CA GLN D 1143 26.17 7.53 22.64
C GLN D 1143 26.90 6.25 23.01
N MET D 1144 27.74 5.74 22.11
CA MET D 1144 28.39 4.45 22.36
C MET D 1144 29.37 4.55 23.53
N LEU D 1145 29.90 5.74 23.78
CA LEU D 1145 30.90 5.95 24.83
C LEU D 1145 30.30 6.33 26.17
N ARG D 1146 28.97 6.34 26.29
CA ARG D 1146 28.35 6.95 27.46
C ARG D 1146 28.72 6.23 28.75
N ARG D 1147 28.82 4.91 28.71
CA ARG D 1147 29.02 4.14 29.92
C ARG D 1147 30.50 4.01 30.26
N VAL D 1148 30.76 3.58 31.48
CA VAL D 1148 32.10 3.38 32.02
C VAL D 1148 32.12 2.09 32.80
N THR D 1149 33.18 1.30 32.65
CA THR D 1149 33.34 0.08 33.42
C THR D 1149 33.99 0.42 34.76
N ILE D 1150 33.28 0.17 35.85
CA ILE D 1150 33.81 0.41 37.18
C ILE D 1150 34.83 -0.66 37.52
N ILE D 1151 35.92 -0.24 38.13
CA ILE D 1151 36.99 -1.12 38.58
C ILE D 1151 37.41 -0.68 39.97
N GLU D 1152 37.74 -1.65 40.82
CA GLU D 1152 38.10 -1.39 42.21
C GLU D 1152 36.93 -0.71 42.94
N SER D 1153 35.80 -1.42 42.94
CA SER D 1153 34.58 -0.91 43.57
C SER D 1153 34.53 -1.32 45.04
N GLY D 1154 35.60 -0.94 45.75
CA GLY D 1154 35.70 -1.23 47.17
C GLY D 1154 34.91 -0.25 48.00
N ASP D 1155 35.24 1.04 47.88
CA ASP D 1155 34.55 2.06 48.66
C ASP D 1155 33.16 2.33 48.13
N ALA D 1156 32.99 2.37 46.80
CA ALA D 1156 31.69 2.74 46.22
C ALA D 1156 30.59 1.76 46.57
N GLU D 1157 30.93 0.54 47.01
CA GLU D 1157 30.05 -0.47 47.58
C GLU D 1157 29.22 -1.19 46.52
N LEU D 1158 29.26 -0.78 45.26
CA LEU D 1158 28.58 -1.52 44.19
C LEU D 1158 29.58 -2.49 43.57
N LEU D 1159 29.13 -3.25 42.58
CA LEU D 1159 29.96 -4.32 42.05
C LEU D 1159 31.15 -3.74 41.28
N PRO D 1160 32.27 -4.47 41.22
CA PRO D 1160 33.32 -4.12 40.26
C PRO D 1160 33.03 -4.69 38.88
N GLY D 1161 33.58 -4.02 37.88
CA GLY D 1161 33.58 -4.53 36.52
C GLY D 1161 32.23 -4.70 35.86
N GLU D 1162 31.38 -3.67 35.95
CA GLU D 1162 30.12 -3.65 35.22
C GLU D 1162 29.92 -2.25 34.63
N LEU D 1163 29.08 -2.18 33.60
CA LEU D 1163 28.77 -0.90 32.99
C LEU D 1163 28.04 -0.02 33.99
N VAL D 1164 28.34 1.28 33.96
CA VAL D 1164 27.65 2.27 34.77
C VAL D 1164 27.57 3.55 33.95
N GLU D 1165 26.44 4.23 34.05
CA GLU D 1165 26.28 5.49 33.33
C GLU D 1165 27.31 6.50 33.81
N ARG D 1166 27.83 7.27 32.85
CA ARG D 1166 28.83 8.29 33.20
C ARG D 1166 28.29 9.25 34.24
N THR D 1167 27.05 9.72 34.06
CA THR D 1167 26.44 10.60 35.05
C THR D 1167 26.31 9.90 36.39
N LYS D 1168 25.86 8.64 36.38
CA LYS D 1168 25.75 7.90 37.63
C LYS D 1168 27.11 7.72 38.29
N PHE D 1169 28.13 7.41 37.49
CA PHE D 1169 29.47 7.25 38.04
C PHE D 1169 29.95 8.54 38.68
N GLU D 1170 29.73 9.68 38.00
CA GLU D 1170 30.13 10.96 38.55
C GLU D 1170 29.40 11.26 39.85
N THR D 1171 28.09 10.99 39.88
CA THR D 1171 27.31 11.25 41.09
C THR D 1171 27.81 10.39 42.24
N GLU D 1172 28.05 9.10 41.99
CA GLU D 1172 28.53 8.21 43.04
C GLU D 1172 29.90 8.65 43.54
N ASN D 1173 30.79 9.03 42.63
CA ASN D 1173 32.12 9.46 43.04
C ASN D 1173 32.06 10.74 43.87
N ARG D 1174 31.23 11.70 43.45
CA ARG D 1174 31.07 12.92 44.23
C ARG D 1174 30.51 12.60 45.61
N ARG D 1175 29.52 11.70 45.67
CA ARG D 1175 28.94 11.34 46.96
C ARG D 1175 29.98 10.71 47.88
N VAL D 1176 30.77 9.78 47.36
CA VAL D 1176 31.71 9.06 48.23
C VAL D 1176 32.85 9.99 48.67
N VAL D 1177 33.34 10.85 47.77
CA VAL D 1177 34.40 11.76 48.18
C VAL D 1177 33.88 12.77 49.19
N GLN D 1178 32.61 13.20 49.04
CA GLN D 1178 32.00 14.04 50.06
C GLN D 1178 31.92 13.30 51.39
N GLU D 1179 31.60 12.00 51.35
CA GLU D 1179 31.54 11.18 52.55
C GLU D 1179 32.91 10.96 53.18
N GLY D 1180 33.99 11.29 52.48
CA GLY D 1180 35.34 11.14 52.98
C GLY D 1180 36.06 9.90 52.49
N GLY D 1181 35.34 8.92 51.96
CA GLY D 1181 35.98 7.73 51.44
C GLY D 1181 36.54 7.97 50.06
N HIS D 1182 37.58 7.22 49.72
CA HIS D 1182 38.23 7.39 48.42
C HIS D 1182 37.32 6.85 47.31
N PRO D 1183 37.36 7.44 46.11
CA PRO D 1183 36.47 6.99 45.05
C PRO D 1183 36.89 5.63 44.48
N ALA D 1184 35.91 4.93 43.91
CA ALA D 1184 36.18 3.73 43.15
C ALA D 1184 36.59 4.10 41.73
N SER D 1185 37.51 3.32 41.17
CA SER D 1185 38.06 3.69 39.87
C SER D 1185 37.11 3.32 38.74
N GLY D 1186 37.36 3.91 37.59
CA GLY D 1186 36.56 3.61 36.39
C GLY D 1186 37.41 3.74 35.15
N ARG D 1187 37.02 3.01 34.11
CA ARG D 1187 37.66 3.06 32.82
C ARG D 1187 36.61 3.22 31.74
N PRO D 1188 36.74 4.21 30.85
CA PRO D 1188 35.79 4.31 29.74
C PRO D 1188 35.80 3.02 28.92
N GLN D 1189 34.61 2.55 28.57
CA GLN D 1189 34.44 1.30 27.84
C GLN D 1189 33.45 1.49 26.71
N LEU D 1190 33.77 0.89 25.57
CA LEU D 1190 32.97 1.00 24.36
C LEU D 1190 32.22 -0.30 24.11
N MET D 1191 30.94 -0.20 23.80
CA MET D 1191 30.12 -1.34 23.43
C MET D 1191 29.26 -0.95 22.24
N GLY D 1192 28.82 -1.96 21.50
CA GLY D 1192 27.97 -1.71 20.36
C GLY D 1192 26.67 -1.04 20.75
N ILE D 1193 26.01 -0.46 19.74
CA ILE D 1193 24.77 0.26 19.98
C ILE D 1193 23.73 -0.66 20.61
N THR D 1194 23.70 -1.93 20.22
CA THR D 1194 22.69 -2.84 20.75
C THR D 1194 22.81 -2.95 22.27
N LYS D 1195 24.03 -3.19 22.77
CA LYS D 1195 24.19 -3.40 24.20
C LYS D 1195 23.85 -2.15 25.00
N ALA D 1196 24.34 -0.98 24.56
CA ALA D 1196 24.00 0.25 25.25
C ALA D 1196 22.50 0.47 25.26
N SER D 1197 21.84 0.16 24.15
CA SER D 1197 20.40 0.35 24.04
C SER D 1197 19.65 -0.55 25.01
N LEU D 1198 20.00 -1.84 25.04
CA LEU D 1198 19.34 -2.74 25.98
C LEU D 1198 19.51 -2.26 27.42
N ALA D 1199 20.73 -1.91 27.80
CA ALA D 1199 21.00 -1.47 29.17
C ALA D 1199 20.66 0.02 29.31
N THR D 1200 19.38 0.31 29.12
CA THR D 1200 18.83 1.64 29.25
C THR D 1200 17.90 1.69 30.47
N GLU D 1201 17.82 2.86 31.09
CA GLU D 1201 16.99 2.98 32.29
C GLU D 1201 15.52 2.79 31.97
N SER D 1202 15.17 2.86 30.69
CA SER D 1202 13.77 2.72 30.31
C SER D 1202 13.45 1.31 29.86
N TRP D 1203 12.73 0.57 30.70
CA TRP D 1203 12.36 -0.79 30.34
C TRP D 1203 11.43 -0.82 29.14
N LEU D 1204 10.50 0.13 29.07
CA LEU D 1204 9.53 0.13 27.99
C LEU D 1204 10.20 0.27 26.63
N SER D 1205 11.17 1.16 26.53
CA SER D 1205 11.87 1.34 25.27
C SER D 1205 12.63 0.09 24.86
N ALA D 1206 13.28 -0.54 25.83
CA ALA D 1206 14.03 -1.77 25.55
C ALA D 1206 13.11 -2.88 25.09
N ALA D 1207 11.93 -2.99 25.70
CA ALA D 1207 10.96 -3.99 25.28
C ALA D 1207 10.57 -3.69 23.86
N SER D 1208 10.42 -2.42 23.53
CA SER D 1208 10.04 -2.05 22.17
C SER D 1208 11.16 -2.38 21.18
N PHE D 1209 12.32 -2.77 21.70
CA PHE D 1209 13.45 -3.15 20.84
C PHE D 1209 13.33 -4.64 20.50
N GLN D 1210 14.40 -5.22 19.95
CA GLN D 1210 14.36 -6.61 19.53
C GLN D 1210 14.08 -7.60 20.67
N GLU D 1211 14.65 -7.37 21.85
CA GLU D 1211 14.47 -8.31 22.95
C GLU D 1211 13.26 -8.00 23.80
N THR D 1212 12.38 -8.99 24.04
CA THR D 1212 11.28 -8.78 24.95
C THR D 1212 11.36 -9.62 26.21
N THR D 1213 11.52 -10.93 26.06
CA THR D 1213 11.42 -11.82 27.23
C THR D 1213 12.47 -11.49 28.28
N ARG D 1214 13.72 -11.34 27.85
CA ARG D 1214 14.78 -11.08 28.82
C ARG D 1214 14.60 -9.73 29.50
N VAL D 1215 14.28 -8.70 28.74
CA VAL D 1215 14.17 -7.37 29.33
C VAL D 1215 12.96 -7.27 30.23
N LEU D 1216 11.84 -7.85 29.80
CA LEU D 1216 10.68 -7.92 30.68
C LEU D 1216 11.04 -8.63 31.98
N THR D 1217 11.76 -9.74 31.87
CA THR D 1217 12.10 -10.52 33.05
C THR D 1217 12.99 -9.75 34.00
N ASP D 1218 14.05 -9.13 33.47
CA ASP D 1218 15.01 -8.48 34.34
C ASP D 1218 14.44 -7.19 34.92
N ALA D 1219 13.56 -6.52 34.17
CA ALA D 1219 12.86 -5.39 34.75
C ALA D 1219 11.96 -5.85 35.89
N ALA D 1220 11.23 -6.95 35.69
CA ALA D 1220 10.33 -7.44 36.73
C ALA D 1220 11.09 -7.79 37.99
N ILE D 1221 12.17 -8.56 37.86
CA ILE D 1221 12.95 -8.93 39.03
C ILE D 1221 13.57 -7.68 39.66
N ASN D 1222 13.95 -6.71 38.83
CA ASN D 1222 14.53 -5.49 39.37
C ASN D 1222 13.50 -4.61 40.05
N ALA D 1223 12.24 -4.65 39.60
CA ALA D 1223 11.20 -3.77 40.11
C ALA D 1223 11.57 -2.31 39.89
N LYS D 1224 11.89 -1.98 38.64
CA LYS D 1224 12.28 -0.63 38.26
C LYS D 1224 11.11 0.09 37.61
N SER D 1225 10.77 1.25 38.13
CA SER D 1225 9.67 2.05 37.59
C SER D 1225 10.18 2.88 36.42
N ASP D 1226 9.43 2.86 35.33
CA ASP D 1226 9.81 3.58 34.11
C ASP D 1226 9.41 5.04 34.26
N SER D 1227 10.40 5.93 34.31
CA SER D 1227 10.12 7.34 34.08
C SER D 1227 9.81 7.56 32.61
N LEU D 1228 8.80 8.37 32.33
CA LEU D 1228 8.33 8.55 30.97
C LEU D 1228 9.14 9.57 30.18
N ILE D 1229 10.27 10.03 30.70
CA ILE D 1229 11.13 10.93 29.96
C ILE D 1229 11.73 10.17 28.78
N GLY D 1230 11.60 10.74 27.59
CA GLY D 1230 12.04 10.09 26.36
C GLY D 1230 10.94 10.13 25.33
N LEU D 1231 11.16 9.49 24.17
CA LEU D 1231 10.20 9.53 23.08
C LEU D 1231 9.41 8.25 22.89
N LYS D 1232 10.07 7.11 22.71
CA LYS D 1232 9.35 5.90 22.31
C LYS D 1232 8.30 5.52 23.34
N GLU D 1233 8.68 5.48 24.62
CA GLU D 1233 7.70 5.15 25.65
C GLU D 1233 6.53 6.11 25.66
N ASN D 1234 6.75 7.36 25.28
CA ASN D 1234 5.67 8.34 25.22
C ASN D 1234 4.87 8.25 23.94
N VAL D 1235 5.36 7.55 22.93
CA VAL D 1235 4.52 7.17 21.79
C VAL D 1235 3.71 5.93 22.13
N ILE D 1236 4.20 5.10 23.06
CA ILE D 1236 3.39 3.98 23.53
C ILE D 1236 2.16 4.48 24.27
N ILE D 1237 2.36 5.28 25.31
CA ILE D 1237 1.22 5.78 26.08
C ILE D 1237 0.34 6.68 25.23
N GLY D 1238 0.91 7.35 24.25
CA GLY D 1238 0.16 8.25 23.39
C GLY D 1238 0.12 9.69 23.84
N LYS D 1239 0.93 10.08 24.82
CA LYS D 1239 1.00 11.46 25.24
C LYS D 1239 1.79 12.24 24.17
N LEU D 1240 1.97 13.55 24.36
CA LEU D 1240 2.77 14.34 23.44
C LEU D 1240 4.24 14.06 23.66
N ILE D 1241 4.96 13.83 22.57
CA ILE D 1241 6.41 13.61 22.70
C ILE D 1241 7.05 14.90 23.19
N PRO D 1242 7.99 14.86 24.13
CA PRO D 1242 8.68 16.11 24.53
C PRO D 1242 9.76 16.51 23.54
N ALA D 1243 9.35 16.75 22.29
CA ALA D 1243 10.29 17.09 21.23
C ALA D 1243 9.56 17.97 20.22
N GLY D 1244 9.97 19.21 20.11
CA GLY D 1244 9.34 20.15 19.20
C GLY D 1244 8.15 20.84 19.87
N THR D 1245 6.98 20.73 19.26
CA THR D 1245 5.81 21.43 19.78
C THR D 1245 5.41 20.97 21.16
N GLY D 1246 5.78 19.77 21.57
CA GLY D 1246 5.31 19.21 22.81
C GLY D 1246 6.00 19.67 24.08
N LEU D 1247 7.07 20.45 23.97
CA LEU D 1247 7.80 20.82 25.17
C LEU D 1247 6.95 21.70 26.07
N SER D 1248 7.21 21.58 27.37
CA SER D 1248 6.39 22.27 28.37
C SER D 1248 6.44 23.78 28.18
N ARG D 1249 7.63 24.33 27.93
CA ARG D 1249 7.76 25.77 27.77
C ARG D 1249 6.93 26.28 26.59
N TYR D 1250 6.98 25.56 25.46
CA TYR D 1250 6.28 26.03 24.27
C TYR D 1250 4.77 26.01 24.49
N ARG D 1251 4.27 24.96 25.14
CA ARG D 1251 2.84 24.69 25.21
C ARG D 1251 2.11 25.46 26.29
N ASN D 1252 2.82 25.97 27.29
CA ASN D 1252 2.20 26.61 28.44
C ASN D 1252 1.76 28.04 28.16
N ILE D 1253 2.06 28.57 26.99
CA ILE D 1253 1.75 29.97 26.70
C ILE D 1253 0.24 30.20 26.71
N ARG D 1254 -0.15 31.41 27.05
CA ARG D 1254 -1.53 31.88 26.93
C ARG D 1254 -1.60 33.04 25.94
N VAL D 1255 -2.75 33.17 25.29
CA VAL D 1255 -2.92 34.05 24.15
C VAL D 1255 -4.05 35.03 24.43
N GLU D 1256 -3.80 36.30 24.11
CA GLU D 1256 -4.83 37.33 24.18
C GLU D 1256 -4.38 38.52 23.35
N PRO D 1257 -5.29 39.28 22.73
CA PRO D 1257 -4.84 40.44 21.94
C PRO D 1257 -4.55 41.64 22.82
N THR D 1258 -4.23 42.77 22.20
CA THR D 1258 -3.91 43.99 22.92
C THR D 1258 -5.17 44.82 23.17
N GLU D 1259 -5.07 45.74 24.13
CA GLU D 1259 -6.21 46.59 24.46
C GLU D 1259 -6.59 47.50 23.31
N GLU D 1260 -5.59 48.01 22.57
CA GLU D 1260 -5.89 48.82 21.40
C GLU D 1260 -6.70 48.04 20.37
N ALA D 1261 -6.57 46.70 20.38
CA ALA D 1261 -7.40 45.90 19.49
C ALA D 1261 -8.88 46.11 19.78
N LYS D 1262 -9.28 45.99 21.04
CA LYS D 1262 -10.68 46.21 21.40
C LYS D 1262 -11.05 47.69 21.28
N ALA D 1263 -10.08 48.58 21.46
CA ALA D 1263 -10.35 49.99 21.23
C ALA D 1263 -10.74 50.24 19.78
N ALA D 1264 -10.04 49.61 18.83
CA ALA D 1264 -10.38 49.76 17.43
C ALA D 1264 -11.74 49.14 17.13
N MET D 1265 -11.95 47.89 17.53
CA MET D 1265 -13.22 47.21 17.34
C MET D 1265 -13.46 46.20 18.47
N GLU E 9 -4.94 33.11 -1.31
CA GLU E 9 -5.72 31.95 -1.84
C GLU E 9 -4.90 30.67 -1.83
N GLY E 10 -4.07 30.51 -0.79
CA GLY E 10 -3.23 29.33 -0.65
C GLY E 10 -2.53 29.33 0.68
N ILE E 11 -1.87 28.20 0.97
CA ILE E 11 -1.15 28.08 2.23
C ILE E 11 -0.04 29.10 2.32
N ILE E 12 0.71 29.27 1.22
CA ILE E 12 1.93 30.09 1.25
C ILE E 12 1.66 31.58 1.22
N ASN E 13 0.41 32.01 1.09
CA ASN E 13 0.14 33.44 0.94
C ASN E 13 0.67 34.26 2.11
N PRO E 14 0.54 33.85 3.37
CA PRO E 14 1.32 34.49 4.43
C PRO E 14 2.73 33.94 4.46
N PRO E 15 3.74 34.73 4.09
CA PRO E 15 5.11 34.19 4.14
C PRO E 15 5.51 33.92 5.58
N ILE E 16 6.42 32.97 5.75
CA ILE E 16 6.72 32.45 7.08
C ILE E 16 7.71 33.33 7.85
N ASP E 17 8.63 34.00 7.16
CA ASP E 17 9.75 34.63 7.84
C ASP E 17 9.28 35.73 8.79
N GLU E 18 8.27 36.50 8.39
CA GLU E 18 7.75 37.54 9.28
C GLU E 18 7.18 36.93 10.55
N LEU E 19 6.42 35.85 10.41
CA LEU E 19 5.89 35.17 11.58
C LEU E 19 7.01 34.64 12.47
N LEU E 20 8.06 34.10 11.85
CA LEU E 20 9.17 33.56 12.63
C LEU E 20 9.86 34.64 13.44
N GLU E 21 10.21 35.75 12.78
CA GLU E 21 10.84 36.85 13.53
C GLU E 21 9.90 37.43 14.56
N ALA E 22 8.59 37.38 14.31
CA ALA E 22 7.64 37.86 15.31
C ALA E 22 7.66 36.98 16.56
N THR E 23 7.63 35.66 16.38
CA THR E 23 7.56 34.72 17.50
C THR E 23 8.93 34.22 17.94
N ASP E 24 9.98 34.52 17.19
CA ASP E 24 11.36 34.19 17.57
C ASP E 24 11.59 32.68 17.63
N SER E 25 10.76 31.91 16.94
CA SER E 25 10.93 30.46 16.90
C SER E 25 10.08 29.90 15.77
N LYS E 26 10.14 28.58 15.60
CA LYS E 26 9.26 27.85 14.68
C LYS E 26 8.16 27.13 15.42
N TYR E 27 8.50 26.41 16.49
CA TYR E 27 7.49 25.62 17.20
C TYR E 27 6.57 26.51 18.03
N SER E 28 7.15 27.53 18.68
CA SER E 28 6.33 28.46 19.44
C SER E 28 5.30 29.11 18.52
N LEU E 29 5.69 29.44 17.30
CA LEU E 29 4.75 29.98 16.33
C LEU E 29 3.61 29.01 16.08
N VAL E 30 3.92 27.72 15.93
CA VAL E 30 2.89 26.74 15.64
C VAL E 30 1.89 26.66 16.77
N ILE E 31 2.37 26.48 18.00
CA ILE E 31 1.44 26.32 19.12
C ILE E 31 0.65 27.60 19.33
N TYR E 32 1.26 28.76 19.12
CA TYR E 32 0.59 30.02 19.38
C TYR E 32 -0.49 30.29 18.34
N ALA E 33 -0.17 30.12 17.05
CA ALA E 33 -1.18 30.26 16.02
C ALA E 33 -2.30 29.24 16.19
N ALA E 34 -1.96 28.02 16.65
CA ALA E 34 -3.00 27.02 16.84
C ALA E 34 -3.92 27.39 17.99
N LYS E 35 -3.37 27.94 19.07
CA LYS E 35 -4.20 28.39 20.17
C LYS E 35 -5.15 29.49 19.72
N ARG E 36 -4.64 30.43 18.92
CA ARG E 36 -5.52 31.48 18.41
C ARG E 36 -6.60 30.89 17.50
N ALA E 37 -6.22 29.94 16.65
CA ALA E 37 -7.19 29.30 15.76
C ALA E 37 -8.29 28.61 16.57
N ARG E 38 -7.91 27.89 17.62
CA ARG E 38 -8.88 27.24 18.47
C ARG E 38 -9.81 28.27 19.12
N GLN E 39 -9.25 29.37 19.60
CA GLN E 39 -10.06 30.39 20.26
C GLN E 39 -11.11 30.94 19.31
N ILE E 40 -10.68 31.30 18.10
CA ILE E 40 -11.62 31.88 17.14
C ILE E 40 -12.65 30.86 16.68
N ASN E 41 -12.23 29.59 16.51
CA ASN E 41 -13.19 28.57 16.11
C ASN E 41 -14.23 28.36 17.19
N ALA E 42 -13.81 28.40 18.46
CA ALA E 42 -14.77 28.37 19.56
C ALA E 42 -15.73 29.55 19.47
N TYR E 43 -15.20 30.73 19.14
CA TYR E 43 -16.06 31.90 19.01
C TYR E 43 -17.13 31.69 17.94
N TYR E 44 -16.73 31.30 16.73
CA TYR E 44 -17.71 31.13 15.67
C TYR E 44 -18.74 30.06 16.01
N SER E 45 -18.34 29.04 16.75
CA SER E 45 -19.23 27.96 17.15
C SER E 45 -20.01 28.27 18.41
N GLN E 46 -20.06 29.54 18.82
CA GLN E 46 -20.85 29.92 19.98
C GLN E 46 -22.33 29.59 19.76
N LEU E 47 -22.89 30.06 18.64
CA LEU E 47 -24.29 29.84 18.27
C LEU E 47 -25.28 30.45 19.27
N GLY E 48 -24.81 31.30 20.20
CA GLY E 48 -25.73 32.12 20.96
C GLY E 48 -25.36 32.45 22.40
N GLU E 49 -24.43 31.73 23.04
CA GLU E 49 -24.19 31.99 24.46
C GLU E 49 -23.56 33.36 24.67
N GLY E 50 -22.76 33.83 23.72
CA GLY E 50 -22.17 35.15 23.82
C GLY E 50 -21.27 35.35 25.02
N LEU E 51 -20.41 34.37 25.32
CA LEU E 51 -19.51 34.49 26.46
C LEU E 51 -18.56 35.66 26.23
N LEU E 52 -18.36 36.46 27.28
CA LEU E 52 -17.57 37.68 27.14
C LEU E 52 -16.10 37.38 26.86
N GLU E 53 -15.59 36.26 27.37
CA GLU E 53 -14.19 35.91 27.16
C GLU E 53 -13.89 35.70 25.68
N TYR E 54 -14.82 35.09 24.95
CA TYR E 54 -14.60 34.83 23.53
C TYR E 54 -14.56 36.14 22.75
N VAL E 55 -13.71 36.18 21.73
CA VAL E 55 -13.44 37.39 20.97
C VAL E 55 -13.60 37.09 19.48
N GLY E 56 -14.17 38.04 18.75
CA GLY E 56 -14.39 37.87 17.34
C GLY E 56 -13.13 38.09 16.54
N PRO E 57 -13.23 37.95 15.21
CA PRO E 57 -12.04 38.13 14.36
C PRO E 57 -11.64 39.59 14.29
N LEU E 58 -10.37 39.86 14.60
CA LEU E 58 -9.88 41.24 14.53
C LEU E 58 -9.73 41.70 13.08
N VAL E 59 -9.29 40.80 12.21
CA VAL E 59 -9.18 41.10 10.79
C VAL E 59 -10.48 40.69 10.10
N ASP E 60 -10.77 41.34 8.98
CA ASP E 60 -11.94 40.98 8.20
C ASP E 60 -11.85 39.52 7.77
N THR E 61 -13.01 38.91 7.55
CA THR E 61 -13.10 37.49 7.27
C THR E 61 -14.05 37.24 6.11
N HIS E 62 -13.86 36.11 5.44
CA HIS E 62 -14.72 35.72 4.33
C HIS E 62 -16.00 35.08 4.86
N VAL E 63 -16.96 34.91 3.95
CA VAL E 63 -18.22 34.25 4.31
C VAL E 63 -17.94 32.82 4.76
N HIS E 64 -17.05 32.13 4.06
CA HIS E 64 -16.62 30.79 4.42
C HIS E 64 -15.10 30.80 4.49
N GLU E 65 -14.55 30.28 5.58
CA GLU E 65 -13.14 30.47 5.88
C GLU E 65 -12.66 29.38 6.82
N LYS E 66 -11.37 29.08 6.73
CA LYS E 66 -10.72 28.20 7.67
C LYS E 66 -10.18 29.02 8.83
N PRO E 67 -10.49 28.71 10.09
CA PRO E 67 -10.09 29.63 11.17
C PRO E 67 -8.59 29.88 11.24
N LEU E 68 -7.79 28.83 11.07
CA LEU E 68 -6.34 28.97 11.24
C LEU E 68 -5.75 29.95 10.23
N SER E 69 -6.37 30.08 9.06
CA SER E 69 -5.92 31.09 8.11
C SER E 69 -6.08 32.49 8.70
N ILE E 70 -7.21 32.73 9.39
CA ILE E 70 -7.39 34.02 10.05
C ILE E 70 -6.44 34.19 11.20
N ALA E 71 -6.16 33.11 11.94
CA ALA E 71 -5.17 33.19 13.01
C ALA E 71 -3.83 33.65 12.45
N LEU E 72 -3.37 32.99 11.39
CA LEU E 72 -2.11 33.37 10.75
C LEU E 72 -2.16 34.79 10.20
N ARG E 73 -3.32 35.21 9.67
CA ARG E 73 -3.47 36.58 9.23
C ARG E 73 -3.24 37.55 10.38
N GLU E 74 -3.82 37.25 11.54
CA GLU E 74 -3.61 38.09 12.71
C GLU E 74 -2.14 38.15 13.08
N ILE E 75 -1.46 37.00 13.10
CA ILE E 75 -0.07 37.00 13.50
C ILE E 75 0.77 37.81 12.51
N ASN E 76 0.51 37.63 11.22
CA ASN E 76 1.26 38.38 10.22
C ASN E 76 1.00 39.86 10.38
N ALA E 77 -0.24 40.25 10.68
CA ALA E 77 -0.51 41.63 11.02
C ALA E 77 0.30 42.09 12.22
N GLY E 78 0.68 41.17 13.10
CA GLY E 78 1.46 41.49 14.27
C GLY E 78 0.67 42.13 15.39
N LEU E 79 -0.63 42.34 15.20
CA LEU E 79 -1.44 43.04 16.20
C LEU E 79 -1.66 42.18 17.43
N LEU E 80 -1.86 40.87 17.25
CA LEU E 80 -2.09 39.97 18.37
C LEU E 80 -0.77 39.67 19.06
N THR E 81 -0.81 39.54 20.40
CA THR E 81 0.38 39.40 21.22
C THR E 81 0.33 38.12 22.03
N SER E 82 1.51 37.62 22.39
CA SER E 82 1.67 36.42 23.19
C SER E 82 2.44 36.74 24.46
N GLU E 83 2.26 35.89 25.47
CA GLU E 83 3.01 36.01 26.72
C GLU E 83 2.88 34.68 27.47
N ALA E 84 4.01 34.12 27.87
CA ALA E 84 4.02 32.84 28.56
C ALA E 84 3.61 33.01 30.02
N ILE E 85 3.04 31.95 30.59
CA ILE E 85 2.63 31.96 31.97
C ILE E 85 3.85 31.83 32.88
N ALA F 230 13.72 -36.50 33.25
CA ALA F 230 13.31 -35.12 32.85
C ALA F 230 13.87 -34.78 31.48
N THR F 231 13.08 -35.01 30.44
CA THR F 231 13.50 -34.80 29.07
C THR F 231 12.35 -34.19 28.28
N ALA F 232 12.62 -33.91 27.01
CA ALA F 232 11.57 -33.50 26.09
C ALA F 232 10.71 -34.69 25.69
N ASP F 233 9.53 -34.40 25.13
CA ASP F 233 8.54 -35.42 24.84
C ASP F 233 8.28 -36.22 26.11
N PRO F 234 7.58 -35.63 27.10
CA PRO F 234 7.45 -36.29 28.41
C PRO F 234 6.84 -37.69 28.35
N VAL F 235 6.27 -38.11 27.22
CA VAL F 235 5.74 -39.46 27.14
C VAL F 235 6.87 -40.48 27.24
N LYS F 236 8.01 -40.18 26.62
CA LYS F 236 9.17 -41.06 26.75
C LYS F 236 9.61 -41.15 28.20
N ASP F 237 9.63 -40.02 28.90
CA ASP F 237 9.93 -40.04 30.33
C ASP F 237 8.91 -40.87 31.09
N TYR F 238 7.64 -40.82 30.69
CA TYR F 238 6.62 -41.63 31.36
C TYR F 238 6.87 -43.11 31.16
N LEU F 239 7.21 -43.51 29.93
CA LEU F 239 7.53 -44.92 29.67
C LEU F 239 8.75 -45.36 30.47
N LYS F 240 9.76 -44.49 30.58
CA LYS F 240 10.88 -44.82 31.44
C LYS F 240 10.44 -44.93 32.90
N GLN F 241 9.50 -44.09 33.32
CA GLN F 241 9.00 -44.15 34.69
C GLN F 241 8.26 -45.45 34.94
N ILE F 242 7.59 -46.00 33.93
CA ILE F 242 7.01 -47.33 34.06
C ILE F 242 8.09 -48.33 34.44
N GLY F 243 9.22 -48.28 33.75
CA GLY F 243 10.36 -49.10 34.10
C GLY F 243 10.06 -50.57 33.95
N LYS F 244 10.85 -51.39 34.66
CA LYS F 244 10.70 -52.83 34.65
C LYS F 244 9.96 -53.22 35.93
N VAL F 245 8.77 -53.79 35.77
CA VAL F 245 7.93 -54.19 36.89
C VAL F 245 7.45 -55.61 36.66
N PRO F 246 7.15 -56.38 37.70
CA PRO F 246 6.88 -57.82 37.52
C PRO F 246 5.48 -58.05 36.96
N LEU F 247 5.42 -58.62 35.75
CA LEU F 247 4.15 -59.07 35.20
C LEU F 247 3.63 -60.24 36.00
N LEU F 248 2.31 -60.31 36.18
CA LEU F 248 1.69 -61.21 37.14
C LEU F 248 1.09 -62.42 36.41
N ASN F 249 1.45 -63.61 36.86
CA ASN F 249 0.87 -64.84 36.37
C ASN F 249 -0.29 -65.26 37.29
N ALA F 250 -1.21 -66.05 36.74
CA ALA F 250 -2.55 -66.29 37.32
C ALA F 250 -2.50 -66.40 38.84
N GLU F 251 -1.65 -67.30 39.34
CA GLU F 251 -1.51 -67.48 40.78
C GLU F 251 -1.14 -66.16 41.46
N GLN F 252 -0.28 -65.36 40.82
CA GLN F 252 0.19 -64.14 41.47
C GLN F 252 -0.94 -63.16 41.69
N GLU F 253 -1.72 -62.85 40.64
CA GLU F 253 -2.77 -61.86 40.83
C GLU F 253 -3.95 -62.42 41.62
N VAL F 254 -4.24 -63.71 41.52
CA VAL F 254 -5.33 -64.22 42.36
C VAL F 254 -4.93 -64.15 43.83
N GLU F 255 -3.68 -64.50 44.17
CA GLU F 255 -3.22 -64.33 45.54
C GLU F 255 -3.23 -62.86 45.94
N LEU F 256 -2.81 -61.98 45.04
CA LEU F 256 -2.82 -60.56 45.36
C LEU F 256 -4.23 -60.09 45.67
N ALA F 257 -5.21 -60.50 44.86
CA ALA F 257 -6.59 -60.11 45.10
C ALA F 257 -7.15 -60.73 46.37
N LYS F 258 -6.71 -61.94 46.72
CA LYS F 258 -7.05 -62.49 48.03
C LYS F 258 -6.55 -61.56 49.13
N ARG F 259 -5.33 -61.08 48.99
CA ARG F 259 -4.83 -60.12 49.98
C ARG F 259 -5.59 -58.80 49.91
N ILE F 260 -6.07 -58.42 48.72
CA ILE F 260 -6.86 -57.19 48.60
C ILE F 260 -8.13 -57.30 49.42
N GLU F 261 -8.87 -58.39 49.24
CA GLU F 261 -10.09 -58.55 50.01
C GLU F 261 -9.80 -58.78 51.49
N ALA F 262 -8.64 -59.35 51.81
CA ALA F 262 -8.24 -59.47 53.21
C ALA F 262 -8.07 -58.08 53.83
N GLY F 263 -7.34 -57.20 53.16
CA GLY F 263 -7.21 -55.84 53.63
C GLY F 263 -8.53 -55.10 53.65
N LEU F 264 -9.41 -55.41 52.70
CA LEU F 264 -10.74 -54.80 52.68
C LEU F 264 -11.51 -55.16 53.94
N PHE F 265 -11.50 -56.45 54.30
CA PHE F 265 -12.16 -56.86 55.54
C PHE F 265 -11.47 -56.26 56.75
N ALA F 266 -10.15 -56.14 56.71
CA ALA F 266 -9.41 -55.55 57.81
C ALA F 266 -9.85 -54.11 58.06
N GLU F 267 -9.89 -53.31 57.00
CA GLU F 267 -10.31 -51.92 57.15
C GLU F 267 -11.79 -51.82 57.50
N ASP F 268 -12.61 -52.75 57.02
CA ASP F 268 -14.02 -52.75 57.41
C ASP F 268 -14.15 -52.98 58.91
N LYS F 269 -13.39 -53.92 59.45
CA LYS F 269 -13.41 -54.16 60.89
C LYS F 269 -12.89 -52.95 61.65
N LEU F 270 -11.82 -52.32 61.14
CA LEU F 270 -11.27 -51.15 61.81
C LEU F 270 -12.28 -50.00 61.84
N ALA F 271 -12.99 -49.80 60.74
CA ALA F 271 -13.95 -48.70 60.65
C ALA F 271 -15.09 -48.84 61.65
N ASN F 272 -15.40 -50.06 62.09
CA ASN F 272 -16.47 -50.26 63.04
C ASN F 272 -16.18 -49.54 64.35
N SER F 273 -17.21 -48.87 64.88
CA SER F 273 -17.06 -48.09 66.09
C SER F 273 -16.78 -48.96 67.32
N ASP F 274 -17.03 -50.26 67.23
CA ASP F 274 -16.75 -51.15 68.36
C ASP F 274 -15.27 -51.14 68.71
N LYS F 275 -14.98 -51.29 70.00
CA LYS F 275 -13.60 -51.27 70.45
C LYS F 275 -12.89 -52.55 70.07
N LEU F 276 -11.74 -52.42 69.41
CA LEU F 276 -10.86 -53.54 69.09
C LEU F 276 -9.55 -53.36 69.85
N ALA F 277 -8.89 -54.48 70.14
CA ALA F 277 -7.62 -54.42 70.84
C ALA F 277 -6.61 -53.65 69.99
N PRO F 278 -5.73 -52.85 70.61
CA PRO F 278 -4.83 -52.01 69.81
C PRO F 278 -3.92 -52.81 68.90
N LYS F 279 -3.36 -53.92 69.40
CA LYS F 279 -2.48 -54.74 68.57
C LYS F 279 -3.22 -55.31 67.37
N LEU F 280 -4.46 -55.76 67.59
CA LEU F 280 -5.26 -56.27 66.48
C LEU F 280 -5.55 -55.17 65.47
N LYS F 281 -5.84 -53.96 65.95
CA LYS F 281 -6.10 -52.85 65.03
C LYS F 281 -4.85 -52.54 64.20
N ARG F 282 -3.68 -52.53 64.83
CA ARG F 282 -2.45 -52.29 64.09
C ARG F 282 -2.19 -53.40 63.08
N GLU F 283 -2.47 -54.65 63.45
CA GLU F 283 -2.33 -55.75 62.51
C GLU F 283 -3.25 -55.55 61.32
N LEU F 284 -4.50 -55.19 61.57
CA LEU F 284 -5.44 -54.95 60.48
C LEU F 284 -4.96 -53.81 59.59
N GLU F 285 -4.41 -52.76 60.19
CA GLU F 285 -3.88 -51.65 59.40
C GLU F 285 -2.71 -52.12 58.54
N ILE F 286 -1.85 -52.97 59.08
CA ILE F 286 -0.74 -53.50 58.30
C ILE F 286 -1.26 -54.33 57.13
N ILE F 287 -2.28 -55.15 57.37
CA ILE F 287 -2.87 -55.95 56.30
C ILE F 287 -3.46 -55.04 55.23
N ALA F 288 -4.14 -53.97 55.64
CA ALA F 288 -4.71 -53.03 54.69
C ALA F 288 -3.62 -52.33 53.89
N GLU F 289 -2.51 -51.98 54.54
CA GLU F 289 -1.40 -51.34 53.84
C GLU F 289 -0.80 -52.30 52.81
N ASP F 290 -0.63 -53.56 53.18
CA ASP F 290 -0.14 -54.54 52.22
C ASP F 290 -1.11 -54.69 51.05
N GLY F 291 -2.41 -54.66 51.34
CA GLY F 291 -3.39 -54.67 50.26
C GLY F 291 -3.22 -53.48 49.34
N ARG F 292 -3.00 -52.29 49.92
CA ARG F 292 -2.77 -51.11 49.10
C ARG F 292 -1.54 -51.29 48.22
N ARG F 293 -0.48 -51.87 48.78
CA ARG F 293 0.71 -52.14 47.98
C ARG F 293 0.41 -53.08 46.82
N ALA F 294 -0.40 -54.11 47.08
CA ALA F 294 -0.80 -55.02 46.01
C ALA F 294 -1.60 -54.30 44.93
N LYS F 295 -2.51 -53.42 45.35
CA LYS F 295 -3.23 -52.58 44.40
C LYS F 295 -2.24 -51.82 43.52
N ASN F 296 -1.26 -51.19 44.15
CA ASN F 296 -0.26 -50.42 43.40
C ASN F 296 0.51 -51.32 42.44
N HIS F 297 0.83 -52.53 42.87
CA HIS F 297 1.52 -53.48 42.01
C HIS F 297 0.70 -53.76 40.77
N LEU F 298 -0.60 -54.02 40.94
CA LEU F 298 -1.47 -54.24 39.79
C LEU F 298 -1.52 -53.02 38.89
N LEU F 299 -1.60 -51.84 39.50
CA LEU F 299 -1.62 -50.61 38.73
C LEU F 299 -0.38 -50.50 37.87
N GLU F 300 0.79 -50.60 38.48
CA GLU F 300 2.03 -50.46 37.72
C GLU F 300 2.20 -51.54 36.66
N ALA F 301 1.82 -52.77 36.98
CA ALA F 301 1.93 -53.86 36.03
C ALA F 301 1.04 -53.59 34.83
N ASN F 302 -0.14 -53.04 35.07
CA ASN F 302 -1.09 -52.81 33.99
C ASN F 302 -0.98 -51.41 33.39
N LEU F 303 0.01 -50.64 33.81
CA LEU F 303 0.24 -49.33 33.21
C LEU F 303 0.53 -49.55 31.74
N ARG F 304 1.26 -50.63 31.45
CA ARG F 304 1.58 -50.95 30.08
C ARG F 304 0.28 -51.19 29.29
N LEU F 305 -0.69 -51.84 29.91
CA LEU F 305 -1.96 -52.08 29.23
C LEU F 305 -2.71 -50.80 28.85
N VAL F 306 -2.75 -49.83 29.75
CA VAL F 306 -3.41 -48.57 29.41
C VAL F 306 -2.72 -47.80 28.28
N VAL F 307 -1.39 -47.83 28.26
CA VAL F 307 -0.67 -47.08 27.24
C VAL F 307 -1.04 -47.63 25.85
N SER F 308 -1.18 -48.95 25.74
CA SER F 308 -1.60 -49.53 24.47
C SER F 308 -3.01 -49.09 24.12
N LEU F 309 -3.91 -49.06 25.09
CA LEU F 309 -5.31 -48.69 24.85
C LEU F 309 -5.44 -47.22 24.48
N ALA F 310 -4.60 -46.38 25.07
CA ALA F 310 -4.60 -44.96 24.75
C ALA F 310 -4.10 -44.74 23.33
N LYS F 311 -3.07 -45.48 22.92
CA LYS F 311 -2.67 -45.46 21.52
C LYS F 311 -3.83 -45.87 20.62
N ARG F 312 -4.65 -46.81 21.09
CA ARG F 312 -5.77 -47.28 20.27
C ARG F 312 -6.78 -46.17 19.98
N TYR F 313 -6.72 -45.05 20.71
CA TYR F 313 -7.65 -43.94 20.52
C TYR F 313 -6.96 -42.62 20.22
N THR F 314 -5.63 -42.60 20.07
CA THR F 314 -4.94 -41.35 19.87
C THR F 314 -5.29 -40.74 18.51
N GLY F 315 -4.82 -39.52 18.29
CA GLY F 315 -5.07 -38.81 17.05
C GLY F 315 -6.50 -38.39 16.83
N ARG F 316 -7.19 -37.92 17.87
CA ARG F 316 -8.56 -37.43 17.76
C ARG F 316 -8.76 -36.18 18.59
N GLY F 317 -7.79 -35.27 18.54
CA GLY F 317 -7.93 -33.97 19.16
C GLY F 317 -7.59 -33.90 20.63
N MET F 318 -7.26 -35.02 21.27
CA MET F 318 -6.80 -35.04 22.65
C MET F 318 -5.39 -35.59 22.67
N LEU F 319 -4.55 -35.06 23.56
CA LEU F 319 -3.14 -35.41 23.57
C LEU F 319 -2.93 -36.83 24.09
N PHE F 320 -1.86 -37.45 23.61
CA PHE F 320 -1.65 -38.88 23.84
C PHE F 320 -1.44 -39.19 25.31
N LEU F 321 -0.54 -38.46 25.97
CA LEU F 321 -0.29 -38.73 27.39
C LEU F 321 -1.50 -38.36 28.24
N ASP F 322 -2.28 -37.37 27.80
CA ASP F 322 -3.53 -37.06 28.50
C ASP F 322 -4.51 -38.22 28.41
N LEU F 323 -4.63 -38.82 27.22
CA LEU F 323 -5.42 -40.03 27.07
C LEU F 323 -4.89 -41.15 27.96
N ILE F 324 -3.56 -41.25 28.07
CA ILE F 324 -2.97 -42.28 28.91
C ILE F 324 -3.35 -42.05 30.37
N GLN F 325 -3.30 -40.79 30.81
CA GLN F 325 -3.75 -40.47 32.16
C GLN F 325 -5.20 -40.88 32.37
N GLU F 326 -6.08 -40.53 31.44
CA GLU F 326 -7.48 -40.86 31.58
C GLU F 326 -7.70 -42.37 31.61
N GLY F 327 -6.98 -43.11 30.76
CA GLY F 327 -7.05 -44.55 30.81
C GLY F 327 -6.57 -45.09 32.15
N ASN F 328 -5.60 -44.39 32.75
CA ASN F 328 -5.13 -44.78 34.08
C ASN F 328 -6.24 -44.60 35.11
N LEU F 329 -7.02 -43.52 34.98
CA LEU F 329 -8.18 -43.36 35.86
C LEU F 329 -9.18 -44.48 35.66
N GLY F 330 -9.46 -44.82 34.41
CA GLY F 330 -10.36 -45.92 34.12
C GLY F 330 -9.85 -47.23 34.71
N LEU F 331 -8.54 -47.43 34.66
CA LEU F 331 -7.94 -48.61 35.27
C LEU F 331 -8.13 -48.59 36.78
N ILE F 332 -7.96 -47.43 37.41
CA ILE F 332 -8.18 -47.33 38.85
C ILE F 332 -9.61 -47.75 39.17
N ARG F 333 -10.56 -47.29 38.37
CA ARG F 333 -11.95 -47.69 38.58
C ARG F 333 -12.12 -49.19 38.45
N ALA F 334 -11.62 -49.76 37.35
CA ALA F 334 -11.79 -51.20 37.11
C ALA F 334 -11.13 -52.01 38.22
N VAL F 335 -9.93 -51.62 38.63
CA VAL F 335 -9.22 -52.30 39.70
C VAL F 335 -10.02 -52.24 40.99
N GLU F 336 -10.55 -51.06 41.32
CA GLU F 336 -11.40 -50.93 42.48
C GLU F 336 -12.66 -51.79 42.36
N LYS F 337 -13.08 -52.12 41.14
CA LYS F 337 -14.29 -52.90 40.89
C LYS F 337 -14.00 -54.28 40.31
N PHE F 338 -12.95 -54.96 40.78
CA PHE F 338 -12.56 -56.27 40.26
C PHE F 338 -12.27 -57.21 41.42
N ASP F 339 -12.50 -58.50 41.19
CA ASP F 339 -12.08 -59.54 42.14
C ASP F 339 -11.87 -60.82 41.34
N TYR F 340 -11.42 -61.86 42.06
CA TYR F 340 -11.23 -63.18 41.45
C TYR F 340 -12.52 -63.99 41.41
N THR F 341 -13.62 -63.45 41.91
CA THR F 341 -14.90 -64.14 41.80
C THR F 341 -15.22 -64.47 40.35
N LYS F 342 -14.79 -63.62 39.42
CA LYS F 342 -14.90 -63.94 38.00
C LYS F 342 -13.78 -64.91 37.64
N GLY F 343 -14.10 -65.91 36.83
CA GLY F 343 -13.12 -66.93 36.49
C GLY F 343 -12.26 -66.57 35.30
N TYR F 344 -11.93 -65.29 35.19
CA TYR F 344 -11.18 -64.82 34.03
C TYR F 344 -10.05 -63.88 34.41
N LYS F 345 -9.23 -63.50 33.44
CA LYS F 345 -8.15 -62.56 33.69
C LYS F 345 -8.67 -61.14 33.90
N PHE F 346 -7.92 -60.35 34.68
CA PHE F 346 -8.33 -58.97 34.93
C PHE F 346 -8.36 -58.16 33.66
N SER F 347 -7.42 -58.38 32.76
CA SER F 347 -7.33 -57.54 31.56
C SER F 347 -8.57 -57.56 30.67
N THR F 348 -9.15 -58.74 30.46
CA THR F 348 -10.35 -58.80 29.64
C THR F 348 -11.47 -58.01 30.28
N TYR F 349 -11.62 -58.13 31.59
CA TYR F 349 -12.62 -57.33 32.28
C TYR F 349 -12.30 -55.85 32.19
N ALA F 350 -11.04 -55.50 32.38
CA ALA F 350 -10.63 -54.09 32.36
C ALA F 350 -10.81 -53.36 31.05
N THR F 351 -10.51 -54.02 29.93
CA THR F 351 -10.58 -53.35 28.63
C THR F 351 -11.87 -52.57 28.48
N TRP F 352 -12.93 -53.06 29.10
CA TRP F 352 -14.23 -52.39 29.00
C TRP F 352 -14.20 -51.06 29.75
N TRP F 353 -13.72 -51.07 30.99
CA TRP F 353 -13.66 -49.85 31.78
C TRP F 353 -12.69 -48.84 31.17
N ILE F 354 -11.58 -49.33 30.64
CA ILE F 354 -10.58 -48.42 30.07
C ILE F 354 -11.18 -47.69 28.87
N ARG F 355 -11.81 -48.44 27.97
CA ARG F 355 -12.45 -47.83 26.81
C ARG F 355 -13.57 -46.91 27.24
N GLN F 356 -14.31 -47.29 28.29
CA GLN F 356 -15.36 -46.43 28.83
C GLN F 356 -14.80 -45.08 29.22
N ALA F 357 -13.76 -45.06 30.04
CA ALA F 357 -13.19 -43.80 30.51
C ALA F 357 -12.64 -42.98 29.34
N ILE F 358 -11.95 -43.65 28.41
CA ILE F 358 -11.34 -42.93 27.29
C ILE F 358 -12.42 -42.31 26.41
N THR F 359 -13.46 -43.07 26.09
CA THR F 359 -14.53 -42.54 25.25
C THR F 359 -15.27 -41.42 25.96
N ARG F 360 -15.50 -41.56 27.26
CA ARG F 360 -16.14 -40.49 28.03
C ARG F 360 -15.35 -39.20 27.92
N ALA F 361 -14.04 -39.27 28.17
CA ALA F 361 -13.22 -38.07 28.12
C ALA F 361 -13.15 -37.52 26.69
N MET F 362 -13.09 -38.40 25.70
CA MET F 362 -13.05 -37.93 24.32
C MET F 362 -14.34 -37.23 23.95
N ALA F 363 -15.46 -37.66 24.51
CA ALA F 363 -16.74 -36.99 24.26
C ALA F 363 -16.86 -35.70 25.04
N ASP F 364 -16.21 -35.60 26.21
CA ASP F 364 -16.46 -34.50 27.13
C ASP F 364 -15.38 -33.41 27.10
N GLN F 365 -14.21 -33.66 26.50
CA GLN F 365 -13.10 -32.73 26.63
C GLN F 365 -12.27 -32.58 25.35
N ALA F 366 -12.69 -33.17 24.23
CA ALA F 366 -11.87 -33.15 23.02
C ALA F 366 -12.14 -31.92 22.16
N ARG F 367 -13.40 -31.53 22.03
CA ARG F 367 -13.79 -30.45 21.14
C ARG F 367 -13.74 -29.12 21.87
N THR F 368 -13.50 -28.04 21.11
CA THR F 368 -13.53 -26.70 21.70
C THR F 368 -14.91 -26.40 22.29
N ILE F 369 -15.96 -26.78 21.57
CA ILE F 369 -17.33 -26.64 22.04
C ILE F 369 -17.73 -27.96 22.70
N ARG F 370 -18.30 -27.87 23.90
CA ARG F 370 -18.62 -29.07 24.67
C ARG F 370 -19.91 -29.72 24.18
N ILE F 371 -19.79 -30.92 23.65
CA ILE F 371 -20.90 -31.64 23.03
C ILE F 371 -21.40 -32.70 24.01
N PRO F 372 -22.71 -32.82 24.22
CA PRO F 372 -23.20 -33.84 25.16
C PRO F 372 -23.03 -35.25 24.62
N VAL F 373 -22.95 -36.21 25.55
CA VAL F 373 -22.53 -37.57 25.22
C VAL F 373 -23.48 -38.19 24.19
N HIS F 374 -24.79 -38.04 24.38
CA HIS F 374 -25.72 -38.60 23.41
C HIS F 374 -25.55 -37.93 22.06
N MET F 375 -25.24 -36.63 22.06
CA MET F 375 -24.95 -35.97 20.79
C MET F 375 -23.67 -36.51 20.17
N VAL F 376 -22.66 -36.79 20.99
CA VAL F 376 -21.41 -37.35 20.46
C VAL F 376 -21.68 -38.71 19.81
N GLU F 377 -22.46 -39.55 20.47
CA GLU F 377 -22.73 -40.85 19.86
C GLU F 377 -23.62 -40.71 18.62
N VAL F 378 -24.54 -39.76 18.62
CA VAL F 378 -25.36 -39.55 17.42
C VAL F 378 -24.46 -39.16 16.24
N ILE F 379 -23.59 -38.17 16.47
CA ILE F 379 -22.73 -37.68 15.39
C ILE F 379 -21.77 -38.78 14.93
N ASN F 380 -21.12 -39.49 15.84
CA ASN F 380 -20.15 -40.46 15.36
C ASN F 380 -20.83 -41.66 14.72
N LYS F 381 -22.03 -42.02 15.18
CA LYS F 381 -22.80 -43.07 14.53
C LYS F 381 -23.18 -42.67 13.11
N LEU F 382 -23.73 -41.47 12.94
CA LEU F 382 -24.10 -41.08 11.58
C LEU F 382 -22.86 -40.92 10.71
N ALA F 383 -21.74 -40.51 11.30
CA ALA F 383 -20.51 -40.37 10.52
C ALA F 383 -20.01 -41.73 10.04
N ARG F 384 -19.94 -42.71 10.93
CA ARG F 384 -19.44 -44.02 10.54
C ARG F 384 -20.37 -44.70 9.55
N VAL F 385 -21.68 -44.57 9.74
CA VAL F 385 -22.59 -45.20 8.79
C VAL F 385 -22.55 -44.48 7.45
N GLN F 386 -22.35 -43.16 7.46
CA GLN F 386 -22.17 -42.45 6.20
C GLN F 386 -20.90 -42.89 5.50
N ARG F 387 -19.83 -43.13 6.25
CA ARG F 387 -18.60 -43.65 5.68
C ARG F 387 -18.84 -45.05 5.09
N GLN F 388 -19.64 -45.85 5.78
CA GLN F 388 -19.99 -47.17 5.25
C GLN F 388 -20.77 -47.05 3.96
N MET F 389 -21.68 -46.08 3.87
CA MET F 389 -22.38 -45.81 2.62
C MET F 389 -21.42 -45.38 1.52
N LEU F 390 -20.44 -44.54 1.87
CA LEU F 390 -19.45 -44.15 0.88
C LEU F 390 -18.68 -45.37 0.36
N GLN F 391 -18.28 -46.26 1.27
CA GLN F 391 -17.54 -47.45 0.85
C GLN F 391 -18.41 -48.37 0.02
N ASP F 392 -19.68 -48.50 0.38
CA ASP F 392 -20.57 -49.43 -0.30
C ASP F 392 -21.00 -48.90 -1.67
N LEU F 393 -21.72 -47.78 -1.68
CA LEU F 393 -22.17 -47.19 -2.93
C LEU F 393 -21.03 -46.68 -3.78
N GLY F 394 -19.90 -46.33 -3.17
CA GLY F 394 -18.85 -45.66 -3.90
C GLY F 394 -19.23 -44.26 -4.33
N ARG F 395 -20.25 -43.67 -3.72
CA ARG F 395 -20.71 -42.34 -4.06
C ARG F 395 -21.24 -41.66 -2.80
N GLU F 396 -21.34 -40.34 -2.87
CA GLU F 396 -21.82 -39.58 -1.73
C GLU F 396 -23.29 -39.91 -1.49
N PRO F 397 -23.68 -40.42 -0.32
CA PRO F 397 -25.10 -40.73 -0.11
C PRO F 397 -25.96 -39.47 -0.07
N THR F 398 -27.10 -39.54 -0.73
CA THR F 398 -28.04 -38.44 -0.72
C THR F 398 -28.63 -38.27 0.69
N PRO F 399 -28.94 -37.03 1.11
CA PRO F 399 -29.37 -36.82 2.50
C PRO F 399 -30.58 -37.63 2.91
N GLU F 400 -31.53 -37.86 2.00
CA GLU F 400 -32.69 -38.68 2.34
C GLU F 400 -32.26 -40.11 2.66
N GLU F 401 -31.28 -40.64 1.93
CA GLU F 401 -30.76 -41.97 2.22
C GLU F 401 -30.17 -42.02 3.62
N LEU F 402 -29.38 -41.00 3.97
CA LEU F 402 -28.82 -40.94 5.32
C LEU F 402 -29.91 -40.85 6.37
N ALA F 403 -30.95 -40.07 6.09
CA ALA F 403 -32.05 -39.91 7.05
C ALA F 403 -32.75 -41.24 7.30
N LYS F 404 -33.04 -41.98 6.24
CA LYS F 404 -33.70 -43.28 6.44
C LYS F 404 -32.76 -44.27 7.11
N GLU F 405 -31.46 -44.19 6.79
CA GLU F 405 -30.50 -45.09 7.42
C GLU F 405 -30.45 -44.86 8.93
N LEU F 406 -30.25 -43.61 9.34
CA LEU F 406 -30.28 -43.27 10.76
C LEU F 406 -31.68 -43.36 11.34
N ASP F 407 -32.70 -43.42 10.50
CA ASP F 407 -34.12 -43.53 10.84
C ASP F 407 -34.69 -42.21 11.32
N MET F 408 -33.88 -41.16 11.51
CA MET F 408 -34.37 -39.86 11.91
C MET F 408 -34.71 -39.04 10.68
N THR F 409 -35.29 -37.86 10.90
CA THR F 409 -35.69 -37.00 9.80
C THR F 409 -34.47 -36.30 9.20
N PRO F 410 -34.59 -35.79 7.97
CA PRO F 410 -33.48 -34.98 7.43
C PRO F 410 -33.18 -33.75 8.27
N GLU F 411 -34.18 -33.24 8.98
CA GLU F 411 -33.96 -32.08 9.85
C GLU F 411 -32.93 -32.40 10.93
N LYS F 412 -33.11 -33.53 11.61
CA LYS F 412 -32.12 -33.96 12.59
C LYS F 412 -30.77 -34.20 11.93
N VAL F 413 -30.78 -34.71 10.69
CA VAL F 413 -29.53 -34.96 9.98
C VAL F 413 -28.74 -33.66 9.83
N ILE F 414 -29.39 -32.63 9.30
CA ILE F 414 -28.68 -31.36 9.09
C ILE F 414 -28.32 -30.74 10.43
N GLU F 415 -29.19 -30.88 11.43
CA GLU F 415 -28.92 -30.33 12.75
C GLU F 415 -27.62 -30.89 13.30
N VAL F 416 -27.52 -32.22 13.37
CA VAL F 416 -26.36 -32.84 13.97
C VAL F 416 -25.13 -32.61 13.09
N GLN F 417 -25.31 -32.63 11.77
CA GLN F 417 -24.18 -32.37 10.88
C GLN F 417 -23.56 -31.01 11.16
N LYS F 418 -24.38 -29.97 11.22
CA LYS F 418 -23.85 -28.65 11.53
C LYS F 418 -23.31 -28.58 12.95
N TYR F 419 -23.90 -29.33 13.89
CA TYR F 419 -23.34 -29.40 15.23
C TYR F 419 -22.02 -30.16 15.28
N GLY F 420 -21.66 -30.87 14.22
CA GLY F 420 -20.46 -31.69 14.22
C GLY F 420 -19.27 -31.09 13.49
N ARG F 421 -18.99 -29.81 13.73
CA ARG F 421 -17.83 -29.15 13.16
C ARG F 421 -16.82 -28.79 14.25
N GLU F 422 -15.73 -28.15 13.82
CA GLU F 422 -14.70 -27.68 14.72
C GLU F 422 -14.27 -26.26 14.34
N PRO F 423 -13.91 -25.41 15.31
CA PRO F 423 -13.53 -24.04 14.95
C PRO F 423 -12.24 -24.00 14.18
N ILE F 424 -12.05 -22.90 13.46
CA ILE F 424 -10.79 -22.59 12.78
C ILE F 424 -10.11 -21.47 13.56
N SER F 425 -8.84 -21.66 13.89
CA SER F 425 -8.16 -20.73 14.78
C SER F 425 -7.80 -19.44 14.05
N LEU F 426 -7.92 -18.31 14.77
CA LEU F 426 -7.59 -17.02 14.18
C LEU F 426 -6.12 -16.96 13.80
N HIS F 427 -5.26 -17.51 14.66
CA HIS F 427 -3.82 -17.37 14.52
C HIS F 427 -3.29 -18.42 13.52
N THR F 428 -3.71 -18.23 12.28
CA THR F 428 -3.37 -19.09 11.16
C THR F 428 -2.78 -18.22 10.05
N PRO F 429 -1.78 -18.74 9.30
CA PRO F 429 -1.29 -17.81 8.28
C PRO F 429 -2.26 -17.68 7.13
N LEU F 430 -2.70 -16.46 6.84
CA LEU F 430 -3.58 -16.25 5.72
C LEU F 430 -2.70 -15.60 4.68
N GLY F 431 -2.58 -16.23 3.52
CA GLY F 431 -1.78 -15.66 2.44
C GLY F 431 -0.35 -15.41 2.87
N GLU F 432 0.13 -14.18 2.67
CA GLU F 432 1.50 -13.83 3.03
C GLU F 432 1.72 -13.70 4.53
N ASP F 433 2.98 -13.75 4.95
CA ASP F 433 3.32 -13.59 6.36
C ASP F 433 2.88 -12.23 6.90
N GLY F 434 2.99 -11.19 6.08
CA GLY F 434 2.55 -9.87 6.48
C GLY F 434 1.06 -9.83 6.77
N ASP F 435 0.26 -10.53 5.95
CA ASP F 435 -1.17 -10.61 6.20
C ASP F 435 -1.34 -11.32 7.53
N SER F 436 -0.52 -12.34 7.77
CA SER F 436 -0.53 -13.04 9.05
C SER F 436 -1.84 -13.66 9.46
N GLU F 437 -2.30 -13.35 10.68
CA GLU F 437 -3.50 -14.00 11.19
C GLU F 437 -4.74 -13.74 10.35
N PHE F 438 -5.58 -14.75 10.19
CA PHE F 438 -6.85 -14.57 9.48
C PHE F 438 -7.78 -13.70 10.31
N GLY F 439 -7.42 -13.47 11.57
CA GLY F 439 -8.28 -12.69 12.46
C GLY F 439 -8.46 -11.28 11.94
N ASP F 440 -7.42 -10.70 11.37
CA ASP F 440 -7.49 -9.33 10.87
C ASP F 440 -8.53 -9.12 9.78
N LEU F 441 -8.71 -10.11 8.91
CA LEU F 441 -9.62 -9.94 7.77
C LEU F 441 -11.07 -9.64 8.14
N ILE F 442 -11.60 -10.29 9.17
CA ILE F 442 -13.01 -10.12 9.51
C ILE F 442 -13.32 -8.93 10.45
N GLU F 443 -14.34 -8.15 10.14
CA GLU F 443 -14.74 -7.04 11.01
C GLU F 443 -15.60 -7.55 12.16
N ASP F 444 -15.70 -6.74 13.20
CA ASP F 444 -16.54 -7.04 14.35
C ASP F 444 -17.93 -6.44 14.19
N SER F 445 -18.73 -6.58 15.23
CA SER F 445 -20.08 -6.02 15.26
C SER F 445 -20.33 -5.12 16.46
N GLU F 446 -19.67 -5.38 17.59
CA GLU F 446 -19.87 -4.56 18.77
C GLU F 446 -19.39 -3.13 18.58
N ALA F 447 -18.56 -2.86 17.58
CA ALA F 447 -18.04 -1.52 17.36
C ALA F 447 -19.17 -0.54 17.10
N VAL F 448 -19.14 0.59 17.81
CA VAL F 448 -20.13 1.65 17.59
C VAL F 448 -19.70 2.41 16.34
N VAL F 449 -20.51 2.33 15.30
CA VAL F 449 -20.21 3.06 14.07
C VAL F 449 -20.38 4.54 14.41
N PRO F 450 -19.34 5.38 14.30
CA PRO F 450 -19.55 6.79 14.61
C PRO F 450 -20.60 7.45 13.74
N ALA F 451 -20.71 7.03 12.47
CA ALA F 451 -21.72 7.59 11.58
C ALA F 451 -23.12 7.38 12.15
N ASP F 452 -23.45 6.14 12.49
CA ASP F 452 -24.78 5.85 13.02
C ASP F 452 -24.98 6.51 14.38
N ALA F 453 -23.95 6.52 15.22
CA ALA F 453 -24.08 7.12 16.54
C ALA F 453 -24.37 8.60 16.45
N VAL F 454 -23.65 9.32 15.59
CA VAL F 454 -23.88 10.75 15.47
C VAL F 454 -25.20 11.03 14.76
N SER F 455 -25.60 10.14 13.85
CA SER F 455 -26.94 10.24 13.27
C SER F 455 -28.00 10.16 14.36
N PHE F 456 -27.83 9.22 15.27
CA PHE F 456 -28.76 9.09 16.39
C PHE F 456 -28.72 10.31 17.29
N THR F 457 -27.53 10.89 17.48
CA THR F 457 -27.41 12.08 18.31
C THR F 457 -28.16 13.26 17.69
N LEU F 458 -27.99 13.47 16.39
CA LEU F 458 -28.74 14.54 15.72
C LEU F 458 -30.24 14.26 15.76
N LEU F 459 -30.63 13.00 15.60
CA LEU F 459 -32.04 12.67 15.73
C LEU F 459 -32.55 13.03 17.12
N GLN F 460 -31.77 12.71 18.15
CA GLN F 460 -32.16 13.03 19.52
C GLN F 460 -32.33 14.53 19.70
N GLU F 461 -31.37 15.30 19.21
CA GLU F 461 -31.44 16.76 19.40
C GLU F 461 -32.64 17.35 18.67
N GLN F 462 -32.84 16.95 17.41
CA GLN F 462 -33.97 17.46 16.65
C GLN F 462 -35.29 17.04 17.28
N LEU F 463 -35.38 15.80 17.75
CA LEU F 463 -36.60 15.32 18.37
C LEU F 463 -36.89 16.10 19.65
N HIS F 464 -35.87 16.35 20.47
CA HIS F 464 -36.09 17.12 21.69
C HIS F 464 -36.54 18.54 21.35
N SER F 465 -35.92 19.15 20.34
CA SER F 465 -36.34 20.49 19.93
C SER F 465 -37.79 20.49 19.45
N VAL F 466 -38.17 19.48 18.66
CA VAL F 466 -39.53 19.42 18.13
C VAL F 466 -40.53 19.25 19.27
N LEU F 467 -40.18 18.41 20.26
CA LEU F 467 -41.02 18.29 21.44
C LEU F 467 -41.14 19.63 22.16
N ASP F 468 -40.02 20.34 22.32
CA ASP F 468 -40.05 21.65 22.95
C ASP F 468 -40.93 22.62 22.16
N THR F 469 -41.07 22.40 20.85
CA THR F 469 -42.01 23.21 20.07
C THR F 469 -43.42 23.05 20.59
N LEU F 470 -43.78 21.85 21.01
CA LEU F 470 -45.09 21.61 21.58
C LEU F 470 -45.18 22.26 22.97
N SER F 471 -46.39 22.27 23.51
CA SER F 471 -46.60 22.81 24.84
C SER F 471 -45.85 21.97 25.87
N GLU F 472 -45.57 22.59 27.02
CA GLU F 472 -44.78 21.92 28.05
C GLU F 472 -45.41 20.62 28.50
N ARG F 473 -46.69 20.66 28.88
CA ARG F 473 -47.36 19.46 29.35
C ARG F 473 -47.46 18.42 28.24
N GLU F 474 -47.75 18.87 27.02
CA GLU F 474 -47.87 17.95 25.90
C GLU F 474 -46.56 17.21 25.65
N ALA F 475 -45.45 17.96 25.60
CA ALA F 475 -44.15 17.35 25.39
C ALA F 475 -43.80 16.39 26.53
N GLY F 476 -44.09 16.81 27.77
CA GLY F 476 -43.79 15.94 28.90
C GLY F 476 -44.54 14.63 28.83
N VAL F 477 -45.84 14.69 28.52
CA VAL F 477 -46.63 13.47 28.50
C VAL F 477 -46.19 12.55 27.37
N VAL F 478 -45.86 13.12 26.21
CA VAL F 478 -45.38 12.26 25.13
C VAL F 478 -44.04 11.64 25.50
N SER F 479 -43.16 12.41 26.12
CA SER F 479 -41.85 11.89 26.52
C SER F 479 -42.01 10.74 27.49
N MET F 480 -42.91 10.87 28.46
CA MET F 480 -43.15 9.78 29.39
C MET F 480 -43.79 8.60 28.68
N ARG F 481 -44.65 8.86 27.68
CA ARG F 481 -45.25 7.77 26.92
C ARG F 481 -44.22 7.04 26.07
N PHE F 482 -43.07 7.68 25.80
CA PHE F 482 -42.04 7.08 24.97
C PHE F 482 -40.65 7.13 25.61
N GLY F 483 -40.57 7.45 26.89
CA GLY F 483 -39.30 7.33 27.61
C GLY F 483 -38.16 8.12 27.01
N LEU F 484 -38.41 9.37 26.61
CA LEU F 484 -37.36 10.17 26.02
C LEU F 484 -36.36 10.67 27.06
N THR F 485 -36.77 10.73 28.33
CA THR F 485 -35.85 11.06 29.41
C THR F 485 -35.28 9.82 30.08
N ASP F 486 -36.07 8.75 30.15
CA ASP F 486 -35.68 7.51 30.79
C ASP F 486 -36.01 6.34 29.87
N GLY F 487 -35.17 5.31 29.90
CA GLY F 487 -35.23 4.23 28.94
C GLY F 487 -36.56 3.51 28.86
N GLN F 488 -37.34 3.50 29.95
CA GLN F 488 -38.61 2.77 29.98
C GLN F 488 -39.76 3.73 29.73
N PRO F 489 -40.51 3.62 28.64
CA PRO F 489 -41.72 4.43 28.51
C PRO F 489 -42.75 4.04 29.55
N LYS F 490 -43.56 5.02 29.95
CA LYS F 490 -44.64 4.82 30.90
C LYS F 490 -45.95 4.57 30.15
N THR F 491 -46.75 3.65 30.68
CA THR F 491 -48.09 3.46 30.16
C THR F 491 -48.94 4.69 30.50
N LEU F 492 -50.13 4.74 29.87
CA LEU F 492 -50.97 5.92 30.04
C LEU F 492 -51.35 6.11 31.51
N ASP F 493 -51.89 5.06 32.15
CA ASP F 493 -52.22 5.16 33.56
C ASP F 493 -50.97 5.43 34.39
N GLU F 494 -49.83 4.86 33.99
CA GLU F 494 -48.60 5.08 34.73
C GLU F 494 -48.16 6.54 34.67
N ILE F 495 -48.53 7.25 33.62
CA ILE F 495 -48.25 8.69 33.58
C ILE F 495 -49.24 9.46 34.45
N GLY F 496 -50.41 8.86 34.74
CA GLY F 496 -51.45 9.56 35.47
C GLY F 496 -51.33 9.46 36.98
N LYS F 497 -50.11 9.36 37.50
CA LYS F 497 -49.85 9.38 38.93
C LYS F 497 -49.00 10.56 39.36
N VAL F 498 -47.84 10.76 38.72
CA VAL F 498 -47.01 11.92 39.06
C VAL F 498 -47.66 13.22 38.60
N TYR F 499 -48.28 13.24 37.42
CA TYR F 499 -48.92 14.44 36.91
C TYR F 499 -50.26 14.72 37.60
N GLY F 500 -50.87 13.72 38.21
CA GLY F 500 -52.17 13.88 38.82
C GLY F 500 -53.33 13.83 37.85
N VAL F 501 -53.10 13.38 36.62
CA VAL F 501 -54.15 13.31 35.60
C VAL F 501 -54.71 11.90 35.59
N THR F 502 -55.94 11.77 35.12
CA THR F 502 -56.59 10.47 35.00
C THR F 502 -56.10 9.77 33.74
N ARG F 503 -56.14 8.43 33.76
CA ARG F 503 -55.61 7.64 32.66
C ARG F 503 -56.26 8.01 31.33
N GLU F 504 -57.56 8.30 31.32
CA GLU F 504 -58.19 8.71 30.08
C GLU F 504 -57.88 10.15 29.70
N ARG F 505 -57.68 11.05 30.66
CA ARG F 505 -57.23 12.39 30.31
C ARG F 505 -55.88 12.34 29.60
N ILE F 506 -54.94 11.61 30.20
CA ILE F 506 -53.61 11.49 29.62
C ILE F 506 -53.68 10.78 28.27
N ARG F 507 -54.56 9.78 28.15
CA ARG F 507 -54.76 9.14 26.85
C ARG F 507 -55.23 10.16 25.82
N GLN F 508 -56.19 10.99 26.20
CA GLN F 508 -56.73 11.99 25.29
C GLN F 508 -55.65 12.96 24.83
N ILE F 509 -54.88 13.51 25.78
CA ILE F 509 -53.89 14.50 25.37
C ILE F 509 -52.75 13.83 24.61
N GLU F 510 -52.46 12.56 24.89
CA GLU F 510 -51.48 11.86 24.08
C GLU F 510 -51.96 11.74 22.64
N SER F 511 -53.24 11.44 22.46
CA SER F 511 -53.81 11.41 21.11
C SER F 511 -53.73 12.79 20.46
N LYS F 512 -53.98 13.84 21.24
CA LYS F 512 -53.90 15.18 20.67
C LYS F 512 -52.47 15.53 20.29
N THR F 513 -51.50 15.05 21.05
CA THR F 513 -50.11 15.22 20.65
C THR F 513 -49.81 14.47 19.37
N MET F 514 -50.35 13.26 19.23
CA MET F 514 -50.22 12.54 17.97
C MET F 514 -50.78 13.38 16.82
N SER F 515 -51.92 14.03 17.06
CA SER F 515 -52.50 14.91 16.06
C SER F 515 -51.60 16.12 15.77
N LYS F 516 -50.99 16.67 16.81
CA LYS F 516 -50.24 17.91 16.67
C LYS F 516 -48.90 17.66 15.96
N LEU F 517 -48.26 16.54 16.27
CA LEU F 517 -46.99 16.22 15.63
C LEU F 517 -47.20 15.73 14.20
N ARG F 518 -48.32 15.07 13.92
CA ARG F 518 -48.51 14.50 12.58
C ARG F 518 -48.80 15.56 11.53
N HIS F 519 -48.92 16.82 11.89
CA HIS F 519 -49.11 17.85 10.88
C HIS F 519 -47.86 17.91 9.98
N PRO F 520 -48.01 18.42 8.76
CA PRO F 520 -46.81 18.59 7.91
C PRO F 520 -45.79 19.54 8.51
N SER F 521 -46.20 20.38 9.46
CA SER F 521 -45.26 21.32 10.09
C SER F 521 -44.10 20.60 10.75
N ARG F 522 -44.38 19.89 11.84
CA ARG F 522 -43.34 19.20 12.61
C ARG F 522 -43.17 17.77 12.11
N SER F 523 -42.96 17.63 10.81
CA SER F 523 -42.75 16.32 10.19
C SER F 523 -41.68 16.34 9.11
N GLN F 524 -41.39 17.48 8.50
CA GLN F 524 -40.39 17.52 7.44
C GLN F 524 -39.02 17.12 7.97
N VAL F 525 -38.65 17.62 9.16
CA VAL F 525 -37.33 17.34 9.72
C VAL F 525 -37.23 15.89 10.14
N LEU F 526 -38.29 15.35 10.76
CA LEU F 526 -38.22 14.00 11.30
C LEU F 526 -38.38 12.93 10.22
N ARG F 527 -38.95 13.28 9.07
CA ARG F 527 -39.09 12.30 8.00
C ARG F 527 -37.73 11.81 7.51
N ASP F 528 -36.77 12.71 7.36
CA ASP F 528 -35.45 12.32 6.89
C ASP F 528 -34.66 11.52 7.92
N TYR F 529 -35.14 11.43 9.17
CA TYR F 529 -34.46 10.69 10.21
C TYR F 529 -34.99 9.28 10.40
N LEU F 530 -36.25 9.03 10.05
CA LEU F 530 -36.82 7.69 10.09
C LEU F 530 -36.67 7.04 11.46
N PRO G 26 -71.10 37.93 9.04
CA PRO G 26 -70.24 38.92 9.71
C PRO G 26 -69.60 38.36 10.99
N PRO G 27 -68.45 37.70 10.86
CA PRO G 27 -67.77 37.18 12.06
C PRO G 27 -67.38 38.29 13.02
N VAL G 28 -67.41 37.97 14.31
CA VAL G 28 -67.08 38.91 15.37
C VAL G 28 -65.77 38.51 16.00
N LYS G 29 -65.03 39.50 16.49
CA LYS G 29 -63.70 39.25 17.06
C LYS G 29 -63.81 38.37 18.31
N GLY G 30 -64.81 38.62 19.16
CA GLY G 30 -64.96 37.88 20.39
C GLY G 30 -65.62 36.53 20.18
N ARG G 31 -65.82 35.82 21.29
CA ARG G 31 -66.46 34.52 21.22
C ARG G 31 -67.88 34.65 20.67
N ALA G 32 -68.23 33.74 19.76
CA ALA G 32 -69.58 33.75 19.20
C ALA G 32 -70.59 33.34 20.27
N THR G 33 -71.68 34.09 20.35
CA THR G 33 -72.77 33.82 21.27
C THR G 33 -74.08 33.90 20.52
N ARG G 34 -75.13 33.30 21.10
CA ARG G 34 -76.41 33.21 20.42
C ARG G 34 -76.99 34.59 20.10
N GLN G 35 -76.68 35.60 20.92
CA GLN G 35 -77.16 36.95 20.63
C GLN G 35 -76.45 37.52 19.41
N ARG G 36 -75.13 37.39 19.36
CA ARG G 36 -74.38 37.87 18.20
C ARG G 36 -74.77 37.11 16.94
N ALA G 37 -74.94 35.79 17.05
CA ALA G 37 -75.38 35.01 15.90
C ALA G 37 -76.77 35.43 15.47
N ALA G 38 -77.67 35.71 16.42
CA ALA G 38 -79.02 36.12 16.08
C ALA G 38 -79.03 37.46 15.35
N VAL G 39 -78.26 38.43 15.84
CA VAL G 39 -78.24 39.73 15.17
C VAL G 39 -77.58 39.62 13.80
N SER G 40 -76.56 38.76 13.66
CA SER G 40 -75.96 38.54 12.36
C SER G 40 -76.97 37.92 11.39
N ALA G 41 -77.74 36.94 11.86
CA ALA G 41 -78.77 36.33 11.03
C ALA G 41 -79.82 37.35 10.63
N ALA G 42 -80.20 38.23 11.56
CA ALA G 42 -81.15 39.29 11.24
C ALA G 42 -80.58 40.24 10.19
N LEU G 43 -79.29 40.59 10.33
CA LEU G 43 -78.67 41.51 9.37
C LEU G 43 -78.63 40.91 7.97
N GLN G 44 -78.23 39.64 7.86
CA GLN G 44 -78.18 39.00 6.55
C GLN G 44 -79.56 38.65 6.03
N GLU G 45 -80.57 38.58 6.91
CA GLU G 45 -81.92 38.22 6.47
C GLU G 45 -82.51 39.30 5.57
N VAL G 46 -82.31 40.57 5.91
CA VAL G 46 -82.92 41.67 5.20
C VAL G 46 -81.85 42.37 4.36
N GLU G 47 -82.30 43.30 3.50
CA GLU G 47 -81.42 44.04 2.62
C GLU G 47 -81.59 45.55 2.72
N GLU G 48 -82.67 46.05 3.32
CA GLU G 48 -82.87 47.49 3.44
C GLU G 48 -82.07 48.05 4.60
N PHE G 49 -81.93 49.37 4.62
CA PHE G 49 -81.24 50.06 5.70
C PHE G 49 -82.15 50.19 6.91
N ARG G 50 -81.57 50.01 8.10
CA ARG G 50 -82.33 50.04 9.33
C ARG G 50 -81.39 50.36 10.48
N SER G 51 -81.95 50.96 11.54
CA SER G 51 -81.19 51.36 12.71
C SER G 51 -81.29 50.29 13.79
N ALA G 52 -80.62 50.53 14.92
CA ALA G 52 -80.61 49.55 15.99
C ALA G 52 -82.01 49.27 16.49
N GLN G 53 -82.78 50.33 16.71
CA GLN G 53 -84.12 50.15 17.24
C GLN G 53 -84.97 49.35 16.27
N GLU G 54 -84.87 49.66 14.99
CA GLU G 54 -85.65 48.95 13.99
C GLU G 54 -85.29 47.47 13.91
N LEU G 55 -84.00 47.16 13.90
CA LEU G 55 -83.57 45.75 13.90
C LEU G 55 -83.96 45.08 15.20
N HIS G 56 -83.84 45.79 16.31
CA HIS G 56 -84.20 45.24 17.60
C HIS G 56 -85.69 44.89 17.62
N ASP G 57 -86.51 45.76 17.05
CA ASP G 57 -87.94 45.51 17.06
C ASP G 57 -88.27 44.24 16.28
N MET G 58 -87.66 44.07 15.12
CA MET G 58 -87.91 42.87 14.33
C MET G 58 -87.44 41.60 15.05
N LEU G 59 -86.27 41.65 15.69
CA LEU G 59 -85.78 40.50 16.44
C LEU G 59 -86.66 40.16 17.64
N LYS G 60 -87.14 41.16 18.35
CA LYS G 60 -88.03 40.90 19.48
C LYS G 60 -89.33 40.26 19.00
N HIS G 61 -89.84 40.70 17.85
CA HIS G 61 -91.08 40.15 17.33
C HIS G 61 -90.93 38.70 16.91
N LYS G 62 -89.77 38.35 16.34
CA LYS G 62 -89.59 36.98 15.85
C LYS G 62 -89.20 36.01 16.97
N GLY G 63 -88.80 36.51 18.14
CA GLY G 63 -88.53 35.67 19.28
C GLY G 63 -87.05 35.49 19.62
N ASP G 64 -86.26 36.56 19.50
CA ASP G 64 -84.85 36.51 19.86
C ASP G 64 -84.60 36.93 21.30
N ALA G 65 -85.27 37.99 21.76
CA ALA G 65 -85.13 38.50 23.13
C ALA G 65 -83.68 38.88 23.42
N VAL G 66 -83.21 39.89 22.67
CA VAL G 66 -81.87 40.42 22.81
C VAL G 66 -81.98 41.88 23.20
N GLY G 67 -80.94 42.37 23.89
CA GLY G 67 -80.97 43.70 24.47
C GLY G 67 -80.69 44.82 23.48
N LEU G 68 -81.09 46.03 23.86
CA LEU G 68 -80.81 47.21 23.07
C LEU G 68 -79.31 47.49 23.02
N THR G 69 -78.69 47.75 24.17
CA THR G 69 -77.29 48.12 24.16
C THR G 69 -76.43 46.98 23.63
N THR G 70 -76.88 45.74 23.78
CA THR G 70 -76.16 44.61 23.22
C THR G 70 -76.09 44.71 21.70
N VAL G 71 -77.22 44.95 21.05
CA VAL G 71 -77.20 45.08 19.60
C VAL G 71 -76.43 46.34 19.19
N TYR G 72 -76.52 47.40 20.01
CA TYR G 72 -75.71 48.60 19.76
C TYR G 72 -74.21 48.27 19.75
N ARG G 73 -73.77 47.50 20.73
CA ARG G 73 -72.35 47.17 20.80
C ARG G 73 -71.94 46.27 19.65
N THR G 74 -72.78 45.30 19.30
CA THR G 74 -72.45 44.41 18.19
C THR G 74 -72.40 45.17 16.88
N LEU G 75 -73.31 46.13 16.69
CA LEU G 75 -73.27 46.93 15.47
C LEU G 75 -72.08 47.88 15.43
N GLN G 76 -71.68 48.44 16.58
CA GLN G 76 -70.47 49.26 16.59
C GLN G 76 -69.24 48.42 16.23
N SER G 77 -69.16 47.20 16.79
CA SER G 77 -68.04 46.31 16.46
C SER G 77 -68.04 45.94 14.98
N LEU G 78 -69.20 45.61 14.43
CA LEU G 78 -69.26 45.24 13.01
C LEU G 78 -68.88 46.40 12.11
N ALA G 79 -69.37 47.61 12.42
CA ALA G 79 -68.98 48.78 11.64
C ALA G 79 -67.49 49.05 11.75
N ASP G 80 -66.91 48.84 12.93
CA ASP G 80 -65.46 48.95 13.07
C ASP G 80 -64.75 47.93 12.17
N ALA G 81 -65.27 46.71 12.12
CA ALA G 81 -64.72 45.70 11.22
C ALA G 81 -65.11 45.95 9.77
N GLY G 82 -66.15 46.74 9.52
CA GLY G 82 -66.56 47.05 8.16
C GLY G 82 -67.44 46.02 7.50
N GLU G 83 -67.89 45.00 8.23
CA GLU G 83 -68.72 43.97 7.62
C GLU G 83 -70.07 44.54 7.17
N VAL G 84 -70.57 45.57 7.83
CA VAL G 84 -71.81 46.22 7.47
C VAL G 84 -71.51 47.64 6.99
N ASP G 85 -72.48 48.24 6.32
CA ASP G 85 -72.35 49.58 5.78
C ASP G 85 -73.27 50.53 6.54
N VAL G 86 -72.75 51.73 6.78
CA VAL G 86 -73.35 52.74 7.66
C VAL G 86 -73.89 53.88 6.82
N LEU G 87 -74.89 54.58 7.35
CA LEU G 87 -75.44 55.73 6.64
C LEU G 87 -76.23 56.60 7.61
N ARG G 88 -75.94 57.91 7.62
CA ARG G 88 -76.67 58.85 8.46
C ARG G 88 -77.88 59.38 7.68
N THR G 89 -79.06 59.22 8.27
CA THR G 89 -80.30 59.68 7.62
C THR G 89 -80.41 61.19 7.73
N ALA G 90 -81.53 61.73 7.25
CA ALA G 90 -81.75 63.17 7.28
C ALA G 90 -81.79 63.70 8.72
N GLU G 91 -82.51 62.99 9.59
CA GLU G 91 -82.56 63.41 11.00
C GLU G 91 -81.19 63.36 11.65
N GLY G 92 -80.44 62.30 11.39
CA GLY G 92 -79.11 62.14 11.96
C GLY G 92 -78.83 60.73 12.44
N GLU G 93 -79.87 59.99 12.76
CA GLU G 93 -79.69 58.64 13.27
C GLU G 93 -79.12 57.73 12.19
N SER G 94 -78.27 56.80 12.60
CA SER G 94 -77.49 56.01 11.66
C SER G 94 -78.16 54.67 11.40
N VAL G 95 -78.41 54.39 10.13
CA VAL G 95 -79.03 53.16 9.68
C VAL G 95 -77.97 52.33 8.97
N TYR G 96 -78.21 51.01 8.93
CA TYR G 96 -77.20 50.01 8.63
C TYR G 96 -77.71 48.99 7.62
N ARG G 97 -76.77 48.42 6.87
CA ARG G 97 -77.13 47.41 5.88
C ARG G 97 -75.95 46.46 5.67
N ARG G 98 -76.19 45.17 5.86
CA ARG G 98 -75.20 44.14 5.55
C ARG G 98 -75.19 43.96 4.03
N CYS G 99 -74.23 44.59 3.37
CA CYS G 99 -74.18 44.62 1.91
C CYS G 99 -73.41 43.42 1.37
N SER G 100 -73.92 42.85 0.28
CA SER G 100 -73.30 41.65 -0.29
C SER G 100 -71.89 41.94 -0.78
N THR G 101 -71.70 43.07 -1.46
CA THR G 101 -70.41 43.38 -2.05
C THR G 101 -69.50 44.02 -1.01
N GLY G 102 -68.27 43.51 -0.91
CA GLY G 102 -67.32 43.97 0.09
C GLY G 102 -66.34 45.03 -0.36
N ASP G 103 -66.22 45.27 -1.66
CA ASP G 103 -65.27 46.26 -2.14
C ASP G 103 -65.83 47.67 -1.98
N HIS G 104 -65.05 48.65 -2.43
CA HIS G 104 -65.52 50.03 -2.38
C HIS G 104 -66.72 50.22 -3.30
N HIS G 105 -67.76 50.85 -2.78
CA HIS G 105 -69.01 51.01 -3.52
C HIS G 105 -69.82 52.11 -2.86
N HIS G 106 -70.84 52.57 -3.58
CA HIS G 106 -71.81 53.54 -3.07
C HIS G 106 -73.20 52.96 -3.21
N HIS G 107 -74.16 53.58 -2.54
CA HIS G 107 -75.52 53.07 -2.45
C HIS G 107 -76.51 54.14 -2.87
N LEU G 108 -77.41 53.78 -3.79
CA LEU G 108 -78.56 54.60 -4.13
C LEU G 108 -79.74 54.11 -3.29
N VAL G 109 -80.31 55.00 -2.48
CA VAL G 109 -81.29 54.64 -1.47
C VAL G 109 -82.57 55.43 -1.71
N CYS G 110 -83.70 54.73 -1.64
CA CYS G 110 -85.03 55.35 -1.69
C CYS G 110 -85.58 55.40 -0.28
N ARG G 111 -85.87 56.62 0.20
CA ARG G 111 -86.39 56.76 1.56
C ARG G 111 -87.78 56.15 1.70
N ALA G 112 -88.62 56.26 0.67
CA ALA G 112 -89.97 55.71 0.76
C ALA G 112 -89.95 54.19 0.81
N CYS G 113 -88.97 53.55 0.17
CA CYS G 113 -88.89 52.10 0.08
C CYS G 113 -87.83 51.50 0.97
N GLY G 114 -86.69 52.18 1.15
CA GLY G 114 -85.58 51.64 1.89
C GLY G 114 -84.66 50.73 1.10
N LYS G 115 -84.99 50.44 -0.17
CA LYS G 115 -84.13 49.61 -0.99
C LYS G 115 -82.83 50.33 -1.29
N ALA G 116 -81.73 49.59 -1.29
CA ALA G 116 -80.41 50.11 -1.61
C ALA G 116 -79.87 49.40 -2.84
N VAL G 117 -79.39 50.17 -3.81
CA VAL G 117 -78.83 49.65 -5.05
C VAL G 117 -77.34 49.95 -5.04
N GLU G 118 -76.52 48.93 -5.28
CA GLU G 118 -75.07 49.07 -5.25
C GLU G 118 -74.62 49.69 -6.57
N VAL G 119 -74.17 50.94 -6.50
CA VAL G 119 -73.67 51.67 -7.66
C VAL G 119 -72.25 52.15 -7.34
N GLU G 120 -71.34 51.93 -8.29
CA GLU G 120 -69.95 52.34 -8.14
C GLU G 120 -69.49 53.01 -9.42
N GLY G 121 -68.72 54.09 -9.27
CA GLY G 121 -68.20 54.83 -10.40
C GLY G 121 -66.78 55.29 -10.15
N PRO G 122 -65.84 54.97 -11.06
CA PRO G 122 -64.47 55.48 -10.88
C PRO G 122 -64.33 56.96 -11.17
N ALA G 123 -65.30 57.57 -11.86
CA ALA G 123 -65.20 58.99 -12.19
C ALA G 123 -65.18 59.85 -10.93
N VAL G 124 -66.05 59.56 -9.96
CA VAL G 124 -66.08 60.36 -8.74
C VAL G 124 -64.80 60.16 -7.94
N GLU G 125 -64.26 58.94 -7.93
CA GLU G 125 -63.00 58.71 -7.23
C GLU G 125 -61.86 59.48 -7.88
N LYS G 126 -61.80 59.48 -9.21
CA LYS G 126 -60.77 60.24 -9.91
C LYS G 126 -60.92 61.73 -9.65
N TRP G 127 -62.15 62.23 -9.65
CA TRP G 127 -62.38 63.64 -9.36
C TRP G 127 -61.94 64.00 -7.95
N ALA G 128 -62.27 63.14 -6.97
CA ALA G 128 -61.86 63.39 -5.60
C ALA G 128 -60.35 63.41 -5.47
N GLU G 129 -59.67 62.45 -6.11
CA GLU G 129 -58.21 62.42 -6.06
C GLU G 129 -57.62 63.66 -6.72
N ALA G 130 -58.19 64.09 -7.85
CA ALA G 130 -57.67 65.25 -8.56
C ALA G 130 -57.81 66.52 -7.72
N ILE G 131 -58.99 66.72 -7.12
CA ILE G 131 -59.20 67.93 -6.33
C ILE G 131 -58.36 67.89 -5.06
N ALA G 132 -58.19 66.70 -4.46
CA ALA G 132 -57.32 66.58 -3.29
C ALA G 132 -55.87 66.93 -3.64
N ALA G 133 -55.39 66.43 -4.78
CA ALA G 133 -54.01 66.74 -5.19
C ALA G 133 -53.86 68.22 -5.51
N GLU G 134 -54.85 68.81 -6.19
CA GLU G 134 -54.76 70.22 -6.55
C GLU G 134 -54.70 71.10 -5.31
N HIS G 135 -55.51 70.78 -4.29
CA HIS G 135 -55.51 71.52 -3.04
C HIS G 135 -54.38 71.11 -2.12
N GLY G 136 -53.61 70.08 -2.47
CA GLY G 136 -52.51 69.64 -1.63
C GLY G 136 -52.94 68.88 -0.40
N TYR G 137 -54.17 68.37 -0.37
CA TYR G 137 -54.66 67.62 0.78
C TYR G 137 -54.01 66.24 0.82
N VAL G 138 -53.71 65.77 2.03
CA VAL G 138 -52.96 64.53 2.19
C VAL G 138 -53.85 63.33 1.89
N ASN G 139 -54.99 63.24 2.58
CA ASN G 139 -55.91 62.11 2.45
C ASN G 139 -57.30 62.61 2.12
N VAL G 140 -58.07 61.74 1.44
CA VAL G 140 -59.44 62.05 1.05
C VAL G 140 -60.34 60.93 1.58
N ALA G 141 -61.41 61.31 2.26
CA ALA G 141 -62.41 60.37 2.76
C ALA G 141 -63.78 60.87 2.30
N HIS G 142 -64.16 60.48 1.09
CA HIS G 142 -65.39 60.99 0.49
C HIS G 142 -66.62 60.39 1.16
N THR G 143 -67.63 61.23 1.35
CA THR G 143 -68.93 60.83 1.87
C THR G 143 -69.97 61.18 0.80
N VAL G 144 -70.36 60.19 0.02
CA VAL G 144 -71.23 60.36 -1.14
C VAL G 144 -72.49 59.52 -0.94
N GLU G 145 -73.64 60.14 -1.16
CA GLU G 145 -74.92 59.44 -1.09
C GLU G 145 -75.91 60.14 -2.01
N ILE G 146 -76.77 59.35 -2.65
CA ILE G 146 -77.81 59.86 -3.54
C ILE G 146 -79.15 59.38 -3.03
N PHE G 147 -80.06 60.31 -2.80
CA PHE G 147 -81.42 60.01 -2.35
C PHE G 147 -82.39 60.25 -3.51
N GLY G 148 -83.28 59.29 -3.76
CA GLY G 148 -84.22 59.40 -4.84
C GLY G 148 -85.52 58.67 -4.58
N THR G 149 -86.40 58.62 -5.58
CA THR G 149 -87.67 57.94 -5.49
C THR G 149 -87.86 57.04 -6.71
N CYS G 150 -88.41 55.86 -6.48
CA CYS G 150 -88.63 54.92 -7.56
C CYS G 150 -89.75 55.40 -8.48
N ALA G 151 -89.78 54.83 -9.68
CA ALA G 151 -90.88 55.14 -10.60
C ALA G 151 -92.21 54.66 -10.01
N ASP G 152 -92.21 53.50 -9.36
CA ASP G 152 -93.43 53.01 -8.72
C ASP G 152 -93.90 53.94 -7.61
N CYS G 153 -92.97 54.65 -6.96
CA CYS G 153 -93.36 55.57 -5.90
C CYS G 153 -94.27 56.67 -6.44
N ALA G 154 -93.90 57.25 -7.59
CA ALA G 154 -94.73 58.29 -8.20
C ALA G 154 -96.10 57.74 -8.59
N GLY G 155 -96.12 56.53 -9.16
CA GLY G 155 -97.38 55.93 -9.55
C GLY G 155 -98.22 55.57 -8.34
N ALA G 156 -99.54 55.56 -8.54
CA ALA G 156 -100.49 55.25 -7.49
C ALA G 156 -101.46 54.17 -7.96
N PRO H 26 -77.98 88.65 3.67
CA PRO H 26 -78.89 87.53 3.89
C PRO H 26 -80.27 87.97 4.40
N PRO H 27 -81.13 88.45 3.51
CA PRO H 27 -82.48 88.87 3.93
C PRO H 27 -83.24 87.71 4.55
N VAL H 28 -84.06 88.03 5.56
CA VAL H 28 -84.87 87.07 6.29
C VAL H 28 -86.33 87.34 5.99
N LYS H 29 -87.11 86.27 5.81
CA LYS H 29 -88.52 86.42 5.46
C LYS H 29 -89.28 87.19 6.53
N GLY H 30 -88.87 87.09 7.80
CA GLY H 30 -89.54 87.79 8.87
C GLY H 30 -89.29 89.28 8.83
N ARG H 31 -89.98 89.98 9.71
CA ARG H 31 -89.86 91.44 9.77
C ARG H 31 -88.46 91.84 10.21
N ALA H 32 -88.06 93.04 9.82
CA ALA H 32 -86.75 93.56 10.18
C ALA H 32 -86.65 93.74 11.69
N THR H 33 -85.65 93.10 12.28
CA THR H 33 -85.41 93.21 13.72
C THR H 33 -83.92 93.02 13.97
N ARG H 34 -83.48 93.49 15.14
CA ARG H 34 -82.06 93.46 15.45
C ARG H 34 -81.52 92.04 15.58
N GLN H 35 -82.38 91.09 15.98
CA GLN H 35 -81.92 89.71 16.12
C GLN H 35 -81.47 89.13 14.78
N ARG H 36 -82.33 89.24 13.77
CA ARG H 36 -82.01 88.68 12.45
C ARG H 36 -80.79 89.36 11.86
N ALA H 37 -80.73 90.70 11.95
CA ALA H 37 -79.58 91.42 11.41
C ALA H 37 -78.30 91.03 12.12
N ALA H 38 -78.35 90.90 13.46
CA ALA H 38 -77.16 90.56 14.21
C ALA H 38 -76.66 89.16 13.85
N VAL H 39 -77.57 88.18 13.80
CA VAL H 39 -77.13 86.82 13.49
C VAL H 39 -76.63 86.73 12.06
N SER H 40 -77.28 87.42 11.13
CA SER H 40 -76.82 87.40 9.73
C SER H 40 -75.44 88.03 9.61
N ALA H 41 -75.21 89.17 10.28
CA ALA H 41 -73.90 89.80 10.23
C ALA H 41 -72.83 88.92 10.85
N ALA H 42 -73.14 88.29 11.98
CA ALA H 42 -72.18 87.41 12.63
C ALA H 42 -71.84 86.22 11.74
N LEU H 43 -72.85 85.64 11.07
CA LEU H 43 -72.60 84.55 10.13
C LEU H 43 -71.74 85.02 8.97
N GLN H 44 -72.00 86.22 8.46
CA GLN H 44 -71.21 86.75 7.36
C GLN H 44 -69.76 86.95 7.77
N GLU H 45 -69.53 87.42 9.00
CA GLU H 45 -68.16 87.64 9.47
C GLU H 45 -67.36 86.36 9.50
N VAL H 46 -67.96 85.27 9.98
CA VAL H 46 -67.26 83.99 10.08
C VAL H 46 -67.41 83.25 8.76
N GLU H 47 -66.32 82.62 8.33
CA GLU H 47 -66.26 81.88 7.07
C GLU H 47 -65.92 80.42 7.30
N GLU H 48 -66.35 79.87 8.43
CA GLU H 48 -66.05 78.50 8.83
C GLU H 48 -67.33 77.79 9.27
N PHE H 49 -67.48 76.53 8.88
CA PHE H 49 -68.60 75.73 9.33
C PHE H 49 -68.57 75.61 10.84
N ARG H 50 -69.69 75.94 11.50
CA ARG H 50 -69.75 75.95 12.94
C ARG H 50 -71.16 75.54 13.38
N SER H 51 -71.24 74.97 14.58
CA SER H 51 -72.50 74.51 15.12
C SER H 51 -73.29 75.67 15.72
N ALA H 52 -74.55 75.39 16.05
CA ALA H 52 -75.42 76.42 16.62
C ALA H 52 -74.89 76.90 17.98
N GLN H 53 -74.41 75.98 18.81
CA GLN H 53 -73.90 76.36 20.12
C GLN H 53 -72.66 77.24 19.99
N GLU H 54 -71.76 76.89 19.06
CA GLU H 54 -70.57 77.70 18.85
C GLU H 54 -70.95 79.09 18.37
N LEU H 55 -71.91 79.17 17.45
CA LEU H 55 -72.36 80.47 16.96
C LEU H 55 -72.96 81.30 18.09
N HIS H 56 -73.77 80.67 18.94
CA HIS H 56 -74.36 81.37 20.08
C HIS H 56 -73.29 81.87 21.03
N ASP H 57 -72.30 81.04 21.32
CA ASP H 57 -71.23 81.45 22.22
C ASP H 57 -70.44 82.62 21.65
N MET H 58 -70.11 82.56 20.36
CA MET H 58 -69.39 83.66 19.73
C MET H 58 -70.22 84.94 19.72
N LEU H 59 -71.52 84.83 19.46
CA LEU H 59 -72.39 86.00 19.48
C LEU H 59 -72.47 86.60 20.88
N LYS H 60 -72.56 85.75 21.91
CA LYS H 60 -72.56 86.24 23.28
C LYS H 60 -71.26 86.96 23.59
N HIS H 61 -70.13 86.39 23.17
CA HIS H 61 -68.84 87.04 23.41
C HIS H 61 -68.76 88.37 22.68
N LYS H 62 -69.37 88.48 21.49
CA LYS H 62 -69.40 89.74 20.76
C LYS H 62 -70.34 90.76 21.39
N GLY H 63 -71.20 90.34 22.32
CA GLY H 63 -72.12 91.25 22.99
C GLY H 63 -73.51 91.30 22.40
N ASP H 64 -73.85 90.39 21.49
CA ASP H 64 -75.19 90.41 20.91
C ASP H 64 -76.26 90.14 21.96
N ALA H 65 -75.98 89.22 22.90
CA ALA H 65 -76.95 88.82 23.91
C ALA H 65 -78.22 88.27 23.26
N VAL H 66 -78.03 87.32 22.34
CA VAL H 66 -79.10 86.71 21.57
C VAL H 66 -79.28 85.27 22.03
N GLY H 67 -80.53 84.81 22.00
CA GLY H 67 -80.84 83.50 22.54
C GLY H 67 -80.45 82.36 21.60
N LEU H 68 -80.12 81.23 22.22
CA LEU H 68 -79.74 80.03 21.47
C LEU H 68 -80.92 79.50 20.66
N THR H 69 -82.12 79.51 21.26
CA THR H 69 -83.30 79.07 20.53
C THR H 69 -83.58 80.00 19.35
N THR H 70 -83.36 81.31 19.54
CA THR H 70 -83.50 82.25 18.43
C THR H 70 -82.49 81.95 17.34
N VAL H 71 -81.26 81.64 17.72
CA VAL H 71 -80.25 81.25 16.74
C VAL H 71 -80.74 80.04 15.94
N TYR H 72 -81.30 79.05 16.63
CA TYR H 72 -81.77 77.84 15.95
C TYR H 72 -82.88 78.17 14.97
N ARG H 73 -83.90 78.93 15.41
CA ARG H 73 -85.02 79.24 14.52
C ARG H 73 -84.56 80.06 13.32
N THR H 74 -83.76 81.11 13.55
CA THR H 74 -83.31 81.94 12.45
C THR H 74 -82.43 81.15 11.50
N LEU H 75 -81.57 80.29 12.03
CA LEU H 75 -80.70 79.48 11.19
C LEU H 75 -81.50 78.50 10.34
N GLN H 76 -82.53 77.88 10.94
CA GLN H 76 -83.40 77.00 10.15
C GLN H 76 -84.13 77.77 9.06
N SER H 77 -84.60 78.98 9.38
CA SER H 77 -85.27 79.79 8.37
C SER H 77 -84.32 80.14 7.23
N LEU H 78 -83.09 80.51 7.56
CA LEU H 78 -82.11 80.82 6.52
C LEU H 78 -81.79 79.59 5.67
N ALA H 79 -81.66 78.43 6.31
CA ALA H 79 -81.40 77.20 5.57
C ALA H 79 -82.55 76.88 4.62
N ASP H 80 -83.80 77.06 5.08
CA ASP H 80 -84.94 76.89 4.19
C ASP H 80 -84.92 77.90 3.05
N ALA H 81 -84.46 79.12 3.33
CA ALA H 81 -84.37 80.14 2.29
C ALA H 81 -83.29 79.83 1.26
N GLY H 82 -82.34 78.96 1.58
CA GLY H 82 -81.28 78.61 0.66
C GLY H 82 -80.10 79.56 0.63
N GLU H 83 -80.11 80.61 1.47
CA GLU H 83 -79.01 81.56 1.50
C GLU H 83 -77.79 81.06 2.24
N VAL H 84 -77.88 79.90 2.92
CA VAL H 84 -76.79 79.36 3.71
C VAL H 84 -76.60 77.90 3.34
N ASP H 85 -75.41 77.38 3.68
CA ASP H 85 -75.01 76.01 3.37
C ASP H 85 -74.98 75.20 4.66
N VAL H 86 -75.74 74.11 4.68
CA VAL H 86 -75.81 73.22 5.84
C VAL H 86 -74.78 72.11 5.66
N LEU H 87 -74.48 71.43 6.77
CA LEU H 87 -73.64 70.25 6.72
C LEU H 87 -73.83 69.48 8.03
N ARG H 88 -73.70 68.16 7.95
CA ARG H 88 -73.86 67.28 9.11
C ARG H 88 -72.50 66.77 9.56
N THR H 89 -72.21 66.92 10.84
CA THR H 89 -70.96 66.43 11.39
C THR H 89 -70.96 64.91 11.45
N ALA H 90 -69.76 64.35 11.56
CA ALA H 90 -69.61 62.89 11.59
C ALA H 90 -70.30 62.30 12.82
N GLU H 91 -70.14 62.95 13.98
CA GLU H 91 -70.67 62.39 15.22
C GLU H 91 -72.18 62.56 15.33
N GLY H 92 -72.76 63.55 14.63
CA GLY H 92 -74.20 63.73 14.61
C GLY H 92 -74.66 65.18 14.61
N GLU H 93 -73.84 66.08 15.15
CA GLU H 93 -74.21 67.48 15.18
C GLU H 93 -74.20 68.07 13.77
N SER H 94 -74.67 69.31 13.65
CA SER H 94 -74.78 70.00 12.37
C SER H 94 -73.98 71.29 12.44
N VAL H 95 -73.23 71.56 11.38
CA VAL H 95 -72.49 72.82 11.22
C VAL H 95 -73.03 73.54 9.99
N TYR H 96 -72.81 74.84 9.95
CA TYR H 96 -73.40 75.69 8.92
C TYR H 96 -72.42 76.79 8.54
N ARG H 97 -72.44 77.16 7.26
CA ARG H 97 -71.49 78.13 6.74
C ARG H 97 -72.15 78.93 5.62
N ARG H 98 -71.66 80.15 5.42
CA ARG H 98 -72.14 81.03 4.37
C ARG H 98 -71.10 81.08 3.25
N CYS H 99 -71.55 80.83 2.02
CA CYS H 99 -70.70 80.85 0.84
C CYS H 99 -71.22 81.91 -0.13
N SER H 100 -70.31 82.70 -0.69
CA SER H 100 -70.71 83.81 -1.56
C SER H 100 -71.44 83.30 -2.80
N THR H 101 -70.94 82.24 -3.42
CA THR H 101 -71.53 81.74 -4.65
C THR H 101 -72.94 81.22 -4.40
N GLY H 102 -73.87 81.62 -5.26
CA GLY H 102 -75.23 81.15 -5.18
C GLY H 102 -75.48 79.88 -5.97
N ASP H 103 -74.57 79.58 -6.90
CA ASP H 103 -74.73 78.38 -7.71
C ASP H 103 -74.48 77.12 -6.88
N HIS H 104 -74.99 76.00 -7.39
CA HIS H 104 -74.81 74.72 -6.69
C HIS H 104 -73.34 74.34 -6.65
N HIS H 105 -72.90 73.86 -5.49
CA HIS H 105 -71.50 73.49 -5.31
C HIS H 105 -71.40 72.48 -4.17
N HIS H 106 -70.25 71.82 -4.10
CA HIS H 106 -69.93 70.84 -3.07
C HIS H 106 -68.78 71.37 -2.22
N HIS H 107 -68.52 70.70 -1.10
CA HIS H 107 -67.62 71.20 -0.07
C HIS H 107 -66.53 70.21 0.27
N LEU H 108 -65.31 70.73 0.45
CA LEU H 108 -64.20 70.03 1.06
C LEU H 108 -63.97 70.65 2.43
N VAL H 109 -64.12 69.85 3.49
CA VAL H 109 -64.09 70.36 4.86
C VAL H 109 -63.01 69.62 5.63
N CYS H 110 -62.07 70.37 6.21
CA CYS H 110 -61.05 69.80 7.08
C CYS H 110 -61.61 69.69 8.49
N ARG H 111 -61.72 68.45 8.98
CA ARG H 111 -62.23 68.25 10.34
C ARG H 111 -61.26 68.80 11.38
N ALA H 112 -59.96 68.65 11.14
CA ALA H 112 -58.98 69.11 12.12
C ALA H 112 -59.05 70.62 12.30
N CYS H 113 -59.18 71.38 11.21
CA CYS H 113 -59.22 72.83 11.27
C CYS H 113 -60.64 73.39 11.20
N GLY H 114 -61.56 72.69 10.53
CA GLY H 114 -62.89 73.20 10.31
C GLY H 114 -63.05 74.06 9.08
N LYS H 115 -61.96 74.40 8.39
CA LYS H 115 -62.05 75.23 7.20
C LYS H 115 -62.74 74.46 6.08
N ALA H 116 -63.57 75.17 5.32
CA ALA H 116 -64.31 74.58 4.21
C ALA H 116 -64.06 75.39 2.94
N VAL H 117 -63.90 74.68 1.83
CA VAL H 117 -63.68 75.28 0.52
C VAL H 117 -64.69 74.68 -0.46
N GLU H 118 -65.31 75.55 -1.25
CA GLU H 118 -66.34 75.13 -2.20
C GLU H 118 -65.73 74.85 -3.57
N VAL H 119 -66.22 73.79 -4.21
CA VAL H 119 -65.79 73.39 -5.55
C VAL H 119 -67.01 72.93 -6.32
N GLU H 120 -66.81 72.68 -7.61
CA GLU H 120 -67.87 72.13 -8.46
C GLU H 120 -67.22 71.34 -9.58
N GLY H 121 -67.69 70.10 -9.77
CA GLY H 121 -67.23 69.26 -10.84
C GLY H 121 -68.40 68.63 -11.57
N PRO H 122 -68.44 68.70 -12.90
CA PRO H 122 -69.58 68.13 -13.63
C PRO H 122 -69.72 66.62 -13.49
N ALA H 123 -68.63 65.92 -13.14
CA ALA H 123 -68.64 64.47 -13.18
C ALA H 123 -69.69 63.89 -12.25
N VAL H 124 -69.82 64.43 -11.03
CA VAL H 124 -70.81 63.94 -10.09
C VAL H 124 -72.22 64.13 -10.66
N GLU H 125 -72.47 65.28 -11.29
CA GLU H 125 -73.78 65.55 -11.86
C GLU H 125 -74.09 64.57 -13.00
N LYS H 126 -73.12 64.35 -13.89
CA LYS H 126 -73.36 63.43 -15.00
C LYS H 126 -73.58 62.02 -14.50
N TRP H 127 -72.80 61.58 -13.49
CA TRP H 127 -73.00 60.24 -12.95
C TRP H 127 -74.37 60.10 -12.30
N ALA H 128 -74.80 61.12 -11.55
CA ALA H 128 -76.12 61.07 -10.92
C ALA H 128 -77.22 61.01 -11.98
N GLU H 129 -77.10 61.80 -13.04
CA GLU H 129 -78.10 61.79 -14.10
C GLU H 129 -78.13 60.42 -14.79
N ALA H 130 -76.96 59.85 -15.07
CA ALA H 130 -76.92 58.55 -15.72
C ALA H 130 -77.52 57.46 -14.84
N ILE H 131 -77.22 57.50 -13.54
CA ILE H 131 -77.77 56.50 -12.62
C ILE H 131 -79.29 56.65 -12.55
N ALA H 132 -79.78 57.88 -12.46
CA ALA H 132 -81.22 58.09 -12.39
C ALA H 132 -81.91 57.60 -13.66
N ALA H 133 -81.32 57.89 -14.83
CA ALA H 133 -81.91 57.43 -16.08
C ALA H 133 -81.90 55.92 -16.17
N GLU H 134 -80.80 55.28 -15.77
CA GLU H 134 -80.71 53.82 -15.86
C GLU H 134 -81.70 53.15 -14.92
N HIS H 135 -81.84 53.64 -13.70
CA HIS H 135 -82.70 53.03 -12.71
C HIS H 135 -84.13 53.57 -12.75
N GLY H 136 -84.42 54.55 -13.59
CA GLY H 136 -85.77 55.05 -13.74
C GLY H 136 -86.26 55.93 -12.61
N TYR H 137 -85.37 56.37 -11.72
CA TYR H 137 -85.79 57.23 -10.62
C TYR H 137 -86.33 58.55 -11.15
N VAL H 138 -87.45 58.99 -10.61
CA VAL H 138 -88.09 60.21 -11.08
C VAL H 138 -87.23 61.42 -10.77
N ASN H 139 -86.96 61.66 -9.49
CA ASN H 139 -86.12 62.76 -9.04
C ASN H 139 -85.13 62.24 -8.01
N VAL H 140 -83.94 62.85 -8.00
CA VAL H 140 -82.87 62.45 -7.09
C VAL H 140 -82.29 63.71 -6.44
N ALA H 141 -81.75 63.52 -5.24
CA ALA H 141 -81.07 64.57 -4.48
C ALA H 141 -79.77 64.00 -3.96
N HIS H 142 -78.65 64.49 -4.51
CA HIS H 142 -77.33 63.95 -4.20
C HIS H 142 -76.61 64.90 -3.24
N THR H 143 -76.02 64.32 -2.19
CA THR H 143 -75.20 65.06 -1.23
C THR H 143 -73.76 64.58 -1.37
N VAL H 144 -72.85 65.52 -1.63
CA VAL H 144 -71.43 65.22 -1.79
C VAL H 144 -70.68 66.26 -0.96
N GLU H 145 -70.34 65.90 0.27
CA GLU H 145 -69.54 66.75 1.16
C GLU H 145 -68.39 65.89 1.68
N ILE H 146 -67.17 66.22 1.26
CA ILE H 146 -66.02 65.35 1.48
C ILE H 146 -65.06 65.99 2.46
N PHE H 147 -64.25 65.16 3.10
CA PHE H 147 -63.39 65.57 4.20
C PHE H 147 -61.96 65.14 3.93
N GLY H 148 -61.00 65.97 4.36
CA GLY H 148 -59.59 65.65 4.24
C GLY H 148 -58.72 66.65 4.98
N THR H 149 -57.54 66.20 5.41
CA THR H 149 -56.62 67.08 6.13
C THR H 149 -55.83 67.93 5.14
N CYS H 150 -55.68 69.21 5.48
CA CYS H 150 -54.95 70.14 4.63
C CYS H 150 -53.47 70.17 5.03
N ALA H 151 -52.70 71.00 4.34
CA ALA H 151 -51.25 70.98 4.49
C ALA H 151 -50.82 71.40 5.90
N ASP H 152 -51.47 72.42 6.46
CA ASP H 152 -50.99 72.99 7.71
C ASP H 152 -51.04 71.99 8.86
N CYS H 153 -51.93 70.98 8.77
CA CYS H 153 -52.02 69.99 9.83
C CYS H 153 -50.72 69.21 9.96
N ALA H 154 -50.13 68.81 8.83
CA ALA H 154 -48.85 68.11 8.87
C ALA H 154 -47.75 69.02 9.42
N GLY H 155 -47.75 70.28 9.01
CA GLY H 155 -46.72 71.20 9.48
C GLY H 155 -46.81 71.39 10.99
N ALA H 156 -45.65 71.55 11.62
CA ALA H 156 -45.56 71.74 13.06
C ALA H 156 -44.69 72.94 13.39
MG MG L . 9.00 1.79 -7.79
ZN ZN M . -30.22 -12.72 35.16
ZN ZN N . 27.24 22.52 25.02
ZN ZN O . -89.14 53.77 -3.82
ZN ZN P . -73.16 47.66 -0.03
ZN ZN Q . -66.27 55.86 -3.62
ZN ZN R . -56.48 71.23 8.44
ZN ZN S . -70.91 76.64 -0.11
ZN ZN T . -73.55 68.11 -7.66
#